data_8GLN
#
_entry.id   8GLN
#
_cell.length_a   1.00
_cell.length_b   1.00
_cell.length_c   1.00
_cell.angle_alpha   90.00
_cell.angle_beta   90.00
_cell.angle_gamma   90.00
#
_symmetry.space_group_name_H-M   'P 1'
#
loop_
_entity.id
_entity.type
_entity.pdbx_description
1 polymer 'Protein involved in gliding motility SprA'
2 polymer 'Peptidyl-prolyl cis-trans isomerase'
3 polymer 'Type IX secretion system protein PorV domain-containing protein'
4 polymer RemZ
5 non-polymer 'Lauryl Maltose Neopentyl Glycol'
#
loop_
_entity_poly.entity_id
_entity_poly.type
_entity_poly.pdbx_seq_one_letter_code
_entity_poly.pdbx_strand_id
1 'polypeptide(L)'
;MRKICIFLLVLFCGNVLRSQVKPAVQDTTKTQFSVGKMELENPPSILSAYKYDPITDRYIYTTSVDGFSIDYPLVLTPKE
YEDLLLKESRRDYFRKKMDAIDGKKTGAEAAKKDLLPRYYINSSLFESIFGSNTIDVKPTGSVEMDLGVRYTKQDNPAFS
PRNRSSLTFDFDQRISMSLMGKIGTRLEVNANYDTQSTFAFQNLFKLAYTPSEDDIIQKVEVGNVSMPLNSTLIRGAQSL
FGVKTQLQFGRTTITGVFSEQKSQTKSVVAENGGTVQNFDLYALDYDNDRHFFLSQYFRNKYDVSLKNYPFIDSRVQITR
LEVWVTNKQNRVTTTGGGNNLRNIIALQDLGEAQVSGVPDNEVVVISSTAGFFNNPIDSPTSNTNNKYDPATIGQAGSFL
NSNIREIVTAKSGFNNTNVSEATDYSVLENARKLTTNEYTFNPQLGYISLQQRLANDEILAVAFEYTVGGKVYQVGEFGS
DGVDATVVTGNNSSNQAIITQSLVLKMLKSNLTNVKNPVWNLMMKNVYQIPQAYQIKQDDFRLNILYTDPSPINYITPVQ
GSSFPPNPAPDSKVEQTPLLNVFNLDRLNYNNDPQAGGDGFFDYIPGVTVDVQNGRVIFTTKEPFGELIFNKLQTGAGES
YNDPTTYNANQQKYVFRNMYRNTQAGALQDSDKNKFLLRGKYKSSGSNGIPIGAFNVPQGSVVVTAAGRVLVEGIDYSVD
YQLGRVQILDPSLQASNTPIEVSLENNSIFGQQTRRFMGFNIEHKISDKFVIGGTYLKMTERPFTQKSTYGQESVNNTIF
GFNGNYSTEVPFLTRLANKLPNIDTDVPSNLSIRGEVAFLRPDAPKASDFQGEATIYVDDFEGSQSTIDMRSAYAWSLAS
TPFITSINDNTFNANSNTLEYGFKRAKLSWYTIDPVFYSSKPSGISNDDLSLNTTRRIYSRELYPNTDIAQGQIQVVNTL
DLTYYPGERGPYNNNPSFGASNPSANFGGIMRALNSTNFEQGNVEYIQFWVLDPYVGNGESPATNAGKIYFNLGEISEDV
LKDGRKQYENGLGPDQVMVNPQPLWGDVPASQSLIYAFDTNPDNRKNQDVGLDGLPSSREGSIYTNYAGEADPAGDDYTY
YLNADGGVLERYKNYNGTEGNSAVSINDPNRGSTTLPDVEDINRDNTMSTINAYYEYSIDVKPGMQVGENYITDIREVTN
VDLPNGGTTNARWIQFKIPVSQPQNTIGNITDFRSIRFMRMFMTGFNSQMTVRFGALDLVRGEWRRYTGTLDANDQNPDD
DGVEFDVAAVNIQENGTKCPVNYVMPPGVQREQLYNNNTVINQNEQALAVRIGGAGLQYQDSRAVFKNVSVDMRQYKKLK
MFLHAESLPNQPTLEDDEMVGFIRFGNDFTQNFYQVEIPLKVTKTGGSCSISPDLVWMDDNSIDLALDLLTRMKIKAMSI
DINSSKRDVNGIYYPDNDPDLEGGDGDGKLTLGIKGNPNFGLVRNLMVGVKSRADHKDIKGEVWFNELRLADLENKGGMA
AILNVDTNMADFATVSATGRKSTIGFGSLEQGANERDREDVQQYNIVTNLNLGKLLPKKWGINLPFNYAIGEEVITPEYD
PFNQDIKLDQLIRETTDQAEKDNIRTRAIDYTKRKSINFIGVRKDRAPEQKPHVYDIENFTFSQSYNQVERHDYEVADYE
DEQSNSAVNYAYTFQPKEVVPFKSTKFMKKSEYWKLLSDFNFNYLPSNISFNTNILRQSNRQQFREVEVEGIGLDPLYRR
NFAFNYQYGFGFNLTKSLKLNYSATSNNIVRNFLNDDNSPKEDFNIWDDYLDIGTPNQHAQQLVLNYDIPINKIPIFGFV
KASYSYTADYMWQRSSTAFSEYEDPNGTVYDLGNTIQNSNSNTLTTTLNMNTLYKYLGLTPGAKKTAKPKTAAPPKPGEK
IVNTAKPVVSSSPFYDGLIGVLTSIKNVQINYTKNSGTVLPGYTPSVGFLGTSKPSLGFVFGSQDDVRYEAAKRGWLTTY
QDFNQSFTQVSNKLLKVTANIDLLPDLKVDLSMDRSYSENTSEQYSVDPSTNEYKPLSPYTYGMFSISTVMIKTAFSPSD
ETQSAAFDDFRSNRLIIANRLAEGHYGSGVAIPRYGDANNPIPAETDPNYAVYTANQGYPIGYTKSNQAVLLPAFLAAYT
GSDASSSSTNIFRSFPIPNWSIKYNGLMRYKYFKDKFKRFSLQHNYRASYTINQFRSNFDYNSSPKVQDVNTNFYNEIIM
SNVNLVEQFSPLIRMDFELKSSLRVLSEIKKDRALSMSFDNNLLTEVKGMEYIIGLGYRFKDVIFSSRLADNPTGIIKSD
INIKADFSLRNNETLVRYLDYDNNQLAAGQNIWSLKLTADYSFSKNLTAIFYYDHSFSKAVISTSFPLTNIRSGFTLRYN
FGN
;
A
2 'polypeptide(L)'
;MKQLLTALLSLTLFISCSKDKDEVKDYTAENEKEIVDYLAQNNLTAQRTNSGLYYIITKEGSSESEGENPGEEENTGEGE
NTEENENDGHPTLNSNITVIYKGYFTNGKVFDESTEGVSYSLRTLIPGWKEGIPLLKSGGEIQLFVPAHLGYGSNGNKTV
PGGAVLIFEITLVSVN
;
B
3 'polypeptide(L)'
;MKKISLLLICLLITTFAKAQDIERPITTGVPFLLVAADARAAGLGDQGVATSSDVFSQQWNPAKYAFAEDAQGLSISYTP
YLTDLANDISLGQVTYYNKINDRSAFAGSFRYFGFGGIELRQTGDPNEPTREVNPNEFALDGSYSLKLSETFSMAVAARY
IRSNLKVATEEIDASAAGSFAVDVAGFYQSEEIAYSDFNGRWRAGFNIQNLGPKISYDHDDLSANFLPANLRVGGGFDFI
FDDYNKLGVSLELTKLLVPTPPGPGTPYDANGDGDFTDPGDISQSQADEANYKKYKDIGWVSGIFKSFGDAPGGFSEELK
EITYSAAAEYMYQDAFAMRLGYYHESPMKGAKQFFSLGAGFKYSMIKVDVSYLFSASKVKNPLENTLRFSLTFNFGDKYE
TY
;
F
4 'polypeptide(L)'
;MDVQAWGGGGAGGGASGAVLDGRAAAGGGGGAYARSNITVAAGATLNASVAGTTTNALVSGAAVNGAAGGSSTILGFETS
ILALGGGGGGANNAGGTPAGGAGGSAASSVGNVSKLDGAAGGNGVTGAIGLLTVSGAGGTAGGGGGAGGAGVASVALGNG
PGNAGTAPGGGGSGAMQSLLGGAQIGGSGAAGRVIITYTCPTYSITGISAANVCNSVGTTSVVTLTSSGGGLPIGPYVVT
YNRSNPSGTGLTAIMNVTTPGTGTFTAAGLNVIGTSNITVTNLTSAACSSNISTNNVASLTVFAATVGGTLAGTATVCSG
ATSGTLTLSGQTGSIIKWESSVSPFTVWTTIPNTTNTYTSGALTETSQFRAVIQNGNCAVVNSSIATITVNPLPQGSLSA
NGPFCVTGSGQLTFTATAGTGPYTIVYKENGGADRTAANISSGVAFPTFTTPVTTTTVYTLVSVTGANTCSRSSGFTNNT
ATITVNSRIATPGFGTVTQPDCVTSTGSVVLTGLPAGSWTITQSGTASQTYNSSGTTYTISNLAVGNYTFTVQDAANCPS
LATSTLTLIAPVVNIWNGTSWSKGSPPISTDVVRFSGNYSTTGNLSGCSLIVDSGFTVTVNSNHTLTISNAVTNNGGQLI
FENNSSLLQTNNVTNVGNITYKRITPPVRRYDLTYWSSPITRTPPFTLYDLSPGTLADKYYSYDPVAGWVISFNGTQQMV
PGRGYVVRAPQTNDLNTGANYLGAFVGVPNNGPISVSLGTAEAFQLLGNPYPSAIYADQFIANNSANLYGTLYFWTHNSL
PSSSTPGGAQYNYDNNDYAVYNLSGSIIVGGMTGQGATTPGNQSAPLGYIAAGQGFFVVSKTAGNAVFTNSMRVAANNTQ
FYKTNKSAIERHRVWINLTNTQGAFKQLLIGYIEGATNFWDHNYDAITADANPHLDFYSINEGQNLVIQGRSLPFNESDV
VPLGYRSAIAGEFSISLDHADGDLTNHAVYLEDKLTNTLHNLQTSNYTFNTAIGTFSDRFVIRYTTATLGTDDFENQTNS
FYVSVKDKTIKLNSTEDVMREVSIFDISGKLLYNNKKVENTEFQVSNFQSGNQVLIVKVTLDNGNIITKKIVFN
;
D
#
# COMPACT_ATOMS: atom_id res chain seq x y z
N ILE A 129 55.30 -23.70 4.05
CA ILE A 129 53.83 -23.69 4.07
C ILE A 129 53.31 -22.77 2.98
N PHE A 130 54.10 -21.74 2.66
CA PHE A 130 53.81 -20.84 1.55
C PHE A 130 55.01 -20.78 0.62
N GLY A 131 54.76 -20.37 -0.62
CA GLY A 131 55.80 -20.42 -1.64
C GLY A 131 56.99 -19.52 -1.33
N SER A 132 56.73 -18.33 -0.83
CA SER A 132 57.79 -17.37 -0.54
C SER A 132 57.44 -16.65 0.77
N ASN A 133 58.20 -15.59 1.06
CA ASN A 133 58.01 -14.81 2.27
C ASN A 133 57.40 -13.44 2.00
N THR A 134 57.08 -13.11 0.75
CA THR A 134 56.54 -11.80 0.43
C THR A 134 55.10 -11.68 0.88
N ILE A 135 54.72 -10.47 1.28
CA ILE A 135 53.35 -10.14 1.68
C ILE A 135 53.02 -8.80 1.06
N ASP A 136 52.16 -8.81 0.05
CA ASP A 136 51.84 -7.61 -0.73
C ASP A 136 50.33 -7.38 -0.80
N VAL A 137 49.66 -7.49 0.34
CA VAL A 137 48.23 -7.19 0.42
C VAL A 137 48.10 -5.68 0.62
N LYS A 138 47.82 -4.95 -0.46
CA LYS A 138 47.77 -3.50 -0.40
C LYS A 138 46.33 -3.03 -0.24
N PRO A 139 46.01 -2.29 0.81
CA PRO A 139 44.66 -1.75 0.96
C PRO A 139 44.35 -0.72 -0.11
N THR A 140 43.06 -0.60 -0.42
CA THR A 140 42.60 0.35 -1.42
C THR A 140 41.24 0.88 -0.99
N GLY A 141 41.01 2.18 -1.23
CA GLY A 141 39.78 2.82 -0.85
C GLY A 141 40.02 3.93 0.16
N SER A 142 39.04 4.13 1.04
CA SER A 142 39.12 5.19 2.02
C SER A 142 38.31 4.82 3.25
N VAL A 143 38.61 5.50 4.35
CA VAL A 143 37.86 5.38 5.59
C VAL A 143 37.49 6.78 6.07
N GLU A 144 36.23 6.96 6.44
CA GLU A 144 35.72 8.23 6.92
C GLU A 144 35.13 8.06 8.31
N MET A 145 35.39 9.03 9.18
CA MET A 145 34.89 9.02 10.54
C MET A 145 34.27 10.37 10.84
N ASP A 146 33.01 10.37 11.28
CA ASP A 146 32.31 11.59 11.65
C ASP A 146 32.31 11.72 13.18
N LEU A 147 32.91 12.80 13.68
CA LEU A 147 32.92 13.11 15.10
C LEU A 147 32.27 14.47 15.28
N GLY A 148 31.09 14.49 15.90
CA GLY A 148 30.40 15.74 16.09
C GLY A 148 29.23 15.60 17.04
N VAL A 149 28.44 16.67 17.13
CA VAL A 149 27.28 16.72 17.99
C VAL A 149 26.06 17.01 17.14
N ARG A 150 24.90 16.61 17.65
CA ARG A 150 23.61 16.85 17.02
C ARG A 150 22.69 17.53 18.02
N TYR A 151 22.19 18.70 17.66
CA TYR A 151 21.26 19.46 18.50
C TYR A 151 19.93 19.59 17.78
N THR A 152 18.85 19.32 18.50
CA THR A 152 17.51 19.42 17.94
C THR A 152 16.58 20.01 19.00
N LYS A 153 15.75 20.96 18.58
CA LYS A 153 14.78 21.59 19.47
C LYS A 153 13.49 21.80 18.71
N GLN A 154 12.48 20.99 19.02
CA GLN A 154 11.14 21.13 18.45
C GLN A 154 10.23 21.70 19.52
N ASP A 155 9.58 22.82 19.21
CA ASP A 155 8.77 23.54 20.19
C ASP A 155 7.33 23.02 20.16
N ASN A 156 7.16 21.78 20.64
CA ASN A 156 5.85 21.20 20.84
C ASN A 156 5.48 21.40 22.30
N PRO A 157 4.51 22.26 22.63
CA PRO A 157 4.20 22.51 24.05
C PRO A 157 3.64 21.30 24.77
N ALA A 158 3.05 20.34 24.05
CA ALA A 158 2.56 19.13 24.68
C ALA A 158 3.69 18.26 25.23
N PHE A 159 4.91 18.46 24.74
CA PHE A 159 6.04 17.68 25.22
C PHE A 159 6.42 18.11 26.63
N SER A 160 7.02 17.17 27.36
CA SER A 160 7.52 17.46 28.69
C SER A 160 8.63 18.50 28.63
N PRO A 161 8.74 19.36 29.63
CA PRO A 161 9.89 20.28 29.68
C PRO A 161 11.22 19.55 29.74
N ARG A 162 11.24 18.32 30.25
CA ARG A 162 12.44 17.51 30.19
C ARG A 162 12.82 17.13 28.76
N ASN A 163 11.89 17.24 27.82
CA ASN A 163 12.13 16.94 26.42
C ASN A 163 12.24 18.21 25.57
N ARG A 164 12.69 19.30 26.18
CA ARG A 164 12.72 20.58 25.47
C ARG A 164 13.76 20.59 24.35
N SER A 165 14.86 19.86 24.52
CA SER A 165 15.89 19.81 23.49
C SER A 165 16.61 18.47 23.57
N SER A 166 17.21 18.08 22.45
CA SER A 166 17.98 16.85 22.35
C SER A 166 19.40 17.20 21.91
N LEU A 167 20.38 16.88 22.74
CA LEU A 167 21.79 17.11 22.44
C LEU A 167 22.48 15.76 22.50
N THR A 168 22.72 15.17 21.34
CA THR A 168 23.32 13.84 21.23
C THR A 168 24.64 13.92 20.50
N PHE A 169 25.55 13.02 20.85
CA PHE A 169 26.81 12.89 20.12
C PHE A 169 26.56 12.16 18.82
N ASP A 170 27.21 12.62 17.76
CA ASP A 170 27.05 12.05 16.43
C ASP A 170 28.33 11.33 16.04
N PHE A 171 28.21 10.06 15.69
CA PHE A 171 29.32 9.25 15.22
C PHE A 171 28.90 8.52 13.96
N ASP A 172 29.83 8.37 13.01
CA ASP A 172 29.53 7.71 11.75
C ASP A 172 30.81 7.17 11.14
N GLN A 173 30.70 5.99 10.53
CA GLN A 173 31.77 5.38 9.78
C GLN A 173 31.31 5.11 8.37
N ARG A 174 32.19 5.34 7.40
CA ARG A 174 31.88 5.21 5.98
C ARG A 174 32.98 4.43 5.27
N ILE A 175 33.35 3.29 5.85
CA ILE A 175 34.41 2.46 5.28
C ILE A 175 34.04 2.02 3.86
N SER A 176 34.98 2.17 2.94
CA SER A 176 34.86 1.71 1.56
C SER A 176 36.13 0.97 1.16
N MET A 177 36.57 0.06 2.02
CA MET A 177 37.87 -0.57 1.87
C MET A 177 37.85 -1.59 0.73
N SER A 178 39.03 -1.81 0.16
CA SER A 178 39.27 -2.90 -0.78
C SER A 178 40.62 -3.52 -0.44
N LEU A 179 40.69 -4.84 -0.49
CA LEU A 179 41.89 -5.57 -0.10
C LEU A 179 42.25 -6.57 -1.19
N MET A 180 43.42 -6.41 -1.78
CA MET A 180 43.91 -7.31 -2.81
C MET A 180 45.39 -7.59 -2.56
N GLY A 181 45.84 -8.78 -2.90
CA GLY A 181 47.24 -9.10 -2.75
C GLY A 181 47.45 -10.59 -2.58
N LYS A 182 48.68 -10.94 -2.20
CA LYS A 182 49.11 -12.33 -2.05
C LYS A 182 50.04 -12.43 -0.86
N ILE A 183 50.10 -13.64 -0.29
CA ILE A 183 51.03 -13.96 0.79
C ILE A 183 51.85 -15.16 0.35
N GLY A 184 53.11 -14.91 -0.04
CA GLY A 184 54.01 -15.99 -0.39
C GLY A 184 53.57 -16.81 -1.59
N THR A 185 53.05 -16.15 -2.63
CA THR A 185 52.72 -16.72 -3.93
C THR A 185 51.86 -17.98 -3.84
N ARG A 186 51.28 -18.24 -2.68
CA ARG A 186 50.39 -19.37 -2.48
C ARG A 186 49.03 -18.99 -1.91
N LEU A 187 48.96 -17.95 -1.08
CA LEU A 187 47.72 -17.46 -0.51
C LEU A 187 47.31 -16.18 -1.22
N GLU A 188 46.07 -16.14 -1.71
CA GLU A 188 45.55 -14.99 -2.42
C GLU A 188 44.39 -14.38 -1.62
N VAL A 189 44.35 -13.06 -1.57
CA VAL A 189 43.35 -12.32 -0.81
C VAL A 189 42.56 -11.44 -1.76
N ASN A 190 41.23 -11.51 -1.66
CA ASN A 190 40.34 -10.67 -2.45
C ASN A 190 39.19 -10.25 -1.54
N ALA A 191 39.32 -9.10 -0.91
CA ALA A 191 38.34 -8.61 0.05
C ALA A 191 37.87 -7.22 -0.35
N ASN A 192 36.61 -6.94 -0.04
CA ASN A 192 36.02 -5.64 -0.30
C ASN A 192 34.99 -5.37 0.79
N TYR A 193 35.22 -4.32 1.58
CA TYR A 193 34.34 -3.96 2.68
C TYR A 193 33.78 -2.57 2.43
N ASP A 194 32.46 -2.45 2.41
CA ASP A 194 31.80 -1.16 2.20
C ASP A 194 30.58 -1.10 3.11
N THR A 195 30.58 -0.16 4.06
CA THR A 195 29.48 -0.03 5.00
C THR A 195 28.20 0.47 4.36
N GLN A 196 28.25 0.94 3.12
CA GLN A 196 27.07 1.43 2.41
C GLN A 196 26.63 0.51 1.27
N SER A 197 26.95 -0.78 1.37
CA SER A 197 26.62 -1.74 0.32
C SER A 197 25.16 -2.19 0.47
N THR A 198 24.82 -3.28 -0.22
CA THR A 198 23.52 -3.93 -0.10
C THR A 198 23.50 -4.73 1.21
N PHE A 199 22.52 -5.65 1.33
CA PHE A 199 22.22 -6.27 2.60
C PHE A 199 23.43 -6.94 3.26
N ALA A 200 23.93 -8.02 2.66
CA ALA A 200 25.10 -8.68 3.23
C ALA A 200 26.11 -9.19 2.22
N PHE A 201 25.77 -9.33 0.93
CA PHE A 201 26.58 -10.13 0.03
C PHE A 201 27.58 -9.33 -0.81
N GLN A 202 27.54 -8.00 -0.77
CA GLN A 202 28.52 -7.23 -1.52
C GLN A 202 29.82 -7.05 -0.75
N ASN A 203 29.86 -7.44 0.52
CA ASN A 203 31.10 -7.41 1.32
C ASN A 203 31.80 -8.74 1.16
N LEU A 204 32.53 -8.89 0.06
CA LEU A 204 33.22 -10.14 -0.26
C LEU A 204 34.53 -10.26 0.49
N PHE A 205 34.86 -11.48 0.88
CA PHE A 205 36.15 -11.80 1.47
C PHE A 205 36.53 -13.21 1.05
N LYS A 206 37.59 -13.33 0.25
CA LYS A 206 38.00 -14.63 -0.29
C LYS A 206 39.46 -14.88 0.05
N LEU A 207 39.74 -15.98 0.73
CA LEU A 207 41.08 -16.46 1.00
C LEU A 207 41.28 -17.74 0.23
N ALA A 208 42.28 -17.77 -0.65
CA ALA A 208 42.52 -18.90 -1.53
C ALA A 208 43.95 -19.38 -1.36
N TYR A 209 44.12 -20.60 -0.86
CA TYR A 209 45.42 -21.21 -0.66
C TYR A 209 45.62 -22.29 -1.71
N THR A 210 46.50 -22.01 -2.69
CA THR A 210 46.75 -22.93 -3.78
C THR A 210 48.17 -23.48 -3.67
N PRO A 211 48.37 -24.69 -3.15
CA PRO A 211 49.71 -25.26 -3.09
C PRO A 211 50.12 -25.94 -4.38
N SER A 212 51.28 -26.60 -4.38
CA SER A 212 51.77 -27.28 -5.57
C SER A 212 50.88 -28.46 -5.92
N GLU A 213 51.10 -29.01 -7.11
CA GLU A 213 50.25 -30.07 -7.64
C GLU A 213 50.55 -31.44 -7.07
N ASP A 214 51.70 -31.62 -6.42
CA ASP A 214 52.07 -32.91 -5.87
C ASP A 214 51.46 -33.18 -4.50
N ASP A 215 50.89 -32.17 -3.86
CA ASP A 215 50.28 -32.32 -2.54
C ASP A 215 48.87 -32.85 -2.66
N ILE A 216 48.42 -33.54 -1.61
CA ILE A 216 47.04 -34.04 -1.57
C ILE A 216 46.06 -32.88 -1.61
N ILE A 217 46.32 -31.83 -0.82
CA ILE A 217 45.47 -30.65 -0.81
C ILE A 217 45.71 -29.85 -2.07
N GLN A 218 44.67 -29.70 -2.89
CA GLN A 218 44.77 -28.94 -4.12
C GLN A 218 44.41 -27.47 -3.95
N LYS A 219 43.40 -27.19 -3.12
CA LYS A 219 42.94 -25.82 -2.96
C LYS A 219 42.06 -25.69 -1.71
N VAL A 220 42.34 -24.70 -0.88
CA VAL A 220 41.55 -24.40 0.31
C VAL A 220 41.02 -22.98 0.18
N GLU A 221 39.72 -22.81 0.33
CA GLU A 221 39.08 -21.52 0.25
C GLU A 221 38.34 -21.22 1.54
N VAL A 222 38.48 -19.99 2.02
CA VAL A 222 37.79 -19.52 3.22
C VAL A 222 37.11 -18.20 2.88
N GLY A 223 35.86 -18.06 3.31
CA GLY A 223 35.09 -16.86 3.04
C GLY A 223 34.03 -17.10 2.00
N ASN A 224 33.84 -16.13 1.10
CA ASN A 224 32.87 -16.28 0.02
C ASN A 224 33.32 -17.39 -0.91
N VAL A 225 32.63 -18.53 -0.86
CA VAL A 225 32.99 -19.70 -1.64
C VAL A 225 31.76 -20.14 -2.44
N SER A 226 32.00 -21.06 -3.37
CA SER A 226 30.94 -21.63 -4.19
C SER A 226 31.15 -23.13 -4.29
N MET A 227 30.06 -23.85 -4.49
CA MET A 227 30.08 -25.31 -4.66
C MET A 227 29.36 -25.63 -5.95
N PRO A 228 30.01 -25.45 -7.10
CA PRO A 228 29.36 -25.76 -8.38
C PRO A 228 29.35 -27.26 -8.62
N LEU A 229 28.23 -27.76 -9.12
CA LEU A 229 28.06 -29.18 -9.41
C LEU A 229 27.56 -29.36 -10.83
N ASN A 230 28.15 -30.32 -11.53
CA ASN A 230 27.73 -30.66 -12.90
C ASN A 230 26.62 -31.72 -12.86
N SER A 231 25.57 -31.43 -12.11
CA SER A 231 24.50 -32.38 -11.85
C SER A 231 23.15 -31.71 -12.06
N THR A 232 22.18 -32.50 -12.51
CA THR A 232 20.81 -32.02 -12.71
C THR A 232 19.91 -32.31 -11.52
N LEU A 233 20.03 -33.49 -10.91
CA LEU A 233 19.18 -33.84 -9.78
C LEU A 233 19.64 -33.14 -8.51
N ILE A 234 20.95 -32.97 -8.33
CA ILE A 234 21.52 -32.38 -7.13
C ILE A 234 22.19 -31.08 -7.53
N ARG A 235 21.58 -29.96 -7.17
CA ARG A 235 22.14 -28.64 -7.49
C ARG A 235 23.11 -28.20 -6.42
N GLY A 236 24.18 -27.53 -6.86
CA GLY A 236 25.12 -26.93 -5.94
C GLY A 236 24.64 -25.58 -5.45
N ALA A 237 25.54 -24.86 -4.79
CA ALA A 237 25.24 -23.55 -4.25
C ALA A 237 26.38 -22.60 -4.59
N GLN A 238 26.02 -21.40 -5.05
CA GLN A 238 27.00 -20.40 -5.46
C GLN A 238 27.27 -19.35 -4.40
N SER A 239 26.28 -18.98 -3.59
CA SER A 239 26.44 -17.93 -2.58
C SER A 239 26.60 -18.58 -1.21
N LEU A 240 27.85 -18.94 -0.91
CA LEU A 240 28.20 -19.57 0.35
C LEU A 240 29.31 -18.79 1.03
N PHE A 241 29.28 -18.78 2.36
CA PHE A 241 30.37 -18.26 3.18
C PHE A 241 30.80 -19.36 4.13
N GLY A 242 32.03 -19.84 3.97
CA GLY A 242 32.54 -20.92 4.80
C GLY A 242 33.89 -21.40 4.36
N VAL A 243 34.13 -22.70 4.49
CA VAL A 243 35.41 -23.32 4.15
C VAL A 243 35.17 -24.37 3.07
N LYS A 244 35.87 -24.24 1.96
CA LYS A 244 35.84 -25.21 0.88
C LYS A 244 37.24 -25.73 0.64
N THR A 245 37.39 -27.06 0.64
CA THR A 245 38.67 -27.70 0.41
C THR A 245 38.55 -28.72 -0.72
N GLN A 246 39.61 -28.83 -1.50
CA GLN A 246 39.68 -29.77 -2.61
C GLN A 246 40.86 -30.70 -2.41
N LEU A 247 40.61 -32.00 -2.51
CA LEU A 247 41.63 -33.02 -2.34
C LEU A 247 41.77 -33.84 -3.61
N GLN A 248 42.98 -34.34 -3.84
CA GLN A 248 43.27 -35.16 -5.01
C GLN A 248 44.11 -36.35 -4.56
N PHE A 249 43.55 -37.56 -4.65
CA PHE A 249 44.27 -38.78 -4.31
C PHE A 249 44.54 -39.54 -5.61
N GLY A 250 45.63 -39.16 -6.29
CA GLY A 250 46.02 -39.83 -7.51
C GLY A 250 45.17 -39.43 -8.70
N ARG A 251 43.93 -39.94 -8.73
CA ARG A 251 42.99 -39.60 -9.79
C ARG A 251 41.56 -39.40 -9.24
N THR A 252 41.38 -39.50 -7.93
CA THR A 252 40.09 -39.26 -7.28
C THR A 252 40.11 -37.88 -6.65
N THR A 253 39.13 -37.05 -7.01
CA THR A 253 39.04 -35.68 -6.51
C THR A 253 37.94 -35.60 -5.47
N ILE A 254 38.27 -35.06 -4.29
CA ILE A 254 37.33 -34.88 -3.20
C ILE A 254 37.20 -33.38 -2.93
N THR A 255 35.97 -32.87 -2.99
CA THR A 255 35.68 -31.48 -2.70
C THR A 255 34.68 -31.42 -1.56
N GLY A 256 35.10 -30.85 -0.43
CA GLY A 256 34.25 -30.73 0.73
C GLY A 256 34.00 -29.28 1.09
N VAL A 257 32.80 -29.00 1.56
CA VAL A 257 32.39 -27.64 1.89
C VAL A 257 31.61 -27.65 3.19
N PHE A 258 31.89 -26.67 4.05
CA PHE A 258 31.05 -26.37 5.20
C PHE A 258 30.88 -24.86 5.23
N SER A 259 29.64 -24.39 5.06
CA SER A 259 29.42 -22.97 4.83
C SER A 259 28.02 -22.61 5.30
N GLU A 260 27.72 -21.31 5.23
CA GLU A 260 26.40 -20.77 5.45
C GLU A 260 25.88 -20.23 4.13
N GLN A 261 24.67 -20.64 3.74
CA GLN A 261 24.11 -20.25 2.46
C GLN A 261 23.40 -18.92 2.60
N LYS A 262 23.90 -17.91 1.89
CA LYS A 262 23.35 -16.57 1.95
C LYS A 262 22.25 -16.33 0.91
N SER A 263 22.00 -17.29 0.03
CA SER A 263 21.03 -17.14 -1.05
C SER A 263 19.84 -18.05 -0.83
N GLN A 264 18.81 -17.83 -1.63
CA GLN A 264 17.60 -18.63 -1.63
C GLN A 264 17.27 -19.02 -3.06
N THR A 265 16.93 -20.28 -3.26
CA THR A 265 16.61 -20.77 -4.60
C THR A 265 15.23 -20.28 -5.01
N LYS A 266 15.16 -19.66 -6.20
CA LYS A 266 13.91 -19.14 -6.74
C LYS A 266 13.70 -19.73 -8.13
N SER A 267 12.48 -20.18 -8.40
CA SER A 267 12.12 -20.78 -9.68
C SER A 267 10.98 -20.00 -10.30
N VAL A 268 11.10 -19.72 -11.61
CA VAL A 268 10.05 -19.07 -12.37
C VAL A 268 9.75 -19.91 -13.60
N VAL A 269 8.55 -19.74 -14.14
CA VAL A 269 8.09 -20.44 -15.32
C VAL A 269 7.77 -19.42 -16.39
N ALA A 270 8.27 -19.64 -17.61
CA ALA A 270 8.05 -18.73 -18.73
C ALA A 270 7.58 -19.50 -19.94
N GLU A 271 6.58 -18.95 -20.64
CA GLU A 271 6.14 -19.45 -21.93
C GLU A 271 6.07 -18.28 -22.90
N ASN A 272 6.71 -18.43 -24.06
CA ASN A 272 6.76 -17.38 -25.08
C ASN A 272 7.28 -16.06 -24.50
N GLY A 273 8.42 -16.13 -23.82
CA GLY A 273 9.01 -14.93 -23.26
C GLY A 273 8.63 -14.69 -21.81
N GLY A 274 7.62 -13.85 -21.58
CA GLY A 274 7.25 -13.42 -20.25
C GLY A 274 7.06 -14.50 -19.20
N THR A 275 7.29 -14.14 -17.95
CA THR A 275 7.09 -15.07 -16.84
C THR A 275 5.61 -15.29 -16.59
N VAL A 276 5.25 -16.52 -16.24
CA VAL A 276 3.87 -16.89 -15.99
C VAL A 276 3.56 -16.70 -14.51
N GLN A 277 2.48 -16.00 -14.20
CA GLN A 277 2.02 -15.78 -12.84
C GLN A 277 0.66 -16.44 -12.68
N ASN A 278 0.53 -17.33 -11.70
CA ASN A 278 -0.70 -18.07 -11.47
C ASN A 278 -1.49 -17.43 -10.33
N PHE A 279 -2.81 -17.37 -10.49
CA PHE A 279 -3.68 -16.78 -9.49
C PHE A 279 -4.83 -17.72 -9.17
N ASP A 280 -5.33 -17.61 -7.94
CA ASP A 280 -6.47 -18.40 -7.47
C ASP A 280 -7.31 -17.50 -6.57
N LEU A 281 -8.50 -17.13 -7.04
CA LEU A 281 -9.42 -16.30 -6.28
C LEU A 281 -10.72 -17.04 -6.07
N TYR A 282 -11.15 -17.15 -4.82
CA TYR A 282 -12.46 -17.71 -4.54
C TYR A 282 -13.54 -16.65 -4.77
N ALA A 283 -14.78 -17.11 -4.89
CA ALA A 283 -15.88 -16.22 -5.26
C ALA A 283 -16.02 -15.07 -4.28
N LEU A 284 -15.85 -15.34 -2.98
CA LEU A 284 -16.00 -14.31 -1.97
C LEU A 284 -14.95 -13.20 -2.07
N ASP A 285 -13.77 -13.49 -2.61
CA ASP A 285 -12.67 -12.53 -2.67
C ASP A 285 -12.80 -11.52 -3.79
N TYR A 286 -13.92 -10.79 -3.87
CA TYR A 286 -14.09 -9.80 -4.92
C TYR A 286 -13.43 -8.48 -4.52
N ASP A 287 -13.33 -7.58 -5.50
CA ASP A 287 -12.71 -6.26 -5.30
C ASP A 287 -13.73 -5.37 -4.59
N ASN A 288 -13.62 -5.27 -3.28
CA ASN A 288 -14.65 -4.66 -2.45
C ASN A 288 -14.43 -3.16 -2.27
N ASP A 289 -15.55 -2.43 -2.17
CA ASP A 289 -15.55 -1.01 -1.80
C ASP A 289 -14.78 -0.15 -2.79
N ARG A 290 -14.72 -0.57 -4.05
CA ARG A 290 -13.95 0.14 -5.05
C ARG A 290 -14.81 0.44 -6.29
N HIS A 291 -15.69 -0.48 -6.63
CA HIS A 291 -16.50 -0.39 -7.84
C HIS A 291 -17.96 -0.18 -7.47
N PHE A 292 -18.57 0.85 -8.03
CA PHE A 292 -19.91 1.27 -7.64
C PHE A 292 -20.72 1.58 -8.88
N PHE A 293 -21.92 1.00 -8.97
CA PHE A 293 -22.90 1.49 -9.93
C PHE A 293 -23.30 2.91 -9.58
N LEU A 294 -23.43 3.75 -10.60
CA LEU A 294 -23.79 5.16 -10.37
C LEU A 294 -25.23 5.33 -9.92
N SER A 295 -26.09 4.34 -10.16
CA SER A 295 -27.49 4.42 -9.75
C SER A 295 -28.10 3.04 -9.80
N GLN A 296 -29.30 2.91 -9.23
CA GLN A 296 -30.03 1.65 -9.32
C GLN A 296 -30.41 1.32 -10.75
N TYR A 297 -30.58 2.35 -11.59
CA TYR A 297 -30.91 2.13 -12.99
C TYR A 297 -29.82 1.32 -13.68
N PHE A 298 -28.56 1.72 -13.51
CA PHE A 298 -27.46 1.00 -14.14
C PHE A 298 -27.32 -0.40 -13.54
N ARG A 299 -27.50 -0.53 -12.23
CA ARG A 299 -27.41 -1.83 -11.59
C ARG A 299 -28.43 -2.80 -12.17
N ASN A 300 -29.68 -2.35 -12.31
CA ASN A 300 -30.73 -3.22 -12.82
C ASN A 300 -30.70 -3.37 -14.33
N LYS A 301 -30.00 -2.50 -15.05
CA LYS A 301 -29.80 -2.65 -16.48
C LYS A 301 -28.59 -3.51 -16.83
N TYR A 302 -27.68 -3.72 -15.88
CA TYR A 302 -26.41 -4.38 -16.18
C TYR A 302 -26.60 -5.76 -16.80
N ASP A 303 -27.38 -6.61 -16.15
CA ASP A 303 -27.51 -7.99 -16.61
C ASP A 303 -28.13 -8.07 -18.00
N VAL A 304 -29.26 -7.40 -18.21
CA VAL A 304 -29.96 -7.49 -19.48
C VAL A 304 -29.15 -6.83 -20.60
N SER A 305 -28.42 -5.75 -20.29
CA SER A 305 -27.64 -5.06 -21.31
C SER A 305 -26.48 -5.90 -21.83
N LEU A 306 -25.97 -6.83 -21.03
CA LEU A 306 -24.83 -7.66 -21.41
C LEU A 306 -25.24 -9.05 -21.88
N LYS A 307 -26.52 -9.26 -22.18
CA LYS A 307 -26.99 -10.59 -22.57
C LYS A 307 -26.28 -11.09 -23.81
N ASN A 308 -26.07 -10.22 -24.80
CA ASN A 308 -25.44 -10.58 -26.06
C ASN A 308 -24.08 -9.89 -26.23
N TYR A 309 -23.27 -9.89 -25.18
CA TYR A 309 -21.96 -9.27 -25.25
C TYR A 309 -21.12 -9.98 -26.31
N PRO A 310 -20.18 -9.27 -26.96
CA PRO A 310 -19.69 -7.92 -26.66
C PRO A 310 -20.63 -6.79 -27.07
N PHE A 311 -21.74 -7.11 -27.73
CA PHE A 311 -22.74 -6.09 -27.99
C PHE A 311 -23.40 -5.69 -26.67
N ILE A 312 -23.51 -4.38 -26.45
CA ILE A 312 -24.12 -3.84 -25.24
C ILE A 312 -25.48 -3.28 -25.62
N ASP A 313 -26.53 -3.82 -25.01
CA ASP A 313 -27.90 -3.42 -25.32
C ASP A 313 -28.25 -2.17 -24.50
N SER A 314 -27.56 -1.09 -24.83
CA SER A 314 -27.73 0.18 -24.12
C SER A 314 -27.06 1.28 -24.94
N ARG A 315 -27.71 2.43 -25.02
CA ARG A 315 -27.15 3.60 -25.68
C ARG A 315 -26.57 4.61 -24.71
N VAL A 316 -26.40 4.22 -23.44
CA VAL A 316 -25.92 5.15 -22.43
C VAL A 316 -24.47 5.52 -22.73
N GLN A 317 -24.19 6.82 -22.75
CA GLN A 317 -22.84 7.34 -22.92
C GLN A 317 -22.60 8.38 -21.83
N ILE A 318 -21.80 8.03 -20.83
CA ILE A 318 -21.51 8.96 -19.75
C ILE A 318 -20.47 9.96 -20.22
N THR A 319 -20.85 11.23 -20.24
CA THR A 319 -19.97 12.28 -20.73
C THR A 319 -19.19 12.97 -19.63
N ARG A 320 -19.76 13.07 -18.43
CA ARG A 320 -19.17 13.86 -17.36
C ARG A 320 -19.45 13.20 -16.02
N LEU A 321 -18.44 13.18 -15.16
CA LEU A 321 -18.59 12.57 -13.84
C LEU A 321 -17.72 13.34 -12.85
N GLU A 322 -18.33 13.82 -11.77
CA GLU A 322 -17.61 14.46 -10.68
C GLU A 322 -17.80 13.62 -9.41
N VAL A 323 -16.69 13.24 -8.79
CA VAL A 323 -16.69 12.33 -7.66
C VAL A 323 -16.19 13.07 -6.43
N TRP A 324 -16.99 13.02 -5.35
CA TRP A 324 -16.66 13.68 -4.10
C TRP A 324 -16.57 12.64 -2.99
N VAL A 325 -15.58 12.81 -2.10
CA VAL A 325 -15.34 11.90 -1.00
C VAL A 325 -15.13 12.70 0.28
N THR A 326 -15.26 12.01 1.41
CA THR A 326 -14.94 12.62 2.70
C THR A 326 -13.49 13.12 2.69
N ASN A 327 -13.31 14.34 3.14
CA ASN A 327 -12.00 14.99 3.11
C ASN A 327 -11.37 14.86 4.50
N LYS A 328 -10.38 13.99 4.61
CA LYS A 328 -9.57 13.89 5.82
C LYS A 328 -8.13 14.34 5.61
N GLN A 329 -7.68 14.44 4.36
CA GLN A 329 -6.32 14.92 4.12
C GLN A 329 -6.19 16.40 4.47
N ASN A 330 -7.18 17.21 4.09
CA ASN A 330 -7.25 18.62 4.45
C ASN A 330 -5.98 19.37 4.06
N ARG A 331 -5.67 19.32 2.76
CA ARG A 331 -4.49 19.98 2.22
C ARG A 331 -4.90 20.84 1.03
N VAL A 332 -4.47 22.09 1.04
CA VAL A 332 -4.78 23.05 -0.02
C VAL A 332 -3.57 23.13 -0.94
N THR A 333 -3.80 22.90 -2.23
CA THR A 333 -2.71 22.84 -3.20
C THR A 333 -3.26 23.15 -4.58
N THR A 334 -2.54 24.00 -5.33
CA THR A 334 -2.97 24.46 -6.64
C THR A 334 -2.64 23.50 -7.77
N THR A 335 -1.88 22.43 -7.50
CA THR A 335 -1.45 21.53 -8.57
C THR A 335 -2.26 20.24 -8.64
N GLY A 336 -3.04 19.92 -7.61
CA GLY A 336 -3.87 18.73 -7.65
C GLY A 336 -5.25 19.00 -8.22
N GLY A 337 -5.30 19.58 -9.41
CA GLY A 337 -6.57 19.94 -10.00
C GLY A 337 -7.23 21.15 -9.35
N GLY A 338 -6.45 21.99 -8.66
CA GLY A 338 -7.01 23.15 -8.00
C GLY A 338 -7.52 22.84 -6.61
N ASN A 339 -8.10 23.86 -5.99
CA ASN A 339 -8.68 23.78 -4.66
C ASN A 339 -10.19 23.86 -4.83
N ASN A 340 -10.83 22.71 -5.03
CA ASN A 340 -12.27 22.63 -5.20
C ASN A 340 -12.84 21.89 -3.99
N LEU A 341 -13.09 22.64 -2.93
CA LEU A 341 -13.75 22.13 -1.73
C LEU A 341 -15.14 22.72 -1.65
N ARG A 342 -16.14 21.86 -1.46
CA ARG A 342 -17.52 22.29 -1.39
C ARG A 342 -18.24 21.55 -0.26
N ASN A 343 -19.21 22.23 0.34
CA ASN A 343 -20.16 21.56 1.20
C ASN A 343 -21.04 20.66 0.36
N ILE A 344 -21.31 19.45 0.86
CA ILE A 344 -21.96 18.41 0.07
C ILE A 344 -23.08 17.78 0.90
N ILE A 345 -24.24 17.58 0.27
CA ILE A 345 -25.27 16.70 0.82
C ILE A 345 -25.57 15.63 -0.22
N ALA A 346 -25.45 14.38 0.18
CA ALA A 346 -25.59 13.23 -0.71
C ALA A 346 -26.88 12.50 -0.37
N LEU A 347 -27.78 12.38 -1.35
CA LEU A 347 -29.07 11.75 -1.15
C LEU A 347 -29.04 10.35 -1.74
N GLN A 348 -29.46 9.36 -0.94
CA GLN A 348 -29.43 7.97 -1.40
C GLN A 348 -30.37 7.75 -2.57
N ASP A 349 -31.55 8.37 -2.53
CA ASP A 349 -32.61 8.12 -3.50
C ASP A 349 -32.63 9.13 -4.64
N LEU A 350 -31.60 9.96 -4.77
CA LEU A 350 -31.60 10.99 -5.78
C LEU A 350 -31.56 10.38 -7.19
N GLY A 351 -32.46 10.83 -8.05
CA GLY A 351 -32.45 10.43 -9.45
C GLY A 351 -33.08 9.10 -9.76
N GLU A 352 -33.62 8.40 -8.76
CA GLU A 352 -34.13 7.05 -8.98
C GLU A 352 -35.62 7.06 -9.35
N ALA A 353 -35.95 6.28 -10.37
CA ALA A 353 -37.32 5.95 -10.73
C ALA A 353 -37.59 4.48 -10.38
N GLN A 354 -38.82 4.05 -10.62
CA GLN A 354 -39.19 2.67 -10.36
C GLN A 354 -38.39 1.73 -11.26
N VAL A 355 -38.48 0.43 -10.95
CA VAL A 355 -37.91 -0.63 -11.77
C VAL A 355 -38.97 -1.71 -11.94
N SER A 356 -39.14 -2.18 -13.17
CA SER A 356 -40.27 -3.06 -13.48
C SER A 356 -40.25 -4.33 -12.64
N GLY A 357 -39.13 -5.04 -12.65
CA GLY A 357 -39.03 -6.30 -11.94
C GLY A 357 -38.55 -6.21 -10.51
N VAL A 358 -38.42 -5.00 -9.96
CA VAL A 358 -37.86 -4.81 -8.63
C VAL A 358 -38.85 -4.00 -7.78
N PRO A 359 -39.16 -4.43 -6.57
CA PRO A 359 -40.04 -3.64 -5.71
C PRO A 359 -39.40 -2.32 -5.30
N ASP A 360 -40.26 -1.32 -5.05
CA ASP A 360 -39.77 0.02 -4.80
C ASP A 360 -38.90 0.11 -3.56
N ASN A 361 -39.16 -0.74 -2.55
CA ASN A 361 -38.36 -0.71 -1.35
C ASN A 361 -36.94 -1.19 -1.58
N GLU A 362 -36.68 -1.88 -2.69
CA GLU A 362 -35.33 -2.29 -3.07
C GLU A 362 -34.64 -1.26 -3.94
N VAL A 363 -35.33 -0.21 -4.35
CA VAL A 363 -34.76 0.85 -5.17
C VAL A 363 -34.46 2.10 -4.35
N VAL A 364 -35.38 2.47 -3.45
CA VAL A 364 -35.25 3.69 -2.66
C VAL A 364 -35.44 3.36 -1.19
N VAL A 365 -34.84 4.18 -0.32
CA VAL A 365 -35.01 4.01 1.13
C VAL A 365 -36.10 4.88 1.71
N ILE A 366 -36.70 5.78 0.92
CA ILE A 366 -37.72 6.68 1.45
C ILE A 366 -38.85 5.87 2.07
N SER A 367 -39.32 6.32 3.24
CA SER A 367 -40.28 5.55 4.01
C SER A 367 -41.57 5.34 3.23
N SER A 368 -42.07 6.37 2.57
CA SER A 368 -43.27 6.28 1.75
C SER A 368 -42.97 6.82 0.37
N THR A 369 -43.29 6.05 -0.66
CA THR A 369 -43.11 6.46 -2.04
C THR A 369 -44.35 7.13 -2.62
N ALA A 370 -45.36 7.37 -1.80
CA ALA A 370 -46.59 8.02 -2.27
C ALA A 370 -46.28 9.45 -2.68
N GLY A 371 -46.54 9.77 -3.95
CA GLY A 371 -46.24 11.09 -4.46
C GLY A 371 -44.77 11.38 -4.64
N PHE A 372 -43.91 10.38 -4.59
CA PHE A 372 -42.47 10.59 -4.69
C PHE A 372 -42.01 10.61 -6.15
N PHE A 373 -42.42 9.62 -6.93
CA PHE A 373 -42.00 9.52 -8.33
C PHE A 373 -42.92 10.34 -9.23
N ASN A 374 -42.36 10.87 -10.31
CA ASN A 374 -43.12 11.69 -11.24
C ASN A 374 -42.77 11.41 -12.70
N ASN A 375 -42.12 10.29 -12.99
CA ASN A 375 -41.77 9.87 -14.34
C ASN A 375 -42.26 8.45 -14.55
N PRO A 376 -42.35 7.99 -15.81
CA PRO A 376 -42.75 6.60 -16.06
C PRO A 376 -41.86 5.61 -15.32
N ILE A 377 -42.32 4.36 -15.31
CA ILE A 377 -41.75 3.36 -14.40
C ILE A 377 -40.28 3.10 -14.73
N ASP A 378 -39.97 2.83 -16.00
CA ASP A 378 -38.62 2.44 -16.40
C ASP A 378 -37.81 3.61 -16.96
N SER A 379 -38.03 4.81 -16.45
CA SER A 379 -37.29 5.96 -16.94
C SER A 379 -35.82 5.87 -16.54
N PRO A 380 -34.91 6.29 -17.40
CA PRO A 380 -33.49 6.31 -17.02
C PRO A 380 -33.23 7.29 -15.90
N THR A 381 -32.19 7.00 -15.11
CA THR A 381 -31.90 7.81 -13.93
C THR A 381 -31.64 9.27 -14.32
N SER A 382 -32.25 10.18 -13.57
CA SER A 382 -32.20 11.60 -13.87
C SER A 382 -32.73 12.37 -12.67
N ASN A 383 -32.24 13.60 -12.50
CA ASN A 383 -32.67 14.45 -11.40
C ASN A 383 -34.19 14.56 -11.34
N THR A 384 -34.84 14.66 -12.50
CA THR A 384 -36.27 14.91 -12.56
C THR A 384 -37.12 13.67 -12.33
N ASN A 385 -36.55 12.57 -11.84
CA ASN A 385 -37.34 11.36 -11.66
C ASN A 385 -38.23 11.39 -10.43
N ASN A 386 -37.84 12.10 -9.37
CA ASN A 386 -38.61 12.11 -8.14
C ASN A 386 -38.60 13.53 -7.56
N LYS A 387 -39.15 13.67 -6.36
CA LYS A 387 -39.30 14.97 -5.71
C LYS A 387 -38.04 15.42 -4.99
N TYR A 388 -36.93 14.68 -5.09
CA TYR A 388 -35.64 15.13 -4.59
C TYR A 388 -34.86 15.93 -5.61
N ASP A 389 -35.47 16.24 -6.75
CA ASP A 389 -34.82 16.99 -7.83
C ASP A 389 -34.25 18.30 -7.29
N PRO A 390 -32.93 18.50 -7.36
CA PRO A 390 -32.36 19.77 -6.88
C PRO A 390 -32.87 20.98 -7.62
N ALA A 391 -33.30 20.81 -8.88
CA ALA A 391 -33.77 21.95 -9.67
C ALA A 391 -35.10 22.50 -9.18
N THR A 392 -35.91 21.69 -8.50
CA THR A 392 -37.22 22.09 -8.04
C THR A 392 -37.31 22.15 -6.52
N ILE A 393 -36.21 22.50 -5.85
CA ILE A 393 -36.16 22.52 -4.39
C ILE A 393 -37.14 23.56 -3.85
N GLY A 394 -38.19 23.08 -3.19
CA GLY A 394 -39.17 23.94 -2.54
C GLY A 394 -39.99 24.81 -3.46
N GLN A 395 -40.37 24.31 -4.64
CA GLN A 395 -41.14 25.15 -5.57
C GLN A 395 -42.63 25.12 -5.25
N ALA A 396 -43.27 23.98 -5.46
CA ALA A 396 -44.69 23.85 -5.11
C ALA A 396 -45.02 22.58 -4.35
N GLY A 397 -44.40 21.46 -4.71
CA GLY A 397 -44.71 20.19 -4.10
C GLY A 397 -43.48 19.33 -3.92
N SER A 398 -42.32 19.98 -3.85
CA SER A 398 -41.07 19.28 -3.66
C SER A 398 -41.00 18.66 -2.27
N PHE A 399 -40.13 17.66 -2.13
CA PHE A 399 -39.85 17.05 -0.84
C PHE A 399 -38.70 17.75 -0.11
N LEU A 400 -38.13 18.79 -0.70
CA LEU A 400 -36.99 19.49 -0.12
C LEU A 400 -37.26 20.98 -0.02
N ASN A 401 -36.79 21.59 1.06
CA ASN A 401 -36.83 23.04 1.23
C ASN A 401 -35.46 23.63 0.97
N SER A 402 -35.39 24.97 1.01
CA SER A 402 -34.11 25.65 0.87
C SER A 402 -33.15 25.37 2.02
N ASN A 403 -33.66 24.84 3.14
CA ASN A 403 -32.80 24.45 4.24
C ASN A 403 -31.86 23.31 3.86
N ILE A 404 -32.20 22.55 2.81
CA ILE A 404 -31.34 21.45 2.37
C ILE A 404 -29.97 21.94 1.93
N ARG A 405 -29.86 23.21 1.52
CA ARG A 405 -28.60 23.75 1.02
C ARG A 405 -27.63 24.09 2.14
N GLU A 406 -28.08 24.14 3.39
CA GLU A 406 -27.24 24.52 4.52
C GLU A 406 -26.97 23.30 5.39
N ILE A 407 -25.71 23.14 5.80
CA ILE A 407 -25.33 22.00 6.63
C ILE A 407 -26.07 22.03 7.96
N VAL A 408 -26.16 23.21 8.57
CA VAL A 408 -26.76 23.33 9.90
C VAL A 408 -28.23 22.90 9.87
N THR A 409 -28.95 23.28 8.82
CA THR A 409 -30.38 23.00 8.70
C THR A 409 -30.66 21.88 7.71
N ALA A 410 -29.73 20.94 7.55
CA ALA A 410 -29.89 19.87 6.57
C ALA A 410 -31.11 19.01 6.89
N LYS A 411 -31.30 18.65 8.16
CA LYS A 411 -32.42 17.81 8.54
C LYS A 411 -33.75 18.49 8.26
N SER A 412 -33.87 19.77 8.59
CA SER A 412 -35.11 20.50 8.35
C SER A 412 -35.38 20.74 6.88
N GLY A 413 -34.41 20.44 6.01
CA GLY A 413 -34.59 20.64 4.58
C GLY A 413 -35.48 19.61 3.91
N PHE A 414 -35.89 18.56 4.62
CA PHE A 414 -36.77 17.54 4.08
C PHE A 414 -38.22 17.84 4.46
N ASN A 415 -39.11 17.80 3.46
CA ASN A 415 -40.54 17.92 3.73
C ASN A 415 -41.12 16.64 4.30
N ASN A 416 -40.61 15.49 3.86
CA ASN A 416 -41.09 14.22 4.38
C ASN A 416 -40.64 14.02 5.82
N THR A 417 -41.34 13.13 6.52
CA THR A 417 -41.22 13.04 7.97
C THR A 417 -40.09 12.11 8.42
N ASN A 418 -40.15 10.84 8.03
CA ASN A 418 -39.21 9.84 8.54
C ASN A 418 -37.93 9.89 7.71
N VAL A 419 -37.04 10.80 8.09
CA VAL A 419 -35.76 10.98 7.42
C VAL A 419 -34.66 10.86 8.46
N SER A 420 -33.65 10.04 8.18
CA SER A 420 -32.55 9.79 9.10
C SER A 420 -31.25 10.35 8.53
N GLU A 421 -30.38 10.81 9.43
CA GLU A 421 -29.19 11.57 9.07
C GLU A 421 -28.15 10.77 8.31
N ALA A 422 -28.24 9.44 8.31
CA ALA A 422 -27.27 8.62 7.58
C ALA A 422 -27.91 7.57 6.68
N THR A 423 -29.24 7.52 6.60
CA THR A 423 -29.93 6.61 5.70
C THR A 423 -30.44 7.32 4.46
N ASP A 424 -31.26 8.36 4.64
CA ASP A 424 -31.78 9.09 3.50
C ASP A 424 -30.76 10.04 2.89
N TYR A 425 -29.84 10.56 3.70
CA TYR A 425 -28.87 11.53 3.22
C TYR A 425 -27.62 11.44 4.07
N SER A 426 -26.54 12.04 3.57
CA SER A 426 -25.33 12.24 4.35
C SER A 426 -24.72 13.57 3.94
N VAL A 427 -24.03 14.22 4.88
CA VAL A 427 -23.51 15.56 4.68
C VAL A 427 -22.00 15.55 4.87
N LEU A 428 -21.30 16.32 4.03
CA LEU A 428 -19.88 16.58 4.19
C LEU A 428 -19.67 18.09 4.07
N GLU A 429 -18.78 18.63 4.90
CA GLU A 429 -18.62 20.08 4.98
C GLU A 429 -17.49 20.63 4.12
N ASN A 430 -16.41 19.88 3.91
CA ASN A 430 -15.33 20.31 3.03
C ASN A 430 -14.95 19.19 2.08
N ALA A 431 -15.95 18.57 1.47
CA ALA A 431 -15.72 17.40 0.62
C ALA A 431 -14.75 17.72 -0.50
N ARG A 432 -13.83 16.80 -0.75
CA ARG A 432 -12.80 16.99 -1.77
C ARG A 432 -13.18 16.26 -3.05
N LYS A 433 -12.95 16.92 -4.18
CA LYS A 433 -13.31 16.38 -5.48
C LYS A 433 -12.15 15.56 -6.03
N LEU A 434 -12.43 14.30 -6.37
CA LEU A 434 -11.39 13.42 -6.88
C LEU A 434 -10.94 13.88 -8.27
N THR A 435 -9.64 13.83 -8.51
CA THR A 435 -9.10 14.12 -9.83
C THR A 435 -9.25 12.90 -10.74
N THR A 436 -9.04 13.13 -12.04
CA THR A 436 -9.30 12.09 -13.04
C THR A 436 -8.36 10.91 -12.92
N ASN A 437 -7.22 11.06 -12.26
CA ASN A 437 -6.30 9.94 -12.07
C ASN A 437 -6.64 9.10 -10.84
N GLU A 438 -7.62 9.51 -10.04
CA GLU A 438 -8.02 8.78 -8.85
C GLU A 438 -9.19 7.84 -9.10
N TYR A 439 -9.71 7.77 -10.32
CA TYR A 439 -10.80 6.88 -10.62
C TYR A 439 -10.93 6.74 -12.14
N THR A 440 -11.56 5.65 -12.56
CA THR A 440 -12.01 5.46 -13.92
C THR A 440 -13.47 5.04 -13.89
N PHE A 441 -14.17 5.25 -15.00
CA PHE A 441 -15.57 4.87 -15.10
C PHE A 441 -15.82 4.21 -16.45
N ASN A 442 -16.83 3.33 -16.47
CA ASN A 442 -17.26 2.69 -17.70
C ASN A 442 -18.36 3.55 -18.31
N PRO A 443 -18.12 4.23 -19.42
CA PRO A 443 -19.14 5.15 -19.97
C PRO A 443 -20.42 4.45 -20.37
N GLN A 444 -20.36 3.19 -20.80
CA GLN A 444 -21.54 2.51 -21.31
C GLN A 444 -22.35 1.83 -20.21
N LEU A 445 -21.69 1.18 -19.26
CA LEU A 445 -22.38 0.39 -18.25
C LEU A 445 -22.66 1.16 -16.96
N GLY A 446 -22.22 2.40 -16.88
CA GLY A 446 -22.59 3.26 -15.77
C GLY A 446 -22.10 2.86 -14.40
N TYR A 447 -20.82 2.51 -14.28
CA TYR A 447 -20.22 2.29 -12.97
C TYR A 447 -18.82 2.91 -12.96
N ILE A 448 -18.28 3.05 -11.76
CA ILE A 448 -17.00 3.72 -11.55
C ILE A 448 -16.07 2.80 -10.78
N SER A 449 -14.77 2.98 -11.01
CA SER A 449 -13.73 2.20 -10.34
C SER A 449 -12.76 3.17 -9.68
N LEU A 450 -12.74 3.18 -8.35
CA LEU A 450 -11.85 4.06 -7.62
C LEU A 450 -10.45 3.49 -7.57
N GLN A 451 -9.44 4.37 -7.64
CA GLN A 451 -8.07 3.93 -7.45
C GLN A 451 -7.87 3.40 -6.02
N GLN A 452 -8.42 4.08 -5.03
CA GLN A 452 -8.31 3.69 -3.63
C GLN A 452 -9.69 3.29 -3.11
N ARG A 453 -9.78 2.10 -2.53
CA ARG A 453 -11.05 1.60 -2.03
C ARG A 453 -11.44 2.28 -0.73
N LEU A 454 -12.74 2.35 -0.48
CA LEU A 454 -13.28 2.96 0.74
C LEU A 454 -13.74 1.85 1.68
N ALA A 455 -12.78 1.32 2.44
CA ALA A 455 -13.04 0.23 3.38
C ALA A 455 -13.50 0.73 4.75
N ASN A 456 -13.68 2.04 4.91
CA ASN A 456 -13.98 2.64 6.20
C ASN A 456 -15.26 3.47 6.02
N ASP A 457 -15.52 4.35 6.98
CA ASP A 457 -16.73 5.16 7.02
C ASP A 457 -16.73 6.31 6.01
N GLU A 458 -15.89 6.29 4.98
CA GLU A 458 -15.88 7.38 4.01
C GLU A 458 -17.21 7.47 3.28
N ILE A 459 -17.59 8.70 2.95
CA ILE A 459 -18.79 8.99 2.17
C ILE A 459 -18.39 9.17 0.72
N LEU A 460 -19.11 8.52 -0.19
CA LEU A 460 -18.88 8.64 -1.63
C LEU A 460 -20.12 9.24 -2.26
N ALA A 461 -19.94 10.35 -2.98
CA ALA A 461 -21.04 11.05 -3.62
C ALA A 461 -20.60 11.48 -5.02
N VAL A 462 -21.52 11.40 -5.98
CA VAL A 462 -21.19 11.68 -7.37
C VAL A 462 -22.25 12.56 -8.00
N ALA A 463 -21.82 13.32 -9.00
CA ALA A 463 -22.69 13.95 -9.97
C ALA A 463 -22.22 13.48 -11.34
N PHE A 464 -23.15 13.03 -12.17
CA PHE A 464 -22.78 12.55 -13.50
C PHE A 464 -23.82 12.98 -14.52
N GLU A 465 -23.36 13.07 -15.75
CA GLU A 465 -24.19 13.43 -16.90
C GLU A 465 -23.94 12.42 -18.00
N TYR A 466 -25.01 11.98 -18.65
CA TYR A 466 -24.87 10.98 -19.71
C TYR A 466 -25.91 11.25 -20.79
N THR A 467 -25.64 10.72 -21.98
CA THR A 467 -26.50 10.89 -23.14
C THR A 467 -27.07 9.55 -23.55
N VAL A 468 -28.32 9.56 -23.97
CA VAL A 468 -28.96 8.42 -24.62
C VAL A 468 -29.43 8.92 -25.98
N GLY A 469 -28.58 8.79 -26.99
CA GLY A 469 -28.85 9.40 -28.27
C GLY A 469 -28.83 10.91 -28.17
N GLY A 470 -29.93 11.55 -28.54
CA GLY A 470 -30.07 12.99 -28.45
C GLY A 470 -30.50 13.53 -27.11
N LYS A 471 -30.80 12.67 -26.15
CA LYS A 471 -31.29 13.07 -24.84
C LYS A 471 -30.14 13.10 -23.84
N VAL A 472 -30.12 14.13 -23.00
CA VAL A 472 -29.10 14.31 -21.98
C VAL A 472 -29.76 14.21 -20.61
N TYR A 473 -29.19 13.40 -19.73
CA TYR A 473 -29.68 13.22 -18.38
C TYR A 473 -28.60 13.59 -17.38
N GLN A 474 -29.00 14.23 -16.28
CA GLN A 474 -28.10 14.57 -15.19
C GLN A 474 -28.72 14.10 -13.89
N VAL A 475 -27.89 13.58 -12.99
CA VAL A 475 -28.36 12.98 -11.76
C VAL A 475 -27.90 13.75 -10.53
N GLY A 476 -26.66 14.25 -10.53
CA GLY A 476 -26.16 15.04 -9.44
C GLY A 476 -26.23 16.52 -9.72
N GLU A 477 -25.37 17.27 -9.05
CA GLU A 477 -25.22 18.70 -9.27
C GLU A 477 -23.74 19.00 -9.45
N PHE A 478 -23.38 19.50 -10.63
CA PHE A 478 -21.98 19.83 -10.90
C PHE A 478 -21.62 21.18 -10.31
N GLY A 479 -20.32 21.38 -10.09
CA GLY A 479 -19.85 22.70 -9.69
C GLY A 479 -20.14 23.76 -10.73
N SER A 480 -20.24 23.36 -12.00
CA SER A 480 -20.50 24.31 -13.07
C SER A 480 -21.95 24.81 -13.07
N ASP A 481 -22.90 23.95 -12.70
CA ASP A 481 -24.31 24.33 -12.72
C ASP A 481 -24.97 24.28 -11.33
N GLY A 482 -24.18 24.12 -10.27
CA GLY A 482 -24.73 24.11 -8.93
C GLY A 482 -24.79 25.48 -8.29
N VAL A 483 -25.43 25.54 -7.13
CA VAL A 483 -25.50 26.80 -6.39
C VAL A 483 -24.10 27.22 -5.97
N ASP A 484 -23.93 28.54 -5.80
CA ASP A 484 -22.64 29.07 -5.39
C ASP A 484 -22.28 28.59 -3.99
N ALA A 485 -20.98 28.39 -3.76
CA ALA A 485 -20.52 27.94 -2.46
C ALA A 485 -20.81 28.97 -1.38
N THR A 486 -20.61 30.25 -1.67
CA THR A 486 -20.74 31.30 -0.68
C THR A 486 -21.56 32.46 -1.22
N VAL A 487 -22.51 32.93 -0.41
CA VAL A 487 -23.27 34.14 -0.70
C VAL A 487 -23.15 35.06 0.52
N VAL A 488 -22.77 36.31 0.29
CA VAL A 488 -22.51 37.27 1.35
C VAL A 488 -23.46 38.45 1.19
N THR A 489 -24.15 38.80 2.27
CA THR A 489 -24.95 40.01 2.34
C THR A 489 -24.35 40.94 3.39
N GLY A 490 -24.60 42.24 3.22
CA GLY A 490 -24.03 43.24 4.09
C GLY A 490 -22.76 43.85 3.53
N ASN A 491 -22.23 44.81 4.27
CA ASN A 491 -21.08 45.59 3.83
C ASN A 491 -19.81 45.36 4.64
N ASN A 492 -19.93 45.00 5.92
CA ASN A 492 -18.75 44.74 6.73
C ASN A 492 -19.06 43.62 7.72
N SER A 493 -18.01 43.17 8.41
CA SER A 493 -18.13 42.00 9.27
C SER A 493 -19.09 42.20 10.43
N SER A 494 -19.44 43.45 10.76
CA SER A 494 -20.36 43.68 11.86
C SER A 494 -21.77 43.22 11.50
N ASN A 495 -22.20 43.43 10.25
CA ASN A 495 -23.55 43.09 9.83
C ASN A 495 -23.57 42.09 8.68
N GLN A 496 -22.43 41.53 8.31
CA GLN A 496 -22.40 40.58 7.20
C GLN A 496 -23.00 39.24 7.60
N ALA A 497 -23.72 38.62 6.67
CA ALA A 497 -24.22 37.27 6.83
C ALA A 497 -23.60 36.38 5.78
N ILE A 498 -23.10 35.23 6.19
CA ILE A 498 -22.40 34.30 5.31
C ILE A 498 -23.28 33.08 5.13
N ILE A 499 -23.74 32.85 3.90
CA ILE A 499 -24.54 31.68 3.55
C ILE A 499 -23.64 30.74 2.76
N THR A 500 -23.33 29.59 3.34
CA THR A 500 -22.55 28.56 2.68
C THR A 500 -23.52 27.47 2.21
N GLN A 501 -23.57 27.26 0.90
CA GLN A 501 -24.56 26.38 0.30
C GLN A 501 -23.91 25.08 -0.17
N SER A 502 -24.69 24.01 -0.08
CA SER A 502 -24.22 22.67 -0.41
C SER A 502 -24.70 22.24 -1.78
N LEU A 503 -23.85 21.47 -2.47
CA LEU A 503 -24.27 20.81 -3.69
C LEU A 503 -25.03 19.53 -3.35
N VAL A 504 -26.11 19.27 -4.08
CA VAL A 504 -26.90 18.07 -3.90
C VAL A 504 -26.37 16.99 -4.84
N LEU A 505 -25.93 15.88 -4.27
CA LEU A 505 -25.29 14.82 -5.03
C LEU A 505 -26.00 13.50 -4.78
N LYS A 506 -25.59 12.48 -5.54
CA LYS A 506 -26.12 11.13 -5.41
C LYS A 506 -25.17 10.33 -4.53
N MET A 507 -25.70 9.74 -3.47
CA MET A 507 -24.90 8.97 -2.53
C MET A 507 -24.65 7.57 -3.09
N LEU A 508 -23.37 7.20 -3.20
CA LEU A 508 -22.99 5.84 -3.56
C LEU A 508 -22.48 5.02 -2.39
N LYS A 509 -22.10 5.67 -1.29
CA LYS A 509 -21.67 4.99 -0.08
C LYS A 509 -21.96 5.89 1.10
N SER A 510 -22.58 5.33 2.13
CA SER A 510 -23.01 6.10 3.28
C SER A 510 -21.93 6.14 4.35
N ASN A 511 -22.12 7.05 5.31
CA ASN A 511 -21.26 7.12 6.48
C ASN A 511 -21.36 5.85 7.30
N LEU A 512 -22.57 5.35 7.51
CA LEU A 512 -22.82 4.17 8.32
C LEU A 512 -23.31 3.05 7.42
N THR A 513 -22.62 1.91 7.47
CA THR A 513 -22.96 0.80 6.59
C THR A 513 -24.27 0.15 7.01
N ASN A 514 -25.17 -0.03 6.06
CA ASN A 514 -26.43 -0.76 6.28
C ASN A 514 -26.69 -1.59 5.02
N VAL A 515 -26.48 -2.90 5.12
CA VAL A 515 -26.62 -3.78 3.96
C VAL A 515 -28.06 -3.99 3.53
N LYS A 516 -29.02 -3.46 4.29
CA LYS A 516 -30.43 -3.57 3.91
C LYS A 516 -30.90 -2.42 3.04
N ASN A 517 -30.05 -1.43 2.77
CA ASN A 517 -30.41 -0.30 1.95
C ASN A 517 -29.89 -0.47 0.52
N PRO A 518 -30.60 0.08 -0.48
CA PRO A 518 -30.16 -0.06 -1.88
C PRO A 518 -28.78 0.51 -2.14
N VAL A 519 -28.34 1.54 -1.39
CA VAL A 519 -27.00 2.08 -1.58
C VAL A 519 -25.95 0.99 -1.35
N TRP A 520 -26.25 0.00 -0.51
CA TRP A 520 -25.38 -1.15 -0.38
C TRP A 520 -25.29 -1.92 -1.69
N ASN A 521 -26.42 -2.10 -2.37
CA ASN A 521 -26.44 -2.79 -3.66
C ASN A 521 -25.77 -1.97 -4.77
N LEU A 522 -25.59 -0.67 -4.57
CA LEU A 522 -24.81 0.09 -5.56
C LEU A 522 -23.37 -0.41 -5.64
N MET A 523 -22.84 -0.96 -4.56
CA MET A 523 -21.48 -1.50 -4.58
C MET A 523 -21.44 -2.79 -5.39
N MET A 524 -20.57 -2.82 -6.40
CA MET A 524 -20.45 -3.99 -7.25
C MET A 524 -19.66 -5.09 -6.53
N LYS A 525 -20.18 -6.31 -6.58
CA LYS A 525 -19.51 -7.47 -6.01
C LYS A 525 -19.03 -8.45 -7.08
N ASN A 526 -19.07 -8.06 -8.35
CA ASN A 526 -18.75 -8.95 -9.46
C ASN A 526 -17.41 -8.63 -10.10
N VAL A 527 -16.61 -7.77 -9.48
CA VAL A 527 -15.32 -7.37 -10.03
C VAL A 527 -14.23 -8.05 -9.21
N TYR A 528 -13.32 -8.73 -9.91
CA TYR A 528 -12.24 -9.47 -9.27
C TYR A 528 -10.90 -8.92 -9.74
N GLN A 529 -10.04 -8.58 -8.80
CA GLN A 529 -8.72 -8.02 -9.10
C GLN A 529 -7.74 -9.18 -9.25
N ILE A 530 -7.22 -9.35 -10.46
CA ILE A 530 -6.21 -10.37 -10.69
C ILE A 530 -4.95 -9.94 -9.96
N PRO A 531 -4.42 -10.74 -9.04
CA PRO A 531 -3.28 -10.31 -8.24
C PRO A 531 -2.06 -10.01 -9.10
N GLN A 532 -1.41 -8.89 -8.80
CA GLN A 532 -0.15 -8.44 -9.38
C GLN A 532 -0.26 -8.04 -10.84
N ALA A 533 -1.42 -8.21 -11.47
CA ALA A 533 -1.58 -8.02 -12.91
C ALA A 533 -1.87 -6.56 -13.23
N TYR A 534 -1.09 -5.99 -14.15
CA TYR A 534 -1.23 -4.59 -14.52
C TYR A 534 -1.51 -4.39 -16.00
N GLN A 535 -0.79 -5.09 -16.89
CA GLN A 535 -0.99 -4.90 -18.32
C GLN A 535 -1.40 -6.18 -19.05
N ILE A 536 -2.41 -6.88 -18.52
CA ILE A 536 -2.87 -8.13 -19.10
C ILE A 536 -3.23 -7.96 -20.57
N LYS A 537 -3.01 -9.00 -21.36
CA LYS A 537 -3.33 -9.00 -22.78
C LYS A 537 -4.05 -10.29 -23.14
N GLN A 538 -4.90 -10.22 -24.15
CA GLN A 538 -5.43 -11.44 -24.76
C GLN A 538 -4.27 -12.22 -25.37
N ASP A 539 -4.35 -13.55 -25.30
CA ASP A 539 -3.31 -14.53 -25.57
C ASP A 539 -2.29 -14.56 -24.44
N ASP A 540 -2.38 -13.67 -23.44
CA ASP A 540 -1.50 -13.67 -22.29
C ASP A 540 -2.31 -13.73 -21.00
N PHE A 541 -3.51 -14.31 -21.07
CA PHE A 541 -4.40 -14.37 -19.91
C PHE A 541 -5.32 -15.57 -20.06
N ARG A 542 -5.36 -16.41 -19.04
CA ARG A 542 -6.25 -17.56 -18.97
C ARG A 542 -7.07 -17.50 -17.70
N LEU A 543 -8.35 -17.84 -17.79
CA LEU A 543 -9.22 -17.87 -16.61
C LEU A 543 -10.16 -19.07 -16.72
N ASN A 544 -10.28 -19.81 -15.63
CA ASN A 544 -11.24 -20.91 -15.53
C ASN A 544 -11.92 -20.85 -14.18
N ILE A 545 -13.15 -21.36 -14.13
CA ILE A 545 -13.94 -21.39 -12.91
C ILE A 545 -14.11 -22.85 -12.50
N LEU A 546 -13.74 -23.15 -11.25
CA LEU A 546 -13.79 -24.51 -10.73
C LEU A 546 -14.66 -24.54 -9.49
N TYR A 547 -15.29 -25.70 -9.27
CA TYR A 547 -15.97 -25.99 -8.01
C TYR A 547 -15.08 -26.97 -7.25
N THR A 548 -14.56 -26.53 -6.11
CA THR A 548 -13.60 -27.31 -5.33
C THR A 548 -14.31 -27.83 -4.08
N ASP A 549 -14.78 -29.07 -4.16
CA ASP A 549 -15.49 -29.71 -3.06
C ASP A 549 -15.16 -31.20 -3.01
N PRO A 550 -13.92 -31.56 -2.67
CA PRO A 550 -12.78 -30.69 -2.39
C PRO A 550 -11.86 -30.49 -3.60
N SER A 551 -11.86 -31.46 -4.51
CA SER A 551 -11.01 -31.39 -5.70
C SER A 551 -11.55 -30.35 -6.68
N PRO A 552 -10.68 -29.77 -7.51
CA PRO A 552 -11.15 -28.82 -8.54
C PRO A 552 -11.85 -29.52 -9.69
N ILE A 553 -13.15 -29.29 -9.82
CA ILE A 553 -13.97 -29.87 -10.88
C ILE A 553 -14.63 -28.73 -11.64
N ASN A 554 -14.58 -28.79 -12.97
CA ASN A 554 -15.08 -27.71 -13.82
C ASN A 554 -16.52 -27.94 -14.27
N TYR A 555 -17.32 -28.64 -13.48
CA TYR A 555 -18.74 -28.74 -13.72
C TYR A 555 -19.45 -28.98 -12.40
N ILE A 556 -20.76 -28.79 -12.41
CA ILE A 556 -21.58 -28.83 -11.21
C ILE A 556 -22.51 -30.04 -11.30
N THR A 557 -22.58 -30.81 -10.19
CA THR A 557 -23.42 -31.99 -10.14
C THR A 557 -24.62 -31.77 -9.22
N PRO A 558 -25.78 -32.34 -9.54
CA PRO A 558 -26.95 -32.15 -8.68
C PRO A 558 -26.80 -32.86 -7.35
N VAL A 559 -27.52 -32.34 -6.35
CA VAL A 559 -27.55 -32.99 -5.04
C VAL A 559 -28.27 -34.33 -5.17
N GLN A 560 -27.77 -35.33 -4.46
CA GLN A 560 -28.33 -36.67 -4.55
C GLN A 560 -29.82 -36.67 -4.20
N GLY A 561 -30.60 -37.38 -5.01
CA GLY A 561 -32.04 -37.35 -4.88
C GLY A 561 -32.73 -36.22 -5.61
N SER A 562 -32.01 -35.49 -6.46
CA SER A 562 -32.59 -34.37 -7.18
C SER A 562 -31.89 -34.25 -8.52
N SER A 563 -32.50 -33.46 -9.42
CA SER A 563 -31.95 -33.25 -10.75
C SER A 563 -32.01 -31.77 -11.10
N PHE A 564 -31.19 -31.38 -12.05
CA PHE A 564 -31.22 -30.02 -12.57
C PHE A 564 -32.50 -29.80 -13.37
N PRO A 565 -32.91 -28.54 -13.55
CA PRO A 565 -34.17 -28.28 -14.26
C PRO A 565 -34.18 -28.94 -15.64
N PRO A 566 -35.28 -29.62 -15.98
CA PRO A 566 -35.32 -30.34 -17.26
C PRO A 566 -35.50 -29.41 -18.44
N ASN A 567 -34.92 -29.80 -19.57
CA ASN A 567 -35.02 -29.08 -20.83
C ASN A 567 -34.71 -27.59 -20.70
N PRO A 568 -33.51 -27.23 -20.24
CA PRO A 568 -33.16 -25.81 -20.11
C PRO A 568 -32.84 -25.19 -21.46
N ALA A 569 -32.86 -23.86 -21.47
CA ALA A 569 -32.42 -23.12 -22.63
C ALA A 569 -30.91 -23.36 -22.84
N PRO A 570 -30.43 -23.24 -24.07
CA PRO A 570 -29.00 -23.50 -24.31
C PRO A 570 -28.07 -22.57 -23.54
N ASP A 571 -28.52 -21.36 -23.19
CA ASP A 571 -27.74 -20.45 -22.38
C ASP A 571 -27.92 -20.68 -20.89
N SER A 572 -28.82 -21.56 -20.48
CA SER A 572 -29.07 -21.86 -19.07
C SER A 572 -28.71 -23.29 -18.72
N LYS A 573 -27.94 -23.97 -19.56
CA LYS A 573 -27.53 -25.34 -19.29
C LYS A 573 -26.59 -25.38 -18.08
N VAL A 574 -26.85 -26.33 -17.18
CA VAL A 574 -26.00 -26.55 -16.02
C VAL A 574 -25.45 -27.97 -16.00
N GLU A 575 -26.28 -28.97 -16.29
CA GLU A 575 -25.83 -30.36 -16.31
C GLU A 575 -24.76 -30.57 -17.36
N GLN A 576 -23.62 -31.11 -16.91
CA GLN A 576 -22.50 -31.45 -17.80
C GLN A 576 -22.01 -30.22 -18.57
N THR A 577 -22.01 -29.06 -17.92
CA THR A 577 -21.64 -27.82 -18.56
C THR A 577 -20.44 -27.20 -17.87
N PRO A 578 -19.39 -26.83 -18.60
CA PRO A 578 -18.25 -26.17 -17.97
C PRO A 578 -18.68 -24.87 -17.29
N LEU A 579 -18.06 -24.59 -16.15
CA LEU A 579 -18.51 -23.49 -15.30
C LEU A 579 -18.35 -22.13 -15.98
N LEU A 580 -17.42 -22.01 -16.93
CA LEU A 580 -17.32 -20.77 -17.69
C LEU A 580 -18.60 -20.48 -18.45
N ASN A 581 -19.23 -21.52 -18.99
CA ASN A 581 -20.53 -21.34 -19.63
C ASN A 581 -21.64 -21.13 -18.61
N VAL A 582 -21.53 -21.77 -17.45
CA VAL A 582 -22.57 -21.65 -16.43
C VAL A 582 -22.65 -20.22 -15.90
N PHE A 583 -21.50 -19.56 -15.77
CA PHE A 583 -21.44 -18.19 -15.28
C PHE A 583 -21.27 -17.17 -16.40
N ASN A 584 -21.69 -17.53 -17.63
CA ASN A 584 -21.80 -16.59 -18.75
C ASN A 584 -20.48 -15.88 -19.03
N LEU A 585 -19.41 -16.65 -19.12
CA LEU A 585 -18.10 -16.11 -19.45
C LEU A 585 -17.46 -16.76 -20.67
N ASP A 586 -18.16 -17.67 -21.36
CA ASP A 586 -17.60 -18.29 -22.56
C ASP A 586 -18.76 -18.53 -23.53
N ARG A 587 -18.98 -17.57 -24.43
CA ARG A 587 -19.91 -17.74 -25.53
C ARG A 587 -19.29 -17.34 -26.87
N LEU A 588 -18.02 -16.96 -26.88
CA LEU A 588 -17.36 -16.44 -28.06
C LEU A 588 -16.12 -17.26 -28.38
N ASN A 589 -15.74 -17.26 -29.66
CA ASN A 589 -14.52 -17.91 -30.10
C ASN A 589 -13.34 -16.96 -29.90
N TYR A 590 -12.19 -17.29 -30.50
CA TYR A 590 -11.00 -16.49 -30.30
C TYR A 590 -11.17 -15.07 -30.80
N ASN A 591 -11.83 -14.89 -31.93
CA ASN A 591 -12.04 -13.57 -32.50
C ASN A 591 -13.28 -12.88 -31.95
N ASN A 592 -13.73 -13.31 -30.76
CA ASN A 592 -14.87 -12.71 -30.07
C ASN A 592 -16.15 -12.78 -30.91
N ASP A 593 -16.23 -13.77 -31.81
CA ASP A 593 -17.49 -14.04 -32.48
C ASP A 593 -18.25 -15.12 -31.73
N PRO A 594 -19.58 -15.02 -31.66
CA PRO A 594 -20.35 -16.02 -30.92
C PRO A 594 -20.14 -17.42 -31.49
N GLN A 595 -20.06 -18.39 -30.58
CA GLN A 595 -19.91 -19.80 -30.91
C GLN A 595 -20.83 -20.59 -30.00
N ALA A 596 -21.48 -21.62 -30.56
CA ALA A 596 -22.61 -22.28 -29.92
C ALA A 596 -22.37 -22.60 -28.45
N GLY A 597 -21.39 -23.44 -28.16
CA GLY A 597 -21.10 -23.81 -26.78
C GLY A 597 -19.88 -23.11 -26.24
N GLY A 598 -19.45 -22.05 -26.91
CA GLY A 598 -18.20 -21.39 -26.57
C GLY A 598 -17.02 -22.15 -27.14
N ASP A 599 -15.84 -21.59 -26.93
CA ASP A 599 -14.59 -22.20 -27.36
C ASP A 599 -13.80 -22.79 -26.19
N GLY A 600 -14.39 -22.85 -25.01
CA GLY A 600 -13.71 -23.35 -23.83
C GLY A 600 -12.80 -22.35 -23.16
N PHE A 601 -12.76 -21.11 -23.62
CA PHE A 601 -11.85 -20.10 -23.08
C PHE A 601 -12.63 -18.88 -22.63
N PHE A 602 -12.07 -18.19 -21.64
CA PHE A 602 -12.68 -16.97 -21.12
C PHE A 602 -12.80 -15.92 -22.20
N ASP A 603 -13.98 -15.31 -22.30
CA ASP A 603 -14.23 -14.27 -23.29
C ASP A 603 -13.52 -12.99 -22.84
N TYR A 604 -12.50 -12.59 -23.58
CA TYR A 604 -11.67 -11.44 -23.24
C TYR A 604 -12.20 -10.23 -24.00
N ILE A 605 -13.04 -9.43 -23.34
CA ILE A 605 -13.63 -8.22 -23.91
C ILE A 605 -13.11 -7.03 -23.11
N PRO A 606 -12.25 -6.19 -23.69
CA PRO A 606 -11.70 -5.05 -22.93
C PRO A 606 -12.75 -4.13 -22.35
N GLY A 607 -13.90 -3.97 -23.00
CA GLY A 607 -14.92 -3.11 -22.45
C GLY A 607 -15.90 -3.75 -21.50
N VAL A 608 -15.94 -5.07 -21.42
CA VAL A 608 -17.01 -5.75 -20.69
C VAL A 608 -16.44 -6.65 -19.59
N THR A 609 -15.63 -7.64 -19.97
CA THR A 609 -15.23 -8.68 -19.02
C THR A 609 -13.87 -8.43 -18.38
N VAL A 610 -13.05 -7.56 -18.93
CA VAL A 610 -11.74 -7.28 -18.34
C VAL A 610 -11.51 -5.78 -18.26
N ASP A 611 -10.69 -5.38 -17.30
CA ASP A 611 -10.17 -4.02 -17.19
C ASP A 611 -8.68 -4.12 -17.48
N VAL A 612 -8.32 -3.85 -18.73
CA VAL A 612 -6.96 -4.16 -19.20
C VAL A 612 -5.93 -3.34 -18.43
N GLN A 613 -6.19 -2.04 -18.25
CA GLN A 613 -5.20 -1.18 -17.61
C GLN A 613 -4.95 -1.58 -16.16
N ASN A 614 -5.99 -2.02 -15.45
CA ASN A 614 -5.87 -2.37 -14.05
C ASN A 614 -5.83 -3.87 -13.79
N GLY A 615 -6.00 -4.70 -14.82
CA GLY A 615 -5.94 -6.14 -14.64
C GLY A 615 -7.06 -6.71 -13.80
N ARG A 616 -8.30 -6.32 -14.08
CA ARG A 616 -9.46 -6.79 -13.34
C ARG A 616 -10.41 -7.55 -14.27
N VAL A 617 -11.02 -8.59 -13.73
CA VAL A 617 -12.01 -9.39 -14.45
C VAL A 617 -13.39 -9.06 -13.91
N ILE A 618 -14.32 -8.76 -14.80
CA ILE A 618 -15.68 -8.37 -14.43
C ILE A 618 -16.64 -9.39 -15.03
N PHE A 619 -17.46 -10.00 -14.17
CA PHE A 619 -18.48 -10.93 -14.64
C PHE A 619 -19.58 -10.19 -15.39
N THR A 620 -20.17 -10.86 -16.37
CA THR A 620 -21.22 -10.27 -17.19
C THR A 620 -22.55 -10.15 -16.46
N THR A 621 -22.63 -10.61 -15.22
CA THR A 621 -23.78 -10.38 -14.36
C THR A 621 -23.31 -9.78 -13.06
N LYS A 622 -24.21 -9.06 -12.39
CA LYS A 622 -23.82 -8.37 -11.16
C LYS A 622 -23.72 -9.32 -9.97
N GLU A 623 -24.44 -10.44 -9.99
CA GLU A 623 -24.36 -11.45 -8.92
C GLU A 623 -24.22 -12.82 -9.56
N PRO A 624 -23.06 -13.12 -10.14
CA PRO A 624 -22.90 -14.41 -10.85
C PRO A 624 -23.09 -15.62 -9.96
N PHE A 625 -22.61 -15.57 -8.72
CA PHE A 625 -22.71 -16.68 -7.79
C PHE A 625 -23.95 -16.60 -6.93
N GLY A 626 -24.81 -15.62 -7.18
CA GLY A 626 -26.08 -15.47 -6.49
C GLY A 626 -27.25 -15.72 -7.42
N GLU A 627 -27.81 -14.64 -7.96
CA GLU A 627 -29.04 -14.73 -8.73
C GLU A 627 -28.87 -15.52 -10.02
N LEU A 628 -27.69 -15.47 -10.66
CA LEU A 628 -27.52 -16.17 -11.94
C LEU A 628 -27.63 -17.67 -11.77
N ILE A 629 -26.86 -18.24 -10.84
CA ILE A 629 -26.91 -19.67 -10.58
C ILE A 629 -28.26 -20.07 -10.00
N PHE A 630 -28.88 -19.18 -9.21
CA PHE A 630 -30.23 -19.46 -8.71
C PHE A 630 -31.22 -19.60 -9.86
N ASN A 631 -31.15 -18.68 -10.84
CA ASN A 631 -32.05 -18.76 -11.99
C ASN A 631 -31.79 -20.02 -12.80
N LYS A 632 -30.52 -20.37 -13.01
CA LYS A 632 -30.22 -21.57 -13.79
C LYS A 632 -30.60 -22.85 -13.06
N LEU A 633 -30.77 -22.81 -11.74
CA LEU A 633 -31.21 -23.98 -10.99
C LEU A 633 -32.69 -23.92 -10.61
N GLN A 634 -33.39 -22.85 -10.97
CA GLN A 634 -34.79 -22.71 -10.60
C GLN A 634 -35.64 -23.74 -11.34
N THR A 635 -36.55 -24.37 -10.60
CA THR A 635 -37.46 -25.36 -11.16
C THR A 635 -38.91 -24.89 -11.22
N GLY A 636 -39.28 -23.86 -10.45
CA GLY A 636 -40.64 -23.39 -10.45
C GLY A 636 -40.73 -21.96 -9.98
N ALA A 637 -41.91 -21.37 -10.20
CA ALA A 637 -42.15 -19.98 -9.81
C ALA A 637 -42.34 -19.80 -8.32
N GLY A 638 -42.45 -20.89 -7.56
CA GLY A 638 -42.58 -20.81 -6.12
C GLY A 638 -41.29 -20.60 -5.38
N GLU A 639 -40.17 -20.53 -6.09
CA GLU A 639 -38.86 -20.32 -5.49
C GLU A 639 -38.42 -18.89 -5.74
N SER A 640 -38.04 -18.19 -4.68
CA SER A 640 -37.68 -16.78 -4.75
C SER A 640 -36.25 -16.60 -4.29
N TYR A 641 -35.45 -15.89 -5.09
CA TYR A 641 -34.04 -15.68 -4.77
C TYR A 641 -33.88 -14.89 -3.47
N ASN A 642 -34.83 -14.03 -3.14
CA ASN A 642 -34.78 -13.24 -1.92
C ASN A 642 -35.39 -13.97 -0.73
N ASP A 643 -35.88 -15.19 -0.92
CA ASP A 643 -36.46 -16.00 0.17
C ASP A 643 -35.72 -17.32 0.22
N PRO A 644 -34.67 -17.41 1.06
CA PRO A 644 -33.87 -18.65 1.12
C PRO A 644 -34.66 -19.86 1.57
N THR A 645 -35.79 -19.68 2.27
CA THR A 645 -36.58 -20.82 2.74
C THR A 645 -37.31 -21.54 1.62
N THR A 646 -37.32 -21.00 0.40
CA THR A 646 -38.01 -21.60 -0.72
C THR A 646 -37.07 -22.28 -1.70
N TYR A 647 -35.80 -22.46 -1.34
CA TYR A 647 -34.82 -23.02 -2.26
C TYR A 647 -35.06 -24.52 -2.44
N ASN A 648 -34.61 -25.04 -3.60
CA ASN A 648 -34.93 -26.40 -4.02
C ASN A 648 -33.79 -27.39 -3.75
N ALA A 649 -32.93 -27.11 -2.77
CA ALA A 649 -31.90 -28.01 -2.28
C ALA A 649 -30.73 -28.18 -3.24
N ASN A 650 -30.87 -27.68 -4.47
CA ASN A 650 -29.72 -27.41 -5.31
C ASN A 650 -29.27 -25.96 -5.15
N GLN A 651 -30.25 -25.06 -5.07
CA GLN A 651 -29.98 -23.67 -4.73
C GLN A 651 -29.46 -23.54 -3.30
N GLN A 652 -29.91 -24.41 -2.41
CA GLN A 652 -29.38 -24.41 -1.04
C GLN A 652 -27.88 -24.70 -1.03
N LYS A 653 -27.43 -25.61 -1.88
CA LYS A 653 -26.01 -25.94 -1.92
C LYS A 653 -25.18 -24.90 -2.67
N TYR A 654 -25.70 -24.34 -3.77
CA TYR A 654 -24.87 -23.62 -4.72
C TYR A 654 -25.03 -22.11 -4.70
N VAL A 655 -26.18 -21.58 -4.31
CA VAL A 655 -26.44 -20.15 -4.38
C VAL A 655 -25.80 -19.46 -3.18
N PHE A 656 -24.82 -18.59 -3.44
CA PHE A 656 -24.14 -17.82 -2.41
C PHE A 656 -24.80 -16.44 -2.35
N ARG A 657 -25.99 -16.41 -1.76
CA ARG A 657 -26.71 -15.15 -1.64
C ARG A 657 -26.06 -14.20 -0.64
N ASN A 658 -25.37 -14.75 0.36
CA ASN A 658 -24.82 -13.93 1.44
C ASN A 658 -23.60 -13.12 1.02
N MET A 659 -22.88 -13.52 -0.03
CA MET A 659 -21.79 -12.67 -0.48
C MET A 659 -22.28 -11.40 -1.17
N TYR A 660 -23.57 -11.33 -1.50
CA TYR A 660 -24.17 -10.12 -2.08
C TYR A 660 -25.12 -9.41 -1.13
N ARG A 661 -25.78 -10.13 -0.23
CA ARG A 661 -26.67 -9.52 0.75
C ARG A 661 -25.99 -9.19 2.06
N ASN A 662 -24.71 -9.51 2.21
CA ASN A 662 -23.99 -9.30 3.45
C ASN A 662 -22.55 -8.92 3.14
N THR A 663 -21.89 -8.30 4.12
CA THR A 663 -20.48 -8.00 3.98
C THR A 663 -19.66 -9.28 3.87
N GLN A 664 -18.41 -9.13 3.44
CA GLN A 664 -17.55 -10.30 3.28
C GLN A 664 -17.31 -10.99 4.62
N ALA A 665 -17.04 -10.21 5.67
CA ALA A 665 -16.89 -10.78 7.00
C ALA A 665 -18.17 -11.47 7.45
N GLY A 666 -19.32 -10.84 7.20
CA GLY A 666 -20.59 -11.50 7.51
C GLY A 666 -20.82 -12.73 6.67
N ALA A 667 -20.39 -12.70 5.41
CA ALA A 667 -20.53 -13.87 4.54
C ALA A 667 -19.61 -15.00 4.96
N LEU A 668 -18.56 -14.72 5.74
CA LEU A 668 -17.73 -15.79 6.28
C LEU A 668 -18.55 -16.76 7.13
N GLN A 669 -19.68 -16.31 7.70
CA GLN A 669 -20.52 -17.18 8.50
C GLN A 669 -21.24 -18.23 7.66
N ASP A 670 -21.32 -18.04 6.35
CA ASP A 670 -21.87 -19.04 5.44
C ASP A 670 -20.70 -19.80 4.81
N SER A 671 -20.16 -20.74 5.59
CA SER A 671 -18.89 -21.37 5.26
C SER A 671 -18.97 -22.35 4.10
N ASP A 672 -20.15 -22.84 3.75
CA ASP A 672 -20.27 -23.91 2.76
C ASP A 672 -20.51 -23.42 1.35
N LYS A 673 -20.54 -22.10 1.11
CA LYS A 673 -20.83 -21.58 -0.21
C LYS A 673 -19.61 -21.04 -0.95
N ASN A 674 -18.48 -20.85 -0.28
CA ASN A 674 -17.30 -20.26 -0.91
C ASN A 674 -16.45 -21.35 -1.58
N LYS A 675 -17.09 -22.09 -2.48
CA LYS A 675 -16.45 -23.22 -3.14
C LYS A 675 -16.13 -22.99 -4.61
N PHE A 676 -16.62 -21.90 -5.20
CA PHE A 676 -16.32 -21.61 -6.59
C PHE A 676 -14.98 -20.87 -6.69
N LEU A 677 -14.08 -21.40 -7.51
CA LEU A 677 -12.71 -20.91 -7.58
C LEU A 677 -12.43 -20.30 -8.95
N LEU A 678 -11.99 -19.06 -8.96
CA LEU A 678 -11.47 -18.42 -10.17
C LEU A 678 -9.98 -18.73 -10.25
N ARG A 679 -9.59 -19.53 -11.24
CA ARG A 679 -8.22 -19.97 -11.39
C ARG A 679 -7.73 -19.68 -12.80
N GLY A 680 -6.49 -19.24 -12.91
CA GLY A 680 -5.92 -18.99 -14.21
C GLY A 680 -4.49 -18.51 -14.10
N LYS A 681 -4.03 -17.88 -15.18
CA LYS A 681 -2.66 -17.39 -15.24
C LYS A 681 -2.59 -16.26 -16.25
N TYR A 682 -1.51 -15.49 -16.17
CA TYR A 682 -1.24 -14.43 -17.13
C TYR A 682 0.26 -14.30 -17.31
N LYS A 683 0.65 -13.79 -18.47
CA LYS A 683 2.05 -13.63 -18.83
C LYS A 683 2.45 -12.17 -18.65
N SER A 684 3.48 -11.92 -17.86
CA SER A 684 4.04 -10.59 -17.67
C SER A 684 5.41 -10.55 -18.34
N SER A 685 5.49 -9.85 -19.47
CA SER A 685 6.72 -9.76 -20.24
C SER A 685 7.35 -8.38 -20.16
N GLY A 686 6.61 -7.33 -20.54
CA GLY A 686 7.12 -5.99 -20.44
C GLY A 686 8.17 -5.64 -21.46
N SER A 687 9.31 -6.33 -21.41
CA SER A 687 10.43 -6.10 -22.31
C SER A 687 10.99 -7.43 -22.79
N ASN A 688 11.98 -7.35 -23.67
CA ASN A 688 12.62 -8.54 -24.20
C ASN A 688 13.44 -9.23 -23.12
N GLY A 689 13.38 -10.55 -23.09
CA GLY A 689 14.07 -11.34 -22.10
C GLY A 689 13.15 -11.78 -20.97
N ILE A 690 13.44 -12.94 -20.42
CA ILE A 690 12.62 -13.50 -19.34
C ILE A 690 12.92 -12.74 -18.06
N PRO A 691 11.91 -12.14 -17.41
CA PRO A 691 12.13 -11.51 -16.10
C PRO A 691 12.05 -12.57 -15.00
N ILE A 692 13.17 -12.76 -14.29
CA ILE A 692 13.27 -13.84 -13.31
C ILE A 692 13.03 -13.36 -11.88
N GLY A 693 12.74 -12.07 -11.69
CA GLY A 693 12.38 -11.58 -10.37
C GLY A 693 13.52 -11.45 -9.39
N ALA A 694 14.75 -11.36 -9.87
CA ALA A 694 15.90 -11.15 -8.99
C ALA A 694 16.93 -10.30 -9.72
N PHE A 695 17.69 -9.52 -8.94
CA PHE A 695 18.75 -8.67 -9.46
C PHE A 695 20.10 -9.15 -8.94
N ASN A 696 21.14 -8.93 -9.75
CA ASN A 696 22.50 -9.33 -9.41
C ASN A 696 22.56 -10.81 -9.04
N VAL A 697 21.99 -11.64 -9.90
CA VAL A 697 21.99 -13.08 -9.68
C VAL A 697 23.42 -13.60 -9.70
N PRO A 698 23.83 -14.43 -8.75
CA PRO A 698 25.20 -14.94 -8.76
C PRO A 698 25.49 -15.74 -10.02
N GLN A 699 26.73 -15.60 -10.50
CA GLN A 699 27.13 -16.24 -11.75
C GLN A 699 27.07 -17.75 -11.63
N GLY A 700 26.52 -18.40 -12.65
CA GLY A 700 26.48 -19.84 -12.71
C GLY A 700 25.36 -20.50 -11.93
N SER A 701 24.48 -19.72 -11.33
CA SER A 701 23.38 -20.28 -10.55
C SER A 701 22.09 -20.41 -11.35
N VAL A 702 22.09 -20.01 -12.61
CA VAL A 702 20.88 -20.04 -13.43
C VAL A 702 20.80 -21.37 -14.16
N VAL A 703 19.67 -22.06 -14.02
CA VAL A 703 19.40 -23.30 -14.71
C VAL A 703 18.11 -23.12 -15.51
N VAL A 704 18.14 -23.46 -16.79
CA VAL A 704 17.00 -23.31 -17.69
C VAL A 704 16.62 -24.68 -18.21
N THR A 705 15.35 -25.04 -18.08
CA THR A 705 14.83 -26.32 -18.53
C THR A 705 13.63 -26.08 -19.44
N ALA A 706 13.64 -26.70 -20.62
CA ALA A 706 12.60 -26.49 -21.61
C ALA A 706 11.51 -27.56 -21.56
N ALA A 707 11.87 -28.82 -21.79
CA ALA A 707 10.90 -29.90 -21.81
C ALA A 707 11.45 -31.13 -21.08
N GLY A 708 12.06 -30.91 -19.93
CA GLY A 708 12.74 -31.95 -19.20
C GLY A 708 14.23 -32.01 -19.47
N ARG A 709 14.72 -31.29 -20.48
CA ARG A 709 16.14 -31.25 -20.80
C ARG A 709 16.71 -29.90 -20.39
N VAL A 710 17.95 -29.92 -19.88
CA VAL A 710 18.61 -28.70 -19.45
C VAL A 710 19.25 -28.02 -20.66
N LEU A 711 18.98 -26.73 -20.81
CA LEU A 711 19.53 -25.98 -21.93
C LEU A 711 20.98 -25.59 -21.65
N VAL A 712 21.67 -25.16 -22.71
CA VAL A 712 23.08 -24.79 -22.66
C VAL A 712 23.19 -23.29 -22.50
N GLU A 713 24.01 -22.84 -21.55
CA GLU A 713 24.10 -21.43 -21.20
C GLU A 713 24.71 -20.58 -22.31
N GLY A 714 25.30 -21.18 -23.33
CA GLY A 714 25.88 -20.40 -24.40
C GLY A 714 25.15 -20.54 -25.73
N ILE A 715 24.50 -21.68 -25.94
CA ILE A 715 23.85 -21.98 -27.21
C ILE A 715 22.37 -21.67 -27.12
N ASP A 716 21.67 -22.33 -26.20
CA ASP A 716 20.22 -22.25 -26.16
C ASP A 716 19.72 -20.94 -25.57
N TYR A 717 20.48 -20.31 -24.68
CA TYR A 717 20.01 -19.10 -24.01
C TYR A 717 21.20 -18.27 -23.58
N SER A 718 20.92 -17.02 -23.22
CA SER A 718 21.91 -16.09 -22.67
C SER A 718 21.32 -15.42 -21.44
N VAL A 719 22.19 -15.05 -20.51
CA VAL A 719 21.78 -14.50 -19.22
C VAL A 719 22.36 -13.10 -19.08
N ASP A 720 21.51 -12.14 -18.72
CA ASP A 720 21.93 -10.80 -18.30
C ASP A 720 21.86 -10.82 -16.79
N TYR A 721 23.02 -11.01 -16.14
CA TYR A 721 23.03 -11.33 -14.73
C TYR A 721 22.64 -10.15 -13.86
N GLN A 722 23.10 -8.94 -14.20
CA GLN A 722 22.83 -7.78 -13.35
C GLN A 722 21.36 -7.41 -13.35
N LEU A 723 20.69 -7.48 -14.49
CA LEU A 723 19.29 -7.11 -14.61
C LEU A 723 18.35 -8.30 -14.43
N GLY A 724 18.87 -9.50 -14.26
CA GLY A 724 18.03 -10.68 -14.13
C GLY A 724 17.21 -10.95 -15.37
N ARG A 725 17.84 -10.90 -16.53
CA ARG A 725 17.16 -11.12 -17.81
C ARG A 725 17.74 -12.37 -18.45
N VAL A 726 16.87 -13.32 -18.76
CA VAL A 726 17.24 -14.55 -19.46
C VAL A 726 16.67 -14.47 -20.88
N GLN A 727 17.54 -14.60 -21.87
CA GLN A 727 17.15 -14.50 -23.27
C GLN A 727 17.30 -15.88 -23.92
N ILE A 728 16.19 -16.43 -24.40
CA ILE A 728 16.21 -17.72 -25.07
C ILE A 728 16.74 -17.51 -26.50
N LEU A 729 17.77 -18.26 -26.87
CA LEU A 729 18.41 -18.10 -28.16
C LEU A 729 18.03 -19.18 -29.16
N ASP A 730 17.51 -20.31 -28.71
CA ASP A 730 17.15 -21.38 -29.63
C ASP A 730 15.93 -20.99 -30.45
N PRO A 731 16.02 -20.93 -31.78
CA PRO A 731 14.86 -20.50 -32.58
C PRO A 731 13.65 -21.40 -32.45
N SER A 732 13.85 -22.71 -32.27
CA SER A 732 12.72 -23.62 -32.17
C SER A 732 11.97 -23.42 -30.85
N LEU A 733 12.69 -23.15 -29.76
CA LEU A 733 12.05 -22.98 -28.47
C LEU A 733 11.28 -21.67 -28.39
N GLN A 734 11.74 -20.62 -29.07
CA GLN A 734 11.05 -19.34 -29.01
C GLN A 734 9.64 -19.45 -29.60
N ALA A 735 9.51 -20.08 -30.75
CA ALA A 735 8.20 -20.30 -31.38
C ALA A 735 7.66 -21.69 -31.07
N SER A 736 7.51 -21.97 -29.78
CA SER A 736 7.13 -23.32 -29.38
C SER A 736 5.92 -23.37 -28.45
N ASN A 737 5.75 -22.38 -27.58
CA ASN A 737 4.78 -22.33 -26.48
C ASN A 737 5.14 -23.28 -25.35
N THR A 738 6.26 -23.99 -25.44
CA THR A 738 6.64 -24.92 -24.38
C THR A 738 7.00 -24.15 -23.11
N PRO A 739 6.63 -24.66 -21.93
CA PRO A 739 6.95 -23.93 -20.69
C PRO A 739 8.42 -24.06 -20.35
N ILE A 740 9.06 -22.93 -20.12
CA ILE A 740 10.48 -22.87 -19.80
C ILE A 740 10.63 -22.58 -18.31
N GLU A 741 11.29 -23.47 -17.60
CA GLU A 741 11.53 -23.31 -16.17
C GLU A 741 12.92 -22.72 -15.95
N VAL A 742 12.99 -21.65 -15.17
CA VAL A 742 14.25 -20.99 -14.85
C VAL A 742 14.45 -21.05 -13.34
N SER A 743 15.55 -21.66 -12.93
CA SER A 743 15.93 -21.71 -11.52
C SER A 743 17.19 -20.88 -11.30
N LEU A 744 17.27 -20.26 -10.13
CA LEU A 744 18.35 -19.32 -9.85
C LEU A 744 18.52 -19.19 -8.35
N GLU A 745 19.62 -18.58 -7.96
CA GLU A 745 19.89 -18.25 -6.56
C GLU A 745 19.56 -16.78 -6.33
N ASN A 746 18.75 -16.52 -5.32
CA ASN A 746 18.35 -15.16 -4.96
C ASN A 746 19.07 -14.80 -3.66
N ASN A 747 20.01 -13.86 -3.75
CA ASN A 747 20.72 -13.36 -2.57
C ASN A 747 20.18 -12.02 -2.09
N SER A 748 19.09 -11.53 -2.67
CA SER A 748 18.43 -10.32 -2.21
C SER A 748 17.29 -10.67 -1.26
N ILE A 749 17.63 -11.38 -0.19
CA ILE A 749 16.66 -11.87 0.77
C ILE A 749 16.96 -11.28 2.14
N PHE A 750 15.93 -11.21 2.97
CA PHE A 750 16.08 -10.64 4.31
C PHE A 750 15.09 -11.33 5.24
N GLY A 751 15.39 -11.26 6.54
CA GLY A 751 14.52 -11.85 7.54
C GLY A 751 14.37 -13.35 7.42
N GLN A 752 15.39 -14.03 6.91
CA GLN A 752 15.36 -15.47 6.71
C GLN A 752 16.16 -16.18 7.79
N GLN A 753 15.88 -17.47 7.96
CA GLN A 753 16.61 -18.28 8.92
C GLN A 753 18.03 -18.53 8.43
N THR A 754 18.93 -18.77 9.38
CA THR A 754 20.30 -19.12 9.04
C THR A 754 20.32 -20.49 8.38
N ARG A 755 21.00 -20.59 7.24
CA ARG A 755 20.97 -21.77 6.39
C ARG A 755 22.37 -22.34 6.32
N ARG A 756 22.55 -23.55 6.84
CA ARG A 756 23.84 -24.23 6.86
C ARG A 756 23.90 -25.21 5.69
N PHE A 757 24.87 -25.02 4.81
CA PHE A 757 25.08 -25.87 3.65
C PHE A 757 26.41 -26.59 3.80
N MET A 758 26.38 -27.91 3.74
CA MET A 758 27.60 -28.70 3.86
C MET A 758 27.47 -29.96 3.03
N GLY A 759 28.61 -30.52 2.67
CA GLY A 759 28.63 -31.75 1.91
C GLY A 759 29.96 -31.95 1.21
N PHE A 760 30.06 -33.07 0.52
CA PHE A 760 31.27 -33.43 -0.21
C PHE A 760 30.90 -33.99 -1.57
N ASN A 761 31.83 -33.89 -2.51
CA ASN A 761 31.66 -34.39 -3.86
C ASN A 761 32.89 -35.20 -4.25
N ILE A 762 32.66 -36.37 -4.85
CA ILE A 762 33.72 -37.26 -5.30
C ILE A 762 33.72 -37.29 -6.82
N GLU A 763 34.91 -37.29 -7.41
CA GLU A 763 35.07 -37.12 -8.86
C GLU A 763 36.06 -38.13 -9.41
N HIS A 764 35.85 -39.41 -9.11
CA HIS A 764 36.77 -40.45 -9.55
C HIS A 764 36.89 -40.48 -11.07
N LYS A 765 38.06 -40.88 -11.56
CA LYS A 765 38.42 -40.84 -12.97
C LYS A 765 39.00 -42.19 -13.39
N ILE A 766 38.16 -43.09 -13.88
CA ILE A 766 38.66 -44.38 -14.34
C ILE A 766 39.52 -44.21 -15.58
N SER A 767 39.04 -43.46 -16.56
CA SER A 767 39.77 -43.23 -17.80
C SER A 767 39.59 -41.78 -18.22
N ASP A 768 40.25 -41.41 -19.31
CA ASP A 768 40.16 -40.05 -19.82
C ASP A 768 38.78 -39.71 -20.36
N LYS A 769 37.90 -40.71 -20.53
CA LYS A 769 36.58 -40.48 -21.08
C LYS A 769 35.46 -40.94 -20.16
N PHE A 770 35.79 -41.48 -18.98
CA PHE A 770 34.77 -42.02 -18.08
C PHE A 770 34.98 -41.45 -16.69
N VAL A 771 33.95 -40.81 -16.15
CA VAL A 771 34.01 -40.14 -14.85
C VAL A 771 32.81 -40.57 -14.02
N ILE A 772 33.06 -40.85 -12.74
CA ILE A 772 32.01 -41.24 -11.78
C ILE A 772 32.00 -40.26 -10.63
N GLY A 773 30.80 -39.96 -10.13
CA GLY A 773 30.65 -39.03 -9.03
C GLY A 773 29.93 -39.61 -7.82
N GLY A 774 30.13 -39.00 -6.66
CA GLY A 774 29.59 -39.50 -5.41
C GLY A 774 29.03 -38.44 -4.48
N THR A 775 28.40 -37.41 -5.05
CA THR A 775 28.02 -36.23 -4.27
C THR A 775 27.11 -36.57 -3.10
N TYR A 776 27.27 -35.80 -2.01
CA TYR A 776 26.45 -35.93 -0.81
C TYR A 776 26.33 -34.54 -0.21
N LEU A 777 25.10 -34.04 -0.09
CA LEU A 777 24.85 -32.71 0.43
C LEU A 777 23.86 -32.75 1.59
N LYS A 778 24.03 -31.81 2.53
CA LYS A 778 23.11 -31.67 3.65
C LYS A 778 22.87 -30.18 3.88
N MET A 779 21.60 -29.82 4.04
CA MET A 779 21.21 -28.45 4.33
C MET A 779 20.28 -28.44 5.54
N THR A 780 20.61 -27.60 6.53
CA THR A 780 19.80 -27.46 7.73
C THR A 780 19.53 -25.98 8.00
N GLU A 781 18.28 -25.64 8.20
CA GLU A 781 17.88 -24.29 8.59
C GLU A 781 17.82 -24.19 10.11
N ARG A 782 18.19 -23.02 10.63
CA ARG A 782 18.16 -22.78 12.06
C ARG A 782 16.94 -21.94 12.39
N PRO A 783 15.93 -22.49 13.08
CA PRO A 783 14.73 -21.71 13.36
C PRO A 783 15.01 -20.56 14.30
N PHE A 784 14.22 -19.49 14.16
CA PHE A 784 14.35 -18.35 15.05
C PHE A 784 14.03 -18.74 16.48
N THR A 785 12.95 -19.49 16.68
CA THR A 785 12.54 -19.99 17.98
C THR A 785 12.26 -21.49 17.86
N GLN A 786 11.85 -22.09 18.97
CA GLN A 786 11.54 -23.52 18.96
C GLN A 786 10.14 -23.82 18.43
N LYS A 787 9.33 -22.80 18.16
CA LYS A 787 7.98 -22.97 17.64
C LYS A 787 7.96 -22.56 16.17
N SER A 788 7.87 -23.54 15.28
CA SER A 788 7.75 -23.28 13.85
C SER A 788 6.28 -23.16 13.50
N THR A 789 5.85 -21.95 13.16
CA THR A 789 4.47 -21.74 12.74
C THR A 789 4.27 -22.27 11.32
N TYR A 790 3.03 -22.60 11.01
CA TYR A 790 2.71 -23.16 9.69
C TYR A 790 3.09 -22.17 8.60
N GLY A 791 3.77 -22.68 7.57
CA GLY A 791 4.24 -21.85 6.48
C GLY A 791 5.70 -21.47 6.64
N GLN A 792 6.09 -21.07 7.84
CA GLN A 792 7.49 -20.73 8.14
C GLN A 792 8.20 -21.91 8.80
N GLU A 793 8.31 -23.00 8.06
CA GLU A 793 8.94 -24.21 8.56
C GLU A 793 10.45 -24.17 8.34
N SER A 794 11.14 -25.05 9.04
CA SER A 794 12.58 -25.25 8.87
C SER A 794 12.83 -26.67 8.39
N VAL A 795 13.81 -26.83 7.50
CA VAL A 795 14.12 -28.12 6.91
C VAL A 795 15.50 -28.57 7.37
N ASN A 796 15.69 -29.88 7.38
CA ASN A 796 16.96 -30.54 7.71
C ASN A 796 17.24 -31.62 6.67
N ASN A 797 17.10 -31.26 5.41
CA ASN A 797 17.15 -32.23 4.32
C ASN A 797 18.58 -32.68 4.03
N THR A 798 18.70 -33.95 3.63
CA THR A 798 19.98 -34.52 3.20
C THR A 798 19.77 -35.17 1.85
N ILE A 799 20.64 -34.85 0.90
CA ILE A 799 20.58 -35.41 -0.44
C ILE A 799 21.93 -36.03 -0.79
N PHE A 800 21.89 -37.18 -1.45
CA PHE A 800 23.11 -37.84 -1.90
C PHE A 800 22.79 -38.59 -3.18
N GLY A 801 23.83 -38.82 -3.99
CA GLY A 801 23.63 -39.51 -5.24
C GLY A 801 24.94 -39.78 -5.93
N PHE A 802 24.83 -40.48 -7.06
CA PHE A 802 25.98 -40.86 -7.87
C PHE A 802 25.71 -40.49 -9.32
N ASN A 803 26.79 -40.20 -10.05
CA ASN A 803 26.67 -39.79 -11.43
C ASN A 803 27.75 -40.45 -12.27
N GLY A 804 27.45 -40.60 -13.55
CA GLY A 804 28.42 -41.14 -14.50
C GLY A 804 28.50 -40.25 -15.72
N ASN A 805 29.68 -40.25 -16.32
CA ASN A 805 29.96 -39.40 -17.48
C ASN A 805 30.89 -40.15 -18.43
N TYR A 806 30.35 -40.58 -19.56
CA TYR A 806 31.12 -41.26 -20.59
C TYR A 806 31.01 -40.44 -21.87
N SER A 807 32.14 -39.93 -22.34
CA SER A 807 32.20 -39.07 -23.53
C SER A 807 33.31 -39.57 -24.44
N THR A 808 32.92 -40.22 -25.53
CA THR A 808 33.87 -40.78 -26.48
C THR A 808 33.73 -40.10 -27.84
N GLU A 809 34.68 -40.38 -28.72
CA GLU A 809 34.67 -39.90 -30.09
C GLU A 809 34.47 -41.10 -31.01
N VAL A 810 33.52 -40.99 -31.93
CA VAL A 810 33.16 -42.09 -32.82
C VAL A 810 33.53 -41.66 -34.25
N PRO A 811 34.68 -42.08 -34.77
CA PRO A 811 34.99 -41.78 -36.18
C PRO A 811 34.03 -42.44 -37.16
N PHE A 812 33.37 -43.52 -36.75
CA PHE A 812 32.43 -44.18 -37.65
C PHE A 812 31.28 -43.29 -38.04
N LEU A 813 30.77 -42.48 -37.11
CA LEU A 813 29.66 -41.58 -37.42
C LEU A 813 30.08 -40.52 -38.43
N THR A 814 31.29 -39.96 -38.27
CA THR A 814 31.79 -39.01 -39.25
C THR A 814 31.99 -39.68 -40.61
N ARG A 815 32.52 -40.89 -40.62
CA ARG A 815 32.71 -41.62 -41.88
C ARG A 815 31.38 -41.86 -42.58
N LEU A 816 30.35 -42.23 -41.82
CA LEU A 816 29.02 -42.40 -42.40
C LEU A 816 28.46 -41.07 -42.90
N ALA A 817 28.75 -39.97 -42.19
CA ALA A 817 28.32 -38.66 -42.67
C ALA A 817 28.96 -38.32 -44.00
N ASN A 818 30.26 -38.65 -44.17
CA ASN A 818 30.93 -38.40 -45.44
C ASN A 818 30.39 -39.28 -46.57
N LYS A 819 29.63 -40.33 -46.25
CA LYS A 819 28.98 -41.15 -47.27
C LYS A 819 27.74 -40.48 -47.86
N LEU A 820 27.25 -39.42 -47.22
CA LEU A 820 26.06 -38.74 -47.69
C LEU A 820 26.34 -37.99 -48.98
N PRO A 821 25.28 -37.68 -49.78
CA PRO A 821 25.47 -37.10 -51.11
C PRO A 821 26.52 -36.01 -51.26
N ASN A 822 26.39 -34.91 -50.50
CA ASN A 822 27.25 -33.75 -50.70
C ASN A 822 27.91 -33.32 -49.40
N ILE A 823 28.40 -34.29 -48.62
CA ILE A 823 29.11 -34.00 -47.38
C ILE A 823 30.59 -34.30 -47.57
N ASP A 824 31.43 -33.31 -47.24
CA ASP A 824 32.88 -33.45 -47.29
C ASP A 824 33.51 -32.90 -46.01
N THR A 825 32.92 -33.23 -44.87
CA THR A 825 33.38 -32.72 -43.59
C THR A 825 34.45 -33.61 -42.99
N ASP A 826 35.21 -33.04 -42.05
CA ASP A 826 36.24 -33.77 -41.33
C ASP A 826 36.16 -33.59 -39.81
N VAL A 827 35.18 -32.82 -39.32
CA VAL A 827 35.04 -32.58 -37.89
C VAL A 827 34.68 -33.89 -37.19
N PRO A 828 35.16 -34.12 -35.97
CA PRO A 828 34.91 -35.41 -35.32
C PRO A 828 33.48 -35.51 -34.81
N SER A 829 33.05 -36.76 -34.64
CA SER A 829 31.75 -37.07 -34.07
C SER A 829 31.94 -37.58 -32.64
N ASN A 830 31.23 -36.97 -31.71
CA ASN A 830 31.38 -37.28 -30.29
C ASN A 830 30.07 -37.84 -29.74
N LEU A 831 30.20 -38.82 -28.84
CA LEU A 831 29.06 -39.39 -28.14
C LEU A 831 29.25 -39.18 -26.65
N SER A 832 28.23 -38.61 -26.00
CA SER A 832 28.28 -38.30 -24.57
C SER A 832 27.09 -38.96 -23.88
N ILE A 833 27.37 -39.74 -22.85
CA ILE A 833 26.35 -40.40 -22.05
C ILE A 833 26.51 -39.94 -20.61
N ARG A 834 25.42 -39.47 -20.01
CA ARG A 834 25.41 -39.00 -18.64
C ARG A 834 24.26 -39.65 -17.89
N GLY A 835 24.58 -40.32 -16.79
CA GLY A 835 23.57 -40.88 -15.92
C GLY A 835 23.79 -40.44 -14.49
N GLU A 836 22.68 -40.28 -13.78
CA GLU A 836 22.74 -39.82 -12.39
C GLU A 836 21.53 -40.31 -11.63
N VAL A 837 21.76 -40.79 -10.41
CA VAL A 837 20.72 -41.20 -9.48
C VAL A 837 20.89 -40.39 -8.20
N ALA A 838 19.78 -39.91 -7.65
CA ALA A 838 19.80 -39.11 -6.44
C ALA A 838 18.75 -39.60 -5.46
N PHE A 839 19.06 -39.54 -4.18
CA PHE A 839 18.15 -39.91 -3.11
C PHE A 839 18.01 -38.74 -2.15
N LEU A 840 16.77 -38.39 -1.80
CA LEU A 840 16.49 -37.34 -0.84
C LEU A 840 16.03 -37.96 0.47
N ARG A 841 16.62 -37.49 1.57
CA ARG A 841 16.25 -37.92 2.92
C ARG A 841 15.89 -36.66 3.71
N PRO A 842 14.64 -36.20 3.61
CA PRO A 842 14.25 -34.97 4.32
C PRO A 842 13.96 -35.23 5.79
N ASP A 843 13.99 -34.14 6.55
CA ASP A 843 13.74 -34.17 7.99
C ASP A 843 13.51 -32.74 8.46
N ALA A 844 13.20 -32.59 9.74
CA ALA A 844 13.09 -31.30 10.39
C ALA A 844 14.16 -31.17 11.46
N PRO A 845 14.63 -29.96 11.75
CA PRO A 845 15.66 -29.80 12.78
C PRO A 845 15.12 -30.13 14.16
N LYS A 846 16.02 -30.64 15.01
CA LYS A 846 15.64 -30.99 16.38
C LYS A 846 15.25 -29.77 17.20
N ALA A 847 15.69 -28.57 16.81
CA ALA A 847 15.39 -27.37 17.58
C ALA A 847 13.88 -27.11 17.63
N SER A 848 13.20 -27.26 16.50
CA SER A 848 11.75 -27.06 16.43
C SER A 848 11.00 -28.37 16.63
N ASP A 849 11.33 -29.08 17.70
CA ASP A 849 10.66 -30.33 18.05
C ASP A 849 10.03 -30.18 19.43
N PHE A 850 8.82 -30.68 19.57
CA PHE A 850 8.11 -30.68 20.86
C PHE A 850 7.96 -32.12 21.33
N GLN A 851 8.54 -32.43 22.48
CA GLN A 851 8.49 -33.76 23.06
C GLN A 851 9.00 -34.82 22.10
N GLY A 852 10.10 -34.49 21.40
CA GLY A 852 10.79 -35.45 20.56
C GLY A 852 10.22 -35.65 19.16
N GLU A 853 9.20 -34.89 18.78
CA GLU A 853 8.55 -35.05 17.48
C GLU A 853 8.60 -33.75 16.70
N ALA A 854 8.84 -33.85 15.39
CA ALA A 854 8.78 -32.68 14.53
C ALA A 854 7.40 -32.06 14.63
N THR A 855 7.35 -30.75 14.89
CA THR A 855 6.11 -30.08 15.23
C THR A 855 5.95 -28.82 14.41
N ILE A 856 4.76 -28.64 13.84
CA ILE A 856 4.36 -27.40 13.18
C ILE A 856 3.10 -26.91 13.86
N TYR A 857 3.10 -25.65 14.27
CA TYR A 857 1.98 -25.07 15.00
C TYR A 857 0.99 -24.46 14.02
N VAL A 858 -0.19 -25.06 13.90
CA VAL A 858 -1.26 -24.44 13.14
C VAL A 858 -1.68 -23.14 13.79
N ASP A 859 -1.82 -23.15 15.12
CA ASP A 859 -2.08 -21.93 15.89
C ASP A 859 -1.62 -22.16 17.32
N ASP A 860 -0.51 -21.53 17.68
CA ASP A 860 -0.08 -21.49 19.08
C ASP A 860 -0.85 -20.45 19.88
N PHE A 861 -1.68 -19.64 19.22
CA PHE A 861 -2.57 -18.63 19.78
C PHE A 861 -1.80 -17.43 20.32
N GLU A 862 -0.49 -17.32 20.08
CA GLU A 862 0.26 -16.13 20.46
C GLU A 862 -0.02 -14.94 19.54
N GLY A 863 -0.35 -15.18 18.28
CA GLY A 863 -0.59 -14.10 17.34
C GLY A 863 -1.98 -13.52 17.35
N SER A 864 -2.90 -14.13 18.09
CA SER A 864 -4.25 -13.58 18.18
C SER A 864 -4.27 -12.40 19.15
N GLN A 865 -5.40 -11.68 19.14
CA GLN A 865 -5.69 -10.60 20.08
C GLN A 865 -4.66 -9.47 19.99
N SER A 866 -4.65 -8.82 18.83
CA SER A 866 -3.95 -7.56 18.71
C SER A 866 -4.78 -6.43 19.31
N THR A 867 -4.11 -5.43 19.86
CA THR A 867 -4.75 -4.38 20.64
C THR A 867 -4.55 -3.02 19.99
N ILE A 868 -5.53 -2.14 20.23
CA ILE A 868 -5.49 -0.75 19.78
C ILE A 868 -5.46 0.12 21.02
N ASP A 869 -4.33 0.78 21.27
CA ASP A 869 -4.17 1.58 22.48
C ASP A 869 -5.11 2.78 22.44
N MET A 870 -5.77 3.05 23.56
CA MET A 870 -6.77 4.11 23.67
C MET A 870 -6.48 5.10 24.78
N ARG A 871 -5.28 5.09 25.37
CA ARG A 871 -5.01 5.88 26.56
C ARG A 871 -4.17 7.12 26.27
N SER A 872 -4.12 7.56 25.02
CA SER A 872 -3.45 8.81 24.69
C SER A 872 -4.31 9.97 25.19
N ALA A 873 -3.80 10.71 26.19
CA ALA A 873 -4.61 11.76 26.82
C ALA A 873 -4.98 12.86 25.84
N TYR A 874 -4.07 13.20 24.92
CA TYR A 874 -4.34 14.26 23.96
C TYR A 874 -5.40 13.85 22.93
N ALA A 875 -5.61 12.56 22.74
CA ALA A 875 -6.64 12.10 21.82
C ALA A 875 -8.05 12.26 22.37
N TRP A 876 -8.19 12.39 23.68
CA TRP A 876 -9.49 12.54 24.32
C TRP A 876 -9.85 14.01 24.46
N SER A 877 -11.12 14.33 24.24
CA SER A 877 -11.64 15.67 24.34
C SER A 877 -12.93 15.65 25.17
N LEU A 878 -13.40 16.85 25.53
CA LEU A 878 -14.62 16.95 26.32
C LEU A 878 -15.80 16.34 25.57
N ALA A 879 -16.55 15.49 26.26
CA ALA A 879 -17.61 14.72 25.63
C ALA A 879 -18.92 15.50 25.61
N SER A 880 -19.77 15.15 24.64
CA SER A 880 -21.15 15.60 24.66
C SER A 880 -21.92 14.87 25.77
N THR A 881 -23.04 15.46 26.17
CA THR A 881 -23.83 14.90 27.25
C THR A 881 -24.42 13.56 26.82
N PRO A 882 -24.26 12.50 27.62
CA PRO A 882 -24.71 11.17 27.20
C PRO A 882 -26.11 10.82 27.65
N PHE A 883 -26.73 9.92 26.87
CA PHE A 883 -27.94 9.23 27.27
C PHE A 883 -27.56 7.98 28.06
N ILE A 884 -28.41 7.60 29.01
CA ILE A 884 -28.04 6.56 29.97
C ILE A 884 -28.78 5.24 29.78
N THR A 885 -30.01 5.25 29.25
CA THR A 885 -30.68 4.00 28.96
C THR A 885 -31.10 3.88 27.50
N SER A 886 -31.77 4.90 26.98
CA SER A 886 -32.23 4.93 25.60
C SER A 886 -32.21 6.37 25.12
N ILE A 887 -32.63 6.57 23.88
CA ILE A 887 -32.70 7.92 23.31
C ILE A 887 -33.79 8.76 23.97
N ASN A 888 -34.75 8.14 24.66
CA ASN A 888 -35.83 8.86 25.33
C ASN A 888 -35.52 9.14 26.79
N ASP A 889 -34.34 8.78 27.27
CA ASP A 889 -33.94 9.01 28.65
C ASP A 889 -33.33 10.39 28.79
N ASN A 890 -33.58 11.04 29.93
CA ASN A 890 -33.10 12.38 30.20
C ASN A 890 -32.41 12.47 31.57
N THR A 891 -31.59 11.47 31.89
CA THR A 891 -30.93 11.44 33.19
C THR A 891 -29.98 12.62 33.35
N PHE A 892 -29.23 12.95 32.30
CA PHE A 892 -28.27 14.06 32.33
C PHE A 892 -28.68 15.22 31.45
N ASN A 893 -29.97 15.30 31.10
CA ASN A 893 -30.53 16.38 30.29
C ASN A 893 -29.94 16.41 28.88
N ALA A 894 -29.55 15.24 28.36
CA ALA A 894 -29.00 15.18 27.02
C ALA A 894 -30.02 15.61 25.96
N ASN A 895 -31.30 15.45 26.24
CA ASN A 895 -32.34 15.77 25.28
C ASN A 895 -32.73 17.24 25.28
N SER A 896 -32.32 18.00 26.28
CA SER A 896 -32.72 19.40 26.37
C SER A 896 -31.94 20.26 25.37
N ASN A 897 -32.61 21.28 24.84
CA ASN A 897 -32.02 22.19 23.86
C ASN A 897 -31.69 23.55 24.45
N THR A 898 -31.54 23.64 25.76
CA THR A 898 -31.19 24.86 26.46
C THR A 898 -29.85 24.69 27.16
N LEU A 899 -29.51 25.66 28.01
CA LEU A 899 -28.30 25.55 28.82
C LEU A 899 -28.37 24.40 29.82
N GLU A 900 -29.58 23.88 30.08
CA GLU A 900 -29.72 22.74 30.98
C GLU A 900 -29.00 21.50 30.45
N TYR A 901 -28.70 21.46 29.15
CA TYR A 901 -27.96 20.35 28.57
C TYR A 901 -26.63 20.10 29.28
N GLY A 902 -26.01 21.15 29.80
CA GLY A 902 -24.76 21.04 30.53
C GLY A 902 -24.88 21.11 32.04
N PHE A 903 -26.10 21.10 32.60
CA PHE A 903 -26.27 21.32 34.03
C PHE A 903 -25.68 20.20 34.87
N LYS A 904 -25.69 18.97 34.35
CA LYS A 904 -25.24 17.82 35.11
C LYS A 904 -23.76 17.49 34.88
N ARG A 905 -23.05 18.31 34.12
CA ARG A 905 -21.63 18.06 33.85
C ARG A 905 -20.80 18.53 35.04
N ALA A 906 -20.19 17.57 35.73
CA ALA A 906 -19.26 17.89 36.80
C ALA A 906 -17.85 18.01 36.24
N LYS A 907 -16.94 18.53 37.07
CA LYS A 907 -15.56 18.72 36.66
C LYS A 907 -14.86 17.37 36.50
N LEU A 908 -14.16 17.19 35.38
CA LEU A 908 -13.38 15.99 35.12
C LEU A 908 -12.07 16.38 34.46
N SER A 909 -10.97 15.86 34.99
CA SER A 909 -9.66 16.09 34.40
C SER A 909 -9.08 14.78 33.91
N TRP A 910 -8.53 14.80 32.71
CA TRP A 910 -7.86 13.63 32.13
C TRP A 910 -6.48 14.05 31.68
N TYR A 911 -5.49 13.20 31.96
CA TYR A 911 -4.10 13.60 31.83
C TYR A 911 -3.22 12.38 32.02
N THR A 912 -1.97 12.50 31.56
CA THR A 912 -0.89 11.61 31.94
C THR A 912 0.15 12.45 32.67
N ILE A 913 0.47 12.06 33.91
CA ILE A 913 1.36 12.86 34.74
C ILE A 913 2.70 13.01 34.05
N ASP A 914 3.18 14.25 33.98
CA ASP A 914 4.42 14.53 33.27
C ASP A 914 5.61 13.90 34.01
N PRO A 915 6.60 13.37 33.28
CA PRO A 915 7.78 12.82 33.94
C PRO A 915 8.58 13.85 34.73
N VAL A 916 8.35 15.14 34.49
CA VAL A 916 9.05 16.18 35.26
C VAL A 916 8.72 16.07 36.74
N PHE A 917 7.49 15.67 37.08
CA PHE A 917 7.11 15.54 38.49
C PHE A 917 7.93 14.46 39.18
N TYR A 918 8.37 13.45 38.45
CA TYR A 918 9.10 12.32 39.04
C TYR A 918 10.61 12.48 38.94
N SER A 919 11.12 13.11 37.88
CA SER A 919 12.55 13.17 37.65
C SER A 919 13.20 14.44 38.18
N SER A 920 12.71 15.60 37.76
CA SER A 920 13.21 16.89 38.24
C SER A 920 12.06 17.57 38.96
N LYS A 921 11.95 17.29 40.26
CA LYS A 921 10.77 17.67 41.03
C LYS A 921 10.58 19.20 41.01
N PRO A 922 9.42 19.69 40.59
CA PRO A 922 9.19 21.13 40.60
C PRO A 922 9.02 21.67 42.01
N SER A 923 9.15 22.99 42.14
CA SER A 923 8.97 23.64 43.42
C SER A 923 7.52 23.51 43.87
N GLY A 924 7.34 23.23 45.16
CA GLY A 924 6.03 23.01 45.73
C GLY A 924 5.55 21.58 45.72
N ILE A 925 6.26 20.68 45.05
CA ILE A 925 5.94 19.26 45.02
C ILE A 925 6.92 18.52 45.93
N SER A 926 6.39 17.69 46.81
CA SER A 926 7.20 16.92 47.75
C SER A 926 7.14 15.44 47.39
N ASN A 927 7.90 14.64 48.14
CA ASN A 927 7.86 13.18 47.95
C ASN A 927 6.54 12.61 48.43
N ASP A 928 5.92 13.24 49.43
CA ASP A 928 4.60 12.79 49.88
C ASP A 928 3.55 12.97 48.79
N ASP A 929 3.63 14.07 48.04
CA ASP A 929 2.71 14.28 46.92
C ASP A 929 2.86 13.21 45.85
N LEU A 930 3.99 12.53 45.79
CA LEU A 930 4.26 11.50 44.80
C LEU A 930 4.03 10.10 45.33
N SER A 931 3.42 9.96 46.51
CA SER A 931 3.15 8.65 47.12
C SER A 931 1.67 8.61 47.52
N LEU A 932 0.80 8.30 46.56
CA LEU A 932 -0.62 8.27 46.85
C LEU A 932 -1.39 7.12 46.21
N ASN A 933 -0.81 6.40 45.24
CA ASN A 933 -1.49 5.43 44.38
C ASN A 933 -2.38 6.14 43.37
N THR A 934 -2.51 7.46 43.51
CA THR A 934 -3.17 8.29 42.52
C THR A 934 -2.19 9.20 41.80
N THR A 935 -0.97 9.34 42.31
CA THR A 935 0.06 10.19 41.72
C THR A 935 1.38 9.49 41.47
N ARG A 936 1.64 8.35 42.11
CA ARG A 936 2.95 7.73 42.02
C ARG A 936 3.20 7.18 40.62
N ARG A 937 4.48 7.15 40.25
CA ARG A 937 4.87 6.58 38.97
C ARG A 937 4.64 5.07 38.97
N ILE A 938 3.99 4.57 37.93
CA ILE A 938 3.70 3.16 37.79
C ILE A 938 4.74 2.55 36.87
N TYR A 939 5.47 1.56 37.37
CA TYR A 939 6.46 0.86 36.57
C TYR A 939 5.85 -0.39 35.94
N SER A 940 6.39 -0.78 34.80
CA SER A 940 5.85 -1.92 34.07
C SER A 940 5.99 -3.22 34.85
N ARG A 941 7.05 -3.34 35.66
CA ARG A 941 7.24 -4.56 36.43
C ARG A 941 6.13 -4.77 37.46
N GLU A 942 5.51 -3.68 37.93
CA GLU A 942 4.41 -3.82 38.87
C GLU A 942 3.16 -4.34 38.17
N LEU A 943 2.83 -3.79 37.00
CA LEU A 943 1.66 -4.24 36.27
C LEU A 943 1.94 -5.51 35.48
N TYR A 944 3.15 -5.64 34.92
CA TYR A 944 3.53 -6.78 34.10
C TYR A 944 4.83 -7.38 34.61
N PRO A 945 4.78 -8.08 35.74
CA PRO A 945 6.02 -8.66 36.30
C PRO A 945 6.66 -9.71 35.39
N ASN A 946 5.89 -10.32 34.49
CA ASN A 946 6.40 -11.37 33.62
C ASN A 946 6.79 -10.87 32.24
N THR A 947 6.68 -9.57 31.98
CA THR A 947 7.03 -9.00 30.68
C THR A 947 8.45 -8.47 30.72
N ASP A 948 9.31 -8.99 29.84
CA ASP A 948 10.69 -8.56 29.74
C ASP A 948 10.77 -7.30 28.87
N ILE A 949 11.54 -6.33 29.33
CA ILE A 949 11.75 -5.07 28.61
C ILE A 949 13.24 -4.92 28.36
N ALA A 950 13.60 -4.57 27.12
CA ALA A 950 14.99 -4.34 26.78
C ALA A 950 15.56 -3.19 27.59
N GLN A 951 16.80 -3.34 28.02
CA GLN A 951 17.45 -2.30 28.80
C GLN A 951 17.63 -1.03 27.97
N GLY A 952 17.36 0.11 28.60
CA GLY A 952 17.39 1.38 27.91
C GLY A 952 16.09 1.77 27.23
N GLN A 953 15.09 0.90 27.23
CA GLN A 953 13.80 1.17 26.62
C GLN A 953 12.83 1.69 27.68
N ILE A 954 11.56 1.79 27.31
CA ILE A 954 10.53 2.35 28.19
C ILE A 954 10.20 1.34 29.29
N GLN A 955 10.42 1.72 30.54
CA GLN A 955 10.16 0.87 31.69
C GLN A 955 8.98 1.34 32.53
N VAL A 956 8.36 2.46 32.18
CA VAL A 956 7.26 3.02 32.97
C VAL A 956 5.97 2.88 32.20
N VAL A 957 4.87 2.77 32.94
CA VAL A 957 3.53 2.73 32.35
C VAL A 957 2.96 4.13 32.41
N ASN A 958 2.68 4.71 31.25
CA ASN A 958 2.12 6.05 31.16
C ASN A 958 0.61 5.91 31.27
N THR A 959 0.12 5.93 32.50
CA THR A 959 -1.29 5.71 32.76
C THR A 959 -2.12 6.92 32.36
N LEU A 960 -3.28 6.66 31.74
CA LEU A 960 -4.27 7.69 31.53
C LEU A 960 -5.08 7.85 32.82
N ASP A 961 -4.99 9.02 33.44
CA ASP A 961 -5.62 9.26 34.72
C ASP A 961 -6.87 10.11 34.54
N LEU A 962 -7.98 9.65 35.11
CA LEU A 962 -9.24 10.39 35.11
C LEU A 962 -9.58 10.74 36.54
N THR A 963 -9.41 12.02 36.89
CA THR A 963 -9.76 12.51 38.22
C THR A 963 -11.10 13.22 38.12
N TYR A 964 -12.09 12.72 38.84
CA TYR A 964 -13.48 13.17 38.73
C TYR A 964 -13.88 13.88 40.02
N TYR A 965 -14.37 15.10 39.89
CA TYR A 965 -14.88 15.89 41.01
C TYR A 965 -16.38 16.04 40.84
N PRO A 966 -17.19 15.11 41.33
CA PRO A 966 -18.65 15.21 41.15
C PRO A 966 -19.26 16.45 41.76
N GLY A 967 -18.68 16.97 42.85
CA GLY A 967 -19.19 18.15 43.51
C GLY A 967 -18.71 19.47 42.97
N GLU A 968 -17.89 19.47 41.92
CA GLU A 968 -17.37 20.69 41.33
C GLU A 968 -17.97 20.91 39.95
N ARG A 969 -18.23 22.18 39.64
CA ARG A 969 -18.90 22.54 38.38
C ARG A 969 -18.00 22.23 37.20
N GLY A 970 -18.56 21.57 36.19
CA GLY A 970 -17.87 21.33 34.95
C GLY A 970 -17.89 22.54 34.05
N PRO A 971 -17.10 22.48 32.98
CA PRO A 971 -17.08 23.59 32.02
C PRO A 971 -18.44 23.80 31.37
N TYR A 972 -18.78 25.07 31.14
CA TYR A 972 -19.99 25.46 30.43
C TYR A 972 -21.26 25.01 31.16
N ASN A 973 -21.15 24.76 32.46
CA ASN A 973 -22.29 24.38 33.29
C ASN A 973 -22.81 25.64 33.96
N ASN A 974 -24.08 25.98 33.70
CA ASN A 974 -24.71 27.17 34.25
C ASN A 974 -25.83 26.82 35.23
N ASN A 975 -25.71 25.71 35.92
CA ASN A 975 -26.76 25.29 36.85
C ASN A 975 -26.82 26.28 38.01
N PRO A 976 -27.96 26.95 38.22
CA PRO A 976 -28.03 27.91 39.35
C PRO A 976 -27.84 27.25 40.69
N SER A 977 -28.31 26.03 40.88
CA SER A 977 -28.14 25.29 42.12
C SER A 977 -27.37 24.01 41.80
N PHE A 978 -26.04 24.12 41.78
CA PHE A 978 -25.17 22.98 41.56
C PHE A 978 -24.64 22.40 42.86
N GLY A 979 -24.34 23.26 43.85
CA GLY A 979 -23.93 22.78 45.15
C GLY A 979 -25.06 22.16 45.96
N ALA A 980 -26.29 22.54 45.66
CA ALA A 980 -27.46 21.97 46.34
C ALA A 980 -27.94 20.69 45.70
N SER A 981 -27.39 20.30 44.55
CA SER A 981 -27.76 19.07 43.89
C SER A 981 -26.89 17.92 44.36
N ASN A 982 -27.40 16.71 44.22
CA ASN A 982 -26.66 15.52 44.60
C ASN A 982 -25.49 15.32 43.66
N PRO A 983 -24.25 15.29 44.15
CA PRO A 983 -23.11 15.07 43.26
C PRO A 983 -23.14 13.72 42.55
N SER A 984 -23.83 12.73 43.11
CA SER A 984 -23.93 11.43 42.45
C SER A 984 -24.74 11.48 41.17
N ALA A 985 -25.59 12.49 41.00
CA ALA A 985 -26.41 12.63 39.80
C ALA A 985 -25.69 13.32 38.66
N ASN A 986 -24.46 13.79 38.87
CA ASN A 986 -23.70 14.46 37.83
C ASN A 986 -22.91 13.45 37.00
N PHE A 987 -22.31 13.94 35.92
CA PHE A 987 -21.47 13.13 35.06
C PHE A 987 -20.21 13.92 34.69
N GLY A 988 -19.15 13.20 34.38
CA GLY A 988 -17.96 13.76 33.78
C GLY A 988 -17.44 12.81 32.73
N GLY A 989 -17.28 13.28 31.50
CA GLY A 989 -17.03 12.37 30.38
C GLY A 989 -16.10 12.96 29.35
N ILE A 990 -15.43 12.04 28.64
CA ILE A 990 -14.59 12.37 27.49
C ILE A 990 -14.95 11.44 26.35
N MET A 991 -14.65 11.88 25.13
CA MET A 991 -14.90 11.06 23.95
C MET A 991 -13.72 11.18 23.00
N ARG A 992 -13.71 10.30 21.99
CA ARG A 992 -12.57 10.15 21.11
C ARG A 992 -13.04 9.52 19.81
N ALA A 993 -12.40 9.90 18.71
CA ALA A 993 -12.65 9.27 17.42
C ALA A 993 -11.80 8.01 17.28
N LEU A 994 -12.31 7.05 16.52
CA LEU A 994 -11.65 5.78 16.29
C LEU A 994 -11.07 5.73 14.88
N ASN A 995 -9.85 5.22 14.77
CA ASN A 995 -9.18 5.15 13.47
C ASN A 995 -9.84 4.11 12.58
N SER A 996 -10.08 2.90 13.10
CA SER A 996 -10.69 1.82 12.34
C SER A 996 -12.14 1.70 12.80
N THR A 997 -13.07 1.98 11.89
CA THR A 997 -14.49 2.06 12.24
C THR A 997 -15.25 0.76 12.00
N ASN A 998 -14.69 -0.17 11.22
CA ASN A 998 -15.35 -1.44 10.93
C ASN A 998 -14.92 -2.46 11.98
N PHE A 999 -15.72 -2.56 13.05
CA PHE A 999 -15.41 -3.54 14.09
C PHE A 999 -15.62 -4.97 13.60
N GLU A 1000 -16.60 -5.19 12.73
CA GLU A 1000 -16.88 -6.55 12.25
C GLU A 1000 -15.72 -7.08 11.41
N GLN A 1001 -15.26 -6.29 10.44
CA GLN A 1001 -14.14 -6.73 9.61
C GLN A 1001 -12.86 -6.87 10.44
N GLY A 1002 -12.61 -5.91 11.33
CA GLY A 1002 -11.48 -6.03 12.23
C GLY A 1002 -11.67 -7.06 13.32
N ASN A 1003 -12.91 -7.52 13.53
CA ASN A 1003 -13.25 -8.47 14.58
C ASN A 1003 -12.84 -7.94 15.96
N VAL A 1004 -13.23 -6.70 16.24
CA VAL A 1004 -13.06 -6.13 17.57
C VAL A 1004 -13.97 -6.89 18.52
N GLU A 1005 -13.40 -7.47 19.57
CA GLU A 1005 -14.14 -8.37 20.45
C GLU A 1005 -14.48 -7.78 21.81
N TYR A 1006 -13.57 -7.03 22.44
CA TYR A 1006 -13.89 -6.50 23.76
C TYR A 1006 -13.03 -5.28 24.06
N ILE A 1007 -13.48 -4.50 25.03
CA ILE A 1007 -12.69 -3.42 25.59
C ILE A 1007 -11.94 -3.95 26.81
N GLN A 1008 -10.62 -3.78 26.80
CA GLN A 1008 -9.76 -4.30 27.85
C GLN A 1008 -9.07 -3.14 28.55
N PHE A 1009 -9.07 -3.15 29.88
CA PHE A 1009 -8.32 -2.13 30.60
C PHE A 1009 -7.92 -2.64 31.98
N TRP A 1010 -6.77 -2.15 32.44
CA TRP A 1010 -6.26 -2.38 33.78
C TRP A 1010 -6.39 -1.09 34.57
N VAL A 1011 -7.11 -1.12 35.67
CA VAL A 1011 -7.31 0.05 36.51
C VAL A 1011 -6.87 -0.27 37.93
N LEU A 1012 -6.16 0.69 38.55
CA LEU A 1012 -5.89 0.59 39.97
C LEU A 1012 -7.20 0.66 40.74
N ASP A 1013 -7.33 -0.20 41.73
CA ASP A 1013 -8.46 -0.11 42.64
C ASP A 1013 -8.34 1.18 43.43
N PRO A 1014 -9.33 2.08 43.38
CA PRO A 1014 -9.22 3.36 44.07
C PRO A 1014 -9.63 3.32 45.54
N TYR A 1015 -9.80 2.14 46.13
CA TYR A 1015 -10.23 2.00 47.52
C TYR A 1015 -9.21 1.27 48.38
N VAL A 1016 -7.98 1.11 47.91
CA VAL A 1016 -7.04 0.21 48.56
C VAL A 1016 -5.85 0.95 49.14
N GLY A 1017 -5.12 1.70 48.31
CA GLY A 1017 -3.83 2.24 48.67
C GLY A 1017 -3.87 3.45 49.58
N ASN A 1018 -2.80 4.25 49.51
CA ASN A 1018 -2.67 5.41 50.38
C ASN A 1018 -3.78 6.43 50.12
N GLY A 1019 -3.85 6.97 48.91
CA GLY A 1019 -4.85 7.94 48.58
C GLY A 1019 -6.18 7.31 48.21
N GLU A 1020 -6.59 6.30 48.97
CA GLU A 1020 -7.81 5.57 48.65
C GLU A 1020 -9.03 6.48 48.82
N SER A 1021 -10.05 6.23 48.01
CA SER A 1021 -11.32 6.89 48.16
C SER A 1021 -12.11 6.26 49.31
N PRO A 1022 -12.98 7.03 49.97
CA PRO A 1022 -13.84 6.43 51.00
C PRO A 1022 -14.71 5.33 50.41
N ALA A 1023 -14.95 4.31 51.23
CA ALA A 1023 -15.68 3.12 50.75
C ALA A 1023 -17.09 3.47 50.30
N THR A 1024 -17.67 4.54 50.82
CA THR A 1024 -19.01 4.95 50.42
C THR A 1024 -19.05 5.65 49.07
N ASN A 1025 -17.88 6.01 48.51
CA ASN A 1025 -17.82 6.70 47.23
C ASN A 1025 -17.82 5.66 46.10
N ALA A 1026 -19.01 5.09 45.87
CA ALA A 1026 -19.22 4.15 44.77
C ALA A 1026 -19.82 4.88 43.58
N GLY A 1027 -19.58 4.33 42.40
CA GLY A 1027 -20.10 4.93 41.19
C GLY A 1027 -19.99 3.98 40.03
N LYS A 1028 -20.19 4.53 38.82
CA LYS A 1028 -20.14 3.74 37.61
C LYS A 1028 -19.31 4.43 36.55
N ILE A 1029 -18.62 3.61 35.75
CA ILE A 1029 -17.94 4.07 34.54
C ILE A 1029 -18.70 3.49 33.36
N TYR A 1030 -19.17 4.36 32.48
CA TYR A 1030 -19.88 3.96 31.28
C TYR A 1030 -18.96 4.05 30.07
N PHE A 1031 -19.19 3.19 29.10
CA PHE A 1031 -18.51 3.23 27.82
C PHE A 1031 -19.55 3.25 26.71
N ASN A 1032 -19.30 4.08 25.70
CA ASN A 1032 -20.19 4.20 24.55
C ASN A 1032 -19.37 3.96 23.28
N LEU A 1033 -19.87 3.08 22.42
CA LEU A 1033 -19.24 2.81 21.13
C LEU A 1033 -20.29 2.96 20.04
N GLY A 1034 -19.94 3.70 18.99
CA GLY A 1034 -20.85 3.89 17.87
C GLY A 1034 -20.79 5.31 17.35
N GLU A 1035 -21.93 5.83 16.91
CA GLU A 1035 -22.01 7.21 16.48
C GLU A 1035 -22.44 8.07 17.67
N ILE A 1036 -21.57 8.98 18.08
CA ILE A 1036 -21.78 9.83 19.24
C ILE A 1036 -21.70 11.28 18.79
N SER A 1037 -22.61 12.10 19.28
CA SER A 1037 -22.69 13.49 18.85
C SER A 1037 -21.38 14.21 19.13
N GLU A 1038 -20.84 14.86 18.09
CA GLU A 1038 -19.67 15.71 18.24
C GLU A 1038 -20.02 17.11 18.69
N ASP A 1039 -21.31 17.43 18.80
CA ASP A 1039 -21.77 18.76 19.20
C ASP A 1039 -21.68 18.84 20.72
N VAL A 1040 -20.48 19.16 21.21
CA VAL A 1040 -20.21 19.18 22.64
C VAL A 1040 -21.10 20.22 23.33
N LEU A 1041 -21.14 21.42 22.78
CA LEU A 1041 -22.08 22.45 23.24
C LEU A 1041 -23.22 22.46 22.24
N LYS A 1042 -24.27 21.69 22.54
CA LYS A 1042 -25.31 21.37 21.57
C LYS A 1042 -26.06 22.64 21.17
N ASP A 1043 -25.79 23.12 19.96
CA ASP A 1043 -26.56 24.21 19.38
C ASP A 1043 -26.82 23.98 17.89
N GLY A 1044 -26.47 22.81 17.36
CA GLY A 1044 -26.56 22.56 15.94
C GLY A 1044 -25.42 23.12 15.12
N ARG A 1045 -24.41 23.71 15.76
CA ARG A 1045 -23.36 24.42 15.06
C ARG A 1045 -22.00 23.91 15.50
N LYS A 1046 -21.04 23.93 14.58
CA LYS A 1046 -19.69 23.45 14.83
C LYS A 1046 -18.82 24.61 15.27
N GLN A 1047 -18.39 24.58 16.52
CA GLN A 1047 -17.44 25.57 17.02
C GLN A 1047 -16.04 25.25 16.51
N TYR A 1048 -15.31 26.29 16.10
CA TYR A 1048 -13.89 26.17 15.79
C TYR A 1048 -13.25 27.52 16.06
N GLU A 1049 -12.31 27.55 17.00
CA GLU A 1049 -11.84 28.82 17.55
C GLU A 1049 -10.81 29.51 16.69
N ASN A 1050 -10.29 28.85 15.66
CA ASN A 1050 -9.41 29.55 14.72
C ASN A 1050 -10.20 30.45 13.76
N GLY A 1051 -11.52 30.38 13.77
CA GLY A 1051 -12.36 31.27 13.02
C GLY A 1051 -12.90 32.45 13.80
N LEU A 1052 -12.65 32.51 15.10
CA LEU A 1052 -13.10 33.59 15.94
C LEU A 1052 -12.19 34.81 15.79
N GLY A 1053 -12.65 35.95 16.29
CA GLY A 1053 -11.90 37.17 16.24
C GLY A 1053 -12.77 38.39 16.07
N PRO A 1054 -12.28 39.55 16.50
CA PRO A 1054 -13.08 40.78 16.39
C PRO A 1054 -13.40 41.16 14.95
N ASP A 1055 -12.53 40.87 14.00
CA ASP A 1055 -12.75 41.20 12.60
C ASP A 1055 -13.44 40.08 11.83
N GLN A 1056 -13.75 38.96 12.49
CA GLN A 1056 -14.40 37.84 11.84
C GLN A 1056 -15.92 37.96 11.95
N VAL A 1057 -16.60 37.34 11.00
CA VAL A 1057 -18.06 37.34 10.97
C VAL A 1057 -18.57 36.24 11.89
N MET A 1058 -19.49 36.62 12.79
CA MET A 1058 -20.10 35.69 13.73
C MET A 1058 -21.51 35.36 13.28
N VAL A 1059 -22.05 34.26 13.84
CA VAL A 1059 -23.45 33.94 13.62
C VAL A 1059 -24.30 35.09 14.14
N ASN A 1060 -25.19 35.60 13.26
CA ASN A 1060 -25.82 36.90 13.52
C ASN A 1060 -26.61 36.92 14.82
N PRO A 1061 -27.49 35.96 15.13
CA PRO A 1061 -27.95 35.83 16.52
C PRO A 1061 -27.05 34.86 17.26
N GLN A 1062 -26.57 35.29 18.42
CA GLN A 1062 -25.61 34.48 19.18
C GLN A 1062 -26.24 33.17 19.60
N PRO A 1063 -25.63 32.01 19.28
CA PRO A 1063 -26.29 30.71 19.43
C PRO A 1063 -26.17 30.05 20.80
N LEU A 1064 -26.56 30.77 21.85
CA LEU A 1064 -26.96 30.19 23.14
C LEU A 1064 -25.78 29.66 23.96
N TRP A 1065 -24.59 29.58 23.37
CA TRP A 1065 -23.40 29.20 24.12
C TRP A 1065 -22.28 30.22 24.02
N GLY A 1066 -22.42 31.24 23.18
CA GLY A 1066 -21.40 32.24 22.92
C GLY A 1066 -21.25 32.46 21.44
N ASP A 1067 -20.08 32.94 21.04
CA ASP A 1067 -19.83 33.24 19.65
C ASP A 1067 -19.48 31.99 18.86
N VAL A 1068 -20.00 31.91 17.64
CA VAL A 1068 -19.64 30.85 16.70
C VAL A 1068 -19.29 31.52 15.37
N PRO A 1069 -18.17 31.18 14.75
CA PRO A 1069 -17.85 31.77 13.45
C PRO A 1069 -18.87 31.40 12.39
N ALA A 1070 -19.25 32.38 11.58
CA ALA A 1070 -20.18 32.16 10.49
C ALA A 1070 -19.53 31.66 9.21
N SER A 1071 -18.20 31.72 9.13
CA SER A 1071 -17.49 31.32 7.93
C SER A 1071 -17.29 29.81 7.88
N GLN A 1072 -17.17 29.30 6.66
CA GLN A 1072 -16.80 27.90 6.47
C GLN A 1072 -15.36 27.69 6.92
N SER A 1073 -15.14 26.72 7.80
CA SER A 1073 -13.79 26.38 8.23
C SER A 1073 -13.03 25.73 7.09
N LEU A 1074 -11.75 26.03 6.98
CA LEU A 1074 -10.90 25.43 5.96
C LEU A 1074 -9.83 24.53 6.55
N ILE A 1075 -8.98 25.06 7.43
CA ILE A 1075 -7.92 24.30 8.07
C ILE A 1075 -8.01 24.54 9.57
N TYR A 1076 -7.91 23.46 10.35
CA TYR A 1076 -7.97 23.55 11.81
C TYR A 1076 -6.59 23.92 12.32
N ALA A 1077 -6.26 25.21 12.21
CA ALA A 1077 -4.94 25.69 12.61
C ALA A 1077 -5.01 27.18 12.91
N PHE A 1078 -4.27 27.59 13.93
CA PHE A 1078 -4.05 29.00 14.20
C PHE A 1078 -2.95 29.56 13.33
N ASP A 1079 -2.97 30.87 13.15
CA ASP A 1079 -1.76 31.58 12.73
C ASP A 1079 -0.87 31.80 13.95
N THR A 1080 0.32 32.35 13.72
CA THR A 1080 1.29 32.53 14.79
C THR A 1080 1.39 33.98 15.27
N ASN A 1081 0.33 34.75 15.12
CA ASN A 1081 0.30 36.11 15.65
C ASN A 1081 -0.25 36.09 17.07
N PRO A 1082 0.51 36.59 18.06
CA PRO A 1082 0.02 36.52 19.45
C PRO A 1082 -1.32 37.19 19.70
N ASP A 1083 -1.58 38.34 19.05
CA ASP A 1083 -2.85 39.03 19.27
C ASP A 1083 -4.02 38.23 18.73
N ASN A 1084 -3.86 37.67 17.53
CA ASN A 1084 -4.90 36.82 16.96
C ASN A 1084 -5.11 35.59 17.84
N ARG A 1085 -4.03 35.03 18.38
CA ARG A 1085 -4.16 33.88 19.28
C ARG A 1085 -4.95 34.25 20.52
N LYS A 1086 -4.65 35.41 21.11
CA LYS A 1086 -5.38 35.85 22.29
C LYS A 1086 -6.85 36.04 21.98
N ASN A 1087 -7.17 36.56 20.80
CA ASN A 1087 -8.57 36.73 20.43
C ASN A 1087 -9.25 35.40 20.12
N GLN A 1088 -8.49 34.40 19.68
CA GLN A 1088 -9.05 33.15 19.17
C GLN A 1088 -9.12 32.04 20.20
N ASP A 1089 -8.07 31.84 20.99
CA ASP A 1089 -8.01 30.72 21.94
C ASP A 1089 -8.81 31.06 23.19
N VAL A 1090 -10.14 31.06 23.02
CA VAL A 1090 -11.05 31.49 24.07
C VAL A 1090 -11.98 30.36 24.51
N GLY A 1091 -11.69 29.12 24.12
CA GLY A 1091 -12.48 27.99 24.54
C GLY A 1091 -13.61 27.65 23.58
N LEU A 1092 -14.32 26.57 23.92
CA LEU A 1092 -15.39 26.08 23.08
C LEU A 1092 -16.60 27.00 23.06
N ASP A 1093 -16.77 27.87 24.06
CA ASP A 1093 -17.88 28.80 24.05
C ASP A 1093 -17.63 30.01 23.17
N GLY A 1094 -16.41 30.22 22.70
CA GLY A 1094 -16.12 31.36 21.86
C GLY A 1094 -16.12 32.69 22.58
N LEU A 1095 -15.87 32.71 23.89
CA LEU A 1095 -15.89 33.93 24.68
C LEU A 1095 -14.64 34.04 25.53
N PRO A 1096 -13.99 35.23 25.56
CA PRO A 1096 -12.72 35.40 26.27
C PRO A 1096 -12.85 35.76 27.76
N SER A 1097 -13.75 35.07 28.45
CA SER A 1097 -13.86 35.11 29.92
C SER A 1097 -14.28 36.48 30.45
N SER A 1098 -14.37 37.48 29.57
CA SER A 1098 -14.87 38.79 29.95
C SER A 1098 -16.31 39.01 29.48
N ARG A 1099 -16.78 38.19 28.54
CA ARG A 1099 -18.16 38.22 28.07
C ARG A 1099 -18.90 36.94 28.43
N GLU A 1100 -18.28 36.05 29.21
CA GLU A 1100 -18.92 34.80 29.57
C GLU A 1100 -20.06 35.02 30.55
N GLY A 1101 -19.99 36.06 31.38
CA GLY A 1101 -21.05 36.31 32.34
C GLY A 1101 -22.38 36.62 31.69
N SER A 1102 -22.36 37.14 30.47
CA SER A 1102 -23.60 37.40 29.75
C SER A 1102 -24.35 36.11 29.44
N ILE A 1103 -23.61 35.05 29.07
CA ILE A 1103 -24.23 33.75 28.79
C ILE A 1103 -24.37 32.93 30.06
N TYR A 1104 -23.28 32.80 30.82
CA TYR A 1104 -23.28 31.98 32.03
C TYR A 1104 -23.56 32.88 33.24
N THR A 1105 -24.83 33.28 33.33
CA THR A 1105 -25.23 34.35 34.24
C THR A 1105 -25.12 33.95 35.70
N ASN A 1106 -25.33 32.67 36.02
CA ASN A 1106 -25.32 32.24 37.42
C ASN A 1106 -23.93 32.28 38.04
N TYR A 1107 -22.88 32.50 37.24
CA TYR A 1107 -21.51 32.55 37.73
C TYR A 1107 -20.77 33.73 37.14
N ALA A 1108 -21.50 34.80 36.82
CA ALA A 1108 -20.90 35.99 36.22
C ALA A 1108 -19.92 36.68 37.18
N GLY A 1109 -20.11 36.51 38.48
CA GLY A 1109 -19.21 37.13 39.45
C GLY A 1109 -17.87 36.44 39.58
N GLU A 1110 -17.74 35.23 39.05
CA GLU A 1110 -16.48 34.52 39.11
C GLU A 1110 -15.52 35.04 38.05
N ALA A 1111 -14.23 34.75 38.26
CA ALA A 1111 -13.22 35.14 37.28
C ALA A 1111 -13.40 34.40 35.96
N ASP A 1112 -13.84 33.15 36.01
CA ASP A 1112 -14.04 32.32 34.83
C ASP A 1112 -15.47 31.79 34.87
N PRO A 1113 -16.45 32.58 34.42
CA PRO A 1113 -17.85 32.14 34.53
C PRO A 1113 -18.16 30.83 33.82
N ALA A 1114 -17.55 30.59 32.65
CA ALA A 1114 -17.80 29.34 31.94
C ALA A 1114 -17.03 28.17 32.51
N GLY A 1115 -16.02 28.41 33.35
CA GLY A 1115 -15.22 27.33 33.91
C GLY A 1115 -14.42 26.56 32.88
N ASP A 1116 -13.87 27.25 31.88
CA ASP A 1116 -13.10 26.60 30.83
C ASP A 1116 -11.66 27.10 30.75
N ASP A 1117 -11.22 27.90 31.70
CA ASP A 1117 -9.87 28.45 31.64
C ASP A 1117 -8.83 27.35 31.84
N TYR A 1118 -7.78 27.39 31.03
CA TYR A 1118 -6.71 26.42 31.11
C TYR A 1118 -5.61 26.93 32.04
N THR A 1119 -5.01 26.00 32.78
CA THR A 1119 -3.85 26.30 33.61
C THR A 1119 -2.79 25.23 33.39
N TYR A 1120 -1.58 25.67 33.05
CA TYR A 1120 -0.46 24.76 32.92
C TYR A 1120 -0.17 24.11 34.26
N TYR A 1121 0.17 22.82 34.23
CA TYR A 1121 0.37 22.10 35.48
C TYR A 1121 1.57 22.60 36.27
N LEU A 1122 2.57 23.19 35.61
CA LEU A 1122 3.66 23.83 36.32
C LEU A 1122 3.35 25.28 36.70
N ASN A 1123 2.26 25.83 36.19
CA ASN A 1123 1.84 27.19 36.53
C ASN A 1123 0.81 27.21 37.68
N ALA A 1124 0.38 26.04 38.15
CA ALA A 1124 -0.58 25.93 39.23
C ALA A 1124 0.13 25.53 40.52
N ASP A 1125 -0.62 25.54 41.61
CA ASP A 1125 -0.11 25.21 42.92
C ASP A 1125 -0.82 23.98 43.49
N GLY A 1126 -0.23 23.41 44.53
CA GLY A 1126 -0.81 22.26 45.21
C GLY A 1126 -0.15 20.96 44.80
N GLY A 1127 -0.87 19.87 45.07
CA GLY A 1127 -0.40 18.54 44.73
C GLY A 1127 -0.57 18.25 43.25
N VAL A 1128 -0.16 17.03 42.87
CA VAL A 1128 -0.16 16.64 41.47
C VAL A 1128 -1.57 16.70 40.89
N LEU A 1129 -2.55 16.19 41.63
CA LEU A 1129 -3.93 16.21 41.16
C LEU A 1129 -4.44 17.64 40.98
N GLU A 1130 -4.14 18.52 41.94
CA GLU A 1130 -4.62 19.89 41.86
C GLU A 1130 -3.99 20.62 40.67
N ARG A 1131 -2.72 20.34 40.39
CA ARG A 1131 -2.04 21.01 39.29
C ARG A 1131 -2.61 20.64 37.93
N TYR A 1132 -3.28 19.49 37.81
CA TYR A 1132 -3.88 19.05 36.56
C TYR A 1132 -5.38 19.31 36.48
N LYS A 1133 -5.96 19.94 37.51
CA LYS A 1133 -7.42 20.08 37.54
C LYS A 1133 -7.93 20.93 36.37
N ASN A 1134 -7.17 21.95 35.98
CA ASN A 1134 -7.56 22.83 34.88
C ASN A 1134 -6.71 22.62 33.64
N TYR A 1135 -6.00 21.50 33.56
CA TYR A 1135 -5.14 21.22 32.42
C TYR A 1135 -5.92 20.95 31.14
N ASN A 1136 -7.21 20.61 31.24
CA ASN A 1136 -8.03 20.32 30.08
C ASN A 1136 -8.88 21.50 29.65
N GLY A 1137 -8.68 22.67 30.25
CA GLY A 1137 -9.43 23.84 29.82
C GLY A 1137 -9.13 24.19 28.37
N THR A 1138 -10.17 24.60 27.65
CA THR A 1138 -10.04 24.93 26.24
C THR A 1138 -9.72 26.41 26.00
N GLU A 1139 -9.73 27.24 27.04
CA GLU A 1139 -9.43 28.66 26.91
C GLU A 1139 -8.00 28.91 27.39
N GLY A 1140 -7.18 29.48 26.50
CA GLY A 1140 -5.81 29.79 26.85
C GLY A 1140 -4.85 28.62 26.85
N ASN A 1141 -5.24 27.51 26.24
CA ASN A 1141 -4.40 26.31 26.18
C ASN A 1141 -3.54 26.26 24.92
N SER A 1142 -3.50 27.33 24.13
CA SER A 1142 -2.74 27.33 22.89
C SER A 1142 -1.94 28.62 22.75
N ALA A 1143 -1.23 28.99 23.82
CA ALA A 1143 -0.36 30.15 23.77
C ALA A 1143 0.72 29.97 22.70
N VAL A 1144 1.04 31.05 22.00
CA VAL A 1144 1.98 30.97 20.88
C VAL A 1144 3.36 30.55 21.36
N SER A 1145 3.83 31.16 22.44
CA SER A 1145 5.19 30.93 22.92
C SER A 1145 5.23 29.71 23.82
N ILE A 1146 6.17 28.80 23.54
CA ILE A 1146 6.40 27.67 24.42
C ILE A 1146 7.04 28.11 25.74
N ASN A 1147 7.60 29.32 25.77
CA ASN A 1147 8.18 29.89 26.98
C ASN A 1147 7.15 30.66 27.80
N ASP A 1148 5.89 30.64 27.39
CA ASP A 1148 4.85 31.31 28.15
C ASP A 1148 4.73 30.67 29.54
N PRO A 1149 4.50 31.47 30.59
CA PRO A 1149 4.28 30.86 31.91
C PRO A 1149 3.09 29.91 31.92
N ASN A 1150 2.03 30.22 31.19
CA ASN A 1150 0.91 29.31 31.01
C ASN A 1150 1.11 28.54 29.71
N ARG A 1151 2.07 27.63 29.74
CA ARG A 1151 2.46 26.88 28.55
C ARG A 1151 1.29 26.09 27.99
N GLY A 1152 1.18 26.07 26.66
CA GLY A 1152 0.00 25.62 25.95
C GLY A 1152 -0.57 24.25 26.25
N SER A 1153 0.21 23.20 25.99
CA SER A 1153 -0.16 21.77 25.95
C SER A 1153 -0.84 21.39 24.63
N THR A 1154 -1.08 22.33 23.72
CA THR A 1154 -1.56 22.01 22.38
C THR A 1154 -1.43 23.26 21.52
N THR A 1155 -1.25 23.05 20.21
CA THR A 1155 -1.27 24.12 19.25
C THR A 1155 -2.50 24.08 18.35
N LEU A 1156 -3.30 23.04 18.44
CA LEU A 1156 -4.48 22.90 17.59
C LEU A 1156 -5.65 23.68 18.19
N PRO A 1157 -6.43 24.38 17.36
CA PRO A 1157 -7.65 25.01 17.86
C PRO A 1157 -8.65 23.96 18.33
N ASP A 1158 -9.45 24.33 19.33
CA ASP A 1158 -10.51 23.46 19.81
C ASP A 1158 -11.69 23.53 18.84
N VAL A 1159 -12.11 22.38 18.35
CA VAL A 1159 -13.17 22.28 17.33
C VAL A 1159 -14.14 21.19 17.77
N GLU A 1160 -15.42 21.38 17.46
CA GLU A 1160 -16.42 20.33 17.68
C GLU A 1160 -16.41 19.36 16.52
N ASP A 1161 -15.24 18.81 16.20
CA ASP A 1161 -15.10 17.84 15.12
C ASP A 1161 -13.88 17.00 15.49
N ILE A 1162 -14.14 15.79 16.01
CA ILE A 1162 -13.07 14.99 16.60
C ILE A 1162 -12.46 14.01 15.60
N ASN A 1163 -13.25 13.51 14.65
CA ASN A 1163 -12.72 12.61 13.64
C ASN A 1163 -12.09 13.35 12.46
N ARG A 1164 -12.04 14.69 12.52
CA ARG A 1164 -11.28 15.51 11.58
C ARG A 1164 -11.71 15.26 10.13
N ASP A 1165 -13.02 15.19 9.91
CA ASP A 1165 -13.60 15.12 8.58
C ASP A 1165 -14.30 16.40 8.18
N ASN A 1166 -14.04 17.49 8.91
CA ASN A 1166 -14.54 18.84 8.64
C ASN A 1166 -16.02 18.99 8.97
N THR A 1167 -16.69 17.91 9.31
CA THR A 1167 -18.12 17.93 9.60
C THR A 1167 -18.37 17.47 11.03
N MET A 1168 -19.43 17.98 11.64
CA MET A 1168 -19.78 17.69 13.02
C MET A 1168 -21.00 16.78 13.04
N SER A 1169 -20.81 15.56 13.49
CA SER A 1169 -21.91 14.59 13.59
C SER A 1169 -22.80 14.91 14.77
N THR A 1170 -24.10 14.73 14.59
CA THR A 1170 -25.08 14.95 15.65
C THR A 1170 -25.92 13.72 15.95
N ILE A 1171 -25.54 12.55 15.44
CA ILE A 1171 -26.28 11.32 15.69
C ILE A 1171 -25.83 10.72 17.01
N ASN A 1172 -26.76 10.08 17.71
CA ASN A 1172 -26.47 9.45 19.00
C ASN A 1172 -26.87 7.97 18.98
N ALA A 1173 -26.47 7.26 17.93
CA ALA A 1173 -26.74 5.82 17.81
C ALA A 1173 -25.48 5.06 18.24
N TYR A 1174 -25.48 4.57 19.48
CA TYR A 1174 -24.30 3.93 20.02
C TYR A 1174 -24.72 2.86 21.02
N TYR A 1175 -23.79 1.93 21.28
CA TYR A 1175 -23.98 0.91 22.29
C TYR A 1175 -23.45 1.42 23.63
N GLU A 1176 -24.04 0.90 24.71
CA GLU A 1176 -23.70 1.33 26.05
C GLU A 1176 -23.18 0.15 26.86
N TYR A 1177 -22.06 0.36 27.56
CA TYR A 1177 -21.51 -0.59 28.51
C TYR A 1177 -21.17 0.15 29.78
N SER A 1178 -21.37 -0.51 30.92
CA SER A 1178 -21.15 0.14 32.21
C SER A 1178 -20.38 -0.79 33.13
N ILE A 1179 -19.65 -0.17 34.06
CA ILE A 1179 -18.82 -0.87 35.02
C ILE A 1179 -19.08 -0.27 36.39
N ASP A 1180 -19.32 -1.13 37.38
CA ASP A 1180 -19.42 -0.66 38.75
C ASP A 1180 -18.03 -0.40 39.31
N VAL A 1181 -17.90 0.67 40.09
CA VAL A 1181 -16.68 1.01 40.79
C VAL A 1181 -17.02 1.02 42.28
N LYS A 1182 -16.65 -0.04 42.98
CA LYS A 1182 -16.99 -0.22 44.39
C LYS A 1182 -15.83 -0.96 45.07
N PRO A 1183 -15.71 -0.83 46.39
CA PRO A 1183 -14.50 -1.36 47.05
C PRO A 1183 -14.35 -2.86 47.03
N GLY A 1184 -15.44 -3.63 46.97
CA GLY A 1184 -15.34 -5.06 47.14
C GLY A 1184 -15.53 -5.89 45.89
N MET A 1185 -14.93 -5.45 44.79
CA MET A 1185 -15.09 -6.15 43.51
C MET A 1185 -14.19 -7.39 43.44
N GLN A 1186 -14.75 -8.47 42.90
CA GLN A 1186 -14.04 -9.73 42.75
C GLN A 1186 -14.16 -10.22 41.31
N VAL A 1187 -13.28 -11.16 40.96
CA VAL A 1187 -13.29 -11.74 39.62
C VAL A 1187 -14.56 -12.56 39.43
N GLY A 1188 -15.07 -12.56 38.20
CA GLY A 1188 -16.24 -13.32 37.83
C GLY A 1188 -17.51 -12.51 37.66
N GLU A 1189 -17.53 -11.28 38.15
CA GLU A 1189 -18.66 -10.39 37.97
C GLU A 1189 -18.15 -9.02 37.56
N ASN A 1190 -19.07 -8.19 37.04
CA ASN A 1190 -18.75 -6.83 36.63
C ASN A 1190 -17.60 -6.80 35.62
N TYR A 1191 -17.62 -7.76 34.69
CA TYR A 1191 -16.66 -7.89 33.60
C TYR A 1191 -15.22 -8.02 34.09
N ILE A 1192 -15.01 -8.33 35.37
CA ILE A 1192 -13.66 -8.48 35.90
C ILE A 1192 -13.14 -9.86 35.55
N THR A 1193 -11.99 -9.89 34.88
CA THR A 1193 -11.39 -11.16 34.48
C THR A 1193 -10.12 -11.49 35.25
N ASP A 1194 -9.49 -10.52 35.90
CA ASP A 1194 -8.28 -10.78 36.66
C ASP A 1194 -8.07 -9.65 37.66
N ILE A 1195 -7.47 -9.99 38.80
CA ILE A 1195 -7.09 -9.03 39.83
C ILE A 1195 -5.67 -9.34 40.26
N ARG A 1196 -4.81 -8.33 40.25
CA ARG A 1196 -3.43 -8.46 40.70
C ARG A 1196 -3.23 -7.60 41.94
N GLU A 1197 -2.74 -8.21 43.01
CA GLU A 1197 -2.49 -7.51 44.27
C GLU A 1197 -1.01 -7.17 44.39
N VAL A 1198 -0.72 -5.92 44.69
CA VAL A 1198 0.64 -5.45 44.97
C VAL A 1198 0.69 -5.11 46.46
N THR A 1199 1.67 -5.70 47.15
CA THR A 1199 1.69 -5.68 48.61
C THR A 1199 2.55 -4.54 49.18
N ASN A 1200 3.83 -4.48 48.81
CA ASN A 1200 4.75 -3.51 49.39
C ASN A 1200 5.42 -2.72 48.26
N VAL A 1201 4.82 -1.59 47.92
CA VAL A 1201 5.33 -0.74 46.85
C VAL A 1201 6.33 0.25 47.43
N ASP A 1202 7.49 0.39 46.78
CA ASP A 1202 8.42 1.45 47.14
C ASP A 1202 7.80 2.80 46.81
N LEU A 1203 7.94 3.75 47.73
CA LEU A 1203 7.39 5.08 47.55
C LEU A 1203 8.49 6.13 47.62
N PRO A 1204 8.34 7.24 46.91
CA PRO A 1204 9.35 8.30 47.00
C PRO A 1204 9.57 8.85 48.39
N ASN A 1205 8.53 8.84 49.24
CA ASN A 1205 8.67 9.35 50.60
C ASN A 1205 9.35 8.36 51.54
N GLY A 1206 9.66 7.15 51.07
CA GLY A 1206 10.31 6.15 51.88
C GLY A 1206 9.40 5.11 52.48
N GLY A 1207 8.08 5.34 52.48
CA GLY A 1207 7.13 4.39 53.01
C GLY A 1207 6.73 3.33 51.99
N THR A 1208 5.71 2.57 52.35
CA THR A 1208 5.18 1.53 51.49
C THR A 1208 3.65 1.64 51.44
N THR A 1209 3.07 1.00 50.44
CA THR A 1209 1.62 0.99 50.29
C THR A 1209 1.21 -0.27 49.55
N ASN A 1210 -0.07 -0.59 49.66
CA ASN A 1210 -0.67 -1.67 48.88
C ASN A 1210 -1.35 -1.11 47.64
N ALA A 1211 -1.53 -1.98 46.65
CA ALA A 1211 -2.22 -1.61 45.43
C ALA A 1211 -2.94 -2.83 44.89
N ARG A 1212 -3.97 -2.57 44.09
CA ARG A 1212 -4.81 -3.63 43.55
C ARG A 1212 -5.15 -3.28 42.11
N TRP A 1213 -4.52 -3.97 41.17
CA TRP A 1213 -4.80 -3.79 39.75
C TRP A 1213 -5.89 -4.74 39.32
N ILE A 1214 -6.94 -4.21 38.70
CA ILE A 1214 -8.11 -4.98 38.30
C ILE A 1214 -8.22 -4.95 36.78
N GLN A 1215 -8.31 -6.13 36.18
CA GLN A 1215 -8.45 -6.26 34.73
C GLN A 1215 -9.93 -6.41 34.40
N PHE A 1216 -10.38 -5.62 33.43
CA PHE A 1216 -11.74 -5.74 32.92
C PHE A 1216 -11.69 -6.15 31.45
N LYS A 1217 -12.67 -6.94 31.05
CA LYS A 1217 -12.86 -7.30 29.65
C LYS A 1217 -14.35 -7.17 29.35
N ILE A 1218 -14.70 -6.13 28.59
CA ILE A 1218 -16.09 -5.81 28.30
C ILE A 1218 -16.40 -6.31 26.89
N PRO A 1219 -17.14 -7.40 26.73
CA PRO A 1219 -17.40 -7.93 25.37
C PRO A 1219 -18.23 -6.94 24.57
N VAL A 1220 -17.66 -6.47 23.46
CA VAL A 1220 -18.32 -5.47 22.62
C VAL A 1220 -19.61 -6.01 22.04
N SER A 1221 -19.66 -7.31 21.76
CA SER A 1221 -20.83 -7.95 21.16
C SER A 1221 -21.99 -8.13 22.13
N GLN A 1222 -21.82 -7.83 23.42
CA GLN A 1222 -22.88 -7.98 24.41
C GLN A 1222 -23.09 -6.64 25.13
N PRO A 1223 -23.70 -5.68 24.47
CA PRO A 1223 -24.00 -4.40 25.14
C PRO A 1223 -25.07 -4.56 26.20
N GLN A 1224 -24.96 -3.75 27.24
CA GLN A 1224 -26.02 -3.70 28.24
C GLN A 1224 -27.24 -2.94 27.74
N ASN A 1225 -27.03 -1.91 26.93
CA ASN A 1225 -28.13 -1.12 26.41
C ASN A 1225 -27.74 -0.60 25.03
N THR A 1226 -28.75 -0.22 24.26
CA THR A 1226 -28.57 0.37 22.94
C THR A 1226 -29.31 1.70 22.90
N ILE A 1227 -28.60 2.75 22.51
CA ILE A 1227 -29.18 4.09 22.38
C ILE A 1227 -29.24 4.43 20.90
N GLY A 1228 -30.42 4.85 20.44
CA GLY A 1228 -30.60 5.15 19.04
C GLY A 1228 -30.74 3.91 18.18
N ASN A 1229 -30.65 4.12 16.87
CA ASN A 1229 -30.85 3.05 15.90
C ASN A 1229 -29.49 2.56 15.40
N ILE A 1230 -28.90 1.64 16.15
CA ILE A 1230 -27.68 0.94 15.73
C ILE A 1230 -27.90 -0.55 15.96
N THR A 1231 -27.58 -1.36 14.96
CA THR A 1231 -27.85 -2.80 15.01
C THR A 1231 -26.64 -3.67 14.71
N ASP A 1232 -25.56 -3.13 14.17
CA ASP A 1232 -24.35 -3.89 13.88
C ASP A 1232 -23.16 -3.12 14.39
N PHE A 1233 -21.97 -3.66 14.14
CA PHE A 1233 -20.72 -3.04 14.56
C PHE A 1233 -19.84 -2.72 13.36
N ARG A 1234 -20.46 -2.46 12.20
CA ARG A 1234 -19.68 -2.20 11.00
C ARG A 1234 -19.24 -0.75 10.87
N SER A 1235 -19.87 0.17 11.61
CA SER A 1235 -19.47 1.58 11.60
C SER A 1235 -19.47 2.08 13.04
N ILE A 1236 -18.34 1.90 13.72
CA ILE A 1236 -18.14 2.41 15.08
C ILE A 1236 -17.15 3.55 14.97
N ARG A 1237 -17.65 4.78 14.99
CA ARG A 1237 -16.82 5.94 14.70
C ARG A 1237 -16.32 6.67 15.94
N PHE A 1238 -16.98 6.53 17.09
CA PHE A 1238 -16.59 7.26 18.29
C PHE A 1238 -16.62 6.35 19.51
N MET A 1239 -15.79 6.70 20.49
CA MET A 1239 -15.77 6.04 21.79
C MET A 1239 -15.85 7.09 22.87
N ARG A 1240 -16.77 6.92 23.81
CA ARG A 1240 -16.96 7.84 24.92
C ARG A 1240 -16.99 7.06 26.22
N MET A 1241 -16.31 7.58 27.24
CA MET A 1241 -16.43 7.06 28.59
C MET A 1241 -16.72 8.21 29.55
N PHE A 1242 -17.66 7.98 30.46
CA PHE A 1242 -18.01 8.98 31.45
C PHE A 1242 -18.28 8.31 32.80
N MET A 1243 -18.01 9.05 33.86
CA MET A 1243 -18.15 8.57 35.23
C MET A 1243 -19.35 9.25 35.88
N THR A 1244 -20.09 8.49 36.68
CA THR A 1244 -21.26 9.00 37.37
C THR A 1244 -21.52 8.17 38.61
N GLY A 1245 -22.35 8.70 39.49
CA GLY A 1245 -22.73 8.02 40.71
C GLY A 1245 -21.83 8.27 41.90
N PHE A 1246 -20.63 8.79 41.68
CA PHE A 1246 -19.70 9.03 42.77
C PHE A 1246 -20.12 10.27 43.57
N ASN A 1247 -19.88 10.21 44.87
CA ASN A 1247 -20.25 11.30 45.77
C ASN A 1247 -19.10 12.28 46.00
N SER A 1248 -17.86 11.81 45.92
CA SER A 1248 -16.70 12.65 46.22
C SER A 1248 -15.63 12.41 45.17
N GLN A 1249 -14.49 13.08 45.34
CA GLN A 1249 -13.42 13.02 44.37
C GLN A 1249 -12.96 11.58 44.14
N MET A 1250 -12.81 11.21 42.87
CA MET A 1250 -12.48 9.84 42.50
C MET A 1250 -11.47 9.86 41.36
N THR A 1251 -10.33 9.20 41.56
CA THR A 1251 -9.31 9.06 40.53
C THR A 1251 -9.28 7.63 40.02
N VAL A 1252 -9.40 7.47 38.71
CA VAL A 1252 -9.29 6.18 38.05
C VAL A 1252 -8.09 6.24 37.12
N ARG A 1253 -7.12 5.36 37.33
CA ARG A 1253 -5.90 5.32 36.56
C ARG A 1253 -5.91 4.08 35.67
N PHE A 1254 -5.79 4.28 34.37
CA PHE A 1254 -5.76 3.17 33.41
C PHE A 1254 -4.31 2.83 33.09
N GLY A 1255 -3.82 1.74 33.67
CA GLY A 1255 -2.53 1.22 33.27
C GLY A 1255 -2.55 0.68 31.85
N ALA A 1256 -3.72 0.25 31.39
CA ALA A 1256 -3.94 -0.11 30.00
C ALA A 1256 -5.38 0.23 29.66
N LEU A 1257 -5.63 0.52 28.39
CA LEU A 1257 -6.99 0.71 27.90
C LEU A 1257 -6.96 0.49 26.39
N ASP A 1258 -7.46 -0.65 25.94
CA ASP A 1258 -7.34 -1.04 24.55
C ASP A 1258 -8.66 -1.59 24.02
N LEU A 1259 -8.85 -1.43 22.72
CA LEU A 1259 -9.79 -2.25 21.96
C LEU A 1259 -9.02 -3.47 21.46
N VAL A 1260 -9.56 -4.66 21.69
CA VAL A 1260 -8.88 -5.91 21.38
C VAL A 1260 -9.63 -6.60 20.27
N ARG A 1261 -8.94 -6.88 19.18
CA ARG A 1261 -9.48 -7.64 18.06
C ARG A 1261 -8.80 -9.00 18.00
N GLY A 1262 -9.60 -10.05 17.79
CA GLY A 1262 -9.10 -11.41 17.75
C GLY A 1262 -9.10 -11.95 16.33
N GLU A 1263 -8.13 -12.82 16.04
CA GLU A 1263 -8.12 -13.50 14.75
C GLU A 1263 -9.18 -14.59 14.65
N TRP A 1264 -9.71 -15.04 15.79
CA TRP A 1264 -10.77 -16.04 15.83
C TRP A 1264 -12.12 -15.35 15.95
N ARG A 1265 -13.07 -15.76 15.12
CA ARG A 1265 -14.40 -15.16 15.08
C ARG A 1265 -15.42 -16.11 15.70
N ARG A 1266 -16.28 -15.58 16.56
CA ARG A 1266 -17.39 -16.37 17.08
C ARG A 1266 -18.27 -16.84 15.92
N TYR A 1267 -18.58 -18.14 15.91
CA TYR A 1267 -19.48 -18.67 14.90
C TYR A 1267 -20.91 -18.35 15.30
N THR A 1268 -21.56 -17.49 14.52
CA THR A 1268 -22.98 -17.24 14.69
C THR A 1268 -23.75 -18.20 13.79
N GLY A 1269 -24.99 -18.47 14.18
CA GLY A 1269 -25.80 -19.47 13.52
C GLY A 1269 -25.79 -20.79 14.28
N THR A 1270 -26.53 -21.74 13.72
CA THR A 1270 -26.80 -23.01 14.39
C THR A 1270 -25.71 -24.03 14.09
N LEU A 1271 -25.45 -24.89 15.09
CA LEU A 1271 -24.62 -26.07 14.91
C LEU A 1271 -25.39 -27.37 15.08
N ASP A 1272 -26.35 -27.41 16.00
CA ASP A 1272 -27.23 -28.56 16.19
C ASP A 1272 -28.60 -28.25 15.61
N ALA A 1273 -29.13 -29.20 14.83
CA ALA A 1273 -30.40 -29.00 14.15
C ALA A 1273 -31.60 -29.06 15.08
N ASN A 1274 -31.42 -29.54 16.31
CA ASN A 1274 -32.54 -29.65 17.24
C ASN A 1274 -32.98 -28.31 17.81
N ASP A 1275 -32.08 -27.31 17.85
CA ASP A 1275 -32.40 -26.02 18.43
C ASP A 1275 -32.88 -25.02 17.37
N GLN A 1276 -32.05 -24.76 16.36
CA GLN A 1276 -32.35 -23.88 15.24
C GLN A 1276 -32.63 -22.44 15.67
N ASN A 1277 -32.21 -22.04 16.87
CA ASN A 1277 -32.45 -20.69 17.38
C ASN A 1277 -31.18 -20.18 18.05
N PRO A 1278 -30.24 -19.63 17.28
CA PRO A 1278 -28.96 -19.19 17.87
C PRO A 1278 -29.08 -17.91 18.68
N ASP A 1279 -29.81 -16.92 18.14
CA ASP A 1279 -29.91 -15.62 18.77
C ASP A 1279 -31.00 -15.58 19.83
N ASP A 1280 -30.97 -16.52 20.77
CA ASP A 1280 -31.98 -16.60 21.82
C ASP A 1280 -31.33 -17.24 23.04
N ASP A 1281 -32.18 -17.69 23.97
CA ASP A 1281 -31.87 -18.52 25.14
C ASP A 1281 -30.81 -17.93 26.06
N GLY A 1282 -30.39 -16.68 25.83
CA GLY A 1282 -29.58 -15.95 26.80
C GLY A 1282 -28.27 -16.60 27.19
N VAL A 1283 -27.58 -17.23 26.25
CA VAL A 1283 -26.26 -17.79 26.50
C VAL A 1283 -25.22 -16.72 26.24
N GLU A 1284 -24.36 -16.46 27.22
CA GLU A 1284 -23.26 -15.51 27.08
C GLU A 1284 -22.02 -16.27 26.61
N PHE A 1285 -21.69 -16.13 25.33
CA PHE A 1285 -20.55 -16.81 24.74
C PHE A 1285 -19.43 -15.78 24.55
N ASP A 1286 -18.30 -16.01 25.22
CA ASP A 1286 -17.17 -15.10 25.18
C ASP A 1286 -15.94 -15.83 24.66
N VAL A 1287 -15.18 -15.15 23.81
CA VAL A 1287 -13.90 -15.63 23.34
C VAL A 1287 -12.84 -14.57 23.65
N ALA A 1288 -11.77 -14.99 24.31
CA ALA A 1288 -10.69 -14.10 24.68
C ALA A 1288 -9.40 -14.88 24.68
N ALA A 1289 -8.35 -14.30 25.26
CA ALA A 1289 -7.08 -14.97 25.40
C ALA A 1289 -6.58 -14.79 26.83
N VAL A 1290 -5.85 -15.80 27.32
CA VAL A 1290 -5.27 -15.78 28.65
C VAL A 1290 -3.75 -15.79 28.49
N ASN A 1291 -3.08 -14.90 29.19
CA ASN A 1291 -1.66 -14.63 29.00
C ASN A 1291 -0.87 -15.05 30.24
N ILE A 1292 0.35 -15.51 30.01
CA ILE A 1292 1.30 -15.62 31.11
C ILE A 1292 1.72 -14.24 31.61
N GLN A 1293 1.63 -13.23 30.74
CA GLN A 1293 2.07 -11.88 31.08
C GLN A 1293 0.98 -11.04 31.73
N GLU A 1294 -0.28 -11.44 31.61
CA GLU A 1294 -1.39 -10.70 32.19
C GLU A 1294 -2.26 -11.52 33.13
N ASN A 1295 -2.27 -12.84 33.01
CA ASN A 1295 -3.21 -13.68 33.75
C ASN A 1295 -2.51 -14.68 34.66
N GLY A 1296 -1.30 -14.35 35.10
CA GLY A 1296 -0.61 -15.20 36.05
C GLY A 1296 -1.23 -15.24 37.43
N THR A 1297 -2.17 -14.34 37.71
CA THR A 1297 -2.87 -14.29 38.98
C THR A 1297 -4.38 -14.43 38.81
N LYS A 1298 -4.83 -15.03 37.70
CA LYS A 1298 -6.25 -15.18 37.44
C LYS A 1298 -6.93 -15.96 38.56
N CYS A 1299 -8.07 -15.44 39.04
CA CYS A 1299 -8.61 -15.91 40.31
C CYS A 1299 -9.12 -17.35 40.26
N PRO A 1300 -9.95 -17.75 39.29
CA PRO A 1300 -10.40 -19.16 39.28
C PRO A 1300 -9.21 -20.12 39.20
N VAL A 1301 -8.43 -20.01 38.12
CA VAL A 1301 -7.20 -20.76 37.96
C VAL A 1301 -6.14 -19.82 37.40
N ASN A 1302 -4.97 -19.80 38.03
CA ASN A 1302 -3.86 -19.05 37.46
C ASN A 1302 -3.47 -19.64 36.10
N TYR A 1303 -3.18 -18.78 35.14
CA TYR A 1303 -2.71 -19.26 33.85
C TYR A 1303 -1.28 -19.73 33.97
N VAL A 1304 -1.02 -20.95 33.50
CA VAL A 1304 0.31 -21.52 33.46
C VAL A 1304 0.50 -22.16 32.09
N MET A 1305 1.76 -22.32 31.71
CA MET A 1305 2.07 -22.98 30.45
C MET A 1305 1.73 -24.46 30.54
N PRO A 1306 1.27 -25.06 29.45
CA PRO A 1306 1.10 -26.50 29.43
C PRO A 1306 2.42 -27.20 29.66
N PRO A 1307 2.41 -28.38 30.27
CA PRO A 1307 3.67 -29.08 30.55
C PRO A 1307 4.51 -29.28 29.29
N GLY A 1308 5.78 -28.87 29.38
CA GLY A 1308 6.69 -28.96 28.26
C GLY A 1308 6.77 -27.71 27.41
N VAL A 1309 5.78 -26.83 27.49
CA VAL A 1309 5.77 -25.60 26.69
C VAL A 1309 6.66 -24.56 27.38
N GLN A 1310 7.55 -23.95 26.61
CA GLN A 1310 8.45 -22.92 27.11
C GLN A 1310 8.22 -21.62 26.35
N ARG A 1311 8.46 -20.51 27.03
CA ARG A 1311 8.37 -19.21 26.37
C ARG A 1311 9.51 -19.03 25.37
N GLU A 1312 9.17 -18.50 24.20
CA GLU A 1312 10.20 -18.19 23.20
C GLU A 1312 11.12 -17.10 23.72
N GLN A 1313 12.38 -17.16 23.31
CA GLN A 1313 13.42 -16.26 23.80
C GLN A 1313 14.12 -15.60 22.62
N LEU A 1314 14.25 -14.28 22.68
CA LEU A 1314 14.90 -13.50 21.63
C LEU A 1314 15.82 -12.46 22.25
N TYR A 1315 16.77 -11.98 21.44
CA TYR A 1315 17.68 -10.92 21.82
C TYR A 1315 17.15 -9.60 21.25
N ASN A 1316 16.85 -8.64 22.13
CA ASN A 1316 16.32 -7.37 21.66
C ASN A 1316 17.43 -6.35 21.46
N ASN A 1317 18.14 -5.98 22.53
CA ASN A 1317 19.39 -5.23 22.43
C ASN A 1317 20.34 -5.83 23.48
N ASN A 1318 21.06 -6.87 23.08
CA ASN A 1318 21.99 -7.59 23.97
C ASN A 1318 21.31 -8.07 25.25
N THR A 1319 19.99 -8.20 25.23
CA THR A 1319 19.23 -8.66 26.40
C THR A 1319 18.25 -9.74 25.96
N VAL A 1320 18.08 -10.75 26.82
CA VAL A 1320 17.18 -11.85 26.55
C VAL A 1320 15.76 -11.41 26.88
N ILE A 1321 14.86 -11.56 25.92
CA ILE A 1321 13.44 -11.22 26.10
C ILE A 1321 12.63 -12.49 25.98
N ASN A 1322 11.93 -12.84 27.06
CA ASN A 1322 11.01 -13.98 27.03
C ASN A 1322 9.72 -13.57 26.33
N GLN A 1323 9.32 -14.32 25.33
CA GLN A 1323 8.11 -13.99 24.59
C GLN A 1323 6.87 -14.44 25.37
N ASN A 1324 5.75 -13.82 25.04
CA ASN A 1324 4.48 -14.17 25.67
C ASN A 1324 4.05 -15.58 25.24
N GLU A 1325 3.32 -16.25 26.14
CA GLU A 1325 2.70 -17.53 25.85
C GLU A 1325 1.21 -17.41 26.09
N GLN A 1326 0.41 -17.76 25.09
CA GLN A 1326 -1.00 -17.43 25.07
C GLN A 1326 -1.85 -18.66 24.75
N ALA A 1327 -3.07 -18.66 25.28
CA ALA A 1327 -4.06 -19.68 24.98
C ALA A 1327 -5.38 -19.00 24.66
N LEU A 1328 -6.16 -19.63 23.79
CA LEU A 1328 -7.50 -19.14 23.44
C LEU A 1328 -8.48 -19.60 24.50
N ALA A 1329 -9.18 -18.66 25.12
CA ALA A 1329 -10.09 -18.95 26.22
C ALA A 1329 -11.53 -18.75 25.75
N VAL A 1330 -12.38 -19.73 26.06
CA VAL A 1330 -13.79 -19.69 25.71
C VAL A 1330 -14.59 -19.77 27.01
N ARG A 1331 -15.46 -18.80 27.22
CA ARG A 1331 -16.27 -18.71 28.44
C ARG A 1331 -17.74 -18.88 28.08
N ILE A 1332 -18.40 -19.82 28.74
CA ILE A 1332 -19.83 -20.07 28.55
C ILE A 1332 -20.54 -19.67 29.83
N GLY A 1333 -21.38 -18.65 29.75
CA GLY A 1333 -22.07 -18.15 30.93
C GLY A 1333 -23.54 -17.85 30.69
N GLY A 1334 -24.10 -16.94 31.47
CA GLY A 1334 -25.50 -16.60 31.35
C GLY A 1334 -26.42 -17.75 31.72
N ALA A 1335 -27.31 -18.12 30.79
CA ALA A 1335 -28.22 -19.23 31.04
C ALA A 1335 -27.54 -20.59 30.95
N GLY A 1336 -26.37 -20.65 30.31
CA GLY A 1336 -25.65 -21.90 30.16
C GLY A 1336 -26.07 -22.68 28.93
N LEU A 1337 -25.22 -23.63 28.57
CA LEU A 1337 -25.45 -24.43 27.36
C LEU A 1337 -26.56 -25.45 27.59
N GLN A 1338 -27.39 -25.64 26.56
CA GLN A 1338 -28.42 -26.67 26.59
C GLN A 1338 -27.76 -28.03 26.42
N TYR A 1339 -28.58 -29.08 26.30
CA TYR A 1339 -28.04 -30.44 26.23
C TYR A 1339 -27.14 -30.62 25.01
N GLN A 1340 -27.71 -30.47 23.81
CA GLN A 1340 -26.95 -30.69 22.58
C GLN A 1340 -26.46 -29.39 21.95
N ASP A 1341 -26.57 -28.27 22.65
CA ASP A 1341 -26.13 -27.01 22.10
C ASP A 1341 -24.61 -26.88 22.18
N SER A 1342 -24.06 -26.00 21.35
CA SER A 1342 -22.63 -25.81 21.29
C SER A 1342 -22.31 -24.38 20.85
N ARG A 1343 -21.14 -23.90 21.27
CA ARG A 1343 -20.63 -22.60 20.89
C ARG A 1343 -19.21 -22.76 20.39
N ALA A 1344 -18.86 -22.09 19.31
CA ALA A 1344 -17.58 -22.31 18.68
C ALA A 1344 -17.06 -21.04 18.06
N VAL A 1345 -15.74 -20.96 17.91
CA VAL A 1345 -15.08 -19.92 17.15
C VAL A 1345 -14.39 -20.57 15.96
N PHE A 1346 -14.14 -19.77 14.93
CA PHE A 1346 -13.63 -20.31 13.67
C PHE A 1346 -12.58 -19.39 13.09
N LYS A 1347 -11.75 -19.97 12.22
CA LYS A 1347 -10.70 -19.24 11.52
C LYS A 1347 -10.63 -19.74 10.09
N ASN A 1348 -10.51 -18.83 9.14
CA ASN A 1348 -10.28 -19.20 7.75
C ASN A 1348 -8.78 -19.35 7.51
N VAL A 1349 -8.37 -20.53 7.08
CA VAL A 1349 -6.96 -20.87 6.97
C VAL A 1349 -6.71 -21.56 5.62
N SER A 1350 -5.47 -21.97 5.42
CA SER A 1350 -5.08 -22.80 4.28
C SER A 1350 -3.93 -23.69 4.76
N VAL A 1351 -4.28 -24.90 5.21
CA VAL A 1351 -3.35 -25.78 5.90
C VAL A 1351 -3.34 -27.13 5.22
N ASP A 1352 -2.15 -27.63 4.89
CA ASP A 1352 -1.95 -28.97 4.35
C ASP A 1352 -1.26 -29.79 5.43
N MET A 1353 -1.97 -30.79 5.97
CA MET A 1353 -1.42 -31.64 7.01
C MET A 1353 -1.24 -33.08 6.56
N ARG A 1354 -1.10 -33.31 5.25
CA ARG A 1354 -0.91 -34.66 4.74
C ARG A 1354 0.48 -35.20 5.03
N GLN A 1355 1.46 -34.33 5.29
CA GLN A 1355 2.83 -34.77 5.57
C GLN A 1355 3.08 -35.01 7.06
N TYR A 1356 2.05 -34.91 7.89
CA TYR A 1356 2.19 -35.13 9.32
C TYR A 1356 1.17 -36.17 9.76
N LYS A 1357 1.51 -36.89 10.83
CA LYS A 1357 0.72 -38.03 11.26
C LYS A 1357 -0.25 -37.72 12.40
N LYS A 1358 0.01 -36.67 13.17
CA LYS A 1358 -0.76 -36.40 14.39
C LYS A 1358 -1.22 -34.95 14.43
N LEU A 1359 -2.43 -34.74 14.91
CA LEU A 1359 -2.95 -33.42 15.23
C LEU A 1359 -3.18 -33.34 16.74
N LYS A 1360 -2.60 -32.33 17.38
CA LYS A 1360 -2.58 -32.26 18.84
C LYS A 1360 -3.02 -30.89 19.32
N MET A 1361 -3.62 -30.85 20.50
CA MET A 1361 -3.98 -29.59 21.14
C MET A 1361 -4.16 -29.84 22.63
N PHE A 1362 -3.77 -28.84 23.42
CA PHE A 1362 -4.02 -28.86 24.86
C PHE A 1362 -5.39 -28.25 25.16
N LEU A 1363 -6.07 -28.81 26.15
CA LEU A 1363 -7.37 -28.31 26.56
C LEU A 1363 -7.43 -28.24 28.08
N HIS A 1364 -8.18 -27.25 28.58
CA HIS A 1364 -8.40 -27.05 30.00
C HIS A 1364 -9.85 -26.68 30.22
N ALA A 1365 -10.41 -27.14 31.35
CA ALA A 1365 -11.78 -26.83 31.70
C ALA A 1365 -11.85 -26.40 33.16
N GLU A 1366 -12.68 -25.41 33.44
CA GLU A 1366 -12.86 -24.91 34.80
C GLU A 1366 -14.28 -24.40 34.97
N SER A 1367 -14.72 -24.34 36.21
CA SER A 1367 -16.05 -23.82 36.51
C SER A 1367 -16.01 -22.29 36.63
N LEU A 1368 -17.17 -21.68 36.44
CA LEU A 1368 -17.29 -20.24 36.60
C LEU A 1368 -17.52 -19.88 38.06
N PRO A 1369 -16.83 -18.85 38.56
CA PRO A 1369 -17.07 -18.42 39.95
C PRO A 1369 -18.52 -17.97 40.14
N ASN A 1370 -19.05 -18.25 41.34
CA ASN A 1370 -20.42 -17.89 41.71
C ASN A 1370 -21.44 -18.54 40.79
N GLN A 1371 -21.12 -19.70 40.24
CA GLN A 1371 -22.00 -20.45 39.37
C GLN A 1371 -21.91 -21.92 39.75
N PRO A 1372 -22.92 -22.72 39.39
CA PRO A 1372 -22.87 -24.16 39.72
C PRO A 1372 -21.63 -24.81 39.09
N THR A 1373 -21.04 -25.72 39.86
CA THR A 1373 -19.78 -26.34 39.46
C THR A 1373 -19.98 -27.21 38.22
N LEU A 1374 -19.12 -27.02 37.22
CA LEU A 1374 -19.11 -27.88 36.05
C LEU A 1374 -18.47 -29.22 36.39
N GLU A 1375 -19.15 -30.31 36.03
CA GLU A 1375 -18.68 -31.65 36.34
C GLU A 1375 -17.95 -32.26 35.16
N ASP A 1376 -17.17 -33.30 35.46
CA ASP A 1376 -16.35 -33.95 34.44
C ASP A 1376 -17.22 -34.58 33.37
N ASP A 1377 -16.74 -34.47 32.12
CA ASP A 1377 -17.38 -35.09 30.96
C ASP A 1377 -18.79 -34.56 30.71
N GLU A 1378 -19.06 -33.33 31.15
CA GLU A 1378 -20.30 -32.65 30.81
C GLU A 1378 -20.13 -31.66 29.67
N MET A 1379 -19.01 -30.94 29.64
CA MET A 1379 -18.66 -30.07 28.52
C MET A 1379 -17.63 -30.76 27.66
N VAL A 1380 -17.85 -30.75 26.34
CA VAL A 1380 -16.99 -31.45 25.39
C VAL A 1380 -16.34 -30.41 24.48
N GLY A 1381 -15.02 -30.34 24.52
CA GLY A 1381 -14.30 -29.54 23.54
C GLY A 1381 -14.21 -30.30 22.22
N PHE A 1382 -14.34 -29.56 21.12
CA PHE A 1382 -14.32 -30.18 19.81
C PHE A 1382 -13.56 -29.33 18.81
N ILE A 1383 -12.81 -30.00 17.94
CA ILE A 1383 -12.25 -29.40 16.74
C ILE A 1383 -13.12 -29.82 15.57
N ARG A 1384 -13.56 -28.85 14.77
CA ARG A 1384 -14.25 -29.11 13.53
C ARG A 1384 -13.49 -28.40 12.42
N PHE A 1385 -12.95 -29.16 11.48
CA PHE A 1385 -12.15 -28.58 10.40
C PHE A 1385 -12.46 -29.28 9.09
N GLY A 1386 -12.31 -28.52 8.02
CA GLY A 1386 -12.60 -29.00 6.67
C GLY A 1386 -12.74 -27.81 5.73
N ASN A 1387 -13.61 -27.97 4.75
CA ASN A 1387 -13.92 -26.90 3.81
C ASN A 1387 -15.10 -26.05 4.25
N ASP A 1388 -15.77 -26.42 5.34
CA ASP A 1388 -16.87 -25.66 5.92
C ASP A 1388 -17.22 -26.32 7.25
N PHE A 1389 -18.21 -25.74 7.93
CA PHE A 1389 -18.63 -26.20 9.25
C PHE A 1389 -20.02 -26.84 9.23
N THR A 1390 -20.62 -27.00 8.05
CA THR A 1390 -21.96 -27.54 7.95
C THR A 1390 -22.09 -28.72 7.01
N GLN A 1391 -21.21 -28.86 6.02
CA GLN A 1391 -21.37 -29.92 5.03
C GLN A 1391 -20.14 -30.81 4.88
N ASN A 1392 -18.94 -30.25 4.96
CA ASN A 1392 -17.70 -30.99 4.70
C ASN A 1392 -16.73 -30.67 5.83
N PHE A 1393 -16.65 -31.55 6.83
CA PHE A 1393 -15.75 -31.33 7.95
C PHE A 1393 -15.47 -32.63 8.67
N TYR A 1394 -14.29 -32.70 9.28
CA TYR A 1394 -14.00 -33.68 10.31
C TYR A 1394 -14.44 -33.14 11.67
N GLN A 1395 -14.85 -34.04 12.54
CA GLN A 1395 -15.31 -33.68 13.88
C GLN A 1395 -14.52 -34.50 14.90
N VAL A 1396 -13.76 -33.82 15.74
CA VAL A 1396 -12.96 -34.46 16.79
C VAL A 1396 -13.46 -33.94 18.12
N GLU A 1397 -14.03 -34.82 18.93
CA GLU A 1397 -14.62 -34.45 20.21
C GLU A 1397 -13.88 -35.13 21.35
N ILE A 1398 -13.87 -34.46 22.51
CA ILE A 1398 -13.25 -35.03 23.71
C ILE A 1398 -14.02 -34.53 24.93
N PRO A 1399 -14.58 -35.43 25.75
CA PRO A 1399 -15.13 -35.01 27.03
C PRO A 1399 -14.03 -34.41 27.90
N LEU A 1400 -14.39 -33.35 28.63
CA LEU A 1400 -13.41 -32.55 29.35
C LEU A 1400 -13.49 -32.85 30.85
N LYS A 1401 -12.34 -33.16 31.44
CA LYS A 1401 -12.23 -33.21 32.89
C LYS A 1401 -12.03 -31.80 33.43
N VAL A 1402 -12.73 -31.49 34.51
CA VAL A 1402 -12.77 -30.13 35.04
C VAL A 1402 -11.69 -29.98 36.10
N THR A 1403 -10.88 -28.93 35.96
CA THR A 1403 -9.89 -28.61 36.98
C THR A 1403 -10.60 -28.19 38.27
N LYS A 1404 -10.19 -28.80 39.38
CA LYS A 1404 -10.83 -28.54 40.66
C LYS A 1404 -10.40 -27.18 41.18
N THR A 1405 -11.36 -26.30 41.40
CA THR A 1405 -11.13 -24.95 41.92
C THR A 1405 -11.73 -24.84 43.32
N GLY A 1406 -11.62 -23.65 43.90
CA GLY A 1406 -12.18 -23.39 45.21
C GLY A 1406 -11.15 -23.04 46.26
N GLY A 1407 -10.00 -23.70 46.21
CA GLY A 1407 -8.95 -23.43 47.18
C GLY A 1407 -7.96 -22.39 46.70
N SER A 1408 -6.69 -22.77 46.57
CA SER A 1408 -5.69 -21.85 46.08
C SER A 1408 -5.87 -21.62 44.58
N CYS A 1409 -5.64 -20.38 44.15
CA CYS A 1409 -5.74 -20.04 42.73
C CYS A 1409 -4.55 -20.56 41.94
N SER A 1410 -3.45 -20.89 42.60
CA SER A 1410 -2.26 -21.42 41.94
C SER A 1410 -2.37 -22.93 41.87
N ILE A 1411 -2.61 -23.45 40.67
CA ILE A 1411 -2.81 -24.88 40.44
C ILE A 1411 -1.71 -25.38 39.52
N SER A 1412 -1.20 -26.57 39.80
CA SER A 1412 -0.06 -27.10 39.08
C SER A 1412 -0.39 -27.23 37.59
N PRO A 1413 0.59 -27.01 36.70
CA PRO A 1413 0.29 -27.11 35.25
C PRO A 1413 -0.21 -28.46 34.83
N ASP A 1414 0.23 -29.54 35.48
CA ASP A 1414 -0.29 -30.87 35.13
C ASP A 1414 -1.76 -31.01 35.50
N LEU A 1415 -2.24 -30.19 36.44
CA LEU A 1415 -3.65 -30.19 36.79
C LEU A 1415 -4.45 -29.13 36.05
N VAL A 1416 -3.80 -28.06 35.59
CA VAL A 1416 -4.49 -27.10 34.72
C VAL A 1416 -4.71 -27.69 33.34
N TRP A 1417 -3.67 -28.30 32.78
CA TRP A 1417 -3.72 -28.92 31.46
C TRP A 1417 -3.59 -30.43 31.66
N MET A 1418 -4.71 -31.10 31.88
CA MET A 1418 -4.70 -32.53 32.08
C MET A 1418 -4.33 -33.25 30.78
N ASP A 1419 -3.46 -34.26 30.90
CA ASP A 1419 -3.17 -35.12 29.76
C ASP A 1419 -4.42 -35.86 29.29
N ASP A 1420 -5.34 -36.14 30.22
CA ASP A 1420 -6.60 -36.77 29.85
C ASP A 1420 -7.48 -35.86 29.00
N ASN A 1421 -7.27 -34.55 29.07
CA ASN A 1421 -8.04 -33.60 28.29
C ASN A 1421 -7.37 -33.22 26.98
N SER A 1422 -6.15 -33.67 26.75
CA SER A 1422 -5.43 -33.33 25.52
C SER A 1422 -6.00 -34.08 24.33
N ILE A 1423 -6.09 -33.40 23.19
CA ILE A 1423 -6.44 -34.06 21.94
C ILE A 1423 -5.16 -34.56 21.30
N ASP A 1424 -5.11 -35.86 21.03
CA ASP A 1424 -3.97 -36.49 20.37
C ASP A 1424 -4.56 -37.37 19.27
N LEU A 1425 -4.73 -36.78 18.09
CA LEU A 1425 -5.45 -37.42 16.99
C LEU A 1425 -4.48 -37.92 15.94
N ALA A 1426 -4.68 -39.17 15.51
CA ALA A 1426 -3.96 -39.72 14.38
C ALA A 1426 -4.81 -39.55 13.12
N LEU A 1427 -4.28 -38.83 12.13
CA LEU A 1427 -5.05 -38.54 10.92
C LEU A 1427 -5.35 -39.80 10.11
N ASP A 1428 -4.59 -40.87 10.31
CA ASP A 1428 -4.95 -42.15 9.71
C ASP A 1428 -6.31 -42.62 10.19
N LEU A 1429 -6.68 -42.31 11.44
CA LEU A 1429 -8.02 -42.61 11.92
C LEU A 1429 -9.06 -41.80 11.16
N LEU A 1430 -8.75 -40.54 10.83
CA LEU A 1430 -9.67 -39.76 10.00
C LEU A 1430 -9.82 -40.37 8.62
N THR A 1431 -8.71 -40.85 8.03
CA THR A 1431 -8.79 -41.52 6.73
C THR A 1431 -9.66 -42.77 6.81
N ARG A 1432 -9.48 -43.57 7.86
CA ARG A 1432 -10.28 -44.77 8.03
C ARG A 1432 -11.75 -44.43 8.20
N MET A 1433 -12.04 -43.38 8.98
CA MET A 1433 -13.42 -42.93 9.16
C MET A 1433 -14.03 -42.51 7.83
N LYS A 1434 -13.28 -41.77 7.02
CA LYS A 1434 -13.81 -41.31 5.73
C LYS A 1434 -14.05 -42.47 4.78
N ILE A 1435 -13.12 -43.43 4.74
CA ILE A 1435 -13.30 -44.60 3.89
C ILE A 1435 -14.52 -45.40 4.33
N LYS A 1436 -14.73 -45.54 5.64
CA LYS A 1436 -15.91 -46.23 6.14
C LYS A 1436 -17.18 -45.45 5.81
N ALA A 1437 -17.15 -44.13 5.93
CA ALA A 1437 -18.33 -43.31 5.67
C ALA A 1437 -18.66 -43.25 4.19
N MET A 1438 -17.72 -43.61 3.32
CA MET A 1438 -18.06 -43.77 1.91
C MET A 1438 -19.19 -44.77 1.71
N SER A 1439 -19.31 -45.76 2.59
CA SER A 1439 -20.34 -46.77 2.50
C SER A 1439 -21.60 -46.41 3.28
N ILE A 1440 -21.68 -45.22 3.86
CA ILE A 1440 -22.84 -44.76 4.60
C ILE A 1440 -23.51 -43.67 3.77
N ASP A 1441 -24.72 -43.95 3.29
CA ASP A 1441 -25.46 -42.96 2.54
C ASP A 1441 -25.96 -41.85 3.45
N ILE A 1442 -26.31 -40.71 2.85
CA ILE A 1442 -26.66 -39.52 3.61
C ILE A 1442 -27.99 -39.64 4.33
N ASN A 1443 -28.81 -40.63 3.99
CA ASN A 1443 -30.11 -40.82 4.64
C ASN A 1443 -30.09 -41.96 5.66
N SER A 1444 -28.92 -42.48 6.00
CA SER A 1444 -28.82 -43.61 6.91
C SER A 1444 -29.23 -43.21 8.32
N SER A 1445 -29.82 -44.17 9.04
CA SER A 1445 -30.09 -43.97 10.46
C SER A 1445 -28.81 -43.98 11.28
N LYS A 1446 -27.71 -44.46 10.70
CA LYS A 1446 -26.42 -44.44 11.39
C LYS A 1446 -25.84 -43.03 11.49
N ARG A 1447 -26.44 -42.06 10.81
CA ARG A 1447 -25.97 -40.68 10.84
C ARG A 1447 -26.73 -39.89 11.90
N ASP A 1448 -26.08 -38.82 12.38
CA ASP A 1448 -26.70 -37.95 13.37
C ASP A 1448 -27.79 -37.10 12.71
N VAL A 1449 -28.51 -36.34 13.53
CA VAL A 1449 -29.51 -35.42 13.00
C VAL A 1449 -28.86 -34.34 12.16
N ASN A 1450 -27.59 -34.02 12.44
CA ASN A 1450 -26.84 -33.05 11.67
C ASN A 1450 -26.17 -33.68 10.45
N GLY A 1451 -26.34 -34.97 10.22
CA GLY A 1451 -25.68 -35.66 9.14
C GLY A 1451 -24.29 -36.14 9.42
N ILE A 1452 -23.79 -35.95 10.64
CA ILE A 1452 -22.46 -36.40 11.02
C ILE A 1452 -22.49 -37.90 11.26
N TYR A 1453 -21.58 -38.62 10.62
CA TYR A 1453 -21.44 -40.05 10.83
C TYR A 1453 -20.44 -40.30 11.95
N TYR A 1454 -20.90 -40.90 13.04
CA TYR A 1454 -20.04 -41.24 14.17
C TYR A 1454 -19.79 -42.73 14.17
N PRO A 1455 -18.59 -43.20 13.82
CA PRO A 1455 -18.30 -44.64 13.87
C PRO A 1455 -18.49 -45.25 15.24
N ASP A 1456 -18.19 -44.51 16.31
CA ASP A 1456 -18.42 -45.02 17.66
C ASP A 1456 -19.90 -45.30 17.93
N ASN A 1457 -20.79 -44.65 17.20
CA ASN A 1457 -22.23 -44.84 17.36
C ASN A 1457 -22.78 -45.89 16.42
N ASP A 1458 -21.94 -46.58 15.65
CA ASP A 1458 -22.40 -47.55 14.68
C ASP A 1458 -22.42 -48.94 15.31
N PRO A 1459 -23.58 -49.54 15.55
CA PRO A 1459 -23.60 -50.90 16.12
C PRO A 1459 -22.95 -51.95 15.24
N ASP A 1460 -23.01 -51.77 13.91
CA ASP A 1460 -22.53 -52.78 12.98
C ASP A 1460 -21.04 -52.69 12.71
N LEU A 1461 -20.33 -51.75 13.34
CA LEU A 1461 -18.91 -51.57 13.13
C LEU A 1461 -18.16 -51.92 14.41
N GLU A 1462 -17.14 -52.77 14.29
CA GLU A 1462 -16.31 -53.19 15.40
C GLU A 1462 -15.05 -52.33 15.44
N GLY A 1463 -14.76 -51.75 16.61
CA GLY A 1463 -13.63 -50.89 16.80
C GLY A 1463 -13.96 -49.40 16.81
N GLY A 1464 -15.15 -49.02 16.37
CA GLY A 1464 -15.51 -47.61 16.37
C GLY A 1464 -14.61 -46.82 15.45
N ASP A 1465 -14.11 -45.68 15.93
CA ASP A 1465 -13.20 -44.85 15.17
C ASP A 1465 -11.73 -45.16 15.43
N GLY A 1466 -11.44 -46.17 16.25
CA GLY A 1466 -10.08 -46.54 16.54
C GLY A 1466 -9.41 -45.71 17.62
N ASP A 1467 -10.14 -44.81 18.28
CA ASP A 1467 -9.60 -44.00 19.35
C ASP A 1467 -10.55 -44.07 20.54
N GLY A 1468 -10.05 -44.59 21.67
CA GLY A 1468 -10.87 -44.70 22.87
C GLY A 1468 -11.03 -43.41 23.65
N LYS A 1469 -10.20 -42.41 23.36
CA LYS A 1469 -10.27 -41.12 24.04
C LYS A 1469 -11.09 -40.08 23.28
N LEU A 1470 -11.08 -40.12 21.96
CA LEU A 1470 -11.71 -39.11 21.12
C LEU A 1470 -12.92 -39.68 20.40
N THR A 1471 -13.96 -38.86 20.30
CA THR A 1471 -15.13 -39.18 19.48
C THR A 1471 -14.96 -38.50 18.13
N LEU A 1472 -14.90 -39.31 17.07
CA LEU A 1472 -14.61 -38.83 15.73
C LEU A 1472 -15.88 -38.78 14.91
N GLY A 1473 -16.00 -37.74 14.09
CA GLY A 1473 -17.16 -37.58 13.23
C GLY A 1473 -16.77 -37.02 11.88
N ILE A 1474 -17.62 -37.28 10.90
CA ILE A 1474 -17.42 -36.80 9.53
C ILE A 1474 -18.78 -36.67 8.87
N LYS A 1475 -18.92 -35.68 7.99
CA LYS A 1475 -20.17 -35.47 7.29
C LYS A 1475 -20.07 -35.64 5.78
N GLY A 1476 -19.20 -34.89 5.11
CA GLY A 1476 -19.36 -34.69 3.68
C GLY A 1476 -18.13 -34.71 2.79
N ASN A 1477 -17.14 -35.57 3.05
CA ASN A 1477 -15.89 -35.57 2.29
C ASN A 1477 -15.11 -34.28 2.50
N PRO A 1478 -14.59 -34.03 3.72
CA PRO A 1478 -13.62 -32.94 3.89
C PRO A 1478 -12.25 -33.33 3.37
N ASN A 1479 -11.28 -32.42 3.44
CA ASN A 1479 -9.94 -32.69 2.93
C ASN A 1479 -8.94 -32.01 3.84
N PHE A 1480 -8.18 -32.81 4.60
CA PHE A 1480 -7.13 -32.21 5.42
C PHE A 1480 -5.86 -31.98 4.63
N GLY A 1481 -5.85 -32.29 3.33
CA GLY A 1481 -4.79 -31.83 2.46
C GLY A 1481 -4.87 -30.36 2.13
N LEU A 1482 -6.07 -29.77 2.26
CA LEU A 1482 -6.22 -28.32 2.15
C LEU A 1482 -7.37 -27.93 3.07
N VAL A 1483 -7.03 -27.57 4.31
CA VAL A 1483 -8.04 -27.15 5.28
C VAL A 1483 -8.29 -25.66 5.09
N ARG A 1484 -9.50 -25.31 4.68
CA ARG A 1484 -9.90 -23.93 4.48
C ARG A 1484 -10.72 -23.37 5.63
N ASN A 1485 -11.01 -24.18 6.64
CA ASN A 1485 -11.91 -23.75 7.71
C ASN A 1485 -11.56 -24.51 8.98
N LEU A 1486 -11.14 -23.78 10.00
CA LEU A 1486 -10.75 -24.34 11.29
C LEU A 1486 -11.71 -23.83 12.35
N MET A 1487 -12.23 -24.74 13.17
CA MET A 1487 -13.17 -24.37 14.22
C MET A 1487 -12.92 -25.17 15.48
N VAL A 1488 -12.76 -24.47 16.60
CA VAL A 1488 -12.74 -25.08 17.92
C VAL A 1488 -13.94 -24.56 18.69
N GLY A 1489 -14.42 -25.36 19.63
CA GLY A 1489 -15.59 -24.95 20.40
C GLY A 1489 -15.86 -25.93 21.52
N VAL A 1490 -16.95 -25.67 22.22
CA VAL A 1490 -17.36 -26.49 23.35
C VAL A 1490 -18.75 -27.05 23.07
N LYS A 1491 -18.98 -28.27 23.54
CA LYS A 1491 -20.26 -28.95 23.39
C LYS A 1491 -20.67 -29.50 24.74
N SER A 1492 -21.97 -29.75 24.90
CA SER A 1492 -22.52 -30.22 26.15
C SER A 1492 -23.06 -31.65 26.00
N ARG A 1493 -22.95 -32.42 27.09
CA ARG A 1493 -23.59 -33.73 27.18
C ARG A 1493 -24.44 -33.88 28.43
N ALA A 1494 -24.46 -32.88 29.31
CA ALA A 1494 -25.34 -32.93 30.47
C ALA A 1494 -26.78 -32.81 30.01
N ASP A 1495 -27.56 -33.87 30.21
CA ASP A 1495 -28.89 -33.93 29.62
C ASP A 1495 -29.85 -32.97 30.33
N HIS A 1496 -30.11 -33.21 31.60
CA HIS A 1496 -31.04 -32.37 32.37
C HIS A 1496 -30.27 -31.35 33.21
N LYS A 1497 -29.55 -30.46 32.53
CA LYS A 1497 -28.74 -29.46 33.18
C LYS A 1497 -28.27 -28.45 32.14
N ASP A 1498 -28.15 -27.19 32.57
CA ASP A 1498 -27.52 -26.14 31.79
C ASP A 1498 -26.16 -25.85 32.42
N ILE A 1499 -25.11 -26.02 31.64
CA ILE A 1499 -23.74 -25.99 32.18
C ILE A 1499 -23.07 -24.69 31.80
N LYS A 1500 -22.20 -24.21 32.70
CA LYS A 1500 -21.37 -23.04 32.47
C LYS A 1500 -19.94 -23.37 32.86
N GLY A 1501 -18.99 -22.71 32.19
CA GLY A 1501 -17.60 -22.93 32.50
C GLY A 1501 -16.70 -22.16 31.55
N GLU A 1502 -15.40 -22.31 31.79
CA GLU A 1502 -14.38 -21.71 30.95
C GLU A 1502 -13.46 -22.82 30.42
N VAL A 1503 -13.18 -22.77 29.12
CA VAL A 1503 -12.36 -23.76 28.45
C VAL A 1503 -11.21 -23.04 27.74
N TRP A 1504 -10.00 -23.54 27.92
CA TRP A 1504 -8.81 -23.02 27.26
C TRP A 1504 -8.34 -23.98 26.19
N PHE A 1505 -7.95 -23.43 25.04
CA PHE A 1505 -7.31 -24.18 23.97
C PHE A 1505 -5.90 -23.63 23.76
N ASN A 1506 -4.93 -24.52 23.60
CA ASN A 1506 -3.54 -24.09 23.48
C ASN A 1506 -2.75 -25.07 22.63
N GLU A 1507 -1.83 -24.52 21.84
CA GLU A 1507 -0.83 -25.29 21.10
C GLU A 1507 -1.48 -26.32 20.17
N LEU A 1508 -2.31 -25.83 19.25
CA LEU A 1508 -2.84 -26.65 18.19
C LEU A 1508 -1.74 -26.85 17.13
N ARG A 1509 -1.32 -28.09 16.94
CA ARG A 1509 -0.09 -28.34 16.21
C ARG A 1509 -0.15 -29.67 15.48
N LEU A 1510 0.71 -29.80 14.47
CA LEU A 1510 0.90 -31.04 13.74
C LEU A 1510 2.22 -31.66 14.16
N ALA A 1511 2.21 -32.99 14.32
CA ALA A 1511 3.37 -33.70 14.82
C ALA A 1511 3.66 -34.91 13.94
N ASP A 1512 4.82 -35.52 14.16
CA ASP A 1512 5.24 -36.76 13.51
C ASP A 1512 5.29 -36.60 11.99
N LEU A 1513 6.24 -35.77 11.56
CA LEU A 1513 6.45 -35.53 10.13
C LEU A 1513 6.75 -36.83 9.39
N GLU A 1514 6.03 -37.04 8.29
CA GLU A 1514 6.25 -38.20 7.42
C GLU A 1514 7.45 -37.89 6.54
N ASN A 1515 8.64 -38.27 7.02
CA ASN A 1515 9.89 -37.86 6.41
C ASN A 1515 10.52 -38.95 5.56
N LYS A 1516 9.74 -39.96 5.15
CA LYS A 1516 10.21 -40.88 4.14
C LYS A 1516 10.49 -40.11 2.85
N GLY A 1517 11.64 -40.35 2.25
CA GLY A 1517 12.10 -39.58 1.12
C GLY A 1517 11.72 -40.19 -0.20
N GLY A 1518 12.54 -39.93 -1.20
CA GLY A 1518 12.31 -40.45 -2.53
C GLY A 1518 13.62 -40.48 -3.31
N MET A 1519 13.51 -40.87 -4.56
CA MET A 1519 14.67 -40.99 -5.43
C MET A 1519 14.34 -40.47 -6.81
N ALA A 1520 15.38 -40.16 -7.57
CA ALA A 1520 15.23 -39.73 -8.95
C ALA A 1520 16.42 -40.21 -9.75
N ALA A 1521 16.20 -40.42 -11.05
CA ALA A 1521 17.24 -40.88 -11.95
C ALA A 1521 17.12 -40.12 -13.27
N ILE A 1522 18.26 -39.71 -13.82
CA ILE A 1522 18.31 -38.98 -15.08
C ILE A 1522 19.36 -39.61 -15.97
N LEU A 1523 19.00 -39.83 -17.24
CA LEU A 1523 19.91 -40.37 -18.24
C LEU A 1523 19.96 -39.42 -19.42
N ASN A 1524 21.16 -39.01 -19.81
CA ASN A 1524 21.36 -38.06 -20.90
C ASN A 1524 22.26 -38.69 -21.95
N VAL A 1525 21.81 -38.64 -23.20
CA VAL A 1525 22.58 -39.12 -24.34
C VAL A 1525 22.70 -37.98 -25.34
N ASP A 1526 23.93 -37.56 -25.62
CA ASP A 1526 24.20 -36.49 -26.56
C ASP A 1526 25.20 -36.96 -27.59
N THR A 1527 24.89 -36.73 -28.86
CA THR A 1527 25.77 -37.12 -29.96
C THR A 1527 25.66 -36.14 -31.10
N ASN A 1528 26.72 -36.05 -31.90
CA ASN A 1528 26.74 -35.21 -33.09
C ASN A 1528 27.32 -36.01 -34.24
N MET A 1529 26.85 -35.72 -35.44
CA MET A 1529 27.25 -36.45 -36.66
C MET A 1529 27.95 -35.48 -37.59
N ALA A 1530 29.24 -35.25 -37.34
CA ALA A 1530 30.12 -34.47 -38.21
C ALA A 1530 29.48 -33.16 -38.67
N ASP A 1531 29.10 -32.34 -37.68
CA ASP A 1531 28.51 -31.01 -37.89
C ASP A 1531 27.31 -31.03 -38.84
N PHE A 1532 26.69 -32.19 -39.01
CA PHE A 1532 25.49 -32.33 -39.84
C PHE A 1532 24.24 -32.62 -39.03
N ALA A 1533 24.32 -33.55 -38.09
CA ALA A 1533 23.18 -33.91 -37.25
C ALA A 1533 23.63 -33.99 -35.80
N THR A 1534 22.76 -33.52 -34.91
CA THR A 1534 22.97 -33.62 -33.46
C THR A 1534 21.72 -34.20 -32.83
N VAL A 1535 21.90 -35.13 -31.90
CA VAL A 1535 20.81 -35.79 -31.20
C VAL A 1535 21.05 -35.65 -29.70
N SER A 1536 20.02 -35.19 -28.98
CA SER A 1536 20.08 -35.07 -27.52
C SER A 1536 18.84 -35.75 -26.95
N ALA A 1537 19.06 -36.79 -26.16
CA ALA A 1537 17.98 -37.54 -25.53
C ALA A 1537 18.16 -37.52 -24.02
N THR A 1538 17.06 -37.32 -23.30
CA THR A 1538 17.06 -37.29 -21.84
C THR A 1538 15.91 -38.12 -21.31
N GLY A 1539 16.20 -38.94 -20.30
CA GLY A 1539 15.18 -39.70 -19.62
C GLY A 1539 15.21 -39.43 -18.12
N ARG A 1540 14.06 -39.13 -17.54
CA ARG A 1540 13.97 -38.75 -16.14
C ARG A 1540 12.91 -39.59 -15.44
N LYS A 1541 13.26 -40.15 -14.28
CA LYS A 1541 12.32 -40.90 -13.46
C LYS A 1541 12.50 -40.46 -12.02
N SER A 1542 11.42 -40.02 -11.39
CA SER A 1542 11.43 -39.62 -9.99
C SER A 1542 10.24 -40.23 -9.27
N THR A 1543 10.45 -40.57 -8.00
CA THR A 1543 9.43 -41.22 -7.18
C THR A 1543 8.87 -40.25 -6.15
N ILE A 1544 7.82 -40.69 -5.48
CA ILE A 1544 7.18 -39.88 -4.45
C ILE A 1544 8.16 -39.66 -3.30
N GLY A 1545 8.27 -38.42 -2.85
CA GLY A 1545 9.14 -38.07 -1.75
C GLY A 1545 10.43 -37.39 -2.15
N PHE A 1546 10.80 -37.42 -3.43
CA PHE A 1546 11.98 -36.71 -3.89
C PHE A 1546 11.73 -35.21 -3.88
N GLY A 1547 12.79 -34.45 -4.07
CA GLY A 1547 12.69 -33.01 -4.13
C GLY A 1547 14.05 -32.37 -4.00
N SER A 1548 14.04 -31.04 -3.97
CA SER A 1548 15.25 -30.26 -3.80
C SER A 1548 15.63 -30.19 -2.32
N LEU A 1549 16.85 -29.72 -2.07
CA LEU A 1549 17.33 -29.58 -0.70
C LEU A 1549 16.50 -28.55 0.08
N GLU A 1550 16.12 -27.46 -0.58
CA GLU A 1550 15.43 -26.37 0.09
C GLU A 1550 13.94 -26.60 0.29
N GLN A 1551 13.36 -27.59 -0.39
CA GLN A 1551 11.92 -27.78 -0.37
C GLN A 1551 11.47 -28.35 0.98
N GLY A 1552 10.41 -27.77 1.53
CA GLY A 1552 9.88 -28.20 2.80
C GLY A 1552 8.92 -29.36 2.67
N ALA A 1553 8.17 -29.61 3.75
CA ALA A 1553 7.31 -30.78 3.82
C ALA A 1553 6.24 -30.76 2.75
N ASN A 1554 5.64 -29.59 2.49
CA ASN A 1554 4.57 -29.47 1.52
C ASN A 1554 5.04 -29.07 0.13
N GLU A 1555 6.35 -28.92 -0.08
CA GLU A 1555 6.88 -28.56 -1.38
C GLU A 1555 7.54 -29.70 -2.13
N ARG A 1556 7.97 -30.75 -1.42
CA ARG A 1556 8.62 -31.88 -2.09
C ARG A 1556 7.60 -32.65 -2.93
N ASP A 1557 8.13 -33.46 -3.84
CA ASP A 1557 7.28 -34.16 -4.81
C ASP A 1557 6.29 -35.08 -4.11
N ARG A 1558 5.02 -34.96 -4.50
CA ARG A 1558 3.97 -35.87 -4.07
C ARG A 1558 3.42 -36.66 -5.26
N GLU A 1559 4.31 -37.05 -6.17
CA GLU A 1559 3.91 -37.73 -7.39
C GLU A 1559 5.10 -38.44 -7.99
N ASP A 1560 4.83 -39.57 -8.64
CA ASP A 1560 5.82 -40.28 -9.45
C ASP A 1560 5.84 -39.68 -10.84
N VAL A 1561 7.04 -39.41 -11.36
CA VAL A 1561 7.20 -38.75 -12.66
C VAL A 1561 8.07 -39.62 -13.55
N GLN A 1562 7.60 -39.87 -14.77
CA GLN A 1562 8.37 -40.55 -15.80
C GLN A 1562 8.37 -39.67 -17.03
N GLN A 1563 9.55 -39.27 -17.49
CA GLN A 1563 9.68 -38.29 -18.55
C GLN A 1563 10.85 -38.65 -19.46
N TYR A 1564 10.63 -38.51 -20.77
CA TYR A 1564 11.72 -38.57 -21.74
C TYR A 1564 11.54 -37.45 -22.74
N ASN A 1565 12.64 -37.09 -23.39
CA ASN A 1565 12.63 -36.02 -24.37
C ASN A 1565 13.79 -36.23 -25.34
N ILE A 1566 13.50 -36.17 -26.63
CA ILE A 1566 14.50 -36.34 -27.68
C ILE A 1566 14.45 -35.12 -28.58
N VAL A 1567 15.60 -34.47 -28.76
CA VAL A 1567 15.74 -33.30 -29.62
C VAL A 1567 16.75 -33.64 -30.71
N THR A 1568 16.36 -33.46 -31.96
CA THR A 1568 17.19 -33.81 -33.10
C THR A 1568 17.32 -32.59 -34.00
N ASN A 1569 18.54 -32.28 -34.42
CA ASN A 1569 18.82 -31.15 -35.29
C ASN A 1569 19.59 -31.64 -36.51
N LEU A 1570 19.12 -31.27 -37.70
CA LEU A 1570 19.76 -31.62 -38.96
C LEU A 1570 20.01 -30.38 -39.79
N ASN A 1571 21.19 -30.33 -40.42
CA ASN A 1571 21.52 -29.29 -41.38
C ASN A 1571 21.31 -29.86 -42.78
N LEU A 1572 20.04 -29.88 -43.20
CA LEU A 1572 19.69 -30.49 -44.48
C LEU A 1572 20.28 -29.74 -45.66
N GLY A 1573 20.70 -28.49 -45.48
CA GLY A 1573 21.32 -27.76 -46.57
C GLY A 1573 22.66 -28.31 -46.97
N LYS A 1574 23.33 -29.03 -46.07
CA LYS A 1574 24.61 -29.64 -46.39
C LYS A 1574 24.48 -30.84 -47.30
N LEU A 1575 23.29 -31.42 -47.41
CA LEU A 1575 23.06 -32.53 -48.33
C LEU A 1575 23.05 -32.10 -49.78
N LEU A 1576 23.04 -30.80 -50.05
CA LEU A 1576 23.12 -30.14 -51.34
C LEU A 1576 24.53 -29.61 -51.59
N PRO A 1577 24.95 -29.47 -52.84
CA PRO A 1577 26.31 -28.98 -53.12
C PRO A 1577 26.52 -27.59 -52.56
N LYS A 1578 27.73 -27.35 -52.05
CA LYS A 1578 28.05 -26.08 -51.41
C LYS A 1578 28.22 -24.94 -52.40
N LYS A 1579 28.28 -25.23 -53.71
CA LYS A 1579 28.48 -24.17 -54.68
C LYS A 1579 27.32 -23.20 -54.70
N TRP A 1580 26.10 -23.66 -54.40
CA TRP A 1580 25.00 -22.78 -54.06
C TRP A 1580 24.63 -23.05 -52.60
N GLY A 1581 24.63 -22.00 -51.79
CA GLY A 1581 24.47 -22.15 -50.36
C GLY A 1581 23.04 -22.15 -49.87
N ILE A 1582 22.55 -23.31 -49.46
CA ILE A 1582 21.20 -23.46 -48.92
C ILE A 1582 21.32 -23.71 -47.42
N ASN A 1583 20.66 -22.87 -46.64
CA ASN A 1583 20.56 -23.07 -45.20
C ASN A 1583 19.21 -23.72 -44.91
N LEU A 1584 19.22 -24.99 -44.52
CA LEU A 1584 18.01 -25.77 -44.29
C LEU A 1584 18.12 -26.49 -42.95
N PRO A 1585 18.02 -25.75 -41.84
CA PRO A 1585 18.09 -26.39 -40.52
C PRO A 1585 16.76 -27.06 -40.17
N PHE A 1586 16.83 -28.33 -39.79
CA PHE A 1586 15.66 -29.11 -39.41
C PHE A 1586 15.75 -29.47 -37.95
N ASN A 1587 14.70 -29.13 -37.19
CA ASN A 1587 14.63 -29.43 -35.77
C ASN A 1587 13.41 -30.31 -35.51
N TYR A 1588 13.63 -31.41 -34.80
CA TYR A 1588 12.57 -32.34 -34.43
C TYR A 1588 12.70 -32.66 -32.95
N ALA A 1589 11.66 -32.34 -32.19
CA ALA A 1589 11.63 -32.59 -30.75
C ALA A 1589 10.40 -33.40 -30.40
N ILE A 1590 10.60 -34.48 -29.65
CA ILE A 1590 9.51 -35.33 -29.19
C ILE A 1590 9.78 -35.69 -27.73
N GLY A 1591 8.72 -35.69 -26.93
CA GLY A 1591 8.86 -36.05 -25.53
C GLY A 1591 7.49 -36.21 -24.90
N GLU A 1592 7.46 -37.02 -23.85
CA GLU A 1592 6.22 -37.24 -23.11
C GLU A 1592 6.55 -37.37 -21.63
N GLU A 1593 5.56 -37.04 -20.81
CA GLU A 1593 5.71 -37.07 -19.36
C GLU A 1593 4.48 -37.72 -18.75
N VAL A 1594 4.70 -38.67 -17.85
CA VAL A 1594 3.63 -39.35 -17.12
C VAL A 1594 3.82 -39.07 -15.63
N ILE A 1595 2.78 -38.53 -15.00
CA ILE A 1595 2.82 -38.17 -13.59
C ILE A 1595 1.70 -38.90 -12.87
N THR A 1596 2.07 -39.69 -11.86
CA THR A 1596 1.11 -40.41 -11.03
C THR A 1596 1.12 -39.82 -9.63
N PRO A 1597 0.02 -39.25 -9.15
CA PRO A 1597 0.03 -38.59 -7.85
C PRO A 1597 0.00 -39.56 -6.68
N GLU A 1598 0.61 -39.13 -5.57
CA GLU A 1598 0.57 -39.92 -4.35
C GLU A 1598 -0.86 -40.05 -3.83
N TYR A 1599 -1.60 -38.95 -3.81
CA TYR A 1599 -2.96 -38.93 -3.30
C TYR A 1599 -3.94 -38.93 -4.46
N ASP A 1600 -5.04 -39.67 -4.29
CA ASP A 1600 -6.09 -39.65 -5.29
C ASP A 1600 -6.61 -38.23 -5.44
N PRO A 1601 -6.73 -37.70 -6.65
CA PRO A 1601 -7.23 -36.33 -6.81
C PRO A 1601 -8.61 -36.13 -6.22
N PHE A 1602 -9.48 -37.13 -6.31
CA PHE A 1602 -10.71 -37.10 -5.54
C PHE A 1602 -10.41 -37.39 -4.07
N ASN A 1603 -11.09 -36.65 -3.19
CA ASN A 1603 -10.96 -36.68 -1.73
C ASN A 1603 -9.64 -36.11 -1.24
N GLN A 1604 -8.65 -35.99 -2.13
CA GLN A 1604 -7.48 -35.15 -1.95
C GLN A 1604 -6.60 -35.50 -0.75
N ASP A 1605 -7.04 -36.43 0.10
CA ASP A 1605 -6.30 -36.74 1.30
C ASP A 1605 -6.15 -38.23 1.57
N ILE A 1606 -6.63 -39.09 0.68
CA ILE A 1606 -6.41 -40.52 0.75
C ILE A 1606 -5.39 -40.89 -0.33
N LYS A 1607 -4.37 -41.64 0.07
CA LYS A 1607 -3.37 -42.07 -0.90
C LYS A 1607 -4.00 -42.94 -1.97
N LEU A 1608 -3.52 -42.80 -3.20
CA LEU A 1608 -4.15 -43.43 -4.35
C LEU A 1608 -4.20 -44.95 -4.21
N ASP A 1609 -3.09 -45.55 -3.78
CA ASP A 1609 -3.04 -47.00 -3.65
C ASP A 1609 -4.00 -47.51 -2.58
N GLN A 1610 -4.08 -46.79 -1.46
CA GLN A 1610 -5.00 -47.20 -0.40
C GLN A 1610 -6.45 -47.15 -0.86
N LEU A 1611 -6.83 -46.09 -1.58
CA LEU A 1611 -8.18 -46.00 -2.09
C LEU A 1611 -8.45 -47.08 -3.13
N ILE A 1612 -7.47 -47.37 -3.99
CA ILE A 1612 -7.65 -48.42 -4.99
C ILE A 1612 -7.86 -49.76 -4.31
N ARG A 1613 -7.08 -50.05 -3.27
CA ARG A 1613 -7.22 -51.33 -2.57
C ARG A 1613 -8.59 -51.46 -1.92
N GLU A 1614 -9.05 -50.41 -1.25
CA GLU A 1614 -10.29 -50.45 -0.48
C GLU A 1614 -11.46 -49.87 -1.30
N THR A 1615 -11.72 -50.47 -2.45
CA THR A 1615 -12.81 -50.06 -3.33
C THR A 1615 -13.83 -51.16 -3.57
N THR A 1616 -13.37 -52.39 -3.81
CA THR A 1616 -14.24 -53.55 -4.01
C THR A 1616 -15.21 -53.35 -5.18
N ASP A 1617 -14.72 -52.74 -6.26
CA ASP A 1617 -15.50 -52.61 -7.49
C ASP A 1617 -14.51 -52.38 -8.62
N GLN A 1618 -14.48 -53.31 -9.59
CA GLN A 1618 -13.43 -53.28 -10.61
C GLN A 1618 -13.54 -52.03 -11.49
N ALA A 1619 -14.77 -51.68 -11.90
CA ALA A 1619 -14.94 -50.49 -12.73
C ALA A 1619 -14.53 -49.23 -11.97
N GLU A 1620 -14.88 -49.15 -10.70
CA GLU A 1620 -14.45 -48.02 -9.87
C GLU A 1620 -12.93 -48.02 -9.70
N LYS A 1621 -12.33 -49.21 -9.55
CA LYS A 1621 -10.87 -49.29 -9.47
C LYS A 1621 -10.23 -48.73 -10.73
N ASP A 1622 -10.72 -49.13 -11.90
CA ASP A 1622 -10.15 -48.64 -13.15
C ASP A 1622 -10.35 -47.14 -13.30
N ASN A 1623 -11.53 -46.64 -12.95
CA ASN A 1623 -11.78 -45.20 -13.06
C ASN A 1623 -10.83 -44.42 -12.14
N ILE A 1624 -10.67 -44.89 -10.91
CA ILE A 1624 -9.79 -44.21 -9.96
C ILE A 1624 -8.35 -44.23 -10.47
N ARG A 1625 -7.91 -45.38 -10.99
CA ARG A 1625 -6.54 -45.49 -11.47
C ARG A 1625 -6.30 -44.59 -12.68
N THR A 1626 -7.25 -44.53 -13.62
CA THR A 1626 -7.02 -43.81 -14.86
C THR A 1626 -7.20 -42.30 -14.72
N ARG A 1627 -8.17 -41.86 -13.91
CA ARG A 1627 -8.40 -40.43 -13.76
C ARG A 1627 -7.26 -39.71 -13.07
N ALA A 1628 -6.43 -40.42 -12.31
CA ALA A 1628 -5.34 -39.78 -11.58
C ALA A 1628 -4.11 -39.54 -12.44
N ILE A 1629 -3.99 -40.22 -13.58
CA ILE A 1629 -2.77 -40.11 -14.39
C ILE A 1629 -2.73 -38.76 -15.08
N ASP A 1630 -1.59 -38.07 -14.93
CA ASP A 1630 -1.34 -36.80 -15.62
C ASP A 1630 -0.34 -37.08 -16.74
N TYR A 1631 -0.82 -37.08 -17.98
CA TYR A 1631 -0.04 -37.44 -19.14
C TYR A 1631 0.09 -36.25 -20.07
N THR A 1632 1.31 -35.98 -20.54
CA THR A 1632 1.57 -34.92 -21.50
C THR A 1632 2.49 -35.45 -22.57
N LYS A 1633 2.15 -35.20 -23.84
CA LYS A 1633 2.98 -35.57 -24.97
C LYS A 1633 3.24 -34.34 -25.82
N ARG A 1634 4.51 -34.10 -26.17
CA ARG A 1634 4.91 -32.92 -26.91
C ARG A 1634 5.66 -33.31 -28.18
N LYS A 1635 5.30 -32.68 -29.29
CA LYS A 1635 5.98 -32.86 -30.56
C LYS A 1635 6.25 -31.49 -31.18
N SER A 1636 7.45 -31.32 -31.73
CA SER A 1636 7.87 -30.05 -32.30
C SER A 1636 8.67 -30.31 -33.57
N ILE A 1637 8.19 -29.77 -34.69
CA ILE A 1637 8.89 -29.85 -35.98
C ILE A 1637 9.13 -28.44 -36.47
N ASN A 1638 10.38 -28.12 -36.80
CA ASN A 1638 10.76 -26.75 -37.10
C ASN A 1638 11.63 -26.68 -38.35
N PHE A 1639 11.41 -25.64 -39.15
CA PHE A 1639 12.18 -25.31 -40.35
C PHE A 1639 12.51 -23.83 -40.34
N ILE A 1640 13.03 -23.33 -39.23
CA ILE A 1640 13.19 -21.90 -39.04
C ILE A 1640 14.51 -21.45 -39.67
N GLY A 1641 14.44 -20.43 -40.51
CA GLY A 1641 15.63 -19.82 -41.08
C GLY A 1641 16.05 -20.36 -42.43
N VAL A 1642 15.11 -20.83 -43.25
CA VAL A 1642 15.45 -21.36 -44.56
C VAL A 1642 15.75 -20.19 -45.50
N ARG A 1643 16.95 -20.17 -46.05
CA ARG A 1643 17.36 -19.11 -46.97
C ARG A 1643 18.51 -19.62 -47.83
N LYS A 1644 18.72 -18.93 -48.95
CA LYS A 1644 19.81 -19.23 -49.86
C LYS A 1644 20.90 -18.19 -49.71
N ASP A 1645 22.12 -18.64 -49.44
CA ASP A 1645 23.24 -17.74 -49.25
C ASP A 1645 23.76 -17.21 -50.58
N ARG A 1646 24.35 -16.01 -50.54
CA ARG A 1646 24.96 -15.43 -51.72
C ARG A 1646 26.33 -16.06 -51.97
N ALA A 1647 26.57 -16.47 -53.20
CA ALA A 1647 27.93 -16.84 -53.62
C ALA A 1647 28.80 -15.59 -53.60
N PRO A 1648 30.12 -15.74 -53.39
CA PRO A 1648 30.93 -14.61 -52.93
C PRO A 1648 31.09 -13.47 -53.93
N GLU A 1649 30.61 -13.59 -55.17
CA GLU A 1649 30.74 -12.46 -56.10
C GLU A 1649 29.54 -12.48 -57.07
N GLN A 1650 28.50 -11.74 -56.71
CA GLN A 1650 27.39 -11.44 -57.60
C GLN A 1650 26.84 -10.06 -57.28
N LYS A 1651 26.19 -9.46 -58.27
CA LYS A 1651 25.46 -8.22 -58.03
C LYS A 1651 24.08 -8.53 -57.49
N PRO A 1652 23.67 -7.92 -56.37
CA PRO A 1652 22.31 -8.14 -55.87
C PRO A 1652 21.26 -7.73 -56.90
N HIS A 1653 20.16 -8.48 -56.91
CA HIS A 1653 19.06 -8.21 -57.82
C HIS A 1653 17.75 -8.25 -57.06
N VAL A 1654 16.76 -7.49 -57.57
CA VAL A 1654 15.50 -7.36 -56.86
C VAL A 1654 14.71 -8.67 -56.89
N TYR A 1655 14.87 -9.47 -57.94
CA TYR A 1655 14.15 -10.72 -58.10
C TYR A 1655 14.92 -11.92 -57.60
N ASP A 1656 16.05 -11.70 -56.94
CA ASP A 1656 16.87 -12.81 -56.44
C ASP A 1656 16.11 -13.61 -55.40
N ILE A 1657 16.31 -14.94 -55.42
CA ILE A 1657 15.73 -15.78 -54.38
C ILE A 1657 16.55 -15.73 -53.11
N GLU A 1658 17.74 -15.11 -53.16
CA GLU A 1658 18.52 -14.92 -51.95
C GLU A 1658 17.92 -13.86 -51.02
N ASN A 1659 16.97 -13.07 -51.52
CA ASN A 1659 16.33 -12.04 -50.71
C ASN A 1659 15.19 -12.59 -49.87
N PHE A 1660 14.88 -13.87 -49.99
CA PHE A 1660 13.76 -14.49 -49.27
C PHE A 1660 14.27 -15.29 -48.09
N THR A 1661 13.40 -15.43 -47.09
CA THR A 1661 13.64 -16.29 -45.94
C THR A 1661 12.35 -17.00 -45.58
N PHE A 1662 12.45 -18.28 -45.27
CA PHE A 1662 11.30 -19.11 -44.95
C PHE A 1662 11.46 -19.72 -43.56
N SER A 1663 10.36 -19.77 -42.82
CA SER A 1663 10.33 -20.36 -41.49
C SER A 1663 9.04 -21.14 -41.33
N GLN A 1664 9.15 -22.38 -40.83
CA GLN A 1664 8.00 -23.22 -40.57
C GLN A 1664 8.16 -23.87 -39.21
N SER A 1665 7.14 -23.72 -38.36
CA SER A 1665 7.15 -24.28 -37.02
C SER A 1665 5.84 -25.03 -36.78
N TYR A 1666 5.96 -26.25 -36.27
CA TYR A 1666 4.80 -27.06 -35.90
C TYR A 1666 4.97 -27.55 -34.48
N ASN A 1667 3.95 -27.37 -33.67
CA ASN A 1667 3.96 -27.82 -32.28
C ASN A 1667 2.64 -28.51 -31.96
N GLN A 1668 2.73 -29.64 -31.27
CA GLN A 1668 1.55 -30.41 -30.89
C GLN A 1668 1.70 -30.86 -29.45
N VAL A 1669 0.66 -30.66 -28.64
CA VAL A 1669 0.64 -31.09 -27.25
C VAL A 1669 -0.61 -31.93 -27.04
N GLU A 1670 -0.42 -33.15 -26.54
CA GLU A 1670 -1.51 -34.04 -26.15
C GLU A 1670 -1.46 -34.25 -24.65
N ARG A 1671 -2.58 -34.03 -23.97
CA ARG A 1671 -2.65 -34.18 -22.53
C ARG A 1671 -3.95 -34.85 -22.13
N HIS A 1672 -3.90 -35.55 -21.00
CA HIS A 1672 -5.09 -35.96 -20.29
C HIS A 1672 -4.71 -36.14 -18.82
N ASP A 1673 -5.52 -35.58 -17.94
CA ASP A 1673 -5.25 -35.63 -16.50
C ASP A 1673 -6.57 -35.63 -15.77
N TYR A 1674 -6.54 -35.31 -14.48
CA TYR A 1674 -7.74 -35.38 -13.66
C TYR A 1674 -8.81 -34.39 -14.13
N GLU A 1675 -8.41 -33.30 -14.79
CA GLU A 1675 -9.36 -32.28 -15.19
C GLU A 1675 -9.84 -32.41 -16.63
N VAL A 1676 -9.00 -32.88 -17.54
CA VAL A 1676 -9.38 -33.06 -18.94
C VAL A 1676 -9.19 -34.51 -19.33
N ALA A 1677 -10.24 -35.12 -19.89
CA ALA A 1677 -10.13 -36.49 -20.39
C ALA A 1677 -9.37 -36.53 -21.70
N ASP A 1678 -9.40 -35.45 -22.48
CA ASP A 1678 -8.72 -35.40 -23.76
C ASP A 1678 -8.38 -33.95 -24.08
N TYR A 1679 -7.10 -33.65 -24.18
CA TYR A 1679 -6.61 -32.31 -24.49
C TYR A 1679 -5.62 -32.40 -25.63
N GLU A 1680 -5.85 -31.61 -26.68
CA GLU A 1680 -4.93 -31.54 -27.80
C GLU A 1680 -4.74 -30.10 -28.23
N ASP A 1681 -3.49 -29.66 -28.29
CA ASP A 1681 -3.15 -28.30 -28.72
C ASP A 1681 -2.21 -28.40 -29.92
N GLU A 1682 -2.62 -27.82 -31.04
CA GLU A 1682 -1.86 -27.84 -32.27
C GLU A 1682 -1.61 -26.42 -32.74
N GLN A 1683 -0.35 -26.12 -33.07
CA GLN A 1683 0.03 -24.80 -33.56
C GLN A 1683 0.95 -24.97 -34.78
N SER A 1684 0.63 -24.25 -35.85
CA SER A 1684 1.42 -24.26 -37.07
C SER A 1684 1.70 -22.82 -37.47
N ASN A 1685 2.98 -22.52 -37.76
CA ASN A 1685 3.41 -21.18 -38.11
C ASN A 1685 4.27 -21.25 -39.36
N SER A 1686 3.79 -20.63 -40.45
CA SER A 1686 4.55 -20.54 -41.70
C SER A 1686 4.83 -19.08 -41.99
N ALA A 1687 6.09 -18.74 -42.18
CA ALA A 1687 6.50 -17.37 -42.41
C ALA A 1687 7.43 -17.28 -43.62
N VAL A 1688 7.19 -16.28 -44.47
CA VAL A 1688 8.04 -15.98 -45.61
C VAL A 1688 8.42 -14.52 -45.52
N ASN A 1689 9.73 -14.24 -45.50
CA ASN A 1689 10.24 -12.88 -45.36
C ASN A 1689 10.98 -12.49 -46.63
N TYR A 1690 10.82 -11.24 -47.05
CA TYR A 1690 11.54 -10.70 -48.20
C TYR A 1690 12.02 -9.29 -47.88
N ALA A 1691 13.28 -9.01 -48.21
CA ALA A 1691 13.85 -7.69 -48.01
C ALA A 1691 14.94 -7.45 -49.03
N TYR A 1692 14.89 -6.29 -49.68
CA TYR A 1692 15.90 -5.93 -50.67
C TYR A 1692 16.16 -4.42 -50.58
N THR A 1693 17.43 -4.05 -50.52
CA THR A 1693 17.86 -2.65 -50.47
C THR A 1693 18.46 -2.29 -51.82
N PHE A 1694 17.80 -1.39 -52.55
CA PHE A 1694 18.31 -0.94 -53.83
C PHE A 1694 19.60 -0.15 -53.63
N GLN A 1695 20.59 -0.42 -54.49
CA GLN A 1695 21.83 0.33 -54.44
C GLN A 1695 21.92 1.28 -55.64
N PRO A 1696 22.56 2.45 -55.46
CA PRO A 1696 22.69 3.44 -56.53
C PRO A 1696 23.65 2.98 -57.63
N ASN A 1721 9.62 16.77 -62.19
CA ASN A 1721 10.04 15.37 -62.14
C ASN A 1721 10.90 15.09 -60.91
N PHE A 1722 10.92 13.83 -60.49
CA PHE A 1722 11.67 13.40 -59.31
C PHE A 1722 11.83 11.89 -59.36
N ASN A 1723 12.73 11.40 -58.50
CA ASN A 1723 13.08 9.98 -58.50
C ASN A 1723 11.88 9.13 -58.11
N TYR A 1724 11.78 7.96 -58.75
CA TYR A 1724 10.72 7.00 -58.46
C TYR A 1724 11.24 5.61 -58.13
N LEU A 1725 12.54 5.40 -58.12
CA LEU A 1725 13.09 4.09 -57.76
C LEU A 1725 13.09 3.93 -56.25
N PRO A 1726 12.42 2.91 -55.71
CA PRO A 1726 12.41 2.74 -54.25
C PRO A 1726 13.81 2.52 -53.70
N SER A 1727 14.05 3.03 -52.49
CA SER A 1727 15.32 2.80 -51.82
C SER A 1727 15.42 1.38 -51.27
N ASN A 1728 14.31 0.85 -50.75
CA ASN A 1728 14.28 -0.52 -50.26
C ASN A 1728 12.85 -1.03 -50.32
N ILE A 1729 12.72 -2.36 -50.33
CA ILE A 1729 11.42 -3.02 -50.35
C ILE A 1729 11.41 -4.07 -49.25
N SER A 1730 10.31 -4.13 -48.50
CA SER A 1730 10.13 -5.12 -47.46
C SER A 1730 8.76 -5.76 -47.59
N PHE A 1731 8.68 -7.04 -47.24
CA PHE A 1731 7.44 -7.80 -47.35
C PHE A 1731 7.61 -9.10 -46.60
N ASN A 1732 6.60 -9.48 -45.82
CA ASN A 1732 6.61 -10.78 -45.19
C ASN A 1732 5.17 -11.26 -44.98
N THR A 1733 5.00 -12.58 -45.05
CA THR A 1733 3.69 -13.22 -44.89
C THR A 1733 3.78 -14.26 -43.79
N ASN A 1734 2.73 -14.34 -42.99
CA ASN A 1734 2.67 -15.29 -41.87
C ASN A 1734 1.33 -16.01 -41.88
N ILE A 1735 1.38 -17.34 -41.84
CA ILE A 1735 0.21 -18.17 -41.65
C ILE A 1735 0.30 -18.77 -40.25
N LEU A 1736 -0.61 -18.39 -39.38
CA LEU A 1736 -0.64 -18.85 -37.99
C LEU A 1736 -1.94 -19.60 -37.75
N ARG A 1737 -1.85 -20.85 -37.32
CA ARG A 1737 -3.01 -21.69 -37.08
C ARG A 1737 -2.86 -22.37 -35.72
N GLN A 1738 -3.72 -22.01 -34.78
CA GLN A 1738 -3.77 -22.63 -33.47
C GLN A 1738 -5.07 -23.38 -33.31
N SER A 1739 -4.98 -24.66 -32.97
CA SER A 1739 -6.14 -25.51 -32.76
C SER A 1739 -6.10 -26.06 -31.34
N ASN A 1740 -7.22 -25.96 -30.63
CA ASN A 1740 -7.32 -26.41 -29.25
C ASN A 1740 -8.57 -27.24 -29.08
N ARG A 1741 -8.41 -28.44 -28.54
CA ARG A 1741 -9.53 -29.30 -28.18
C ARG A 1741 -9.45 -29.62 -26.70
N GLN A 1742 -10.57 -29.42 -25.99
CA GLN A 1742 -10.63 -29.61 -24.55
C GLN A 1742 -11.86 -30.43 -24.22
N GLN A 1743 -11.65 -31.64 -23.70
CA GLN A 1743 -12.73 -32.49 -23.22
C GLN A 1743 -12.52 -32.69 -21.72
N PHE A 1744 -13.29 -31.96 -20.91
CA PHE A 1744 -13.24 -32.14 -19.47
C PHE A 1744 -13.79 -33.49 -19.09
N ARG A 1745 -13.14 -34.15 -18.12
CA ARG A 1745 -13.49 -35.50 -17.76
C ARG A 1745 -14.62 -35.54 -16.74
N GLU A 1746 -15.38 -36.64 -16.77
CA GLU A 1746 -16.32 -36.94 -15.70
C GLU A 1746 -15.58 -37.72 -14.63
N VAL A 1747 -15.44 -37.13 -13.45
CA VAL A 1747 -14.65 -37.77 -12.40
C VAL A 1747 -15.38 -38.96 -11.79
N GLU A 1748 -16.72 -38.97 -11.83
CA GLU A 1748 -17.47 -40.05 -11.21
C GLU A 1748 -17.32 -41.35 -11.99
N VAL A 1749 -17.50 -41.30 -13.31
CA VAL A 1749 -17.40 -42.49 -14.16
C VAL A 1749 -16.77 -42.09 -15.48
N GLU A 1750 -16.01 -43.00 -16.06
CA GLU A 1750 -15.39 -42.79 -17.37
C GLU A 1750 -16.26 -43.34 -18.49
N GLY A 1751 -17.53 -42.94 -18.51
CA GLY A 1751 -18.46 -43.47 -19.48
C GLY A 1751 -18.63 -42.63 -20.73
N ILE A 1752 -18.91 -41.34 -20.56
CA ILE A 1752 -19.17 -40.47 -21.70
C ILE A 1752 -18.26 -39.25 -21.68
N GLY A 1753 -18.26 -38.51 -20.57
CA GLY A 1753 -17.49 -37.29 -20.45
C GLY A 1753 -18.23 -36.09 -21.04
N LEU A 1754 -17.66 -34.92 -20.79
CA LEU A 1754 -18.24 -33.68 -21.27
C LEU A 1754 -18.01 -33.52 -22.78
N ASP A 1755 -18.87 -32.73 -23.40
CA ASP A 1755 -18.72 -32.45 -24.82
C ASP A 1755 -17.42 -31.67 -25.06
N PRO A 1756 -16.62 -32.05 -26.05
CA PRO A 1756 -15.34 -31.33 -26.27
C PRO A 1756 -15.56 -29.91 -26.72
N LEU A 1757 -14.63 -29.04 -26.31
CA LEU A 1757 -14.65 -27.63 -26.67
C LEU A 1757 -13.52 -27.34 -27.64
N TYR A 1758 -13.83 -26.62 -28.71
CA TYR A 1758 -12.88 -26.35 -29.78
C TYR A 1758 -12.56 -24.86 -29.84
N ARG A 1759 -11.26 -24.54 -29.80
CA ARG A 1759 -10.78 -23.20 -30.07
C ARG A 1759 -9.88 -23.24 -31.30
N ARG A 1760 -10.17 -22.38 -32.27
CA ARG A 1760 -9.40 -22.30 -33.50
C ARG A 1760 -9.03 -20.86 -33.79
N ASN A 1761 -7.77 -20.64 -34.17
CA ASN A 1761 -7.20 -19.33 -34.36
C ASN A 1761 -6.47 -19.26 -35.71
N PHE A 1762 -7.15 -19.66 -36.77
CA PHE A 1762 -6.56 -19.66 -38.10
C PHE A 1762 -6.44 -18.23 -38.61
N ALA A 1763 -5.22 -17.78 -38.86
CA ALA A 1763 -4.96 -16.41 -39.27
C ALA A 1763 -3.99 -16.38 -40.46
N PHE A 1764 -4.12 -15.33 -41.26
CA PHE A 1764 -3.23 -15.08 -42.39
C PHE A 1764 -2.78 -13.64 -42.32
N ASN A 1765 -1.47 -13.43 -42.15
CA ASN A 1765 -0.90 -12.11 -41.96
C ASN A 1765 0.07 -11.79 -43.08
N TYR A 1766 0.05 -10.53 -43.53
CA TYR A 1766 1.04 -10.05 -44.48
C TYR A 1766 1.19 -8.54 -44.31
N GLN A 1767 2.42 -8.06 -44.39
CA GLN A 1767 2.70 -6.63 -44.38
C GLN A 1767 3.82 -6.33 -45.36
N TYR A 1768 3.73 -5.17 -45.99
CA TYR A 1768 4.69 -4.73 -47.00
C TYR A 1768 5.06 -3.27 -46.75
N GLY A 1769 6.26 -2.90 -47.17
CA GLY A 1769 6.71 -1.55 -47.02
C GLY A 1769 7.84 -1.23 -47.97
N PHE A 1770 7.81 -0.03 -48.53
CA PHE A 1770 8.85 0.43 -49.43
C PHE A 1770 9.24 1.85 -49.05
N GLY A 1771 10.55 2.08 -48.97
CA GLY A 1771 11.10 3.40 -48.68
C GLY A 1771 11.47 4.11 -49.97
N PHE A 1772 11.44 5.44 -49.93
CA PHE A 1772 11.74 6.25 -51.10
C PHE A 1772 12.75 7.34 -50.75
N ASN A 1773 13.45 7.78 -51.79
CA ASN A 1773 14.31 8.96 -51.72
C ASN A 1773 13.87 9.90 -52.83
N LEU A 1774 12.55 10.15 -52.88
CA LEU A 1774 11.85 10.87 -53.94
C LEU A 1774 12.64 12.07 -54.45
N THR A 1775 13.27 12.80 -53.54
CA THR A 1775 14.18 13.89 -53.88
C THR A 1775 15.39 13.79 -52.95
N LYS A 1776 16.41 14.60 -53.22
CA LYS A 1776 17.58 14.63 -52.35
C LYS A 1776 17.19 15.03 -50.92
N SER A 1777 16.17 15.86 -50.77
CA SER A 1777 15.67 16.27 -49.47
C SER A 1777 14.36 15.57 -49.10
N LEU A 1778 13.44 15.41 -50.04
CA LEU A 1778 12.16 14.78 -49.77
C LEU A 1778 12.31 13.27 -49.66
N LYS A 1779 11.72 12.70 -48.61
CA LYS A 1779 11.80 11.27 -48.34
C LYS A 1779 10.42 10.75 -48.01
N LEU A 1780 10.08 9.58 -48.56
CA LEU A 1780 8.76 8.98 -48.37
C LEU A 1780 8.95 7.54 -47.93
N ASN A 1781 8.27 7.16 -46.85
CA ASN A 1781 8.23 5.78 -46.38
C ASN A 1781 6.76 5.35 -46.26
N TYR A 1782 6.45 4.18 -46.81
CA TYR A 1782 5.11 3.62 -46.77
C TYR A 1782 5.16 2.24 -46.15
N SER A 1783 4.08 1.88 -45.46
CA SER A 1783 3.97 0.56 -44.84
C SER A 1783 2.50 0.23 -44.64
N ALA A 1784 2.14 -1.01 -44.92
CA ALA A 1784 0.77 -1.48 -44.74
C ALA A 1784 0.81 -2.90 -44.21
N THR A 1785 -0.07 -3.19 -43.25
CA THR A 1785 -0.17 -4.50 -42.64
C THR A 1785 -1.62 -4.95 -42.64
N SER A 1786 -1.85 -6.24 -42.83
CA SER A 1786 -3.20 -6.79 -42.91
C SER A 1786 -3.27 -8.10 -42.13
N ASN A 1787 -4.27 -8.20 -41.27
CA ASN A 1787 -4.55 -9.42 -40.52
C ASN A 1787 -5.86 -10.02 -41.04
N ASN A 1788 -5.79 -11.25 -41.53
CA ASN A 1788 -6.95 -11.97 -42.01
C ASN A 1788 -7.21 -13.17 -41.11
N ILE A 1789 -8.49 -13.50 -40.95
CA ILE A 1789 -8.91 -14.66 -40.18
C ILE A 1789 -9.62 -15.63 -41.11
N VAL A 1790 -9.31 -16.91 -40.98
CA VAL A 1790 -9.91 -17.97 -41.79
C VAL A 1790 -10.95 -18.68 -40.94
N ARG A 1791 -12.19 -18.68 -41.41
CA ARG A 1791 -13.31 -19.26 -40.68
C ARG A 1791 -13.92 -20.43 -41.45
N ASN A 1792 -13.07 -21.23 -42.10
CA ASN A 1792 -13.56 -22.39 -42.85
C ASN A 1792 -14.05 -23.51 -41.95
N PHE A 1793 -13.73 -23.46 -40.65
CA PHE A 1793 -14.06 -24.51 -39.72
C PHE A 1793 -15.43 -24.34 -39.06
N LEU A 1794 -16.19 -23.33 -39.45
CA LEU A 1794 -17.48 -23.03 -38.84
C LEU A 1794 -18.60 -23.39 -39.79
N ASN A 1795 -19.70 -23.88 -39.24
CA ASN A 1795 -20.87 -24.29 -40.02
C ASN A 1795 -21.68 -23.05 -40.39
N ASP A 1796 -22.88 -23.28 -40.93
CA ASP A 1796 -23.78 -22.16 -41.22
C ASP A 1796 -24.14 -21.41 -39.94
N ASP A 1797 -24.42 -22.14 -38.86
CA ASP A 1797 -24.59 -21.54 -37.55
C ASP A 1797 -23.24 -21.34 -36.89
N ASN A 1798 -23.25 -20.94 -35.62
CA ASN A 1798 -22.02 -20.72 -34.86
C ASN A 1798 -21.55 -21.99 -34.18
N SER A 1799 -21.41 -23.07 -34.94
CA SER A 1799 -21.01 -24.37 -34.41
C SER A 1799 -19.72 -24.82 -35.09
N PRO A 1800 -18.66 -25.09 -34.34
CA PRO A 1800 -17.42 -25.54 -34.98
C PRO A 1800 -17.56 -26.93 -35.57
N LYS A 1801 -16.82 -27.16 -36.66
CA LYS A 1801 -16.82 -28.45 -37.33
C LYS A 1801 -15.96 -29.44 -36.56
N GLU A 1802 -16.49 -30.64 -36.33
CA GLU A 1802 -15.78 -31.64 -35.53
C GLU A 1802 -14.52 -32.10 -36.25
N ASP A 1803 -14.65 -32.54 -37.50
CA ASP A 1803 -13.56 -33.18 -38.23
C ASP A 1803 -12.85 -32.19 -39.15
N PHE A 1804 -12.30 -31.14 -38.57
CA PHE A 1804 -11.54 -30.14 -39.33
C PHE A 1804 -10.07 -30.27 -38.98
N ASN A 1805 -9.26 -30.65 -39.98
CA ASN A 1805 -7.82 -30.76 -39.82
C ASN A 1805 -7.16 -29.39 -39.91
N ILE A 1806 -6.03 -29.25 -39.23
CA ILE A 1806 -5.31 -27.98 -39.23
C ILE A 1806 -4.62 -27.68 -40.55
N TRP A 1807 -4.49 -28.67 -41.43
CA TRP A 1807 -3.86 -28.50 -42.73
C TRP A 1807 -4.87 -28.47 -43.87
N ASP A 1808 -6.16 -28.33 -43.58
CA ASP A 1808 -7.21 -28.51 -44.57
C ASP A 1808 -7.04 -27.60 -45.78
N ASP A 1809 -7.16 -26.29 -45.59
CA ASP A 1809 -6.92 -25.31 -46.63
C ASP A 1809 -5.85 -24.36 -46.12
N TYR A 1810 -4.59 -24.76 -46.28
CA TYR A 1810 -3.50 -24.02 -45.65
C TYR A 1810 -3.24 -22.69 -46.35
N LEU A 1811 -3.21 -22.69 -47.68
CA LEU A 1811 -2.98 -21.47 -48.44
C LEU A 1811 -4.29 -20.76 -48.76
N ASP A 1812 -5.09 -20.54 -47.73
CA ASP A 1812 -6.38 -19.86 -47.85
C ASP A 1812 -6.27 -18.50 -47.17
N ILE A 1813 -6.54 -17.45 -47.92
CA ILE A 1813 -6.66 -16.12 -47.32
C ILE A 1813 -8.12 -15.93 -46.91
N GLY A 1814 -8.32 -15.57 -45.64
CA GLY A 1814 -9.65 -15.40 -45.09
C GLY A 1814 -10.18 -14.01 -45.32
N THR A 1815 -11.25 -13.70 -44.61
CA THR A 1815 -11.77 -12.34 -44.64
C THR A 1815 -10.84 -11.41 -43.86
N PRO A 1816 -10.71 -10.17 -44.31
CA PRO A 1816 -9.87 -9.22 -43.55
C PRO A 1816 -10.41 -9.01 -42.15
N ASN A 1817 -9.50 -8.90 -41.19
CA ASN A 1817 -9.86 -8.61 -39.80
C ASN A 1817 -9.29 -7.29 -39.33
N GLN A 1818 -8.01 -7.04 -39.57
CA GLN A 1818 -7.39 -5.77 -39.25
C GLN A 1818 -6.48 -5.36 -40.40
N HIS A 1819 -6.62 -4.11 -40.84
CA HIS A 1819 -5.76 -3.55 -41.88
C HIS A 1819 -5.28 -2.18 -41.43
N ALA A 1820 -3.98 -1.94 -41.53
CA ALA A 1820 -3.38 -0.67 -41.12
C ALA A 1820 -2.40 -0.20 -42.18
N GLN A 1821 -2.32 1.13 -42.34
CA GLN A 1821 -1.39 1.76 -43.26
C GLN A 1821 -0.68 2.90 -42.56
N GLN A 1822 0.60 3.10 -42.89
CA GLN A 1822 1.38 4.19 -42.33
C GLN A 1822 2.19 4.86 -43.43
N LEU A 1823 2.14 6.19 -43.48
CA LEU A 1823 2.89 6.98 -44.44
C LEU A 1823 3.73 8.00 -43.69
N VAL A 1824 5.01 8.10 -44.04
CA VAL A 1824 5.93 9.05 -43.42
C VAL A 1824 6.55 9.92 -44.51
N LEU A 1825 6.50 11.23 -44.31
CA LEU A 1825 7.07 12.19 -45.24
C LEU A 1825 8.07 13.08 -44.50
N ASN A 1826 9.27 13.22 -45.06
CA ASN A 1826 10.30 14.10 -44.52
C ASN A 1826 10.73 15.05 -45.63
N TYR A 1827 10.67 16.35 -45.36
CA TYR A 1827 11.01 17.36 -46.35
C TYR A 1827 11.90 18.41 -45.70
N ASP A 1828 12.94 18.84 -46.41
CA ASP A 1828 13.85 19.86 -45.91
C ASP A 1828 13.54 21.25 -46.42
N ILE A 1829 12.49 21.41 -47.22
CA ILE A 1829 12.03 22.71 -47.72
C ILE A 1829 13.20 23.47 -48.36
N PRO A 1830 13.63 23.08 -49.57
CA PRO A 1830 14.80 23.74 -50.20
C PRO A 1830 14.49 25.17 -50.64
N ILE A 1831 14.19 26.03 -49.67
CA ILE A 1831 13.96 27.44 -49.94
C ILE A 1831 15.26 28.22 -50.07
N ASN A 1832 16.39 27.62 -49.69
CA ASN A 1832 17.68 28.29 -49.79
C ASN A 1832 18.15 28.46 -51.22
N LYS A 1833 17.48 27.84 -52.19
CA LYS A 1833 17.91 27.94 -53.59
C LYS A 1833 17.86 29.38 -54.08
N ILE A 1834 16.81 30.12 -53.73
CA ILE A 1834 16.74 31.53 -54.10
C ILE A 1834 17.66 32.33 -53.17
N PRO A 1835 18.42 33.29 -53.67
CA PRO A 1835 19.36 34.02 -52.81
C PRO A 1835 18.70 35.18 -52.07
N ILE A 1836 17.51 34.95 -51.54
CA ILE A 1836 16.87 35.91 -50.64
C ILE A 1836 16.35 35.27 -49.36
N PHE A 1837 16.04 33.97 -49.36
CA PHE A 1837 15.55 33.26 -48.19
C PHE A 1837 16.51 32.16 -47.78
N GLY A 1838 17.81 32.36 -48.06
CA GLY A 1838 18.80 31.35 -47.74
C GLY A 1838 19.09 31.17 -46.27
N PHE A 1839 18.55 32.05 -45.42
CA PHE A 1839 18.71 31.92 -43.98
C PHE A 1839 17.71 30.97 -43.34
N VAL A 1840 16.65 30.60 -44.04
CA VAL A 1840 15.65 29.71 -43.48
C VAL A 1840 16.15 28.28 -43.51
N LYS A 1841 15.91 27.55 -42.42
CA LYS A 1841 16.30 26.16 -42.28
C LYS A 1841 15.08 25.31 -41.92
N ALA A 1842 14.01 25.48 -42.69
CA ALA A 1842 12.75 24.80 -42.41
C ALA A 1842 12.89 23.30 -42.60
N SER A 1843 12.06 22.55 -41.87
CA SER A 1843 12.04 21.10 -41.95
C SER A 1843 10.63 20.63 -41.62
N TYR A 1844 10.00 19.94 -42.57
CA TYR A 1844 8.62 19.50 -42.44
C TYR A 1844 8.55 17.98 -42.36
N SER A 1845 7.80 17.48 -41.39
CA SER A 1845 7.59 16.05 -41.22
C SER A 1845 6.09 15.77 -41.17
N TYR A 1846 5.64 14.79 -41.94
CA TYR A 1846 4.23 14.41 -41.99
C TYR A 1846 4.12 12.91 -41.80
N THR A 1847 3.35 12.49 -40.81
CA THR A 1847 3.06 11.08 -40.55
C THR A 1847 1.55 10.89 -40.59
N ALA A 1848 1.10 9.85 -41.29
CA ALA A 1848 -0.31 9.52 -41.38
C ALA A 1848 -0.51 8.05 -41.07
N ASP A 1849 -1.58 7.75 -40.33
CA ASP A 1849 -1.93 6.38 -39.98
C ASP A 1849 -3.41 6.14 -40.27
N TYR A 1850 -3.71 4.94 -40.75
CA TYR A 1850 -5.07 4.49 -40.99
C TYR A 1850 -5.20 3.07 -40.48
N MET A 1851 -6.36 2.73 -39.93
CA MET A 1851 -6.60 1.36 -39.50
C MET A 1851 -8.08 1.02 -39.66
N TRP A 1852 -8.33 -0.15 -40.21
CA TRP A 1852 -9.66 -0.72 -40.33
C TRP A 1852 -9.72 -1.98 -39.47
N GLN A 1853 -10.75 -2.08 -38.64
CA GLN A 1853 -10.90 -3.20 -37.71
C GLN A 1853 -12.25 -3.84 -37.90
N ARG A 1854 -12.26 -5.14 -38.20
CA ARG A 1854 -13.51 -5.87 -38.31
C ARG A 1854 -14.19 -5.97 -36.96
N SER A 1855 -15.49 -5.73 -36.94
CA SER A 1855 -16.25 -5.89 -35.70
C SER A 1855 -16.62 -7.36 -35.51
N SER A 1856 -17.00 -7.68 -34.27
CA SER A 1856 -17.45 -9.04 -33.97
C SER A 1856 -18.75 -9.34 -34.69
N THR A 1857 -18.98 -10.63 -34.96
CA THR A 1857 -20.23 -11.05 -35.57
C THR A 1857 -21.44 -10.69 -34.72
N ALA A 1858 -21.24 -10.53 -33.40
CA ALA A 1858 -22.30 -10.01 -32.54
C ALA A 1858 -22.75 -8.62 -32.97
N PHE A 1859 -21.88 -7.85 -33.62
CA PHE A 1859 -22.24 -6.54 -34.16
C PHE A 1859 -22.65 -6.62 -35.63
N SER A 1860 -21.86 -7.29 -36.46
CA SER A 1860 -22.12 -7.28 -37.90
C SER A 1860 -23.39 -8.06 -38.25
N GLU A 1861 -23.80 -8.99 -37.40
CA GLU A 1861 -25.04 -9.74 -37.59
C GLU A 1861 -25.91 -9.66 -36.36
N TYR A 1862 -26.02 -8.47 -35.78
CA TYR A 1862 -26.85 -8.29 -34.59
C TYR A 1862 -28.31 -8.49 -34.93
N GLU A 1863 -29.01 -9.25 -34.10
CA GLU A 1863 -30.44 -9.53 -34.28
C GLU A 1863 -31.20 -8.91 -33.12
N ASP A 1864 -32.01 -7.90 -33.41
CA ASP A 1864 -32.85 -7.29 -32.40
C ASP A 1864 -34.00 -8.24 -32.02
N PRO A 1865 -34.64 -8.02 -30.87
CA PRO A 1865 -35.71 -8.94 -30.46
C PRO A 1865 -36.88 -9.01 -31.42
N ASN A 1866 -37.10 -7.99 -32.26
CA ASN A 1866 -38.17 -8.07 -33.25
C ASN A 1866 -37.82 -8.97 -34.43
N GLY A 1867 -36.57 -9.45 -34.50
CA GLY A 1867 -36.15 -10.37 -35.53
C GLY A 1867 -35.32 -9.77 -36.65
N THR A 1868 -35.29 -8.45 -36.78
CA THR A 1868 -34.49 -7.82 -37.82
C THR A 1868 -33.00 -7.96 -37.52
N VAL A 1869 -32.22 -8.27 -38.55
CA VAL A 1869 -30.78 -8.41 -38.44
C VAL A 1869 -30.13 -7.12 -38.92
N TYR A 1870 -29.24 -6.57 -38.11
CA TYR A 1870 -28.58 -5.31 -38.41
C TYR A 1870 -27.07 -5.53 -38.56
N ASP A 1871 -26.48 -4.82 -39.52
CA ASP A 1871 -25.04 -4.76 -39.69
C ASP A 1871 -24.56 -3.48 -38.99
N LEU A 1872 -24.04 -3.63 -37.79
CA LEU A 1872 -23.55 -2.49 -37.02
C LEU A 1872 -22.24 -1.94 -37.56
N GLY A 1873 -21.61 -2.62 -38.51
CA GLY A 1873 -20.45 -2.07 -39.19
C GLY A 1873 -19.16 -2.27 -38.43
N ASN A 1874 -18.08 -1.83 -39.07
CA ASN A 1874 -16.73 -1.88 -38.52
C ASN A 1874 -16.34 -0.51 -38.00
N THR A 1875 -15.08 -0.37 -37.61
CA THR A 1875 -14.53 0.90 -37.14
C THR A 1875 -13.27 1.23 -37.93
N ILE A 1876 -13.13 2.48 -38.33
CA ILE A 1876 -11.96 2.98 -39.04
C ILE A 1876 -11.39 4.16 -38.27
N GLN A 1877 -10.05 4.28 -38.29
CA GLN A 1877 -9.36 5.29 -37.51
C GLN A 1877 -8.40 6.09 -38.38
N ASN A 1878 -7.92 7.19 -37.82
CA ASN A 1878 -7.08 8.15 -38.53
C ASN A 1878 -6.18 8.86 -37.53
N SER A 1879 -5.09 9.43 -38.03
CA SER A 1879 -4.20 10.23 -37.20
C SER A 1879 -3.19 10.97 -38.07
N ASN A 1880 -2.74 12.13 -37.59
CA ASN A 1880 -1.66 12.89 -38.20
C ASN A 1880 -0.63 13.24 -37.14
N SER A 1881 0.59 13.51 -37.61
CA SER A 1881 1.69 13.90 -36.74
C SER A 1881 2.48 15.05 -37.37
N ASN A 1882 1.77 16.05 -37.87
CA ASN A 1882 2.40 17.20 -38.51
C ASN A 1882 3.47 17.82 -37.61
N THR A 1883 4.65 18.07 -38.19
CA THR A 1883 5.76 18.65 -37.47
C THR A 1883 6.49 19.63 -38.38
N LEU A 1884 6.82 20.81 -37.86
CA LEU A 1884 7.51 21.83 -38.63
C LEU A 1884 8.56 22.47 -37.75
N THR A 1885 9.83 22.30 -38.11
CA THR A 1885 10.95 22.87 -37.38
C THR A 1885 11.67 23.87 -38.29
N THR A 1886 11.87 25.08 -37.78
CA THR A 1886 12.56 26.13 -38.53
C THR A 1886 13.56 26.82 -37.62
N THR A 1887 14.73 27.13 -38.17
CA THR A 1887 15.75 27.88 -37.45
C THR A 1887 15.69 29.37 -37.75
N LEU A 1888 15.42 29.74 -39.00
CA LEU A 1888 15.12 31.12 -39.41
C LEU A 1888 16.13 32.10 -38.84
N ASN A 1889 17.37 31.94 -39.31
CA ASN A 1889 18.47 32.79 -38.87
C ASN A 1889 18.24 34.22 -39.32
N MET A 1890 17.90 35.10 -38.38
CA MET A 1890 17.67 36.50 -38.72
C MET A 1890 18.92 37.17 -39.27
N ASN A 1891 20.10 36.68 -38.89
CA ASN A 1891 21.34 37.14 -39.51
C ASN A 1891 21.40 36.68 -40.95
N THR A 1892 22.06 37.48 -41.79
CA THR A 1892 22.19 37.23 -43.22
C THR A 1892 20.83 37.05 -43.88
N VAL A 1941 18.77 48.74 -36.16
CA VAL A 1941 18.02 48.86 -34.93
C VAL A 1941 17.49 47.49 -34.51
N LEU A 1942 16.81 46.82 -35.44
CA LEU A 1942 16.24 45.51 -35.20
C LEU A 1942 17.20 44.38 -35.50
N THR A 1943 18.42 44.68 -35.95
CA THR A 1943 19.41 43.67 -36.29
C THR A 1943 19.94 42.93 -35.07
N SER A 1944 19.52 43.30 -33.86
CA SER A 1944 19.98 42.60 -32.66
C SER A 1944 19.45 41.19 -32.60
N ILE A 1945 18.32 40.91 -33.24
CA ILE A 1945 17.77 39.57 -33.27
C ILE A 1945 18.69 38.66 -34.08
N LYS A 1946 19.04 37.51 -33.50
CA LYS A 1946 20.03 36.62 -34.10
C LYS A 1946 19.39 35.35 -34.64
N ASN A 1947 18.67 34.60 -33.81
CA ASN A 1947 18.03 33.36 -34.21
C ASN A 1947 16.57 33.40 -33.80
N VAL A 1948 15.70 32.86 -34.66
CA VAL A 1948 14.27 32.74 -34.37
C VAL A 1948 13.91 31.28 -34.66
N GLN A 1949 14.00 30.44 -33.63
CA GLN A 1949 13.67 29.02 -33.77
C GLN A 1949 12.19 28.81 -33.52
N ILE A 1950 11.52 28.14 -34.46
CA ILE A 1950 10.09 27.92 -34.39
C ILE A 1950 9.80 26.44 -34.54
N ASN A 1951 9.08 25.88 -33.56
CA ASN A 1951 8.60 24.50 -33.62
C ASN A 1951 7.08 24.51 -33.58
N TYR A 1952 6.46 23.82 -34.54
CA TYR A 1952 5.00 23.72 -34.61
C TYR A 1952 4.63 22.26 -34.83
N THR A 1953 3.99 21.66 -33.84
CA THR A 1953 3.51 20.29 -33.91
C THR A 1953 1.99 20.29 -33.84
N LYS A 1954 1.35 19.60 -34.78
CA LYS A 1954 -0.12 19.52 -34.84
C LYS A 1954 -0.51 18.06 -35.05
N ASN A 1955 -0.95 17.40 -33.98
CA ASN A 1955 -1.49 16.06 -34.07
C ASN A 1955 -3.00 16.11 -34.30
N SER A 1956 -3.53 15.02 -34.81
CA SER A 1956 -4.97 14.92 -35.08
C SER A 1956 -5.35 13.45 -35.13
N GLY A 1957 -6.65 13.20 -35.24
CA GLY A 1957 -7.14 11.83 -35.28
C GLY A 1957 -8.64 11.81 -35.39
N THR A 1958 -9.14 10.73 -35.98
CA THR A 1958 -10.56 10.55 -36.21
C THR A 1958 -10.91 9.07 -36.03
N VAL A 1959 -12.00 8.82 -35.31
CA VAL A 1959 -12.52 7.46 -35.13
C VAL A 1959 -13.96 7.46 -35.63
N LEU A 1960 -14.23 6.63 -36.64
CA LEU A 1960 -15.56 6.52 -37.24
C LEU A 1960 -16.10 5.12 -37.03
N PRO A 1961 -17.01 4.92 -36.10
CA PRO A 1961 -17.62 3.59 -35.90
C PRO A 1961 -18.83 3.40 -36.80
N GLY A 1962 -19.25 2.15 -36.91
CA GLY A 1962 -20.39 1.82 -37.75
C GLY A 1962 -20.11 1.84 -39.23
N TYR A 1963 -18.84 1.75 -39.62
CA TYR A 1963 -18.46 1.75 -41.03
C TYR A 1963 -18.61 0.34 -41.57
N THR A 1964 -19.56 0.15 -42.48
CA THR A 1964 -19.92 -1.19 -42.97
C THR A 1964 -18.94 -1.82 -43.97
N PRO A 1965 -18.33 -1.07 -44.91
CA PRO A 1965 -17.54 -1.74 -45.95
C PRO A 1965 -16.31 -2.44 -45.38
N SER A 1966 -15.82 -3.42 -46.13
CA SER A 1966 -14.59 -4.13 -45.83
C SER A 1966 -13.44 -3.47 -46.59
N VAL A 1967 -12.28 -4.12 -46.57
CA VAL A 1967 -11.10 -3.59 -47.24
C VAL A 1967 -10.57 -4.63 -48.22
N GLY A 1968 -9.88 -4.13 -49.24
CA GLY A 1968 -9.27 -4.99 -50.24
C GLY A 1968 -7.95 -5.58 -49.76
N PHE A 1969 -7.37 -6.42 -50.62
CA PHE A 1969 -6.11 -7.07 -50.28
C PHE A 1969 -4.99 -6.07 -50.09
N LEU A 1970 -4.88 -5.09 -50.99
CA LEU A 1970 -3.81 -4.12 -50.94
C LEU A 1970 -4.17 -2.85 -50.18
N GLY A 1971 -5.37 -2.78 -49.61
CA GLY A 1971 -5.79 -1.60 -48.88
C GLY A 1971 -7.17 -1.14 -49.29
N THR A 1972 -7.42 0.16 -49.14
CA THR A 1972 -8.72 0.71 -49.50
C THR A 1972 -8.60 2.20 -49.71
N SER A 1973 -9.59 2.75 -50.41
CA SER A 1973 -9.81 4.19 -50.53
C SER A 1973 -11.30 4.52 -50.48
N LYS A 1974 -12.10 3.60 -49.92
CA LYS A 1974 -13.55 3.70 -50.02
C LYS A 1974 -14.13 4.96 -49.38
N PRO A 1975 -13.79 5.34 -48.13
CA PRO A 1975 -14.37 6.57 -47.59
C PRO A 1975 -13.86 7.79 -48.33
N SER A 1976 -12.53 7.89 -48.44
CA SER A 1976 -11.86 8.90 -49.23
C SER A 1976 -10.38 8.55 -49.26
N LEU A 1977 -9.71 8.92 -50.35
CA LEU A 1977 -8.27 8.71 -50.42
C LEU A 1977 -7.53 9.55 -49.39
N GLY A 1978 -8.04 10.75 -49.10
CA GLY A 1978 -7.42 11.57 -48.09
C GLY A 1978 -7.51 10.99 -46.70
N PHE A 1979 -8.65 10.39 -46.35
CA PHE A 1979 -8.82 9.81 -45.02
C PHE A 1979 -7.83 8.68 -44.79
N VAL A 1980 -7.59 7.85 -45.81
CA VAL A 1980 -6.61 6.77 -45.68
C VAL A 1980 -5.23 7.33 -45.38
N PHE A 1981 -4.96 8.55 -45.84
CA PHE A 1981 -3.70 9.24 -45.54
C PHE A 1981 -3.87 10.37 -44.53
N GLY A 1982 -4.84 10.25 -43.63
CA GLY A 1982 -5.02 11.18 -42.52
C GLY A 1982 -5.39 12.59 -42.90
N SER A 1983 -6.42 12.76 -43.72
CA SER A 1983 -6.83 14.10 -44.13
C SER A 1983 -7.47 14.89 -43.00
N GLN A 1984 -8.29 14.23 -42.18
CA GLN A 1984 -9.15 14.82 -41.15
C GLN A 1984 -10.30 15.63 -41.72
N ASP A 1985 -10.41 15.73 -43.04
CA ASP A 1985 -11.60 16.34 -43.64
C ASP A 1985 -12.81 15.48 -43.34
N ASP A 1986 -13.98 16.12 -43.28
CA ASP A 1986 -15.20 15.41 -42.91
C ASP A 1986 -15.50 14.32 -43.92
N VAL A 1987 -15.86 13.14 -43.41
CA VAL A 1987 -16.26 12.02 -44.25
C VAL A 1987 -17.60 11.50 -43.78
N ARG A 1988 -18.05 11.94 -42.60
CA ARG A 1988 -19.27 11.42 -42.00
C ARG A 1988 -20.46 11.57 -42.93
N TYR A 1989 -20.69 12.80 -43.41
CA TYR A 1989 -21.89 13.06 -44.21
C TYR A 1989 -21.79 12.37 -45.57
N GLU A 1990 -20.61 12.39 -46.18
CA GLU A 1990 -20.44 11.69 -47.45
C GLU A 1990 -20.58 10.17 -47.27
N ALA A 1991 -20.03 9.63 -46.18
CA ALA A 1991 -20.15 8.19 -45.93
C ALA A 1991 -21.61 7.80 -45.70
N ALA A 1992 -22.36 8.62 -44.96
CA ALA A 1992 -23.77 8.35 -44.76
C ALA A 1992 -24.55 8.46 -46.07
N LYS A 1993 -24.20 9.45 -46.89
CA LYS A 1993 -24.88 9.61 -48.18
C LYS A 1993 -24.65 8.42 -49.09
N ARG A 1994 -23.41 7.93 -49.15
CA ARG A 1994 -23.09 6.77 -49.96
C ARG A 1994 -23.61 5.47 -49.36
N GLY A 1995 -24.31 5.54 -48.24
CA GLY A 1995 -25.02 4.40 -47.69
C GLY A 1995 -24.17 3.34 -47.03
N TRP A 1996 -22.93 3.66 -46.65
CA TRP A 1996 -22.07 2.68 -45.98
C TRP A 1996 -21.79 3.08 -44.53
N LEU A 1997 -22.78 3.64 -43.86
CA LEU A 1997 -22.84 3.69 -42.41
C LEU A 1997 -23.97 2.78 -41.94
N THR A 1998 -23.89 2.37 -40.67
CA THR A 1998 -24.86 1.42 -40.14
C THR A 1998 -26.27 2.01 -40.20
N THR A 1999 -27.25 1.16 -40.49
CA THR A 1999 -28.64 1.56 -40.52
C THR A 1999 -29.32 1.41 -39.16
N TYR A 2000 -28.62 0.87 -38.16
CA TYR A 2000 -29.20 0.73 -36.84
C TYR A 2000 -29.50 2.10 -36.24
N GLN A 2001 -30.72 2.26 -35.73
CA GLN A 2001 -31.18 3.55 -35.23
C GLN A 2001 -30.89 3.77 -33.76
N ASP A 2002 -30.26 2.80 -33.09
CA ASP A 2002 -29.89 2.94 -31.68
C ASP A 2002 -28.40 2.70 -31.50
N PHE A 2003 -27.60 3.05 -32.49
CA PHE A 2003 -26.17 2.85 -32.44
C PHE A 2003 -25.57 3.62 -31.26
N ASN A 2004 -24.78 2.92 -30.44
CA ASN A 2004 -24.25 3.49 -29.21
C ASN A 2004 -22.78 3.86 -29.30
N GLN A 2005 -22.12 3.63 -30.43
CA GLN A 2005 -20.73 4.01 -30.61
C GLN A 2005 -20.66 5.46 -31.10
N SER A 2006 -19.62 6.15 -30.65
CA SER A 2006 -19.48 7.59 -30.86
C SER A 2006 -18.41 7.88 -31.90
N PHE A 2007 -18.73 8.80 -32.81
CA PHE A 2007 -17.72 9.38 -33.68
C PHE A 2007 -16.84 10.31 -32.87
N THR A 2008 -15.52 10.16 -33.01
CA THR A 2008 -14.57 10.86 -32.16
C THR A 2008 -13.50 11.52 -33.01
N GLN A 2009 -13.16 12.76 -32.68
CA GLN A 2009 -12.07 13.49 -33.30
C GLN A 2009 -11.21 14.13 -32.22
N VAL A 2010 -9.90 14.05 -32.40
CA VAL A 2010 -8.94 14.64 -31.47
C VAL A 2010 -8.02 15.56 -32.26
N SER A 2011 -7.53 16.60 -31.59
CA SER A 2011 -6.61 17.54 -32.22
C SER A 2011 -5.73 18.17 -31.15
N ASN A 2012 -4.43 18.20 -31.40
CA ASN A 2012 -3.44 18.73 -30.46
C ASN A 2012 -2.51 19.68 -31.21
N LYS A 2013 -2.14 20.78 -30.57
CA LYS A 2013 -1.27 21.77 -31.17
C LYS A 2013 -0.21 22.20 -30.16
N LEU A 2014 1.00 22.45 -30.66
CA LEU A 2014 2.11 22.87 -29.82
C LEU A 2014 2.97 23.85 -30.60
N LEU A 2015 3.21 25.02 -30.01
CA LEU A 2015 4.03 26.05 -30.63
C LEU A 2015 5.11 26.46 -29.63
N LYS A 2016 6.37 26.45 -30.07
CA LYS A 2016 7.51 26.68 -29.18
C LYS A 2016 8.50 27.65 -29.80
N VAL A 2017 8.00 28.80 -30.26
CA VAL A 2017 8.87 29.82 -30.84
C VAL A 2017 9.94 30.23 -29.83
N THR A 2018 11.19 30.26 -30.29
CA THR A 2018 12.33 30.66 -29.48
C THR A 2018 13.17 31.65 -30.24
N ALA A 2019 13.53 32.76 -29.60
CA ALA A 2019 14.27 33.83 -30.24
C ALA A 2019 15.55 34.10 -29.46
N ASN A 2020 16.41 34.92 -30.07
CA ASN A 2020 17.68 35.31 -29.48
C ASN A 2020 17.99 36.75 -29.88
N ILE A 2021 18.35 37.57 -28.90
CA ILE A 2021 18.61 38.99 -29.13
C ILE A 2021 20.01 39.33 -28.63
N ASP A 2022 20.62 40.32 -29.25
CA ASP A 2022 21.97 40.79 -28.93
C ASP A 2022 21.98 42.31 -28.83
N LEU A 2023 21.05 42.85 -28.03
CA LEU A 2023 20.90 44.30 -27.90
C LEU A 2023 22.23 44.97 -27.57
N LEU A 2024 22.93 44.46 -26.58
CA LEU A 2024 24.27 44.94 -26.27
C LEU A 2024 25.30 43.87 -26.61
N PRO A 2025 26.54 44.26 -26.91
CA PRO A 2025 27.55 43.25 -27.28
C PRO A 2025 27.76 42.18 -26.22
N ASP A 2026 27.59 42.53 -24.94
CA ASP A 2026 27.82 41.60 -23.83
C ASP A 2026 26.53 41.23 -23.11
N LEU A 2027 25.37 41.48 -23.74
CA LEU A 2027 24.07 41.15 -23.16
C LEU A 2027 23.42 40.06 -24.00
N LYS A 2028 23.24 38.88 -23.41
CA LYS A 2028 22.59 37.78 -24.08
C LYS A 2028 21.15 37.66 -23.59
N VAL A 2029 20.20 37.80 -24.51
CA VAL A 2029 18.77 37.75 -24.19
C VAL A 2029 18.13 36.63 -25.00
N ASP A 2030 17.41 35.74 -24.31
CA ASP A 2030 16.69 34.65 -24.94
C ASP A 2030 15.19 34.83 -24.70
N LEU A 2031 14.41 34.72 -25.77
CA LEU A 2031 12.96 34.80 -25.67
C LEU A 2031 12.34 33.46 -26.01
N SER A 2032 11.23 33.16 -25.35
CA SER A 2032 10.50 31.92 -25.55
C SER A 2032 9.01 32.20 -25.58
N MET A 2033 8.30 31.51 -26.48
CA MET A 2033 6.85 31.61 -26.60
C MET A 2033 6.28 30.21 -26.69
N ASP A 2034 5.23 29.95 -25.91
CA ASP A 2034 4.59 28.64 -25.87
C ASP A 2034 3.08 28.81 -25.99
N ARG A 2035 2.46 27.87 -26.69
CA ARG A 2035 0.99 27.78 -26.75
C ARG A 2035 0.61 26.35 -27.05
N SER A 2036 -0.11 25.73 -26.11
CA SER A 2036 -0.64 24.39 -26.29
C SER A 2036 -2.15 24.44 -26.33
N TYR A 2037 -2.75 23.60 -27.16
CA TYR A 2037 -4.21 23.55 -27.26
C TYR A 2037 -4.60 22.13 -27.67
N SER A 2038 -5.41 21.48 -26.84
CA SER A 2038 -5.94 20.16 -27.13
C SER A 2038 -7.44 20.25 -27.33
N GLU A 2039 -7.97 19.31 -28.12
CA GLU A 2039 -9.37 19.34 -28.50
C GLU A 2039 -9.85 17.93 -28.76
N ASN A 2040 -10.88 17.52 -28.02
CA ASN A 2040 -11.53 16.23 -28.21
C ASN A 2040 -13.00 16.45 -28.47
N THR A 2041 -13.51 15.89 -29.56
CA THR A 2041 -14.92 15.97 -29.91
C THR A 2041 -15.51 14.58 -29.93
N SER A 2042 -16.75 14.45 -29.46
CA SER A 2042 -17.42 13.17 -29.43
C SER A 2042 -18.91 13.38 -29.66
N GLU A 2043 -19.53 12.46 -30.39
CA GLU A 2043 -20.96 12.55 -30.65
C GLU A 2043 -21.47 11.17 -31.02
N GLN A 2044 -22.71 10.90 -30.64
CA GLN A 2044 -23.42 9.76 -31.20
C GLN A 2044 -24.00 10.15 -32.55
N TYR A 2045 -24.49 9.16 -33.29
CA TYR A 2045 -25.07 9.45 -34.59
C TYR A 2045 -26.05 8.37 -34.99
N SER A 2046 -26.89 8.73 -35.95
CA SER A 2046 -27.75 7.79 -36.65
C SER A 2046 -27.88 8.28 -38.08
N VAL A 2047 -28.22 7.35 -38.97
CA VAL A 2047 -28.44 7.66 -40.38
C VAL A 2047 -29.93 7.53 -40.66
N ASP A 2048 -30.53 8.59 -41.17
CA ASP A 2048 -31.96 8.58 -41.45
C ASP A 2048 -32.27 7.56 -42.54
N PRO A 2049 -33.26 6.67 -42.33
CA PRO A 2049 -33.55 5.67 -43.37
C PRO A 2049 -33.92 6.29 -44.70
N SER A 2050 -34.60 7.43 -44.70
CA SER A 2050 -34.82 8.20 -45.91
C SER A 2050 -33.71 9.24 -46.05
N THR A 2051 -33.34 9.52 -47.30
CA THR A 2051 -32.38 10.53 -47.73
C THR A 2051 -30.97 10.29 -47.18
N ASN A 2052 -30.81 9.25 -46.37
CA ASN A 2052 -29.49 8.76 -45.92
C ASN A 2052 -28.63 9.89 -45.37
N GLU A 2053 -29.22 10.70 -44.48
CA GLU A 2053 -28.54 11.87 -43.95
C GLU A 2053 -27.95 11.57 -42.58
N TYR A 2054 -26.72 12.05 -42.37
CA TYR A 2054 -26.04 11.85 -41.09
C TYR A 2054 -26.65 12.74 -40.02
N LYS A 2055 -27.00 12.14 -38.88
CA LYS A 2055 -27.64 12.86 -37.77
C LYS A 2055 -26.74 12.84 -36.55
N PRO A 2056 -26.00 13.91 -36.26
CA PRO A 2056 -25.24 13.95 -35.01
C PRO A 2056 -26.18 14.08 -33.82
N LEU A 2057 -25.80 13.44 -32.72
CA LEU A 2057 -26.62 13.42 -31.50
C LEU A 2057 -25.76 13.78 -30.30
N SER A 2058 -26.19 14.80 -29.56
CA SER A 2058 -25.53 15.24 -28.34
C SER A 2058 -24.01 15.37 -28.48
N PRO A 2059 -23.53 16.20 -29.40
CA PRO A 2059 -22.08 16.40 -29.50
C PRO A 2059 -21.56 17.22 -28.32
N TYR A 2060 -20.38 16.86 -27.85
CA TYR A 2060 -19.73 17.59 -26.76
C TYR A 2060 -18.24 17.67 -27.01
N THR A 2061 -17.59 18.53 -26.25
CA THR A 2061 -16.19 18.86 -26.46
C THR A 2061 -15.50 19.06 -25.13
N TYR A 2062 -14.26 18.57 -25.04
CA TYR A 2062 -13.41 18.89 -23.90
C TYR A 2062 -11.99 19.03 -24.41
N GLY A 2063 -11.18 19.81 -23.70
CA GLY A 2063 -9.83 20.05 -24.16
C GLY A 2063 -8.97 20.69 -23.10
N MET A 2064 -7.74 21.03 -23.51
CA MET A 2064 -6.76 21.66 -22.65
C MET A 2064 -6.17 22.87 -23.34
N PHE A 2065 -5.78 23.87 -22.55
CA PHE A 2065 -5.16 25.07 -23.08
C PHE A 2065 -3.99 25.48 -22.19
N SER A 2066 -2.96 26.04 -22.82
CA SER A 2066 -1.81 26.57 -22.10
C SER A 2066 -1.11 27.55 -23.03
N ILE A 2067 -0.60 28.66 -22.46
CA ILE A 2067 0.04 29.69 -23.26
C ILE A 2067 0.95 30.49 -22.35
N SER A 2068 2.07 30.95 -22.91
CA SER A 2068 2.96 31.85 -22.20
C SER A 2068 2.31 33.21 -22.04
N THR A 2069 2.38 33.76 -20.83
CA THR A 2069 1.87 35.09 -20.54
C THR A 2069 2.93 35.86 -19.76
N VAL A 2070 2.60 37.11 -19.44
CA VAL A 2070 3.44 37.94 -18.58
C VAL A 2070 2.55 38.63 -17.57
N MET A 2071 2.86 38.45 -16.29
CA MET A 2071 2.15 39.13 -15.21
C MET A 2071 3.13 39.77 -14.24
N ILE A 2072 4.28 40.24 -14.76
CA ILE A 2072 5.30 40.84 -13.93
C ILE A 2072 4.85 42.16 -13.33
N LYS A 2073 3.78 42.76 -13.86
CA LYS A 2073 3.31 44.04 -13.34
C LYS A 2073 2.83 43.92 -11.91
N THR A 2074 2.19 42.81 -11.55
CA THR A 2074 1.72 42.55 -10.20
C THR A 2074 2.65 41.65 -9.41
N ALA A 2075 3.83 41.33 -9.95
CA ALA A 2075 4.73 40.39 -9.31
C ALA A 2075 5.33 40.96 -8.02
N PHE A 2076 5.46 42.28 -7.93
CA PHE A 2076 6.12 42.90 -6.78
C PHE A 2076 5.17 43.74 -5.93
N SER A 2077 3.88 43.69 -6.19
CA SER A 2077 2.92 44.31 -5.29
C SER A 2077 2.73 43.42 -4.07
N PRO A 2078 2.88 43.95 -2.85
CA PRO A 2078 2.78 43.10 -1.66
C PRO A 2078 1.40 42.47 -1.53
N SER A 2079 1.39 41.17 -1.26
CA SER A 2079 0.15 40.42 -1.13
C SER A 2079 0.31 39.42 0.01
N ASP A 2080 -0.51 39.56 1.04
CA ASP A 2080 -0.48 38.66 2.19
C ASP A 2080 -1.92 38.48 2.68
N GLU A 2081 -2.06 37.89 3.86
CA GLU A 2081 -3.38 37.65 4.43
C GLU A 2081 -4.07 38.94 4.86
N THR A 2082 -3.36 40.07 4.91
CA THR A 2082 -3.95 41.33 5.34
C THR A 2082 -4.23 42.29 4.20
N GLN A 2083 -3.49 42.21 3.10
CA GLN A 2083 -3.68 43.13 1.99
C GLN A 2083 -3.13 42.52 0.72
N SER A 2084 -3.74 42.90 -0.40
CA SER A 2084 -3.23 42.51 -1.73
C SER A 2084 -3.85 43.45 -2.75
N ALA A 2085 -3.03 44.28 -3.39
CA ALA A 2085 -3.54 45.22 -4.37
C ALA A 2085 -4.14 44.49 -5.56
N ALA A 2086 -3.49 43.42 -6.01
CA ALA A 2086 -3.99 42.67 -7.17
C ALA A 2086 -5.34 42.03 -6.87
N PHE A 2087 -5.54 41.53 -5.64
CA PHE A 2087 -6.84 40.95 -5.30
C PHE A 2087 -7.91 42.02 -5.19
N ASP A 2088 -7.56 43.21 -4.70
CA ASP A 2088 -8.52 44.31 -4.71
C ASP A 2088 -8.91 44.69 -6.13
N ASP A 2089 -7.94 44.68 -7.04
CA ASP A 2089 -8.25 44.89 -8.45
C ASP A 2089 -9.15 43.79 -8.99
N PHE A 2090 -8.92 42.55 -8.57
CA PHE A 2090 -9.78 41.44 -8.98
C PHE A 2090 -11.21 41.66 -8.49
N ARG A 2091 -11.37 42.11 -7.25
CA ARG A 2091 -12.69 42.41 -6.73
C ARG A 2091 -13.36 43.53 -7.54
N SER A 2092 -12.62 44.60 -7.84
CA SER A 2092 -13.22 45.75 -8.50
C SER A 2092 -13.50 45.50 -9.99
N ASN A 2093 -12.69 44.67 -10.64
CA ASN A 2093 -12.85 44.42 -12.07
C ASN A 2093 -14.10 43.63 -12.40
N ARG A 2094 -14.72 42.99 -11.41
CA ARG A 2094 -15.88 42.16 -11.68
C ARG A 2094 -17.03 42.98 -12.26
N LEU A 2095 -17.30 44.14 -11.68
CA LEU A 2095 -18.40 44.97 -12.16
C LEU A 2095 -18.11 45.52 -13.56
N ILE A 2096 -16.85 45.90 -13.81
CA ILE A 2096 -16.50 46.42 -15.14
C ILE A 2096 -16.67 45.34 -16.20
N ILE A 2097 -16.17 44.13 -15.91
CA ILE A 2097 -16.29 43.05 -16.88
C ILE A 2097 -17.75 42.67 -17.07
N ALA A 2098 -18.53 42.66 -15.98
CA ALA A 2098 -19.95 42.35 -16.07
C ALA A 2098 -20.68 43.38 -16.92
N ASN A 2099 -20.33 44.65 -16.76
CA ASN A 2099 -20.95 45.70 -17.60
C ASN A 2099 -20.59 45.52 -19.06
N ARG A 2100 -19.33 45.19 -19.35
CA ARG A 2100 -18.93 44.97 -20.74
C ARG A 2100 -19.68 43.78 -21.34
N LEU A 2101 -19.78 42.68 -20.58
CA LEU A 2101 -20.51 41.52 -21.07
C LEU A 2101 -21.99 41.83 -21.27
N ALA A 2102 -22.58 42.61 -20.37
CA ALA A 2102 -23.98 42.98 -20.50
C ALA A 2102 -24.20 43.84 -21.74
N GLU A 2103 -23.30 44.80 -21.99
CA GLU A 2103 -23.40 45.59 -23.21
C GLU A 2103 -23.25 44.72 -24.45
N GLY A 2104 -22.40 43.69 -24.38
CA GLY A 2104 -22.32 42.73 -25.47
C GLY A 2104 -23.62 41.94 -25.64
N HIS A 2105 -24.29 41.63 -24.53
CA HIS A 2105 -25.52 40.86 -24.59
C HIS A 2105 -26.74 41.74 -24.82
N TYR A 2106 -26.89 42.79 -24.02
CA TYR A 2106 -27.88 43.84 -24.26
C TYR A 2106 -27.16 44.97 -25.00
N GLY A 2107 -27.40 45.08 -26.30
CA GLY A 2107 -26.61 45.95 -27.14
C GLY A 2107 -26.93 47.43 -27.06
N SER A 2108 -27.01 47.96 -25.83
CA SER A 2108 -27.15 49.40 -25.57
C SER A 2108 -28.45 49.98 -26.12
N GLY A 2109 -29.29 49.15 -26.74
CA GLY A 2109 -30.57 49.64 -27.23
C GLY A 2109 -31.60 49.86 -26.15
N VAL A 2110 -31.44 49.20 -25.00
CA VAL A 2110 -32.33 49.35 -23.86
C VAL A 2110 -31.48 49.54 -22.62
N ALA A 2111 -32.12 50.04 -21.56
CA ALA A 2111 -31.45 50.12 -20.26
C ALA A 2111 -31.12 48.71 -19.79
N ILE A 2112 -29.89 48.51 -19.32
CA ILE A 2112 -29.43 47.19 -18.91
C ILE A 2112 -30.18 46.81 -17.64
N PRO A 2113 -30.91 45.69 -17.65
CA PRO A 2113 -31.60 45.26 -16.42
C PRO A 2113 -30.61 44.89 -15.33
N ARG A 2114 -30.92 45.30 -14.11
CA ARG A 2114 -30.02 45.14 -12.98
C ARG A 2114 -30.79 44.62 -11.78
N TYR A 2115 -30.06 44.00 -10.85
CA TYR A 2115 -30.68 43.30 -9.74
C TYR A 2115 -31.32 44.22 -8.71
N GLY A 2116 -31.09 45.53 -8.80
CA GLY A 2116 -31.68 46.44 -7.84
C GLY A 2116 -32.71 47.38 -8.43
N ASP A 2117 -32.92 47.31 -9.74
CA ASP A 2117 -33.85 48.22 -10.40
C ASP A 2117 -35.29 47.80 -10.14
N ALA A 2118 -36.23 48.59 -10.68
CA ALA A 2118 -37.64 48.33 -10.46
C ALA A 2118 -38.09 47.03 -11.13
N ASN A 2119 -37.57 46.75 -12.33
CA ASN A 2119 -37.99 45.56 -13.05
C ASN A 2119 -37.47 44.28 -12.42
N ASN A 2120 -36.41 44.35 -11.63
CA ASN A 2120 -35.83 43.20 -10.95
C ASN A 2120 -35.60 43.55 -9.49
N PRO A 2121 -36.67 43.73 -8.71
CA PRO A 2121 -36.52 44.15 -7.32
C PRO A 2121 -35.98 43.04 -6.45
N ILE A 2122 -35.36 43.44 -5.34
CA ILE A 2122 -34.90 42.50 -4.33
C ILE A 2122 -36.14 41.86 -3.71
N PRO A 2123 -36.26 40.54 -3.75
CA PRO A 2123 -37.51 39.91 -3.29
C PRO A 2123 -37.63 39.89 -1.78
N ALA A 2124 -38.70 39.28 -1.28
CA ALA A 2124 -38.91 39.21 0.16
C ALA A 2124 -37.94 38.20 0.78
N GLU A 2125 -37.87 38.23 2.11
CA GLU A 2125 -36.98 37.34 2.84
C GLU A 2125 -37.30 35.87 2.61
N THR A 2126 -38.55 35.54 2.27
CA THR A 2126 -38.93 34.15 2.06
C THR A 2126 -38.44 33.63 0.71
N ASP A 2127 -38.26 34.52 -0.26
CA ASP A 2127 -37.90 34.09 -1.61
C ASP A 2127 -36.51 33.47 -1.62
N PRO A 2128 -36.31 32.38 -2.38
CA PRO A 2128 -34.97 31.77 -2.42
C PRO A 2128 -33.88 32.66 -2.99
N ASN A 2129 -34.24 33.64 -3.83
CA ASN A 2129 -33.24 34.48 -4.50
C ASN A 2129 -33.06 35.83 -3.83
N TYR A 2130 -33.54 36.00 -2.59
CA TYR A 2130 -33.33 37.25 -1.87
C TYR A 2130 -31.85 37.51 -1.65
N ALA A 2131 -31.12 36.50 -1.17
CA ALA A 2131 -29.70 36.69 -0.87
C ALA A 2131 -28.90 36.94 -2.14
N VAL A 2132 -29.20 36.22 -3.22
CA VAL A 2132 -28.47 36.43 -4.48
C VAL A 2132 -28.69 37.83 -5.01
N TYR A 2133 -29.95 38.31 -4.96
CA TYR A 2133 -30.24 39.66 -5.42
C TYR A 2133 -29.55 40.70 -4.54
N THR A 2134 -29.54 40.49 -3.23
CA THR A 2134 -28.90 41.44 -2.33
C THR A 2134 -27.39 41.47 -2.52
N ALA A 2135 -26.78 40.32 -2.81
CA ALA A 2135 -25.32 40.23 -2.89
C ALA A 2135 -24.77 41.10 -4.00
N ASN A 2136 -25.45 41.14 -5.15
CA ASN A 2136 -25.03 41.95 -6.30
C ASN A 2136 -26.19 42.84 -6.71
N GLN A 2137 -26.31 43.99 -6.06
CA GLN A 2137 -27.44 44.88 -6.30
C GLN A 2137 -27.38 45.56 -7.66
N GLY A 2138 -26.21 46.11 -8.01
CA GLY A 2138 -26.06 46.86 -9.25
C GLY A 2138 -25.51 46.09 -10.42
N TYR A 2139 -25.39 44.79 -10.32
CA TYR A 2139 -24.87 44.01 -11.43
C TYR A 2139 -25.95 43.69 -12.44
N PRO A 2140 -25.59 43.48 -13.70
CA PRO A 2140 -26.59 43.08 -14.70
C PRO A 2140 -27.13 41.68 -14.40
N ILE A 2141 -28.33 41.42 -14.94
CA ILE A 2141 -29.12 40.27 -14.50
C ILE A 2141 -28.38 38.96 -14.73
N GLY A 2142 -27.83 38.78 -15.92
CA GLY A 2142 -27.19 37.50 -16.16
C GLY A 2142 -25.73 37.41 -15.79
N TYR A 2143 -25.14 38.48 -15.26
CA TYR A 2143 -23.71 38.53 -14.97
C TYR A 2143 -23.52 38.97 -13.52
N THR A 2144 -23.55 38.00 -12.61
CA THR A 2144 -23.33 38.27 -11.20
C THR A 2144 -21.83 38.24 -10.90
N LYS A 2145 -21.49 38.40 -9.62
CA LYS A 2145 -20.11 38.29 -9.18
C LYS A 2145 -19.60 36.85 -9.19
N SER A 2146 -20.48 35.87 -9.38
CA SER A 2146 -20.11 34.47 -9.37
C SER A 2146 -20.03 33.86 -10.76
N ASN A 2147 -20.36 34.62 -11.80
CA ASN A 2147 -20.34 34.08 -13.15
C ASN A 2147 -18.91 33.86 -13.62
N GLN A 2148 -18.65 32.69 -14.19
CA GLN A 2148 -17.31 32.37 -14.70
C GLN A 2148 -16.90 33.35 -15.79
N ALA A 2149 -17.82 33.67 -16.71
CA ALA A 2149 -17.53 34.61 -17.79
C ALA A 2149 -17.21 36.00 -17.26
N VAL A 2150 -17.67 36.34 -16.06
CA VAL A 2150 -17.36 37.64 -15.49
C VAL A 2150 -15.98 37.62 -14.84
N LEU A 2151 -15.74 36.65 -13.96
CA LEU A 2151 -14.59 36.71 -13.10
C LEU A 2151 -13.34 36.07 -13.69
N LEU A 2152 -13.44 35.32 -14.79
CA LEU A 2152 -12.23 34.86 -15.45
C LEU A 2152 -11.48 36.02 -16.11
N PRO A 2153 -12.10 36.83 -16.99
CA PRO A 2153 -11.37 38.01 -17.49
C PRO A 2153 -11.02 39.00 -16.39
N ALA A 2154 -11.85 39.15 -15.36
CA ALA A 2154 -11.50 40.01 -14.25
C ALA A 2154 -10.23 39.52 -13.56
N PHE A 2155 -10.14 38.21 -13.32
CA PHE A 2155 -8.95 37.62 -12.70
C PHE A 2155 -7.72 37.83 -13.57
N LEU A 2156 -7.84 37.56 -14.87
CA LEU A 2156 -6.70 37.69 -15.77
C LEU A 2156 -6.24 39.13 -15.86
N ALA A 2157 -7.17 40.08 -16.00
CA ALA A 2157 -6.80 41.48 -16.09
C ALA A 2157 -6.18 41.97 -14.79
N ALA A 2158 -6.73 41.56 -13.64
CA ALA A 2158 -6.23 42.02 -12.36
C ALA A 2158 -4.81 41.53 -12.11
N TYR A 2159 -4.53 40.26 -12.43
CA TYR A 2159 -3.23 39.72 -12.08
C TYR A 2159 -2.19 39.85 -13.19
N THR A 2160 -2.60 40.19 -14.42
CA THR A 2160 -1.64 40.56 -15.45
C THR A 2160 -1.34 42.05 -15.47
N GLY A 2161 -2.02 42.84 -14.63
CA GLY A 2161 -1.82 44.27 -14.62
C GLY A 2161 -2.49 45.01 -15.76
N SER A 2162 -3.48 44.40 -16.40
CA SER A 2162 -4.18 45.02 -17.52
C SER A 2162 -5.35 45.86 -17.02
N ASP A 2163 -5.88 46.68 -17.93
CA ASP A 2163 -7.05 47.49 -17.65
C ASP A 2163 -8.30 46.71 -18.04
N ALA A 2164 -9.18 46.46 -17.07
CA ALA A 2164 -10.36 45.65 -17.32
C ALA A 2164 -11.35 46.33 -18.26
N SER A 2165 -11.23 47.64 -18.47
CA SER A 2165 -12.12 48.33 -19.39
C SER A 2165 -11.87 47.94 -20.83
N SER A 2166 -10.65 47.50 -21.16
CA SER A 2166 -10.29 47.14 -22.52
C SER A 2166 -9.64 45.77 -22.65
N SER A 2167 -9.41 45.07 -21.55
CA SER A 2167 -8.81 43.74 -21.64
C SER A 2167 -9.81 42.76 -22.24
N SER A 2168 -9.27 41.70 -22.84
CA SER A 2168 -10.10 40.74 -23.55
C SER A 2168 -10.95 39.92 -22.58
N THR A 2169 -12.18 39.62 -22.98
CA THR A 2169 -13.09 38.79 -22.21
C THR A 2169 -13.13 37.36 -22.74
N ASN A 2170 -12.16 36.96 -23.55
CA ASN A 2170 -12.10 35.62 -24.11
C ASN A 2170 -11.40 34.67 -23.16
N ILE A 2171 -11.83 33.40 -23.20
CA ILE A 2171 -11.21 32.38 -22.35
C ILE A 2171 -9.80 32.07 -22.84
N PHE A 2172 -9.64 31.92 -24.16
CA PHE A 2172 -8.38 31.52 -24.75
C PHE A 2172 -7.61 32.74 -25.26
N ARG A 2173 -6.32 32.55 -25.47
CA ARG A 2173 -5.42 33.58 -25.98
C ARG A 2173 -4.72 33.07 -27.23
N SER A 2174 -4.57 33.95 -28.22
CA SER A 2174 -3.97 33.56 -29.50
C SER A 2174 -2.46 33.80 -29.51
N PHE A 2175 -2.02 35.01 -29.18
CA PHE A 2175 -0.61 35.36 -29.25
C PHE A 2175 0.07 35.06 -27.92
N PRO A 2176 1.04 34.15 -27.88
CA PRO A 2176 1.79 33.93 -26.63
C PRO A 2176 2.72 35.10 -26.34
N ILE A 2177 2.67 35.59 -25.11
CA ILE A 2177 3.55 36.67 -24.69
C ILE A 2177 4.93 36.10 -24.38
N PRO A 2178 6.00 36.61 -24.98
CA PRO A 2178 7.31 36.02 -24.78
C PRO A 2178 7.81 36.13 -23.34
N ASN A 2179 8.57 35.13 -22.94
CA ASN A 2179 9.28 35.11 -21.67
C ASN A 2179 10.78 35.21 -21.93
N TRP A 2180 11.49 35.92 -21.07
CA TRP A 2180 12.86 36.33 -21.35
C TRP A 2180 13.86 35.63 -20.43
N SER A 2181 15.07 35.48 -20.95
CA SER A 2181 16.21 34.96 -20.21
C SER A 2181 17.39 35.89 -20.47
N ILE A 2182 17.80 36.63 -19.45
CA ILE A 2182 18.78 37.71 -19.59
C ILE A 2182 20.08 37.27 -18.93
N LYS A 2183 21.18 37.35 -19.69
CA LYS A 2183 22.52 37.07 -19.18
C LYS A 2183 23.39 38.28 -19.50
N TYR A 2184 23.99 38.88 -18.47
CA TYR A 2184 24.71 40.14 -18.61
C TYR A 2184 26.12 39.96 -18.05
N ASN A 2185 27.03 39.50 -18.90
CA ASN A 2185 28.45 39.40 -18.56
C ASN A 2185 29.23 40.63 -19.02
N GLY A 2186 28.78 41.82 -18.61
CA GLY A 2186 29.32 43.03 -19.18
C GLY A 2186 29.94 44.03 -18.22
N LEU A 2187 29.90 43.77 -16.92
CA LEU A 2187 30.47 44.70 -15.97
C LEU A 2187 32.00 44.64 -15.91
N MET A 2188 32.61 43.66 -16.57
CA MET A 2188 34.08 43.60 -16.61
C MET A 2188 34.69 44.80 -17.33
N ARG A 2189 33.98 45.38 -18.28
CA ARG A 2189 34.56 46.40 -19.15
C ARG A 2189 34.37 47.82 -18.65
N TYR A 2190 33.72 48.01 -17.49
CA TYR A 2190 33.56 49.37 -16.97
C TYR A 2190 34.82 49.82 -16.23
N LYS A 2191 35.09 49.21 -15.08
CA LYS A 2191 36.35 49.43 -14.39
C LYS A 2191 36.88 48.19 -13.69
N TYR A 2192 36.23 47.03 -13.84
CA TYR A 2192 36.47 45.88 -12.97
C TYR A 2192 37.64 45.01 -13.43
N PHE A 2193 38.43 45.45 -14.40
CA PHE A 2193 39.62 44.68 -14.78
C PHE A 2193 40.57 44.54 -13.60
N LYS A 2194 40.91 45.66 -12.96
CA LYS A 2194 41.79 45.68 -11.80
C LYS A 2194 41.08 46.27 -10.58
N ASP A 2195 39.77 46.09 -10.50
CA ASP A 2195 38.95 46.63 -9.41
C ASP A 2195 38.55 45.54 -8.42
N LYS A 2196 39.47 44.62 -8.12
CA LYS A 2196 39.33 43.53 -7.16
C LYS A 2196 38.41 42.42 -7.66
N PHE A 2197 37.87 42.53 -8.88
CA PHE A 2197 36.97 41.54 -9.44
C PHE A 2197 37.66 40.77 -10.56
N LYS A 2198 37.47 39.45 -10.56
CA LYS A 2198 37.91 38.62 -11.67
C LYS A 2198 36.78 38.25 -12.62
N ARG A 2199 35.55 38.12 -12.12
CA ARG A 2199 34.40 37.84 -12.95
C ARG A 2199 33.17 38.39 -12.26
N PHE A 2200 32.14 38.69 -13.06
CA PHE A 2200 30.89 39.25 -12.55
C PHE A 2200 29.81 39.00 -13.58
N SER A 2201 28.78 38.25 -13.19
CA SER A 2201 27.68 37.94 -14.09
C SER A 2201 26.36 38.18 -13.39
N LEU A 2202 25.38 38.68 -14.15
CA LEU A 2202 24.02 38.87 -13.68
C LEU A 2202 23.09 38.08 -14.58
N GLN A 2203 22.18 37.33 -13.98
CA GLN A 2203 21.22 36.52 -14.72
C GLN A 2203 19.82 36.81 -14.22
N HIS A 2204 18.84 36.71 -15.12
CA HIS A 2204 17.45 36.95 -14.81
C HIS A 2204 16.58 36.13 -15.75
N ASN A 2205 15.78 35.24 -15.19
CA ASN A 2205 14.84 34.44 -15.97
C ASN A 2205 13.42 34.72 -15.47
N TYR A 2206 12.51 34.95 -16.40
CA TYR A 2206 11.10 35.09 -16.10
C TYR A 2206 10.33 34.11 -16.96
N ARG A 2207 9.32 33.47 -16.36
CA ARG A 2207 8.49 32.51 -17.07
C ARG A 2207 7.11 32.51 -16.43
N ALA A 2208 6.09 32.83 -17.21
CA ALA A 2208 4.72 32.82 -16.74
C ALA A 2208 3.84 32.10 -17.75
N SER A 2209 2.86 31.36 -17.25
CA SER A 2209 1.95 30.61 -18.10
C SER A 2209 0.53 30.74 -17.59
N TYR A 2210 -0.41 30.73 -18.51
CA TYR A 2210 -1.84 30.71 -18.20
C TYR A 2210 -2.38 29.38 -18.70
N THR A 2211 -2.99 28.62 -17.81
CA THR A 2211 -3.34 27.23 -18.07
C THR A 2211 -4.79 26.96 -17.71
N ILE A 2212 -5.48 26.25 -18.60
CA ILE A 2212 -6.81 25.70 -18.33
C ILE A 2212 -6.65 24.18 -18.37
N ASN A 2213 -6.64 23.54 -17.20
CA ASN A 2213 -6.37 22.11 -17.14
C ASN A 2213 -7.43 21.31 -17.88
N GLN A 2214 -8.69 21.73 -17.81
CA GLN A 2214 -9.76 21.05 -18.54
C GLN A 2214 -10.92 22.01 -18.73
N PHE A 2215 -11.23 22.33 -19.97
CA PHE A 2215 -12.46 23.02 -20.32
C PHE A 2215 -13.37 22.06 -21.08
N ARG A 2216 -14.67 22.26 -20.96
CA ARG A 2216 -15.65 21.41 -21.61
C ARG A 2216 -16.75 22.25 -22.21
N SER A 2217 -17.39 21.71 -23.25
CA SER A 2217 -18.64 22.29 -23.72
C SER A 2217 -19.74 22.03 -22.69
N ASN A 2218 -20.81 22.81 -22.79
CA ASN A 2218 -21.89 22.78 -21.81
C ASN A 2218 -23.18 22.38 -22.51
N PHE A 2219 -23.74 21.25 -22.09
CA PHE A 2219 -25.05 20.84 -22.61
C PHE A 2219 -26.16 21.79 -22.18
N ASP A 2220 -25.96 22.52 -21.08
CA ASP A 2220 -26.93 23.53 -20.68
C ASP A 2220 -26.96 24.70 -21.64
N TYR A 2221 -25.85 24.97 -22.33
CA TYR A 2221 -25.77 26.00 -23.35
C TYR A 2221 -26.36 25.44 -24.63
N ASN A 2222 -27.67 25.66 -24.82
CA ASN A 2222 -28.39 25.06 -25.94
C ASN A 2222 -29.36 26.11 -26.48
N SER A 2223 -30.28 25.64 -27.34
CA SER A 2223 -31.25 26.51 -27.99
C SER A 2223 -32.57 26.61 -27.22
N SER A 2224 -32.66 25.99 -26.05
CA SER A 2224 -33.87 26.09 -25.24
C SER A 2224 -34.03 27.51 -24.71
N PRO A 2225 -35.26 27.90 -24.36
CA PRO A 2225 -35.45 29.25 -23.77
C PRO A 2225 -34.85 29.39 -22.39
N LYS A 2226 -34.47 28.29 -21.73
CA LYS A 2226 -33.85 28.35 -20.42
C LYS A 2226 -32.40 28.84 -20.57
N VAL A 2227 -32.14 30.06 -20.13
CA VAL A 2227 -30.83 30.69 -20.34
C VAL A 2227 -30.12 31.01 -19.03
N GLN A 2228 -30.80 30.96 -17.89
CA GLN A 2228 -30.20 31.31 -16.61
C GLN A 2228 -30.11 30.07 -15.73
N ASP A 2229 -29.02 29.96 -14.97
CA ASP A 2229 -28.78 28.83 -14.11
C ASP A 2229 -29.40 29.09 -12.72
N VAL A 2230 -29.13 28.21 -11.77
CA VAL A 2230 -29.71 28.31 -10.43
C VAL A 2230 -29.26 29.56 -9.71
N ASN A 2231 -28.09 30.12 -10.08
CA ASN A 2231 -27.59 31.34 -9.49
C ASN A 2231 -27.94 32.57 -10.30
N THR A 2232 -28.87 32.46 -11.24
CA THR A 2232 -29.32 33.50 -12.17
C THR A 2232 -28.23 33.94 -13.15
N ASN A 2233 -27.10 33.23 -13.19
CA ASN A 2233 -26.08 33.50 -14.19
C ASN A 2233 -26.48 32.90 -15.54
N PHE A 2234 -26.12 33.60 -16.62
CA PHE A 2234 -26.29 33.03 -17.94
C PHE A 2234 -25.39 31.81 -18.11
N TYR A 2235 -25.86 30.85 -18.88
CA TYR A 2235 -25.07 29.66 -19.15
C TYR A 2235 -23.88 30.00 -20.04
N ASN A 2236 -22.74 29.38 -19.77
CA ASN A 2236 -21.52 29.62 -20.51
C ASN A 2236 -21.32 28.49 -21.53
N GLU A 2237 -20.91 28.87 -22.74
CA GLU A 2237 -20.67 27.88 -23.79
C GLU A 2237 -19.55 26.92 -23.40
N ILE A 2238 -18.46 27.46 -22.86
CA ILE A 2238 -17.31 26.66 -22.43
C ILE A 2238 -17.15 26.84 -20.94
N ILE A 2239 -17.17 25.73 -20.20
CA ILE A 2239 -17.05 25.74 -18.75
C ILE A 2239 -15.75 25.07 -18.36
N MET A 2240 -15.19 25.51 -17.23
CA MET A 2240 -13.98 24.91 -16.69
C MET A 2240 -14.03 24.99 -15.18
N SER A 2241 -13.43 23.99 -14.53
CA SER A 2241 -13.39 23.98 -13.07
C SER A 2241 -12.34 24.95 -12.53
N ASN A 2242 -11.19 25.06 -13.19
CA ASN A 2242 -10.08 25.83 -12.68
C ASN A 2242 -9.34 26.53 -13.80
N VAL A 2243 -8.69 27.64 -13.46
CA VAL A 2243 -7.72 28.29 -14.31
C VAL A 2243 -6.50 28.61 -13.44
N ASN A 2244 -5.31 28.34 -13.98
CA ASN A 2244 -4.07 28.50 -13.23
C ASN A 2244 -3.20 29.57 -13.88
N LEU A 2245 -2.75 30.51 -13.06
CA LEU A 2245 -1.71 31.46 -13.44
C LEU A 2245 -0.45 31.12 -12.65
N VAL A 2246 0.62 30.80 -13.35
CA VAL A 2246 1.88 30.40 -12.73
C VAL A 2246 2.97 31.33 -13.24
N GLU A 2247 3.73 31.91 -12.33
CA GLU A 2247 4.88 32.75 -12.65
C GLU A 2247 6.07 32.30 -11.83
N GLN A 2248 7.25 32.38 -12.43
CA GLN A 2248 8.47 31.89 -11.77
C GLN A 2248 9.66 32.75 -12.19
N PHE A 2249 10.30 33.38 -11.22
CA PHE A 2249 11.59 34.03 -11.41
C PHE A 2249 12.66 33.04 -10.98
N SER A 2250 13.29 32.38 -11.96
CA SER A 2250 14.28 31.34 -11.69
C SER A 2250 15.55 31.61 -12.49
N PRO A 2251 16.40 32.54 -12.02
CA PRO A 2251 16.19 33.33 -10.81
C PRO A 2251 15.72 34.76 -11.10
N LEU A 2252 15.22 35.44 -10.07
CA LEU A 2252 14.93 36.87 -10.22
C LEU A 2252 16.22 37.65 -10.50
N ILE A 2253 17.28 37.34 -9.77
CA ILE A 2253 18.60 37.90 -10.02
C ILE A 2253 19.63 36.94 -9.45
N ARG A 2254 20.68 36.68 -10.22
CA ARG A 2254 21.77 35.79 -9.81
C ARG A 2254 23.09 36.54 -9.96
N MET A 2255 23.61 37.03 -8.84
CA MET A 2255 24.89 37.73 -8.82
C MET A 2255 25.98 36.71 -8.56
N ASP A 2256 26.66 36.30 -9.62
CA ASP A 2256 27.75 35.33 -9.55
C ASP A 2256 29.05 36.07 -9.88
N PHE A 2257 29.93 36.20 -8.89
CA PHE A 2257 31.16 36.94 -9.09
C PHE A 2257 32.27 36.36 -8.22
N GLU A 2258 33.51 36.67 -8.61
CA GLU A 2258 34.70 36.24 -7.90
C GLU A 2258 35.63 37.43 -7.74
N LEU A 2259 36.34 37.48 -6.62
CA LEU A 2259 37.34 38.51 -6.37
C LEU A 2259 38.74 37.97 -6.66
N LYS A 2260 39.69 38.89 -6.82
CA LYS A 2260 41.07 38.47 -7.06
C LYS A 2260 41.67 37.72 -5.88
N SER A 2261 41.09 37.86 -4.69
CA SER A 2261 41.48 37.04 -3.54
C SER A 2261 40.82 35.68 -3.55
N SER A 2262 40.18 35.31 -4.66
CA SER A 2262 39.49 34.03 -4.83
C SER A 2262 38.30 33.91 -3.88
N LEU A 2263 37.58 35.01 -3.67
CA LEU A 2263 36.35 35.00 -2.86
C LEU A 2263 35.17 34.84 -3.81
N ARG A 2264 34.68 33.61 -3.93
CA ARG A 2264 33.56 33.30 -4.80
C ARG A 2264 32.25 33.60 -4.10
N VAL A 2265 31.34 34.26 -4.82
CA VAL A 2265 29.99 34.54 -4.33
C VAL A 2265 29.00 34.15 -5.41
N LEU A 2266 27.98 33.37 -5.04
CA LEU A 2266 26.90 32.98 -5.92
C LEU A 2266 25.60 33.28 -5.18
N SER A 2267 25.12 34.51 -5.30
CA SER A 2267 23.90 34.95 -4.65
C SER A 2267 22.77 35.00 -5.67
N GLU A 2268 21.63 34.40 -5.34
CA GLU A 2268 20.49 34.38 -6.23
C GLU A 2268 19.20 34.50 -5.43
N ILE A 2269 18.17 35.02 -6.08
CA ILE A 2269 16.84 35.16 -5.51
C ILE A 2269 15.84 34.49 -6.45
N LYS A 2270 14.98 33.65 -5.89
CA LYS A 2270 13.93 32.99 -6.63
C LYS A 2270 12.57 33.44 -6.13
N LYS A 2271 11.60 33.47 -7.04
CA LYS A 2271 10.26 33.96 -6.75
C LYS A 2271 9.27 33.21 -7.63
N ASP A 2272 8.16 32.79 -7.04
CA ASP A 2272 7.13 32.12 -7.82
C ASP A 2272 5.76 32.41 -7.24
N ARG A 2273 4.77 32.48 -8.14
CA ARG A 2273 3.37 32.64 -7.79
C ARG A 2273 2.57 31.59 -8.55
N ALA A 2274 1.59 30.99 -7.86
CA ALA A 2274 0.85 29.84 -8.37
C ALA A 2274 -0.65 30.04 -8.19
N LEU A 2275 -1.15 31.20 -8.62
CA LEU A 2275 -2.56 31.51 -8.52
C LEU A 2275 -3.41 30.45 -9.23
N SER A 2276 -4.37 29.89 -8.50
CA SER A 2276 -5.33 28.94 -9.05
C SER A 2276 -6.71 29.37 -8.63
N MET A 2277 -7.53 29.77 -9.59
CA MET A 2277 -8.89 30.22 -9.31
C MET A 2277 -9.86 29.09 -9.63
N SER A 2278 -10.63 28.68 -8.63
CA SER A 2278 -11.58 27.58 -8.77
C SER A 2278 -12.97 28.16 -9.01
N PHE A 2279 -13.62 27.69 -10.07
CA PHE A 2279 -14.99 28.10 -10.35
C PHE A 2279 -16.02 27.20 -9.65
N ASP A 2280 -15.58 26.11 -9.03
CA ASP A 2280 -16.49 25.29 -8.24
C ASP A 2280 -16.91 26.01 -6.96
N ASN A 2281 -15.95 26.57 -6.24
CA ASN A 2281 -16.23 27.27 -4.99
C ASN A 2281 -15.98 28.77 -5.07
N ASN A 2282 -15.56 29.29 -6.23
CA ASN A 2282 -15.27 30.70 -6.43
C ASN A 2282 -14.23 31.21 -5.43
N LEU A 2283 -13.31 30.35 -5.04
CA LEU A 2283 -12.21 30.72 -4.17
C LEU A 2283 -10.93 30.82 -4.98
N LEU A 2284 -10.12 31.83 -4.67
CA LEU A 2284 -8.81 31.98 -5.28
C LEU A 2284 -7.75 31.47 -4.31
N THR A 2285 -6.99 30.48 -4.76
CA THR A 2285 -5.89 29.91 -3.97
C THR A 2285 -4.58 30.44 -4.50
N GLU A 2286 -3.79 31.04 -3.64
CA GLU A 2286 -2.55 31.71 -4.01
C GLU A 2286 -1.39 31.07 -3.25
N VAL A 2287 -0.39 30.59 -3.99
CA VAL A 2287 0.81 30.02 -3.42
C VAL A 2287 1.98 30.95 -3.77
N LYS A 2288 2.63 31.49 -2.75
CA LYS A 2288 3.73 32.41 -2.91
C LYS A 2288 5.01 31.76 -2.41
N GLY A 2289 6.11 32.05 -3.06
CA GLY A 2289 7.40 31.48 -2.67
C GLY A 2289 8.52 32.48 -2.79
N MET A 2290 9.48 32.38 -1.87
CA MET A 2290 10.67 33.22 -1.84
C MET A 2290 11.85 32.35 -1.45
N GLU A 2291 12.97 32.52 -2.16
CA GLU A 2291 14.17 31.75 -1.86
C GLU A 2291 15.39 32.63 -2.08
N TYR A 2292 16.17 32.83 -1.02
CA TYR A 2292 17.42 33.57 -1.09
C TYR A 2292 18.57 32.61 -0.84
N ILE A 2293 19.49 32.51 -1.80
CA ILE A 2293 20.62 31.59 -1.73
C ILE A 2293 21.90 32.40 -1.80
N ILE A 2294 22.81 32.15 -0.85
CA ILE A 2294 24.12 32.79 -0.84
C ILE A 2294 25.18 31.68 -0.74
N GLY A 2295 26.08 31.64 -1.72
CA GLY A 2295 27.15 30.67 -1.70
C GLY A 2295 28.51 31.33 -1.66
N LEU A 2296 29.23 31.16 -0.56
CA LEU A 2296 30.52 31.81 -0.34
C LEU A 2296 31.64 30.79 -0.53
N GLY A 2297 32.64 31.15 -1.32
CA GLY A 2297 33.80 30.29 -1.53
C GLY A 2297 35.11 31.02 -1.32
N TYR A 2298 35.89 30.59 -0.35
CA TYR A 2298 37.17 31.22 -0.04
C TYR A 2298 38.23 30.15 0.15
N ARG A 2299 39.49 30.52 -0.10
CA ARG A 2299 40.61 29.59 0.02
C ARG A 2299 41.77 30.32 0.69
N PHE A 2300 41.94 30.09 1.99
CA PHE A 2300 43.12 30.58 2.68
C PHE A 2300 44.35 29.81 2.19
N LYS A 2301 45.46 30.53 2.00
CA LYS A 2301 46.63 29.99 1.35
C LYS A 2301 47.73 29.74 2.37
N ASP A 2302 48.27 28.51 2.36
CA ASP A 2302 49.47 28.14 3.11
C ASP A 2302 49.30 28.42 4.61
N VAL A 2303 48.37 27.69 5.21
CA VAL A 2303 48.13 27.77 6.65
C VAL A 2303 48.97 26.70 7.34
N ILE A 2304 49.74 27.11 8.34
CA ILE A 2304 50.65 26.22 9.06
C ILE A 2304 49.94 25.71 10.30
N PHE A 2305 49.96 24.39 10.48
CA PHE A 2305 49.34 23.76 11.64
C PHE A 2305 50.22 23.93 12.88
N ILE A 2316 55.21 22.89 10.47
CA ILE A 2316 55.81 21.77 9.75
C ILE A 2316 54.84 21.24 8.71
N ILE A 2317 53.55 21.44 8.95
CA ILE A 2317 52.49 20.99 8.05
C ILE A 2317 51.88 22.23 7.40
N LYS A 2318 51.93 22.27 6.07
CA LYS A 2318 51.40 23.39 5.30
C LYS A 2318 50.23 22.90 4.45
N SER A 2319 49.10 23.59 4.54
CA SER A 2319 47.93 23.21 3.77
C SER A 2319 47.05 24.44 3.58
N ASP A 2320 46.35 24.46 2.44
CA ASP A 2320 45.36 25.49 2.18
C ASP A 2320 44.02 25.10 2.77
N ILE A 2321 43.30 26.08 3.30
CA ILE A 2321 41.99 25.87 3.89
C ILE A 2321 40.92 26.31 2.90
N ASN A 2322 40.07 25.38 2.50
CA ASN A 2322 38.97 25.67 1.59
C ASN A 2322 37.70 25.91 2.41
N ILE A 2323 37.10 27.08 2.24
CA ILE A 2323 35.87 27.44 2.93
C ILE A 2323 34.74 27.46 1.92
N LYS A 2324 33.65 26.77 2.23
CA LYS A 2324 32.44 26.80 1.43
C LYS A 2324 31.26 27.02 2.36
N ALA A 2325 30.58 28.16 2.21
CA ALA A 2325 29.43 28.50 3.02
C ALA A 2325 28.20 28.57 2.13
N ASP A 2326 27.15 27.85 2.50
CA ASP A 2326 25.90 27.83 1.74
C ASP A 2326 24.78 28.26 2.68
N PHE A 2327 24.19 29.42 2.41
CA PHE A 2327 23.04 29.90 3.15
C PHE A 2327 21.81 29.87 2.25
N SER A 2328 20.67 29.51 2.84
CA SER A 2328 19.41 29.45 2.11
C SER A 2328 18.28 29.88 3.04
N LEU A 2329 17.44 30.77 2.55
CA LEU A 2329 16.24 31.20 3.28
C LEU A 2329 15.06 31.02 2.34
N ARG A 2330 14.14 30.13 2.70
CA ARG A 2330 13.00 29.79 1.86
C ARG A 2330 11.71 30.17 2.58
N ASN A 2331 10.87 30.94 1.90
CA ASN A 2331 9.57 31.36 2.41
C ASN A 2331 8.48 30.82 1.50
N ASN A 2332 7.39 30.34 2.10
CA ASN A 2332 6.27 29.81 1.37
C ASN A 2332 4.99 30.14 2.11
N GLU A 2333 3.94 30.49 1.36
CA GLU A 2333 2.63 30.75 1.93
C GLU A 2333 1.56 30.31 0.94
N THR A 2334 0.56 29.59 1.44
CA THR A 2334 -0.62 29.25 0.67
C THR A 2334 -1.81 29.98 1.28
N LEU A 2335 -2.46 30.81 0.47
CA LEU A 2335 -3.59 31.61 0.92
C LEU A 2335 -4.81 31.26 0.09
N VAL A 2336 -5.96 31.15 0.76
CA VAL A 2336 -7.26 30.99 0.11
C VAL A 2336 -8.04 32.26 0.37
N ARG A 2337 -8.49 32.90 -0.72
CA ARG A 2337 -9.11 34.21 -0.64
C ARG A 2337 -10.58 34.12 -1.04
N TYR A 2338 -11.45 34.68 -0.21
CA TYR A 2338 -12.85 34.83 -0.56
C TYR A 2338 -13.06 36.17 -1.25
N LEU A 2339 -13.83 36.15 -2.34
CA LEU A 2339 -14.02 37.35 -3.14
C LEU A 2339 -15.00 38.33 -2.49
N ASP A 2340 -16.03 37.84 -1.83
CA ASP A 2340 -17.14 38.67 -1.38
C ASP A 2340 -16.96 39.21 0.04
N TYR A 2341 -15.96 38.73 0.79
CA TYR A 2341 -15.72 39.28 2.11
C TYR A 2341 -14.29 38.93 2.53
N ASP A 2342 -13.80 39.66 3.53
CA ASP A 2342 -12.40 39.59 3.95
C ASP A 2342 -12.17 38.31 4.73
N ASN A 2343 -11.84 37.24 4.02
CA ASN A 2343 -11.63 35.93 4.63
C ASN A 2343 -10.37 35.28 4.07
N ASN A 2344 -9.26 36.02 4.02
CA ASN A 2344 -8.00 35.46 3.55
C ASN A 2344 -7.51 34.42 4.55
N GLN A 2345 -7.65 33.15 4.20
CA GLN A 2345 -7.30 32.05 5.09
C GLN A 2345 -5.89 31.56 4.78
N LEU A 2346 -5.05 31.49 5.81
CA LEU A 2346 -3.71 30.95 5.68
C LEU A 2346 -3.77 29.44 5.81
N ALA A 2347 -3.60 28.74 4.69
CA ALA A 2347 -3.76 27.29 4.66
C ALA A 2347 -2.46 26.53 4.91
N ALA A 2348 -1.35 27.05 4.41
CA ALA A 2348 -0.06 26.39 4.58
C ALA A 2348 1.04 27.44 4.51
N GLY A 2349 2.22 27.07 4.99
CA GLY A 2349 3.34 27.98 4.96
C GLY A 2349 4.60 27.32 5.47
N GLN A 2350 5.74 27.91 5.10
CA GLN A 2350 7.05 27.46 5.54
C GLN A 2350 7.99 28.65 5.58
N ASN A 2351 8.81 28.70 6.63
CA ASN A 2351 9.74 29.80 6.87
C ASN A 2351 11.11 29.26 7.28
N ILE A 2352 11.61 28.30 6.52
CA ILE A 2352 12.82 27.58 6.89
C ILE A 2352 14.05 28.25 6.29
N TRP A 2353 15.07 28.46 7.14
CA TRP A 2353 16.37 28.94 6.70
C TRP A 2353 17.44 27.97 7.17
N SER A 2354 18.46 27.77 6.34
CA SER A 2354 19.52 26.82 6.63
C SER A 2354 20.87 27.42 6.30
N LEU A 2355 21.90 26.96 7.00
CA LEU A 2355 23.27 27.42 6.79
C LEU A 2355 24.20 26.23 6.88
N LYS A 2356 24.88 25.92 5.78
CA LYS A 2356 25.84 24.82 5.72
C LYS A 2356 27.22 25.39 5.47
N LEU A 2357 28.08 25.34 6.49
CA LEU A 2357 29.44 25.85 6.41
C LEU A 2357 30.42 24.70 6.54
N THR A 2358 31.38 24.63 5.62
CA THR A 2358 32.37 23.57 5.64
C THR A 2358 33.76 24.16 5.46
N ALA A 2359 34.73 23.56 6.15
CA ALA A 2359 36.12 23.99 6.09
C ALA A 2359 36.99 22.76 5.91
N ASP A 2360 37.89 22.80 4.91
CA ASP A 2360 38.71 21.65 4.56
C ASP A 2360 40.18 21.93 4.89
N TYR A 2361 40.88 20.87 5.30
CA TYR A 2361 42.30 20.95 5.60
C TYR A 2361 42.95 19.62 5.29
N SER A 2362 44.05 19.65 4.53
CA SER A 2362 44.77 18.44 4.13
C SER A 2362 46.02 18.32 4.99
N PHE A 2363 45.95 17.51 6.04
CA PHE A 2363 47.12 17.25 6.87
C PHE A 2363 48.17 16.44 6.13
N SER A 2364 47.78 15.73 5.09
CA SER A 2364 48.71 14.90 4.32
C SER A 2364 48.07 14.61 2.97
N LYS A 2365 48.82 13.90 2.12
CA LYS A 2365 48.27 13.46 0.84
C LYS A 2365 47.13 12.48 1.05
N ASN A 2366 47.23 11.63 2.06
CA ASN A 2366 46.21 10.63 2.35
C ASN A 2366 45.18 11.11 3.37
N LEU A 2367 45.62 11.88 4.37
CA LEU A 2367 44.75 12.29 5.46
C LEU A 2367 44.16 13.67 5.17
N THR A 2368 42.83 13.77 5.29
CA THR A 2368 42.11 15.01 5.07
C THR A 2368 41.11 15.21 6.21
N ALA A 2369 41.09 16.42 6.76
CA ALA A 2369 40.17 16.78 7.83
C ALA A 2369 39.22 17.87 7.33
N ILE A 2370 37.93 17.68 7.57
CA ILE A 2370 36.91 18.63 7.17
C ILE A 2370 36.08 19.00 8.40
N PHE A 2371 35.90 20.30 8.62
CA PHE A 2371 34.99 20.78 9.64
C PHE A 2371 33.67 21.19 8.98
N TYR A 2372 32.56 20.76 9.57
CA TYR A 2372 31.24 21.07 9.03
C TYR A 2372 30.38 21.69 10.12
N TYR A 2373 29.44 22.53 9.70
CA TYR A 2373 28.48 23.15 10.60
C TYR A 2373 27.20 23.39 9.82
N ASP A 2374 26.16 22.61 10.12
CA ASP A 2374 24.85 22.77 9.52
C ASP A 2374 23.88 23.28 10.57
N HIS A 2375 23.21 24.39 10.26
CA HIS A 2375 22.25 25.00 11.17
C HIS A 2375 21.01 25.36 10.36
N SER A 2376 19.90 24.73 10.70
CA SER A 2376 18.62 25.00 10.05
C SER A 2376 17.57 25.31 11.10
N PHE A 2377 16.77 26.33 10.83
CA PHE A 2377 15.67 26.72 11.71
C PHE A 2377 14.42 26.94 10.87
N SER A 2378 13.37 26.21 11.19
CA SER A 2378 12.09 26.33 10.50
C SER A 2378 11.08 26.98 11.44
N LYS A 2379 10.56 28.13 11.01
CA LYS A 2379 9.52 28.81 11.77
C LYS A 2379 8.17 28.17 11.50
N ALA A 2380 7.27 28.27 12.47
CA ALA A 2380 5.90 27.83 12.28
C ALA A 2380 5.11 28.94 11.61
N VAL A 2381 4.51 28.65 10.46
CA VAL A 2381 3.62 29.59 9.82
C VAL A 2381 2.17 29.37 10.25
N ILE A 2382 1.75 28.11 10.34
CA ILE A 2382 0.49 27.74 10.93
C ILE A 2382 0.77 26.85 12.14
N SER A 2383 -0.21 26.78 13.03
CA SER A 2383 0.02 26.15 14.34
C SER A 2383 0.17 24.63 14.24
N THR A 2384 -0.25 24.01 13.15
CA THR A 2384 -0.06 22.56 13.01
C THR A 2384 1.42 22.18 12.93
N SER A 2385 2.28 23.12 12.55
CA SER A 2385 3.71 22.88 12.47
C SER A 2385 4.39 23.39 13.74
N PHE A 2386 5.43 22.68 14.16
CA PHE A 2386 6.15 23.22 15.30
C PHE A 2386 7.49 23.79 14.85
N PRO A 2387 7.93 24.90 15.45
CA PRO A 2387 9.26 25.42 15.11
C PRO A 2387 10.33 24.42 15.47
N LEU A 2388 11.28 24.23 14.54
CA LEU A 2388 12.28 23.18 14.66
C LEU A 2388 13.67 23.75 14.38
N THR A 2389 14.60 23.48 15.28
CA THR A 2389 16.00 23.85 15.12
C THR A 2389 16.84 22.59 15.00
N ASN A 2390 17.64 22.51 13.95
CA ASN A 2390 18.53 21.38 13.72
C ASN A 2390 19.95 21.89 13.52
N ILE A 2391 20.84 21.55 14.44
CA ILE A 2391 22.24 21.95 14.37
C ILE A 2391 23.09 20.69 14.34
N ARG A 2392 23.93 20.57 13.32
CA ARG A 2392 24.86 19.45 13.18
C ARG A 2392 26.25 20.01 12.90
N SER A 2393 27.15 19.86 13.86
CA SER A 2393 28.51 20.36 13.73
C SER A 2393 29.49 19.32 14.23
N GLY A 2394 30.67 19.29 13.61
CA GLY A 2394 31.70 18.37 14.03
C GLY A 2394 32.83 18.32 13.02
N PHE A 2395 33.71 17.36 13.23
CA PHE A 2395 34.87 17.13 12.37
C PHE A 2395 34.76 15.76 11.72
N THR A 2396 34.98 15.70 10.42
CA THR A 2396 35.04 14.45 9.68
C THR A 2396 36.45 14.22 9.17
N LEU A 2397 37.04 13.09 9.52
CA LEU A 2397 38.39 12.73 9.13
C LEU A 2397 38.31 11.70 8.01
N ARG A 2398 38.98 11.98 6.89
CA ARG A 2398 39.02 11.09 5.74
C ARG A 2398 40.46 10.67 5.48
N TYR A 2399 40.67 9.36 5.37
CA TYR A 2399 41.98 8.80 5.04
C TYR A 2399 41.86 7.97 3.77
N ASN A 2400 42.63 8.32 2.75
CA ASN A 2400 42.64 7.62 1.48
C ASN A 2400 43.79 6.63 1.43
N PHE A 2401 43.58 5.52 0.74
CA PHE A 2401 44.61 4.49 0.61
C PHE A 2401 45.18 4.46 -0.80
N ASP B 22 -15.01 47.99 -27.86
CA ASP B 22 -16.22 47.17 -27.82
C ASP B 22 -16.89 47.10 -29.19
N GLU B 23 -17.78 46.11 -29.35
CA GLU B 23 -18.53 45.95 -30.60
C GLU B 23 -20.01 45.93 -30.31
N VAL B 24 -20.47 46.88 -29.48
CA VAL B 24 -21.88 46.93 -29.11
C VAL B 24 -22.73 47.29 -30.32
N LYS B 25 -23.79 46.52 -30.55
CA LYS B 25 -24.67 46.70 -31.69
C LYS B 25 -26.10 46.89 -31.21
N ASP B 26 -26.82 47.80 -31.85
CA ASP B 26 -28.21 48.09 -31.51
C ASP B 26 -29.13 47.43 -32.53
N TYR B 27 -30.14 46.71 -32.04
CA TYR B 27 -31.07 46.01 -32.90
C TYR B 27 -32.53 46.35 -32.64
N THR B 28 -32.81 47.28 -31.71
CA THR B 28 -34.19 47.51 -31.31
C THR B 28 -35.04 48.03 -32.48
N ALA B 29 -34.52 48.99 -33.24
CA ALA B 29 -35.30 49.60 -34.31
C ALA B 29 -35.54 48.61 -35.45
N GLU B 30 -34.49 47.91 -35.88
CA GLU B 30 -34.64 46.95 -36.97
C GLU B 30 -35.50 45.76 -36.55
N ASN B 31 -35.37 45.30 -35.30
CA ASN B 31 -36.25 44.25 -34.82
C ASN B 31 -37.70 44.71 -34.79
N GLU B 32 -37.93 45.95 -34.35
CA GLU B 32 -39.28 46.50 -34.33
C GLU B 32 -39.88 46.55 -35.74
N LYS B 33 -39.10 47.03 -36.71
CA LYS B 33 -39.61 47.12 -38.07
C LYS B 33 -39.83 45.75 -38.69
N GLU B 34 -38.94 44.79 -38.38
CA GLU B 34 -39.14 43.44 -38.88
C GLU B 34 -40.39 42.81 -38.29
N ILE B 35 -40.64 43.05 -37.00
CA ILE B 35 -41.82 42.49 -36.35
C ILE B 35 -43.09 43.08 -36.96
N VAL B 36 -43.11 44.40 -37.15
CA VAL B 36 -44.32 45.01 -37.71
C VAL B 36 -44.52 44.58 -39.16
N ASP B 37 -43.43 44.40 -39.92
CA ASP B 37 -43.57 43.87 -41.27
C ASP B 37 -44.13 42.45 -41.26
N TYR B 38 -43.67 41.62 -40.32
CA TYR B 38 -44.20 40.26 -40.21
C TYR B 38 -45.68 40.28 -39.88
N LEU B 39 -46.10 41.15 -38.96
CA LEU B 39 -47.52 41.30 -38.66
C LEU B 39 -48.28 41.97 -39.79
N ALA B 40 -47.59 42.60 -40.75
CA ALA B 40 -48.27 43.17 -41.91
C ALA B 40 -48.52 42.11 -42.98
N GLN B 41 -47.48 41.36 -43.35
CA GLN B 41 -47.65 40.33 -44.38
C GLN B 41 -48.62 39.25 -43.92
N ASN B 42 -48.50 38.81 -42.68
CA ASN B 42 -49.44 37.86 -42.11
C ASN B 42 -50.58 38.63 -41.44
N ASN B 43 -51.82 38.24 -41.74
CA ASN B 43 -53.00 38.96 -41.25
C ASN B 43 -53.14 38.68 -39.76
N LEU B 44 -52.30 39.34 -38.97
CA LEU B 44 -52.25 39.15 -37.53
C LEU B 44 -52.19 40.50 -36.84
N THR B 45 -52.94 40.63 -35.75
CA THR B 45 -52.90 41.80 -34.89
C THR B 45 -52.34 41.40 -33.53
N ALA B 46 -51.30 42.12 -33.10
CA ALA B 46 -50.58 41.77 -31.88
C ALA B 46 -50.47 42.99 -30.97
N GLN B 47 -50.71 42.77 -29.68
CA GLN B 47 -50.53 43.82 -28.69
C GLN B 47 -49.05 43.96 -28.34
N ARG B 48 -48.64 45.20 -28.10
CA ARG B 48 -47.25 45.53 -27.84
C ARG B 48 -47.08 45.94 -26.38
N THR B 49 -46.04 45.40 -25.74
CA THR B 49 -45.71 45.76 -24.37
C THR B 49 -44.80 46.98 -24.34
N ASN B 50 -44.54 47.47 -23.13
CA ASN B 50 -43.64 48.61 -22.97
C ASN B 50 -42.20 48.25 -23.27
N SER B 51 -41.85 46.96 -23.24
CA SER B 51 -40.49 46.51 -23.52
C SER B 51 -40.28 46.11 -24.97
N GLY B 52 -41.30 46.24 -25.82
CA GLY B 52 -41.19 45.89 -27.21
C GLY B 52 -41.65 44.49 -27.58
N LEU B 53 -42.16 43.72 -26.62
CA LEU B 53 -42.64 42.38 -26.88
C LEU B 53 -44.04 42.43 -27.51
N TYR B 54 -44.26 41.58 -28.50
CA TYR B 54 -45.56 41.40 -29.12
C TYR B 54 -46.12 40.04 -28.76
N TYR B 55 -47.42 39.99 -28.50
CA TYR B 55 -48.07 38.75 -28.08
C TYR B 55 -49.49 38.71 -28.62
N ILE B 56 -49.97 37.50 -28.88
CA ILE B 56 -51.34 37.25 -29.32
C ILE B 56 -51.91 36.11 -28.48
N ILE B 57 -53.09 36.31 -27.93
CA ILE B 57 -53.78 35.29 -27.16
C ILE B 57 -54.80 34.64 -28.08
N THR B 58 -54.50 33.41 -28.53
CA THR B 58 -55.46 32.68 -29.34
C THR B 58 -56.61 32.14 -28.50
N LYS B 59 -56.31 31.68 -27.29
CA LYS B 59 -57.34 31.21 -26.37
C LYS B 59 -56.86 31.43 -24.94
N GLU B 60 -57.81 31.47 -24.02
CA GLU B 60 -57.53 31.70 -22.62
C GLU B 60 -58.07 30.54 -21.79
N GLY B 61 -57.28 30.13 -20.80
CA GLY B 61 -57.66 29.03 -19.93
C GLY B 61 -58.21 29.49 -18.59
N SER B 62 -58.24 28.58 -17.63
CA SER B 62 -58.75 28.89 -16.30
C SER B 62 -57.77 28.42 -15.22
N HIS B 90 -52.67 32.21 -13.23
CA HIS B 90 -51.58 33.02 -13.76
C HIS B 90 -50.26 32.66 -13.10
N PRO B 91 -49.28 32.27 -13.91
CA PRO B 91 -47.96 31.95 -13.35
C PRO B 91 -47.26 33.21 -12.85
N THR B 92 -46.52 33.06 -11.76
CA THR B 92 -45.74 34.15 -11.19
C THR B 92 -44.26 33.93 -11.50
N LEU B 93 -43.41 34.82 -10.97
CA LEU B 93 -41.99 34.69 -11.19
C LEU B 93 -41.44 33.39 -10.61
N ASN B 94 -41.88 33.02 -9.41
CA ASN B 94 -41.50 31.74 -8.80
C ASN B 94 -42.64 30.76 -9.02
N SER B 95 -42.75 30.29 -10.26
CA SER B 95 -43.79 29.34 -10.62
C SER B 95 -43.25 28.36 -11.64
N ASN B 96 -43.58 27.08 -11.47
CA ASN B 96 -43.18 26.05 -12.41
C ASN B 96 -44.26 25.87 -13.46
N ILE B 97 -43.87 25.88 -14.72
CA ILE B 97 -44.80 25.77 -15.84
C ILE B 97 -44.37 24.64 -16.75
N THR B 98 -45.33 24.08 -17.48
CA THR B 98 -45.09 23.06 -18.49
C THR B 98 -45.66 23.55 -19.80
N VAL B 99 -44.84 23.50 -20.87
CA VAL B 99 -45.18 24.14 -22.13
C VAL B 99 -44.97 23.18 -23.29
N ILE B 100 -45.67 23.45 -24.38
CA ILE B 100 -45.64 22.61 -25.59
C ILE B 100 -45.20 23.57 -26.70
N TYR B 101 -44.34 24.51 -26.34
CA TYR B 101 -43.98 25.63 -27.20
C TYR B 101 -43.36 25.18 -28.51
N LYS B 102 -43.19 26.14 -29.41
CA LYS B 102 -42.52 25.95 -30.69
C LYS B 102 -41.90 27.27 -31.10
N GLY B 103 -40.60 27.26 -31.39
CA GLY B 103 -39.88 28.48 -31.69
C GLY B 103 -39.22 28.48 -33.06
N TYR B 104 -39.38 29.56 -33.81
CA TYR B 104 -38.88 29.65 -35.17
C TYR B 104 -38.54 31.10 -35.49
N PHE B 105 -37.73 31.28 -36.54
CA PHE B 105 -37.34 32.59 -37.00
C PHE B 105 -38.42 33.19 -37.89
N THR B 106 -38.19 34.42 -38.36
CA THR B 106 -39.17 35.10 -39.20
C THR B 106 -39.33 34.43 -40.57
N ASN B 107 -38.34 33.66 -41.01
CA ASN B 107 -38.42 32.94 -42.28
C ASN B 107 -39.02 31.54 -42.13
N GLY B 108 -39.46 31.17 -40.92
CA GLY B 108 -40.16 29.92 -40.71
C GLY B 108 -39.31 28.74 -40.29
N LYS B 109 -37.98 28.85 -40.32
CA LYS B 109 -37.12 27.76 -39.91
C LYS B 109 -37.14 27.61 -38.40
N VAL B 110 -37.32 26.39 -37.92
CA VAL B 110 -37.45 26.11 -36.49
C VAL B 110 -36.06 25.98 -35.88
N PHE B 111 -35.83 26.72 -34.79
CA PHE B 111 -34.57 26.60 -34.05
C PHE B 111 -34.72 25.82 -32.74
N ASP B 112 -35.92 25.76 -32.17
CA ASP B 112 -36.16 24.99 -30.97
C ASP B 112 -37.63 24.65 -30.89
N GLU B 113 -37.94 23.48 -30.34
CA GLU B 113 -39.30 22.98 -30.31
C GLU B 113 -39.43 21.94 -29.21
N SER B 114 -40.65 21.81 -28.68
CA SER B 114 -40.95 20.76 -27.69
C SER B 114 -42.38 20.31 -27.93
N THR B 115 -42.54 19.21 -28.68
CA THR B 115 -43.87 18.71 -28.99
C THR B 115 -44.58 18.18 -27.76
N GLU B 116 -43.84 17.63 -26.81
CA GLU B 116 -44.39 17.19 -25.53
C GLU B 116 -44.08 18.23 -24.46
N GLY B 117 -44.87 18.19 -23.40
CA GLY B 117 -44.72 19.13 -22.31
C GLY B 117 -43.36 19.08 -21.62
N VAL B 118 -42.73 20.24 -21.46
CA VAL B 118 -41.46 20.37 -20.77
C VAL B 118 -41.63 21.37 -19.63
N SER B 119 -41.09 21.04 -18.46
CA SER B 119 -41.28 21.84 -17.26
C SER B 119 -40.16 22.86 -17.12
N TYR B 120 -40.53 24.10 -16.81
CA TYR B 120 -39.58 25.20 -16.63
C TYR B 120 -39.95 25.97 -15.38
N SER B 121 -38.97 26.72 -14.86
CA SER B 121 -39.16 27.51 -13.65
C SER B 121 -39.64 28.94 -13.92
N LEU B 122 -39.60 29.38 -15.18
CA LEU B 122 -40.16 30.66 -15.63
C LEU B 122 -39.35 31.84 -15.13
N ARG B 123 -38.37 31.59 -14.26
CA ARG B 123 -37.42 32.62 -13.87
C ARG B 123 -36.03 32.38 -14.44
N THR B 124 -35.82 31.22 -15.07
CA THR B 124 -34.57 30.91 -15.75
C THR B 124 -34.66 31.08 -17.26
N LEU B 125 -35.80 31.55 -17.77
CA LEU B 125 -36.05 31.66 -19.20
C LEU B 125 -35.69 33.06 -19.69
N ILE B 126 -35.81 33.25 -21.00
CA ILE B 126 -35.51 34.54 -21.63
C ILE B 126 -36.56 35.56 -21.18
N PRO B 127 -36.21 36.86 -21.16
CA PRO B 127 -37.18 37.86 -20.67
C PRO B 127 -38.50 37.87 -21.43
N GLY B 128 -38.48 37.58 -22.72
CA GLY B 128 -39.72 37.56 -23.48
C GLY B 128 -40.73 36.59 -22.90
N TRP B 129 -40.28 35.39 -22.55
CA TRP B 129 -41.16 34.44 -21.87
C TRP B 129 -41.59 34.96 -20.50
N LYS B 130 -40.65 35.57 -19.76
CA LYS B 130 -40.99 36.10 -18.44
C LYS B 130 -42.09 37.14 -18.51
N GLU B 131 -42.19 37.86 -19.62
CA GLU B 131 -43.28 38.82 -19.80
C GLU B 131 -44.52 38.22 -20.44
N GLY B 132 -44.38 37.20 -21.26
CA GLY B 132 -45.52 36.66 -21.98
C GLY B 132 -46.30 35.57 -21.27
N ILE B 133 -45.59 34.65 -20.60
CA ILE B 133 -46.28 33.52 -19.95
C ILE B 133 -47.25 33.97 -18.88
N PRO B 134 -46.93 34.92 -17.98
CA PRO B 134 -47.92 35.34 -16.97
C PRO B 134 -49.21 35.90 -17.55
N LEU B 135 -49.30 36.11 -18.86
CA LEU B 135 -50.48 36.72 -19.45
C LEU B 135 -51.64 35.76 -19.63
N LEU B 136 -51.45 34.47 -19.38
CA LEU B 136 -52.52 33.50 -19.57
C LEU B 136 -52.44 32.43 -18.50
N LYS B 137 -53.50 31.62 -18.41
CA LYS B 137 -53.65 30.56 -17.44
C LYS B 137 -53.38 29.21 -18.10
N SER B 138 -53.61 28.14 -17.33
CA SER B 138 -53.41 26.80 -17.84
C SER B 138 -54.38 26.51 -19.00
N GLY B 139 -53.87 25.89 -20.06
CA GLY B 139 -54.66 25.58 -21.22
C GLY B 139 -54.63 26.63 -22.31
N GLY B 140 -54.18 27.85 -22.00
CA GLY B 140 -54.14 28.89 -23.00
C GLY B 140 -52.91 28.81 -23.89
N GLU B 141 -53.00 29.47 -25.05
CA GLU B 141 -51.91 29.54 -26.00
C GLU B 141 -51.57 30.99 -26.30
N ILE B 142 -50.29 31.25 -26.51
CA ILE B 142 -49.81 32.60 -26.81
C ILE B 142 -48.83 32.53 -27.98
N GLN B 143 -48.83 33.58 -28.78
CA GLN B 143 -47.91 33.72 -29.91
C GLN B 143 -46.98 34.87 -29.59
N LEU B 144 -45.70 34.58 -29.40
CA LEU B 144 -44.72 35.60 -29.04
C LEU B 144 -43.87 36.00 -30.23
N PHE B 145 -43.45 37.26 -30.23
CA PHE B 145 -42.62 37.86 -31.28
C PHE B 145 -41.40 38.51 -30.65
N VAL B 146 -40.70 37.74 -29.81
CA VAL B 146 -39.64 38.27 -28.94
C VAL B 146 -38.55 38.93 -29.79
N PRO B 147 -38.20 40.18 -29.52
CA PRO B 147 -37.04 40.79 -30.17
C PRO B 147 -35.75 40.30 -29.53
N ALA B 148 -34.62 40.69 -30.15
CA ALA B 148 -33.32 40.17 -29.74
C ALA B 148 -32.98 40.57 -28.31
N HIS B 149 -33.23 41.82 -27.93
CA HIS B 149 -32.87 42.27 -26.60
C HIS B 149 -33.70 41.60 -25.51
N LEU B 150 -34.85 41.05 -25.86
CA LEU B 150 -35.64 40.22 -24.95
C LEU B 150 -35.41 38.74 -25.19
N GLY B 151 -34.60 38.36 -26.17
CA GLY B 151 -34.35 36.97 -26.47
C GLY B 151 -32.94 36.53 -26.13
N TYR B 152 -32.14 36.27 -27.16
CA TYR B 152 -30.76 35.82 -26.97
C TYR B 152 -29.74 36.94 -27.13
N GLY B 153 -30.19 38.17 -27.27
CA GLY B 153 -29.29 39.30 -27.25
C GLY B 153 -28.65 39.61 -28.59
N SER B 154 -27.70 40.56 -28.53
CA SER B 154 -27.02 41.03 -29.73
C SER B 154 -26.00 40.03 -30.24
N ASN B 155 -25.55 39.09 -29.40
CA ASN B 155 -24.61 38.07 -29.83
C ASN B 155 -25.26 36.74 -30.16
N GLY B 156 -26.43 36.46 -29.58
CA GLY B 156 -27.08 35.19 -29.82
C GLY B 156 -26.30 34.03 -29.25
N ASN B 157 -26.48 32.87 -29.86
CA ASN B 157 -25.77 31.66 -29.48
C ASN B 157 -25.59 30.81 -30.73
N LYS B 158 -25.27 29.53 -30.56
CA LYS B 158 -25.25 28.62 -31.69
C LYS B 158 -26.68 28.40 -32.20
N THR B 159 -26.81 28.37 -33.53
CA THR B 159 -28.06 28.14 -34.25
C THR B 159 -29.01 29.33 -34.17
N VAL B 160 -28.65 30.35 -33.41
CA VAL B 160 -29.42 31.60 -33.39
C VAL B 160 -28.46 32.77 -33.59
N PRO B 161 -28.53 33.46 -34.72
CA PRO B 161 -27.61 34.60 -34.93
C PRO B 161 -27.95 35.77 -34.02
N GLY B 162 -26.94 36.57 -33.74
CA GLY B 162 -27.14 37.75 -32.92
C GLY B 162 -28.08 38.74 -33.59
N GLY B 163 -28.91 39.38 -32.79
CA GLY B 163 -29.88 40.33 -33.30
C GLY B 163 -30.96 39.70 -34.16
N ALA B 164 -31.50 38.56 -33.74
CA ALA B 164 -32.50 37.83 -34.48
C ALA B 164 -33.85 37.90 -33.76
N VAL B 165 -34.90 38.20 -34.51
CA VAL B 165 -36.24 38.22 -33.95
C VAL B 165 -36.75 36.79 -33.82
N LEU B 166 -37.23 36.43 -32.64
CA LEU B 166 -37.72 35.09 -32.35
C LEU B 166 -39.24 35.09 -32.33
N ILE B 167 -39.83 34.00 -32.83
CA ILE B 167 -41.27 33.79 -32.82
C ILE B 167 -41.56 32.51 -32.06
N PHE B 168 -42.47 32.60 -31.08
CA PHE B 168 -42.81 31.46 -30.24
C PHE B 168 -44.31 31.21 -30.29
N GLU B 169 -44.69 29.94 -30.40
CA GLU B 169 -46.08 29.50 -30.26
C GLU B 169 -46.13 28.61 -29.04
N ILE B 170 -46.58 29.16 -27.91
CA ILE B 170 -46.47 28.50 -26.62
C ILE B 170 -47.86 28.13 -26.12
N THR B 171 -48.02 26.89 -25.68
CA THR B 171 -49.22 26.42 -25.03
C THR B 171 -48.89 26.08 -23.57
N LEU B 172 -49.56 26.76 -22.65
CA LEU B 172 -49.35 26.54 -21.22
C LEU B 172 -50.34 25.47 -20.76
N VAL B 173 -49.83 24.29 -20.41
CA VAL B 173 -50.69 23.17 -20.09
C VAL B 173 -50.90 23.05 -18.58
N SER B 174 -49.93 23.53 -17.79
CA SER B 174 -50.05 23.46 -16.35
C SER B 174 -49.13 24.51 -15.71
N VAL B 175 -49.50 24.93 -14.51
CA VAL B 175 -48.73 25.89 -13.73
C VAL B 175 -48.35 25.22 -12.41
N ASN B 176 -48.13 23.91 -12.47
CA ASN B 176 -47.77 23.15 -11.28
C ASN B 176 -46.44 23.61 -10.69
N ASP C 21 16.48 -23.89 28.24
CA ASP C 21 16.88 -22.59 27.70
C ASP C 21 17.39 -21.67 28.79
N ILE C 22 17.37 -20.36 28.54
CA ILE C 22 17.91 -19.39 29.49
C ILE C 22 16.98 -19.34 30.70
N GLU C 23 17.52 -19.64 31.88
CA GLU C 23 16.77 -19.60 33.13
C GLU C 23 17.44 -18.61 34.07
N ARG C 24 16.67 -17.66 34.59
CA ARG C 24 17.13 -16.63 35.50
C ARG C 24 18.34 -15.89 34.93
N PRO C 25 18.19 -15.16 33.83
CA PRO C 25 19.33 -14.39 33.30
C PRO C 25 19.69 -13.23 34.21
N ILE C 26 20.95 -12.83 34.15
CA ILE C 26 21.43 -11.71 34.94
C ILE C 26 21.05 -10.41 34.24
N THR C 27 20.28 -9.58 34.91
CA THR C 27 19.81 -8.31 34.34
C THR C 27 20.77 -7.20 34.74
N THR C 28 21.38 -6.56 33.75
CA THR C 28 22.28 -5.45 33.96
C THR C 28 21.90 -4.31 33.02
N GLY C 29 22.24 -3.09 33.42
CA GLY C 29 22.10 -1.95 32.54
C GLY C 29 23.19 -1.93 31.48
N VAL C 30 22.97 -1.08 30.48
CA VAL C 30 23.84 -0.87 29.32
C VAL C 30 24.55 -2.15 28.90
N PRO C 31 23.82 -3.17 28.43
CA PRO C 31 24.48 -4.43 28.06
C PRO C 31 25.35 -4.33 26.82
N PHE C 32 25.31 -3.20 26.10
CA PHE C 32 26.16 -3.03 24.93
C PHE C 32 27.64 -2.98 25.30
N LEU C 33 27.97 -2.75 26.57
CA LEU C 33 29.37 -2.71 26.99
C LEU C 33 30.04 -4.07 26.90
N LEU C 34 29.28 -5.16 26.96
CA LEU C 34 29.83 -6.50 26.93
C LEU C 34 30.07 -7.03 25.52
N VAL C 35 29.63 -6.30 24.51
CA VAL C 35 29.79 -6.75 23.12
C VAL C 35 31.22 -6.50 22.67
N ALA C 36 31.82 -7.51 22.04
CA ALA C 36 33.15 -7.34 21.45
C ALA C 36 33.09 -6.27 20.36
N ALA C 37 33.92 -5.23 20.52
CA ALA C 37 33.88 -4.07 19.63
C ALA C 37 35.01 -4.05 18.63
N ASP C 38 35.82 -5.10 18.56
CA ASP C 38 36.92 -5.16 17.60
C ASP C 38 36.93 -6.53 16.94
N ALA C 39 37.36 -6.55 15.67
CA ALA C 39 37.31 -7.78 14.89
C ALA C 39 38.36 -8.78 15.36
N ARG C 40 39.50 -8.31 15.87
CA ARG C 40 40.56 -9.24 16.28
C ARG C 40 40.10 -10.09 17.47
N ALA C 41 39.57 -9.47 18.51
CA ALA C 41 39.11 -10.22 19.67
C ALA C 41 37.89 -11.05 19.34
N ALA C 42 37.01 -10.54 18.48
CA ALA C 42 35.83 -11.31 18.08
C ALA C 42 36.23 -12.57 17.33
N GLY C 43 37.22 -12.47 16.45
CA GLY C 43 37.71 -13.65 15.76
C GLY C 43 38.36 -14.66 16.69
N LEU C 44 38.72 -14.25 17.90
CA LEU C 44 39.27 -15.13 18.93
C LEU C 44 38.23 -15.52 19.97
N GLY C 45 36.97 -15.62 19.57
CA GLY C 45 35.91 -15.97 20.50
C GLY C 45 35.60 -14.92 21.55
N ASP C 46 35.62 -13.64 21.16
CA ASP C 46 35.31 -12.52 22.06
C ASP C 46 36.18 -12.55 23.32
N GLN C 47 37.50 -12.60 23.12
CA GLN C 47 38.42 -12.60 24.24
C GLN C 47 39.67 -11.81 23.86
N GLY C 48 40.15 -11.01 24.81
CA GLY C 48 41.42 -10.32 24.63
C GLY C 48 42.21 -10.13 25.91
N VAL C 49 41.74 -10.73 27.01
CA VAL C 49 42.33 -10.42 28.31
C VAL C 49 43.76 -10.95 28.42
N ALA C 50 44.09 -11.99 27.65
CA ALA C 50 45.41 -12.61 27.75
C ALA C 50 46.05 -12.82 26.38
N THR C 51 45.61 -12.09 25.36
CA THR C 51 46.23 -12.17 24.05
C THR C 51 47.42 -11.21 23.99
N SER C 52 48.08 -11.16 22.84
CA SER C 52 49.16 -10.23 22.64
C SER C 52 48.63 -8.80 22.64
N SER C 53 49.49 -7.87 23.03
CA SER C 53 49.08 -6.47 23.12
C SER C 53 48.73 -5.92 21.74
N ASP C 54 47.63 -5.18 21.67
CA ASP C 54 47.17 -4.60 20.42
C ASP C 54 46.50 -3.26 20.71
N VAL C 55 46.12 -2.58 19.63
CA VAL C 55 45.48 -1.28 19.75
C VAL C 55 44.09 -1.39 20.39
N PHE C 56 43.43 -2.54 20.28
CA PHE C 56 42.11 -2.74 20.84
C PHE C 56 42.14 -3.21 22.29
N SER C 57 43.30 -3.16 22.93
CA SER C 57 43.44 -3.70 24.28
C SER C 57 42.94 -2.73 25.33
N GLN C 58 41.73 -2.21 25.15
CA GLN C 58 41.10 -1.32 26.12
C GLN C 58 39.83 -1.90 26.70
N GLN C 59 38.98 -2.49 25.85
CA GLN C 59 37.80 -3.18 26.33
C GLN C 59 38.17 -4.44 27.11
N TRP C 60 39.30 -5.06 26.78
CA TRP C 60 39.67 -6.36 27.32
C TRP C 60 40.69 -6.27 28.44
N ASN C 61 41.81 -5.59 28.22
CA ASN C 61 42.85 -5.47 29.23
C ASN C 61 43.69 -4.23 28.97
N PRO C 62 43.36 -3.09 29.61
CA PRO C 62 44.16 -1.88 29.40
C PRO C 62 45.61 -2.01 29.86
N ALA C 63 45.91 -2.99 30.71
CA ALA C 63 47.25 -3.11 31.29
C ALA C 63 48.31 -3.46 30.26
N LYS C 64 47.95 -4.08 29.14
CA LYS C 64 48.93 -4.46 28.15
C LYS C 64 49.20 -3.38 27.12
N TYR C 65 48.59 -2.20 27.25
CA TYR C 65 49.01 -1.07 26.44
C TYR C 65 50.46 -0.68 26.74
N ALA C 66 50.92 -0.94 27.96
CA ALA C 66 52.31 -0.70 28.32
C ALA C 66 53.27 -1.69 27.64
N PHE C 67 52.75 -2.77 27.07
CA PHE C 67 53.56 -3.74 26.34
C PHE C 67 53.48 -3.55 24.84
N ALA C 68 52.88 -2.45 24.37
CA ALA C 68 52.75 -2.23 22.95
C ALA C 68 54.12 -2.03 22.30
N GLU C 69 54.28 -2.61 21.11
CA GLU C 69 55.55 -2.48 20.39
C GLU C 69 55.69 -1.12 19.74
N ASP C 70 54.60 -0.56 19.21
CA ASP C 70 54.63 0.75 18.60
C ASP C 70 54.38 1.83 19.65
N ALA C 71 54.90 3.02 19.39
CA ALA C 71 54.77 4.13 20.34
C ALA C 71 53.31 4.54 20.50
N GLN C 72 52.57 4.64 19.40
CA GLN C 72 51.18 5.04 19.47
C GLN C 72 50.42 4.42 18.30
N GLY C 73 49.10 4.33 18.46
CA GLY C 73 48.27 3.75 17.44
C GLY C 73 46.85 4.26 17.53
N LEU C 74 46.16 4.23 16.40
CA LEU C 74 44.77 4.65 16.30
C LEU C 74 44.02 3.62 15.47
N SER C 75 42.85 3.21 15.94
CA SER C 75 42.08 2.16 15.30
C SER C 75 40.62 2.56 15.14
N ILE C 76 39.99 2.02 14.11
CA ILE C 76 38.57 2.18 13.87
C ILE C 76 37.99 0.79 13.63
N SER C 77 36.89 0.48 14.30
CA SER C 77 36.25 -0.83 14.20
C SER C 77 34.78 -0.65 13.88
N TYR C 78 34.24 -1.58 13.09
CA TYR C 78 32.86 -1.54 12.64
C TYR C 78 32.23 -2.90 12.85
N THR C 79 31.15 -2.95 13.65
CA THR C 79 30.40 -4.17 13.92
C THR C 79 28.94 -3.92 13.56
N PRO C 80 28.52 -4.28 12.35
CA PRO C 80 27.14 -4.01 11.94
C PRO C 80 26.14 -4.96 12.58
N TYR C 81 24.91 -4.48 12.68
CA TYR C 81 23.79 -5.24 13.23
C TYR C 81 22.68 -5.32 12.18
N LEU C 82 22.05 -6.50 12.10
CA LEU C 82 20.91 -6.72 11.20
C LEU C 82 21.26 -6.31 9.77
N THR C 83 22.37 -6.85 9.27
CA THR C 83 22.89 -6.44 7.97
C THR C 83 21.90 -6.71 6.86
N ASP C 84 21.25 -7.88 6.90
CA ASP C 84 20.27 -8.20 5.86
C ASP C 84 19.06 -7.27 5.91
N LEU C 85 18.70 -6.79 7.09
CA LEU C 85 17.49 -5.99 7.25
C LEU C 85 17.71 -4.51 6.96
N ALA C 86 18.78 -3.92 7.49
CA ALA C 86 19.01 -2.49 7.31
C ALA C 86 20.49 -2.20 7.47
N ASN C 87 20.89 -1.02 7.00
CA ASN C 87 22.24 -0.52 7.14
C ASN C 87 22.30 0.53 8.24
N ASP C 88 23.54 0.91 8.59
CA ASP C 88 23.86 1.96 9.54
C ASP C 88 23.42 1.63 10.97
N ILE C 89 23.07 0.39 11.25
CA ILE C 89 22.87 -0.09 12.61
C ILE C 89 24.12 -0.87 12.99
N SER C 90 24.98 -0.26 13.80
CA SER C 90 26.29 -0.84 14.05
C SER C 90 26.84 -0.39 15.38
N LEU C 91 27.84 -1.11 15.84
CA LEU C 91 28.64 -0.74 17.00
C LEU C 91 30.02 -0.30 16.49
N GLY C 92 30.35 0.97 16.71
CA GLY C 92 31.62 1.53 16.26
C GLY C 92 32.53 1.81 17.45
N GLN C 93 33.82 1.64 17.23
CA GLN C 93 34.81 1.89 18.26
C GLN C 93 36.00 2.61 17.66
N VAL C 94 36.46 3.66 18.34
CA VAL C 94 37.69 4.35 18.00
C VAL C 94 38.59 4.31 19.23
N THR C 95 39.78 3.75 19.08
CA THR C 95 40.74 3.68 20.17
C THR C 95 42.02 4.39 19.78
N TYR C 96 42.59 5.13 20.73
CA TYR C 96 43.91 5.72 20.56
C TYR C 96 44.73 5.43 21.80
N TYR C 97 45.97 4.98 21.59
CA TYR C 97 46.90 4.78 22.68
C TYR C 97 48.21 5.49 22.33
N ASN C 98 48.97 5.83 23.37
CA ASN C 98 50.27 6.46 23.18
C ASN C 98 51.10 6.17 24.43
N LYS C 99 52.06 5.25 24.30
CA LYS C 99 52.95 4.91 25.40
C LYS C 99 54.15 5.86 25.36
N ILE C 100 54.21 6.77 26.32
CA ILE C 100 55.23 7.82 26.32
C ILE C 100 56.60 7.22 26.64
N ASN C 101 56.66 6.30 27.60
CA ASN C 101 57.89 5.64 27.98
C ASN C 101 57.82 4.16 27.59
N ASP C 102 58.85 3.42 28.00
CA ASP C 102 58.85 1.97 27.86
C ASP C 102 58.15 1.28 29.02
N ARG C 103 57.59 2.05 29.95
CA ARG C 103 56.93 1.50 31.13
C ARG C 103 55.51 2.00 31.35
N SER C 104 55.08 3.03 30.65
CA SER C 104 53.76 3.61 30.88
C SER C 104 53.08 3.90 29.55
N ALA C 105 51.76 3.92 29.58
CA ALA C 105 50.96 4.18 28.38
C ALA C 105 49.68 4.90 28.76
N PHE C 106 49.24 5.78 27.87
CA PHE C 106 47.95 6.44 27.97
C PHE C 106 47.07 5.99 26.83
N ALA C 107 45.81 5.67 27.13
CA ALA C 107 44.90 5.17 26.13
C ALA C 107 43.51 5.76 26.34
N GLY C 108 42.83 6.02 25.22
CA GLY C 108 41.46 6.46 25.24
C GLY C 108 40.64 5.73 24.19
N SER C 109 39.37 5.48 24.47
CA SER C 109 38.53 4.74 23.56
C SER C 109 37.13 5.35 23.53
N PHE C 110 36.43 5.10 22.43
CA PHE C 110 35.06 5.60 22.25
C PHE C 110 34.26 4.51 21.55
N ARG C 111 33.49 3.76 22.31
CA ARG C 111 32.55 2.79 21.76
C ARG C 111 31.21 3.48 21.55
N TYR C 112 30.59 3.22 20.40
CA TYR C 112 29.37 3.92 20.02
C TYR C 112 28.43 2.94 19.31
N PHE C 113 27.26 2.73 19.89
CA PHE C 113 26.20 1.96 19.25
C PHE C 113 25.08 2.90 18.85
N GLY C 114 24.73 2.89 17.57
CA GLY C 114 23.68 3.77 17.08
C GLY C 114 22.93 3.13 15.94
N PHE C 115 21.71 3.62 15.72
CA PHE C 115 20.86 3.18 14.63
C PHE C 115 20.96 4.09 13.42
N GLY C 116 21.84 5.08 13.46
CA GLY C 116 21.89 6.09 12.42
C GLY C 116 20.76 7.09 12.57
N GLY C 117 20.74 8.06 11.67
CA GLY C 117 19.68 9.05 11.67
C GLY C 117 18.35 8.42 11.30
N ILE C 118 17.32 8.71 12.08
CA ILE C 118 15.97 8.26 11.81
C ILE C 118 15.09 9.49 11.66
N GLU C 119 14.38 9.56 10.55
CA GLU C 119 13.52 10.71 10.26
C GLU C 119 12.16 10.53 10.93
N LEU C 120 11.75 11.52 11.72
CA LEU C 120 10.44 11.51 12.37
C LEU C 120 9.46 12.26 11.48
N ARG C 121 9.01 11.58 10.44
CA ARG C 121 8.05 12.15 9.49
C ARG C 121 6.65 11.85 10.01
N GLN C 122 5.96 12.90 10.48
CA GLN C 122 4.63 12.70 11.04
C GLN C 122 3.56 12.73 9.95
N THR C 123 3.48 13.83 9.22
CA THR C 123 2.54 13.96 8.12
C THR C 123 3.14 13.29 6.87
N GLY C 124 2.42 13.37 5.76
CA GLY C 124 2.88 12.78 4.51
C GLY C 124 3.38 13.81 3.50
N ASP C 125 3.45 15.08 3.89
CA ASP C 125 3.89 16.11 2.96
C ASP C 125 5.39 15.98 2.71
N PRO C 126 5.83 15.93 1.45
CA PRO C 126 7.26 15.76 1.19
C PRO C 126 8.14 16.86 1.77
N ASN C 127 7.68 18.10 1.78
CA ASN C 127 8.51 19.23 2.15
C ASN C 127 8.36 19.68 3.60
N GLU C 128 7.60 18.95 4.40
CA GLU C 128 7.44 19.32 5.81
C GLU C 128 8.77 19.16 6.54
N PRO C 129 9.21 20.14 7.32
CA PRO C 129 10.49 20.01 8.04
C PRO C 129 10.41 18.89 9.06
N THR C 130 11.33 17.94 8.96
CA THR C 130 11.29 16.72 9.74
C THR C 130 12.38 16.73 10.80
N ARG C 131 12.02 16.37 12.02
CA ARG C 131 12.98 16.15 13.07
C ARG C 131 13.68 14.80 12.88
N GLU C 132 15.00 14.79 12.97
CA GLU C 132 15.79 13.58 12.87
C GLU C 132 16.37 13.23 14.23
N VAL C 133 16.19 11.99 14.64
CA VAL C 133 16.73 11.50 15.90
C VAL C 133 17.73 10.40 15.60
N ASN C 134 18.75 10.32 16.45
CA ASN C 134 19.78 9.27 16.36
C ASN C 134 19.89 8.60 17.72
N PRO C 135 18.98 7.67 18.02
CA PRO C 135 19.09 6.91 19.27
C PRO C 135 20.43 6.19 19.32
N ASN C 136 21.12 6.31 20.45
CA ASN C 136 22.47 5.81 20.51
C ASN C 136 22.88 5.55 21.96
N GLU C 137 23.93 4.76 22.10
CA GLU C 137 24.57 4.50 23.38
C GLU C 137 26.08 4.56 23.13
N PHE C 138 26.80 5.25 24.02
CA PHE C 138 28.24 5.33 23.85
C PHE C 138 28.93 5.31 25.21
N ALA C 139 30.19 4.90 25.19
CA ALA C 139 31.04 4.90 26.37
C ALA C 139 32.39 5.50 26.00
N LEU C 140 32.80 6.52 26.75
CA LEU C 140 34.10 7.14 26.58
C LEU C 140 34.93 6.84 27.80
N ASP C 141 36.08 6.19 27.60
CA ASP C 141 36.94 5.82 28.71
C ASP C 141 38.39 6.18 28.41
N GLY C 142 39.12 6.47 29.47
CA GLY C 142 40.56 6.68 29.38
C GLY C 142 41.26 5.86 30.43
N SER C 143 42.42 5.32 30.06
CA SER C 143 43.16 4.42 30.94
C SER C 143 44.62 4.82 31.00
N TYR C 144 45.23 4.52 32.14
CA TYR C 144 46.67 4.67 32.33
C TYR C 144 47.22 3.32 32.75
N SER C 145 48.17 2.80 31.98
CA SER C 145 48.80 1.52 32.26
C SER C 145 50.26 1.74 32.60
N LEU C 146 50.71 1.15 33.71
CA LEU C 146 52.07 1.30 34.19
C LEU C 146 52.70 -0.07 34.34
N LYS C 147 53.90 -0.23 33.80
CA LYS C 147 54.63 -1.49 33.86
C LYS C 147 55.42 -1.54 35.16
N LEU C 148 54.94 -2.34 36.11
CA LEU C 148 55.58 -2.41 37.42
C LEU C 148 56.92 -3.14 37.34
N SER C 149 56.88 -4.41 36.93
CA SER C 149 58.10 -5.18 36.69
C SER C 149 58.27 -5.36 35.19
N GLU C 150 59.36 -6.03 34.80
CA GLU C 150 59.64 -6.23 33.39
C GLU C 150 58.63 -7.14 32.71
N THR C 151 57.86 -7.91 33.48
CA THR C 151 56.89 -8.84 32.92
C THR C 151 55.46 -8.59 33.39
N PHE C 152 55.24 -7.63 34.28
CA PHE C 152 53.91 -7.38 34.84
C PHE C 152 53.56 -5.90 34.72
N SER C 153 52.32 -5.63 34.34
CA SER C 153 51.82 -4.26 34.28
C SER C 153 50.39 -4.23 34.81
N MET C 154 50.00 -3.07 35.34
CA MET C 154 48.66 -2.83 35.81
C MET C 154 48.12 -1.57 35.16
N ALA C 155 46.78 -1.43 35.20
CA ALA C 155 46.15 -0.26 34.62
C ALA C 155 44.89 0.08 35.39
N VAL C 156 44.53 1.36 35.35
CA VAL C 156 43.26 1.85 35.89
C VAL C 156 42.58 2.64 34.79
N ALA C 157 41.28 2.40 34.60
CA ALA C 157 40.52 3.07 33.56
C ALA C 157 39.29 3.72 34.17
N ALA C 158 38.94 4.90 33.68
CA ALA C 158 37.73 5.60 34.06
C ALA C 158 36.83 5.72 32.83
N ARG C 159 35.58 5.33 32.97
CA ARG C 159 34.65 5.26 31.85
C ARG C 159 33.41 6.09 32.13
N TYR C 160 32.97 6.85 31.13
CA TYR C 160 31.70 7.55 31.17
C TYR C 160 30.74 6.86 30.21
N ILE C 161 29.58 6.47 30.71
CA ILE C 161 28.58 5.74 29.94
C ILE C 161 27.34 6.61 29.81
N ARG C 162 26.83 6.74 28.60
CA ARG C 162 25.63 7.53 28.33
C ARG C 162 24.69 6.70 27.45
N SER C 163 23.44 6.59 27.87
CA SER C 163 22.43 5.83 27.16
C SER C 163 21.33 6.79 26.71
N ASN C 164 21.10 6.84 25.40
CA ASN C 164 20.14 7.78 24.82
C ASN C 164 19.31 7.08 23.75
N LEU C 165 18.83 5.87 24.06
CA LEU C 165 18.08 5.10 23.09
C LEU C 165 16.62 5.55 22.97
N LYS C 166 16.08 6.23 23.97
CA LYS C 166 14.69 6.62 23.95
C LYS C 166 14.46 7.80 23.02
N VAL C 167 13.30 7.81 22.37
CA VAL C 167 12.87 8.90 21.49
C VAL C 167 11.76 9.67 22.19
N ALA C 168 11.86 11.00 22.16
CA ALA C 168 10.89 11.84 22.85
C ALA C 168 9.53 11.77 22.19
N THR C 169 8.49 11.54 22.99
CA THR C 169 7.12 11.61 22.53
C THR C 169 6.32 12.51 23.48
N GLU C 170 4.99 12.53 23.31
CA GLU C 170 4.15 13.30 24.22
C GLU C 170 4.18 12.75 25.64
N GLU C 171 4.50 11.46 25.79
CA GLU C 171 4.56 10.82 27.10
C GLU C 171 5.95 10.38 27.51
N ILE C 172 6.82 10.05 26.57
CA ILE C 172 8.12 9.45 26.87
C ILE C 172 9.13 10.55 27.18
N ASP C 173 9.81 10.41 28.31
CA ASP C 173 10.96 11.25 28.62
C ASP C 173 12.20 10.65 27.96
N ALA C 174 12.83 11.40 27.06
CA ALA C 174 13.98 10.93 26.31
C ALA C 174 15.30 11.43 26.87
N SER C 175 15.30 11.90 28.11
CA SER C 175 16.54 12.36 28.73
C SER C 175 17.55 11.22 28.81
N ALA C 176 18.79 11.51 28.40
CA ALA C 176 19.83 10.50 28.42
C ALA C 176 20.18 10.10 29.85
N ALA C 177 20.37 8.80 30.06
CA ALA C 177 20.82 8.28 31.34
C ALA C 177 22.32 8.06 31.29
N GLY C 178 23.01 8.48 32.35
CA GLY C 178 24.45 8.38 32.38
C GLY C 178 24.95 7.76 33.67
N SER C 179 26.18 7.26 33.61
CA SER C 179 26.83 6.68 34.78
C SER C 179 28.33 6.66 34.53
N PHE C 180 29.08 6.48 35.60
CA PHE C 180 30.53 6.38 35.56
C PHE C 180 30.96 5.01 36.10
N ALA C 181 32.12 4.56 35.65
CA ALA C 181 32.64 3.27 36.09
C ALA C 181 34.16 3.30 36.03
N VAL C 182 34.78 2.41 36.80
CA VAL C 182 36.23 2.28 36.83
C VAL C 182 36.61 0.83 36.54
N ASP C 183 37.78 0.66 35.92
CA ASP C 183 38.32 -0.65 35.61
C ASP C 183 39.68 -0.80 36.24
N VAL C 184 39.94 -1.97 36.82
CA VAL C 184 41.26 -2.33 37.34
C VAL C 184 41.71 -3.58 36.60
N ALA C 185 42.85 -3.50 35.93
CA ALA C 185 43.32 -4.59 35.09
C ALA C 185 44.80 -4.83 35.33
N GLY C 186 45.22 -6.06 35.08
CA GLY C 186 46.63 -6.42 35.16
C GLY C 186 46.97 -7.37 34.04
N PHE C 187 48.22 -7.27 33.57
CA PHE C 187 48.69 -8.07 32.45
C PHE C 187 50.06 -8.64 32.78
N TYR C 188 50.24 -9.94 32.53
CA TYR C 188 51.51 -10.61 32.70
C TYR C 188 51.97 -11.14 31.36
N GLN C 189 53.23 -10.89 31.02
CA GLN C 189 53.82 -11.38 29.77
C GLN C 189 55.25 -11.79 30.06
N SER C 190 55.50 -13.10 30.09
CA SER C 190 56.83 -13.60 30.39
C SER C 190 57.77 -13.36 29.21
N GLU C 191 59.06 -13.57 29.47
CA GLU C 191 60.06 -13.52 28.43
C GLU C 191 60.00 -14.78 27.57
N GLU C 192 60.63 -14.72 26.41
CA GLU C 192 60.65 -15.85 25.49
C GLU C 192 61.44 -17.00 26.11
N ILE C 193 60.74 -18.04 26.56
CA ILE C 193 61.36 -19.19 27.21
C ILE C 193 61.48 -20.32 26.21
N ALA C 194 62.67 -20.90 26.12
CA ALA C 194 62.95 -21.95 25.15
C ALA C 194 62.53 -23.31 25.68
N TYR C 195 61.92 -24.10 24.81
CA TYR C 195 61.51 -25.47 25.10
C TYR C 195 62.26 -26.42 24.15
N SER C 196 61.86 -27.69 24.19
CA SER C 196 62.55 -28.70 23.38
C SER C 196 62.28 -28.49 21.89
N ASP C 197 61.02 -28.31 21.50
CA ASP C 197 60.64 -28.21 20.10
C ASP C 197 60.35 -26.78 19.65
N PHE C 198 60.40 -25.81 20.55
CA PHE C 198 60.06 -24.43 20.25
C PHE C 198 60.52 -23.56 21.40
N ASN C 199 60.29 -22.26 21.28
CA ASN C 199 60.59 -21.29 22.33
C ASN C 199 59.34 -20.45 22.55
N GLY C 200 58.58 -20.78 23.60
CA GLY C 200 57.29 -20.17 23.83
C GLY C 200 57.36 -18.92 24.68
N ARG C 201 56.17 -18.35 24.94
CA ARG C 201 56.02 -17.19 25.78
C ARG C 201 54.65 -17.26 26.44
N TRP C 202 54.61 -16.96 27.74
CA TRP C 202 53.39 -17.09 28.53
C TRP C 202 52.74 -15.74 28.75
N ARG C 203 51.41 -15.71 28.74
CA ARG C 203 50.65 -14.51 29.00
C ARG C 203 49.50 -14.81 29.95
N ALA C 204 49.17 -13.83 30.78
CA ALA C 204 48.02 -13.93 31.68
C ALA C 204 47.50 -12.52 31.93
N GLY C 205 46.25 -12.43 32.34
CA GLY C 205 45.64 -11.14 32.59
C GLY C 205 44.35 -11.27 33.35
N PHE C 206 43.98 -10.16 34.01
CA PHE C 206 42.69 -10.03 34.66
C PHE C 206 42.18 -8.62 34.43
N ASN C 207 40.86 -8.45 34.49
CA ASN C 207 40.25 -7.15 34.24
C ASN C 207 38.90 -7.11 34.93
N ILE C 208 38.81 -6.33 36.01
CA ILE C 208 37.55 -6.08 36.68
C ILE C 208 36.95 -4.81 36.09
N GLN C 209 35.83 -4.95 35.39
CA GLN C 209 35.30 -3.88 34.57
C GLN C 209 34.01 -3.32 35.13
N ASN C 210 33.68 -2.10 34.69
CA ASN C 210 32.38 -1.48 34.91
C ASN C 210 32.00 -1.43 36.39
N LEU C 211 32.93 -0.93 37.20
CA LEU C 211 32.70 -0.76 38.63
C LEU C 211 32.22 0.67 38.86
N GLY C 212 30.91 0.82 39.07
CA GLY C 212 30.34 2.14 39.25
C GLY C 212 28.91 2.10 39.76
N PRO C 213 28.35 3.28 40.02
CA PRO C 213 26.98 3.34 40.53
C PRO C 213 25.97 2.86 39.50
N LYS C 214 24.81 2.45 40.02
CA LYS C 214 23.73 1.97 39.16
C LYS C 214 23.27 3.07 38.21
N ILE C 215 22.90 2.66 37.00
CA ILE C 215 22.35 3.59 36.01
C ILE C 215 20.84 3.62 36.14
N SER C 216 20.29 4.82 36.27
CA SER C 216 18.85 5.02 36.39
C SER C 216 18.32 5.42 35.03
N TYR C 217 17.73 4.47 34.31
CA TYR C 217 17.21 4.74 32.98
C TYR C 217 16.05 5.72 33.02
N ASP C 218 15.24 5.67 34.08
CA ASP C 218 14.10 6.56 34.22
C ASP C 218 14.35 7.65 35.26
N HIS C 219 15.61 7.90 35.60
CA HIS C 219 16.00 9.00 36.48
C HIS C 219 15.28 8.93 37.83
N ASP C 220 15.21 7.73 38.38
CA ASP C 220 14.63 7.49 39.71
C ASP C 220 15.48 6.47 40.44
N ASP C 221 15.82 6.78 41.69
CA ASP C 221 16.64 5.87 42.47
C ASP C 221 15.91 4.57 42.79
N LEU C 222 14.58 4.61 42.88
CA LEU C 222 13.81 3.42 43.16
C LEU C 222 13.86 2.40 42.03
N SER C 223 14.23 2.83 40.81
CA SER C 223 14.34 1.95 39.65
C SER C 223 15.72 2.18 39.03
N ALA C 224 16.71 1.45 39.53
CA ALA C 224 18.07 1.55 39.02
C ALA C 224 18.57 0.16 38.66
N ASN C 225 19.36 0.10 37.59
CA ASN C 225 19.89 -1.15 37.08
C ASN C 225 21.38 -1.25 37.36
N PHE C 226 21.83 -2.45 37.71
CA PHE C 226 23.26 -2.68 37.94
C PHE C 226 24.05 -2.41 36.68
N LEU C 227 25.21 -1.78 36.84
CA LEU C 227 26.15 -1.71 35.75
C LEU C 227 26.70 -3.11 35.47
N PRO C 228 27.04 -3.42 34.22
CA PRO C 228 27.53 -4.76 33.90
C PRO C 228 28.93 -5.00 34.44
N ALA C 229 29.09 -4.97 35.76
CA ALA C 229 30.37 -5.30 36.36
C ALA C 229 30.78 -6.71 35.99
N ASN C 230 32.03 -6.86 35.55
CA ASN C 230 32.46 -8.10 34.93
C ASN C 230 33.91 -8.39 35.33
N LEU C 231 34.21 -9.67 35.51
CA LEU C 231 35.54 -10.13 35.83
C LEU C 231 36.01 -11.07 34.72
N ARG C 232 37.06 -10.67 34.03
CA ARG C 232 37.70 -11.51 33.01
C ARG C 232 39.05 -11.95 33.52
N VAL C 233 39.27 -13.26 33.55
CA VAL C 233 40.59 -13.83 33.83
C VAL C 233 40.95 -14.72 32.65
N GLY C 234 42.25 -14.79 32.35
CA GLY C 234 42.66 -15.56 31.19
C GLY C 234 44.15 -15.82 31.18
N GLY C 235 44.53 -16.81 30.39
CA GLY C 235 45.93 -17.12 30.17
C GLY C 235 46.16 -17.44 28.71
N GLY C 236 47.36 -17.12 28.25
CA GLY C 236 47.72 -17.35 26.87
C GLY C 236 49.13 -17.87 26.75
N PHE C 237 49.34 -18.70 25.73
CA PHE C 237 50.66 -19.23 25.43
C PHE C 237 50.91 -19.09 23.94
N ASP C 238 52.14 -18.74 23.57
CA ASP C 238 52.52 -18.56 22.18
C ASP C 238 53.52 -19.63 21.77
N PHE C 239 53.20 -20.38 20.74
CA PHE C 239 54.14 -21.31 20.11
C PHE C 239 54.90 -20.57 19.02
N ILE C 240 56.22 -20.49 19.16
CA ILE C 240 57.06 -19.79 18.20
C ILE C 240 57.89 -20.81 17.44
N PHE C 241 57.71 -20.86 16.12
CA PHE C 241 58.50 -21.72 15.25
C PHE C 241 59.28 -20.87 14.25
N ASP C 242 60.57 -21.17 14.11
CA ASP C 242 61.41 -20.60 13.05
C ASP C 242 61.50 -19.08 13.14
N ASP C 243 61.18 -18.53 14.32
CA ASP C 243 61.28 -17.11 14.65
C ASP C 243 60.40 -16.24 13.76
N TYR C 244 59.63 -16.86 12.87
CA TYR C 244 58.73 -16.15 11.98
C TYR C 244 57.31 -16.70 11.98
N ASN C 245 57.11 -17.93 12.44
CA ASN C 245 55.78 -18.53 12.54
C ASN C 245 55.41 -18.65 14.00
N LYS C 246 54.27 -18.08 14.37
CA LYS C 246 53.83 -18.03 15.76
C LYS C 246 52.41 -18.54 15.87
N LEU C 247 52.17 -19.43 16.82
CA LEU C 247 50.84 -19.94 17.11
C LEU C 247 50.49 -19.58 18.55
N GLY C 248 49.42 -18.80 18.71
CA GLY C 248 49.01 -18.37 20.03
C GLY C 248 47.70 -18.96 20.50
N VAL C 249 47.73 -19.65 21.64
CA VAL C 249 46.55 -20.27 22.23
C VAL C 249 46.21 -19.52 23.51
N SER C 250 44.96 -19.07 23.62
CA SER C 250 44.53 -18.29 24.78
C SER C 250 43.20 -18.82 25.28
N LEU C 251 43.05 -18.83 26.61
CA LEU C 251 41.81 -19.20 27.27
C LEU C 251 41.35 -18.03 28.13
N GLU C 252 40.05 -17.75 28.10
CA GLU C 252 39.48 -16.67 28.89
C GLU C 252 38.28 -17.18 29.67
N LEU C 253 38.16 -16.74 30.92
CA LEU C 253 37.01 -17.02 31.77
C LEU C 253 36.37 -15.70 32.18
N THR C 254 35.04 -15.66 32.15
CA THR C 254 34.30 -14.44 32.40
C THR C 254 33.15 -14.72 33.37
N LYS C 255 32.97 -13.81 34.33
CA LYS C 255 31.87 -13.90 35.27
C LYS C 255 31.33 -12.51 35.56
N LEU C 256 30.02 -12.35 35.42
CA LEU C 256 29.38 -11.10 35.81
C LEU C 256 29.40 -10.93 37.31
N LEU C 257 29.68 -9.70 37.77
CA LEU C 257 29.72 -9.37 39.18
C LEU C 257 28.40 -8.78 39.67
N VAL C 258 27.29 -9.23 39.10
CA VAL C 258 25.96 -8.73 39.43
C VAL C 258 25.19 -9.87 40.08
N PRO C 259 24.51 -9.64 41.21
CA PRO C 259 23.74 -10.72 41.83
C PRO C 259 22.64 -11.24 40.92
N THR C 260 22.41 -12.54 40.98
CA THR C 260 21.39 -13.18 40.17
C THR C 260 20.00 -12.91 40.77
N PRO C 261 19.04 -12.41 39.97
CA PRO C 261 17.71 -12.19 40.51
C PRO C 261 17.03 -13.51 40.83
N PRO C 262 16.18 -13.54 41.85
CA PRO C 262 15.55 -14.81 42.24
C PRO C 262 14.51 -15.26 41.23
N GLY C 263 14.29 -16.57 41.19
CA GLY C 263 13.35 -17.17 40.26
C GLY C 263 12.15 -17.77 40.97
N PRO C 264 12.16 -19.10 41.13
CA PRO C 264 11.03 -19.79 41.79
C PRO C 264 10.64 -19.20 43.13
N GLY C 265 11.58 -19.12 44.06
CA GLY C 265 11.30 -18.57 45.36
C GLY C 265 12.29 -18.96 46.44
N THR C 266 12.62 -18.01 47.32
CA THR C 266 13.55 -18.25 48.41
C THR C 266 13.36 -17.21 49.52
N PRO C 267 12.28 -17.32 50.31
CA PRO C 267 12.00 -16.34 51.38
C PRO C 267 12.93 -16.51 52.57
N SER C 283 1.75 -15.78 50.40
CA SER C 283 1.02 -16.18 49.21
C SER C 283 1.97 -16.71 48.14
N GLN C 284 1.53 -16.66 46.89
CA GLN C 284 2.35 -17.12 45.77
C GLN C 284 3.16 -15.98 45.15
N SER C 285 2.48 -14.93 44.69
CA SER C 285 3.16 -13.78 44.12
C SER C 285 3.78 -12.89 45.18
N GLN C 286 3.32 -12.98 46.42
CA GLN C 286 3.92 -12.18 47.50
C GLN C 286 5.37 -12.58 47.72
N ALA C 287 5.67 -13.88 47.69
CA ALA C 287 7.04 -14.33 47.85
C ALA C 287 7.93 -13.82 46.72
N ASP C 288 7.43 -13.89 45.49
CA ASP C 288 8.21 -13.39 44.34
C ASP C 288 8.45 -11.90 44.45
N GLU C 289 7.43 -11.14 44.85
CA GLU C 289 7.59 -9.70 45.00
C GLU C 289 8.58 -9.36 46.10
N ALA C 290 8.52 -10.07 47.24
CA ALA C 290 9.47 -9.83 48.32
C ALA C 290 10.89 -10.20 47.90
N ASN C 291 11.05 -11.29 47.15
CA ASN C 291 12.37 -11.68 46.67
C ASN C 291 12.94 -10.63 45.72
N TYR C 292 12.11 -10.12 44.81
CA TYR C 292 12.58 -9.06 43.91
C TYR C 292 12.88 -7.78 44.68
N LYS C 293 12.09 -7.48 45.71
CA LYS C 293 12.38 -6.35 46.58
C LYS C 293 13.76 -6.47 47.21
N LYS C 294 14.07 -7.65 47.77
CA LYS C 294 15.36 -7.87 48.38
C LYS C 294 16.48 -7.79 47.36
N TYR C 295 16.28 -8.37 46.17
CA TYR C 295 17.32 -8.38 45.15
C TYR C 295 17.62 -6.98 44.64
N LYS C 296 16.58 -6.16 44.42
CA LYS C 296 16.78 -4.83 43.88
C LYS C 296 17.27 -3.83 44.92
N ASP C 297 17.14 -4.13 46.21
CA ASP C 297 17.67 -3.27 47.26
C ASP C 297 19.08 -3.70 47.68
N ILE C 298 19.96 -3.85 46.70
CA ILE C 298 21.35 -4.24 46.94
C ILE C 298 22.25 -3.21 46.28
N GLY C 299 23.23 -2.70 47.03
CA GLY C 299 24.21 -1.82 46.45
C GLY C 299 25.13 -2.54 45.47
N TRP C 300 25.69 -1.76 44.54
CA TRP C 300 26.56 -2.36 43.54
C TRP C 300 27.85 -2.90 44.17
N VAL C 301 28.40 -2.17 45.15
CA VAL C 301 29.56 -2.68 45.88
C VAL C 301 29.20 -3.98 46.58
N SER C 302 28.05 -4.00 47.25
CA SER C 302 27.58 -5.23 47.88
C SER C 302 27.19 -6.27 46.84
N GLY C 303 26.66 -5.83 45.70
CA GLY C 303 26.31 -6.76 44.64
C GLY C 303 27.50 -7.51 44.08
N ILE C 304 28.67 -6.87 44.07
CA ILE C 304 29.88 -7.53 43.61
C ILE C 304 30.16 -8.77 44.45
N PHE C 305 30.07 -8.63 45.77
CA PHE C 305 30.31 -9.76 46.65
C PHE C 305 29.15 -10.75 46.66
N LYS C 306 27.91 -10.27 46.52
CA LYS C 306 26.77 -11.17 46.41
C LYS C 306 26.79 -11.97 45.11
N SER C 307 27.56 -11.53 44.11
CA SER C 307 27.68 -12.30 42.89
C SER C 307 28.30 -13.68 43.17
N PHE C 308 29.31 -13.73 44.03
CA PHE C 308 29.93 -14.99 44.44
C PHE C 308 28.99 -15.67 45.42
N GLY C 309 27.94 -16.27 44.88
CA GLY C 309 26.92 -16.91 45.69
C GLY C 309 25.52 -16.52 45.29
N ASP C 310 24.70 -16.13 46.27
CA ASP C 310 23.32 -15.72 46.06
C ASP C 310 22.50 -16.82 45.36
N ALA C 311 22.89 -18.07 45.58
CA ALA C 311 22.24 -19.23 44.98
C ALA C 311 22.18 -20.34 46.02
N PRO C 312 21.21 -21.25 45.90
CA PRO C 312 21.13 -22.37 46.86
C PRO C 312 22.07 -23.51 46.54
N GLY C 313 22.73 -23.50 45.38
CA GLY C 313 23.65 -24.55 45.00
C GLY C 313 25.03 -24.37 45.60
N GLY C 314 25.90 -25.31 45.27
CA GLY C 314 27.27 -25.31 45.74
C GLY C 314 28.24 -24.75 44.72
N PHE C 315 29.50 -25.17 44.83
CA PHE C 315 30.52 -24.69 43.90
C PHE C 315 30.27 -25.22 42.49
N SER C 316 29.81 -26.46 42.38
CA SER C 316 29.57 -27.05 41.06
C SER C 316 28.48 -26.30 40.31
N GLU C 317 27.43 -25.89 41.00
CA GLU C 317 26.31 -25.19 40.38
C GLU C 317 26.54 -23.69 40.27
N GLU C 318 27.56 -23.15 40.93
CA GLU C 318 27.92 -21.76 40.72
C GLU C 318 29.00 -21.58 39.67
N LEU C 319 29.78 -22.63 39.39
CA LEU C 319 30.65 -22.63 38.22
C LEU C 319 29.83 -22.60 36.93
N LYS C 320 28.55 -22.95 37.00
CA LYS C 320 27.65 -22.86 35.85
C LYS C 320 27.51 -21.43 35.34
N GLU C 321 27.72 -20.42 36.19
CA GLU C 321 27.61 -19.04 35.78
C GLU C 321 28.89 -18.51 35.16
N ILE C 322 29.89 -19.36 34.97
CA ILE C 322 31.19 -18.94 34.44
C ILE C 322 31.18 -19.11 32.93
N THR C 323 31.40 -18.01 32.22
CA THR C 323 31.59 -18.05 30.76
C THR C 323 33.06 -18.28 30.46
N TYR C 324 33.32 -19.16 29.49
CA TYR C 324 34.69 -19.47 29.10
C TYR C 324 34.82 -19.35 27.58
N SER C 325 36.04 -19.10 27.13
CA SER C 325 36.32 -18.89 25.72
C SER C 325 37.73 -19.35 25.41
N ALA C 326 37.88 -20.13 24.35
CA ALA C 326 39.18 -20.62 23.90
C ALA C 326 39.46 -20.10 22.50
N ALA C 327 40.73 -19.84 22.21
CA ALA C 327 41.10 -19.25 20.93
C ALA C 327 42.47 -19.74 20.51
N ALA C 328 42.69 -19.73 19.20
CA ALA C 328 43.98 -20.03 18.60
C ALA C 328 44.27 -19.00 17.51
N GLU C 329 45.53 -18.56 17.44
CA GLU C 329 45.93 -17.54 16.48
C GLU C 329 47.29 -17.91 15.89
N TYR C 330 47.33 -18.07 14.58
CA TYR C 330 48.57 -18.33 13.87
C TYR C 330 49.04 -17.06 13.16
N MET C 331 50.31 -16.71 13.34
CA MET C 331 50.88 -15.49 12.79
C MET C 331 51.99 -15.84 11.81
N TYR C 332 51.95 -15.25 10.63
CA TYR C 332 52.96 -15.42 9.60
C TYR C 332 53.65 -14.08 9.35
N GLN C 333 54.95 -14.02 9.67
CA GLN C 333 55.77 -12.82 9.49
C GLN C 333 55.22 -11.61 10.24
N ASP C 334 54.36 -11.84 11.23
CA ASP C 334 53.73 -10.77 12.01
C ASP C 334 52.91 -9.82 11.14
N ALA C 335 52.66 -10.21 9.89
CA ALA C 335 51.85 -9.42 8.98
C ALA C 335 50.61 -10.16 8.49
N PHE C 336 50.52 -11.46 8.73
CA PHE C 336 49.35 -12.25 8.41
C PHE C 336 48.94 -13.07 9.65
N ALA C 337 47.64 -13.09 9.94
CA ALA C 337 47.13 -13.78 11.09
C ALA C 337 45.91 -14.61 10.71
N MET C 338 45.83 -15.82 11.24
CA MET C 338 44.66 -16.67 11.13
C MET C 338 44.14 -16.93 12.54
N ARG C 339 42.87 -16.62 12.78
CA ARG C 339 42.29 -16.63 14.11
C ARG C 339 41.11 -17.58 14.16
N LEU C 340 41.12 -18.48 15.14
CA LEU C 340 40.01 -19.39 15.39
C LEU C 340 39.74 -19.38 16.89
N GLY C 341 38.46 -19.31 17.24
CA GLY C 341 38.09 -19.22 18.64
C GLY C 341 36.72 -19.80 18.90
N TYR C 342 36.52 -20.28 20.12
CA TYR C 342 35.25 -20.82 20.57
C TYR C 342 34.80 -20.07 21.82
N TYR C 343 33.55 -19.64 21.81
CA TYR C 343 32.95 -18.94 22.94
C TYR C 343 31.76 -19.73 23.44
N HIS C 344 31.66 -19.90 24.76
CA HIS C 344 30.61 -20.72 25.36
C HIS C 344 30.08 -20.02 26.60
N GLU C 345 28.86 -19.49 26.51
CA GLU C 345 28.10 -19.11 27.68
C GLU C 345 27.30 -20.30 28.19
N SER C 346 26.87 -20.20 29.45
CA SER C 346 26.01 -21.23 30.01
C SER C 346 24.66 -21.22 29.28
N PRO C 347 24.11 -22.38 28.94
CA PRO C 347 22.78 -22.41 28.33
C PRO C 347 21.71 -21.81 29.23
N MET C 348 21.92 -21.81 30.55
CA MET C 348 20.95 -21.22 31.47
C MET C 348 21.05 -19.70 31.54
N LYS C 349 22.18 -19.12 31.13
CA LYS C 349 22.37 -17.67 31.18
C LYS C 349 22.85 -17.20 29.82
N GLY C 350 21.96 -16.56 29.07
CA GLY C 350 22.32 -16.06 27.74
C GLY C 350 22.36 -17.10 26.64
N ALA C 351 23.08 -18.21 26.87
CA ALA C 351 23.20 -19.31 25.91
C ALA C 351 23.72 -18.80 24.56
N LYS C 352 24.73 -17.95 24.64
CA LYS C 352 25.40 -17.39 23.46
C LYS C 352 26.70 -18.16 23.26
N GLN C 353 26.65 -19.20 22.43
CA GLN C 353 27.82 -20.00 22.10
C GLN C 353 28.01 -20.00 20.59
N PHE C 354 29.26 -19.91 20.15
CA PHE C 354 29.55 -19.78 18.73
C PHE C 354 31.01 -20.10 18.47
N PHE C 355 31.31 -20.34 17.19
CA PHE C 355 32.67 -20.46 16.71
C PHE C 355 33.02 -19.22 15.89
N SER C 356 34.29 -18.79 15.98
CA SER C 356 34.72 -17.56 15.34
C SER C 356 35.94 -17.82 14.46
N LEU C 357 35.98 -17.16 13.31
CA LEU C 357 37.10 -17.20 12.40
C LEU C 357 37.55 -15.77 12.10
N GLY C 358 38.87 -15.57 12.05
CA GLY C 358 39.40 -14.24 11.82
C GLY C 358 40.67 -14.28 10.98
N ALA C 359 40.92 -13.16 10.31
CA ALA C 359 42.10 -13.00 9.47
C ALA C 359 42.63 -11.59 9.63
N GLY C 360 43.96 -11.45 9.56
CA GLY C 360 44.60 -10.16 9.68
C GLY C 360 45.69 -9.91 8.66
N PHE C 361 45.80 -8.66 8.19
CA PHE C 361 46.78 -8.32 7.17
C PHE C 361 47.41 -6.97 7.53
N LYS C 362 48.75 -6.92 7.49
CA LYS C 362 49.50 -5.71 7.76
C LYS C 362 50.32 -5.35 6.53
N TYR C 363 50.03 -4.21 5.91
CA TYR C 363 50.73 -3.83 4.69
C TYR C 363 52.06 -3.15 4.98
N SER C 364 52.02 -1.92 5.48
CA SER C 364 53.20 -1.24 6.01
C SER C 364 52.98 -0.77 7.44
N MET C 365 51.95 0.03 7.66
CA MET C 365 51.53 0.46 8.99
C MET C 365 50.03 0.30 9.18
N ILE C 366 49.33 -0.24 8.19
CA ILE C 366 47.89 -0.45 8.24
C ILE C 366 47.66 -1.93 8.51
N LYS C 367 46.91 -2.22 9.57
CA LYS C 367 46.48 -3.58 9.87
C LYS C 367 44.98 -3.67 9.64
N VAL C 368 44.56 -4.70 8.89
CA VAL C 368 43.16 -4.91 8.57
C VAL C 368 42.74 -6.25 9.18
N ASP C 369 41.67 -6.22 9.97
CA ASP C 369 41.16 -7.41 10.64
C ASP C 369 39.70 -7.61 10.26
N VAL C 370 39.35 -8.85 9.93
CA VAL C 370 37.97 -9.23 9.69
C VAL C 370 37.69 -10.49 10.50
N SER C 371 36.42 -10.65 10.90
CA SER C 371 36.02 -11.80 11.69
C SER C 371 34.60 -12.19 11.33
N TYR C 372 34.30 -13.47 11.53
CA TYR C 372 32.98 -14.03 11.23
C TYR C 372 32.58 -14.98 12.34
N LEU C 373 31.27 -15.10 12.55
CA LEU C 373 30.70 -15.85 13.66
C LEU C 373 29.81 -16.96 13.12
N PHE C 374 30.01 -18.17 13.64
CA PHE C 374 29.15 -19.32 13.35
C PHE C 374 28.45 -19.72 14.64
N SER C 375 27.15 -19.47 14.72
CA SER C 375 26.41 -19.71 15.95
C SER C 375 26.07 -21.19 16.11
N ALA C 376 26.24 -21.69 17.34
CA ALA C 376 25.88 -23.06 17.70
C ALA C 376 24.88 -23.08 18.84
N SER C 377 23.95 -22.13 18.87
CA SER C 377 23.02 -21.97 19.97
C SER C 377 21.58 -21.96 19.46
N LYS C 378 20.66 -22.35 20.34
CA LYS C 378 19.24 -22.33 19.99
C LYS C 378 18.76 -20.92 19.73
N VAL C 379 19.18 -19.95 20.54
CA VAL C 379 18.74 -18.57 20.39
C VAL C 379 19.54 -17.90 19.28
N LYS C 380 18.85 -17.17 18.42
CA LYS C 380 19.52 -16.47 17.33
C LYS C 380 20.49 -15.42 17.87
N ASN C 381 21.70 -15.43 17.33
CA ASN C 381 22.71 -14.43 17.66
C ASN C 381 22.57 -13.25 16.72
N PRO C 382 22.39 -12.02 17.24
CA PRO C 382 22.21 -10.86 16.35
C PRO C 382 23.41 -10.58 15.46
N LEU C 383 24.59 -11.11 15.80
CA LEU C 383 25.79 -10.91 15.01
C LEU C 383 26.04 -12.05 14.03
N GLU C 384 25.07 -12.94 13.85
CA GLU C 384 25.16 -13.97 12.82
C GLU C 384 25.16 -13.35 11.43
N ASN C 385 25.85 -14.02 10.51
CA ASN C 385 25.94 -13.58 9.12
C ASN C 385 26.49 -12.16 9.00
N THR C 386 27.39 -11.79 9.89
CA THR C 386 27.93 -10.44 9.96
C THR C 386 29.45 -10.51 9.92
N LEU C 387 30.06 -9.69 9.05
CA LEU C 387 31.50 -9.59 8.95
C LEU C 387 31.97 -8.34 9.68
N ARG C 388 32.78 -8.52 10.71
CA ARG C 388 33.38 -7.40 11.41
C ARG C 388 34.59 -6.87 10.65
N PHE C 389 34.84 -5.57 10.81
CA PHE C 389 35.96 -4.91 10.16
C PHE C 389 36.69 -4.04 11.17
N SER C 390 38.00 -4.21 11.25
CA SER C 390 38.86 -3.39 12.10
C SER C 390 40.00 -2.84 11.27
N LEU C 391 40.36 -1.58 11.53
CA LEU C 391 41.42 -0.91 10.80
C LEU C 391 42.21 -0.07 11.79
N THR C 392 43.50 -0.36 11.95
CA THR C 392 44.34 0.33 12.90
C THR C 392 45.56 0.91 12.21
N PHE C 393 45.95 2.10 12.67
CA PHE C 393 47.11 2.82 12.16
C PHE C 393 48.17 2.85 13.24
N ASN C 394 49.36 2.35 12.93
CA ASN C 394 50.49 2.35 13.86
C ASN C 394 51.55 3.32 13.36
N PHE C 395 52.01 4.20 14.25
CA PHE C 395 52.99 5.20 13.89
C PHE C 395 53.77 5.60 15.13
N GLY C 396 54.90 6.25 14.91
CA GLY C 396 55.79 6.62 16.00
C GLY C 396 56.96 5.68 16.12
N ASP C 397 57.63 5.77 17.27
CA ASP C 397 58.80 4.95 17.52
C ASP C 397 58.40 3.51 17.80
N LYS C 398 59.41 2.63 17.83
CA LYS C 398 59.23 1.21 18.11
C LYS C 398 59.86 0.87 19.45
N TYR C 399 59.15 0.12 20.27
CA TYR C 399 59.63 -0.30 21.58
C TYR C 399 59.95 -1.79 21.54
N GLU C 400 61.14 -2.15 22.03
CA GLU C 400 61.55 -3.54 22.03
C GLU C 400 60.74 -4.35 23.03
N THR C 401 60.38 -5.57 22.65
CA THR C 401 59.64 -6.46 23.53
C THR C 401 60.61 -7.27 24.39
N TYR C 402 60.21 -7.49 25.64
CA TYR C 402 61.03 -8.23 26.58
C TYR C 402 60.53 -9.67 26.72
N SER D 1040 11.14 9.96 -3.09
CA SER D 1040 10.12 9.20 -3.80
C SER D 1040 9.29 8.37 -2.83
N PHE D 1041 9.96 7.69 -1.90
CA PHE D 1041 9.30 6.84 -0.93
C PHE D 1041 9.28 7.53 0.43
N TYR D 1042 8.10 7.57 1.05
CA TYR D 1042 7.91 8.20 2.35
C TYR D 1042 7.16 7.27 3.28
N VAL D 1043 7.59 7.22 4.53
CA VAL D 1043 6.90 6.51 5.59
C VAL D 1043 6.57 7.52 6.69
N SER D 1044 5.32 7.52 7.13
CA SER D 1044 4.86 8.44 8.16
C SER D 1044 4.10 7.69 9.24
N VAL D 1045 4.25 8.15 10.48
CA VAL D 1045 3.55 7.60 11.63
C VAL D 1045 2.91 8.76 12.37
N LYS D 1046 1.58 8.75 12.47
CA LYS D 1046 0.86 9.82 13.17
C LYS D 1046 0.42 9.42 14.57
N ASP D 1047 -0.44 8.40 14.68
CA ASP D 1047 -0.89 7.88 15.97
C ASP D 1047 -0.92 6.36 15.90
N LYS D 1048 0.22 5.72 16.17
CA LYS D 1048 0.35 4.26 16.13
C LYS D 1048 -0.12 3.69 14.79
N THR D 1049 -0.17 4.51 13.75
CA THR D 1049 -0.51 4.07 12.42
C THR D 1049 0.64 4.43 11.47
N ILE D 1050 0.96 3.51 10.57
CA ILE D 1050 2.06 3.67 9.64
C ILE D 1050 1.47 3.85 8.25
N LYS D 1051 1.85 4.93 7.58
CA LYS D 1051 1.38 5.23 6.24
C LYS D 1051 2.56 5.16 5.26
N LEU D 1052 2.40 4.35 4.23
CA LEU D 1052 3.43 4.20 3.20
C LEU D 1052 2.98 4.97 1.95
N ASN D 1053 3.86 5.83 1.46
CA ASN D 1053 3.58 6.63 0.27
C ASN D 1053 4.73 6.43 -0.72
N SER D 1054 4.50 5.61 -1.74
CA SER D 1054 5.46 5.37 -2.81
C SER D 1054 4.88 5.98 -4.07
N THR D 1055 5.31 7.19 -4.41
CA THR D 1055 4.84 7.85 -5.61
C THR D 1055 5.29 7.10 -6.86
N GLU D 1056 4.50 7.25 -7.93
CA GLU D 1056 4.65 6.55 -9.20
C GLU D 1056 4.68 5.03 -9.02
N ASP D 1057 5.69 4.50 -8.33
CA ASP D 1057 5.88 3.06 -8.29
C ASP D 1057 4.89 2.39 -7.35
N VAL D 1058 4.57 1.14 -7.65
CA VAL D 1058 3.59 0.35 -6.90
C VAL D 1058 4.32 -0.60 -5.97
N MET D 1059 3.92 -0.60 -4.70
CA MET D 1059 4.51 -1.51 -3.72
C MET D 1059 3.82 -2.87 -3.80
N ARG D 1060 4.62 -3.94 -3.75
CA ARG D 1060 4.11 -5.30 -3.83
C ARG D 1060 3.98 -5.97 -2.47
N GLU D 1061 4.95 -5.74 -1.58
CA GLU D 1061 4.98 -6.40 -0.27
C GLU D 1061 5.65 -5.48 0.73
N VAL D 1062 5.13 -5.49 1.96
CA VAL D 1062 5.71 -4.72 3.06
C VAL D 1062 5.94 -5.68 4.23
N SER D 1063 7.13 -5.59 4.83
CA SER D 1063 7.45 -6.33 6.04
C SER D 1063 8.02 -5.36 7.06
N ILE D 1064 7.42 -5.32 8.24
CA ILE D 1064 7.84 -4.41 9.31
C ILE D 1064 8.54 -5.23 10.38
N PHE D 1065 9.75 -4.81 10.72
CA PHE D 1065 10.59 -5.54 11.68
C PHE D 1065 10.88 -4.66 12.88
N ASP D 1066 10.74 -5.24 14.07
CA ASP D 1066 11.33 -4.66 15.27
C ASP D 1066 12.85 -4.80 15.13
N ILE D 1067 13.59 -3.99 15.88
CA ILE D 1067 15.04 -4.09 15.74
C ILE D 1067 15.52 -5.21 16.64
N SER D 1068 15.21 -6.44 16.22
CA SER D 1068 15.83 -7.64 16.74
C SER D 1068 15.92 -8.72 15.67
N GLY D 1069 15.52 -8.43 14.43
CA GLY D 1069 15.26 -9.45 13.44
C GLY D 1069 13.87 -10.03 13.48
N LYS D 1070 13.04 -9.61 14.44
CA LYS D 1070 11.71 -10.18 14.61
C LYS D 1070 10.71 -9.50 13.68
N LEU D 1071 9.98 -10.30 12.91
CA LEU D 1071 8.95 -9.78 12.02
C LEU D 1071 7.67 -9.53 12.79
N LEU D 1072 7.21 -8.28 12.81
CA LEU D 1072 5.97 -7.92 13.49
C LEU D 1072 4.77 -7.84 12.55
N TYR D 1073 4.99 -7.61 11.27
CA TYR D 1073 3.89 -7.45 10.32
C TYR D 1073 4.40 -7.75 8.93
N ASN D 1074 3.58 -8.45 8.14
CA ASN D 1074 3.93 -8.77 6.77
C ASN D 1074 2.66 -8.80 5.94
N ASN D 1075 2.71 -8.19 4.76
CA ASN D 1075 1.58 -8.13 3.84
C ASN D 1075 2.09 -8.36 2.42
N LYS D 1076 1.82 -9.55 1.89
CA LYS D 1076 2.19 -9.90 0.52
C LYS D 1076 1.27 -9.28 -0.52
N LYS D 1077 0.17 -8.67 -0.12
CA LYS D 1077 -0.90 -8.27 -1.04
C LYS D 1077 -1.20 -6.78 -0.90
N VAL D 1078 -0.16 -5.96 -0.91
CA VAL D 1078 -0.36 -4.51 -0.80
C VAL D 1078 -0.93 -3.96 -2.10
N GLU D 1079 -0.14 -4.02 -3.17
CA GLU D 1079 -0.54 -3.60 -4.52
C GLU D 1079 -1.19 -2.21 -4.51
N ASN D 1080 -0.40 -1.23 -4.11
CA ASN D 1080 -0.87 0.15 -4.08
C ASN D 1080 0.33 1.09 -4.11
N THR D 1081 0.06 2.34 -4.51
CA THR D 1081 1.04 3.40 -4.38
C THR D 1081 0.97 4.09 -3.03
N GLU D 1082 -0.04 3.78 -2.22
CA GLU D 1082 -0.14 4.25 -0.85
C GLU D 1082 -0.78 3.16 -0.02
N PHE D 1083 -0.19 2.89 1.15
CA PHE D 1083 -0.66 1.82 2.00
C PHE D 1083 -0.62 2.29 3.45
N GLN D 1084 -1.62 1.89 4.22
CA GLN D 1084 -1.74 2.27 5.62
C GLN D 1084 -1.81 1.02 6.47
N VAL D 1085 -0.87 0.88 7.40
CA VAL D 1085 -0.83 -0.30 8.28
C VAL D 1085 -1.64 0.09 9.52
N SER D 1086 -2.97 -0.07 9.41
CA SER D 1086 -3.87 0.25 10.51
C SER D 1086 -4.13 -0.93 11.43
N ASN D 1087 -3.89 -2.16 10.98
CA ASN D 1087 -4.09 -3.35 11.78
C ASN D 1087 -2.83 -3.77 12.54
N PHE D 1088 -1.93 -2.81 12.81
CA PHE D 1088 -0.68 -3.10 13.48
C PHE D 1088 -0.41 -2.04 14.53
N GLN D 1089 0.07 -2.48 15.69
CA GLN D 1089 0.41 -1.57 16.78
C GLN D 1089 1.31 -2.29 17.76
N SER D 1090 2.52 -1.78 17.95
CA SER D 1090 3.50 -2.38 18.86
C SER D 1090 3.90 -1.43 19.98
N GLY D 1091 4.31 -0.20 19.65
CA GLY D 1091 4.75 0.74 20.65
C GLY D 1091 6.19 0.62 21.06
N ASN D 1092 7.00 -0.15 20.34
CA ASN D 1092 8.40 -0.40 20.69
C ASN D 1092 9.36 0.56 20.01
N GLN D 1093 8.91 1.79 19.71
CA GLN D 1093 9.77 2.84 19.16
C GLN D 1093 10.30 2.51 17.77
N VAL D 1094 11.53 2.02 17.69
CA VAL D 1094 12.24 1.94 16.42
C VAL D 1094 11.78 0.72 15.65
N LEU D 1095 11.39 0.92 14.39
CA LEU D 1095 10.96 -0.13 13.49
C LEU D 1095 11.66 0.01 12.16
N ILE D 1096 11.81 -1.11 11.46
CA ILE D 1096 12.40 -1.14 10.12
C ILE D 1096 11.32 -1.58 9.14
N VAL D 1097 11.03 -0.73 8.17
CA VAL D 1097 10.05 -1.01 7.14
C VAL D 1097 10.79 -1.40 5.86
N LYS D 1098 10.53 -2.60 5.36
CA LYS D 1098 11.11 -3.07 4.11
C LYS D 1098 9.98 -3.29 3.12
N VAL D 1099 10.06 -2.62 1.98
CA VAL D 1099 9.00 -2.64 0.97
C VAL D 1099 9.57 -3.23 -0.31
N THR D 1100 8.91 -4.27 -0.81
CA THR D 1100 9.26 -4.87 -2.09
C THR D 1100 8.41 -4.24 -3.17
N LEU D 1101 9.06 -3.59 -4.13
CA LEU D 1101 8.36 -2.98 -5.24
C LEU D 1101 8.05 -4.02 -6.32
N ASP D 1102 7.15 -3.66 -7.23
CA ASP D 1102 6.78 -4.57 -8.31
C ASP D 1102 7.97 -4.89 -9.20
N ASN D 1103 8.91 -3.96 -9.34
CA ASN D 1103 10.10 -4.21 -10.14
C ASN D 1103 11.02 -5.23 -9.45
N GLY D 1104 10.84 -5.42 -8.14
CA GLY D 1104 11.73 -6.23 -7.35
C GLY D 1104 12.68 -5.44 -6.48
N ASN D 1105 12.80 -4.13 -6.70
CA ASN D 1105 13.63 -3.30 -5.83
C ASN D 1105 13.08 -3.30 -4.41
N ILE D 1106 13.98 -3.32 -3.43
CA ILE D 1106 13.62 -3.35 -2.03
C ILE D 1106 14.04 -2.03 -1.40
N ILE D 1107 13.07 -1.34 -0.80
CA ILE D 1107 13.31 -0.05 -0.15
C ILE D 1107 13.26 -0.27 1.36
N THR D 1108 14.28 0.23 2.06
CA THR D 1108 14.39 0.08 3.50
C THR D 1108 14.31 1.44 4.16
N LYS D 1109 13.40 1.57 5.13
CA LYS D 1109 13.24 2.81 5.89
C LYS D 1109 13.15 2.50 7.36
N LYS D 1110 13.91 3.24 8.16
CA LYS D 1110 13.86 3.13 9.62
C LYS D 1110 12.91 4.19 10.16
N ILE D 1111 12.01 3.79 11.04
CA ILE D 1111 11.01 4.69 11.58
C ILE D 1111 10.95 4.53 13.10
N VAL D 1112 10.37 5.53 13.75
CA VAL D 1112 10.09 5.49 15.18
C VAL D 1112 8.58 5.43 15.33
N PHE D 1113 8.09 4.37 16.01
CA PHE D 1113 6.67 4.12 16.10
C PHE D 1113 6.09 4.98 17.21
N ASN D 1114 5.74 6.22 16.86
CA ASN D 1114 5.17 7.17 17.80
C ASN D 1114 3.80 6.73 18.29
#